data_8HIL
#
_entry.id   8HIL
#
_cell.length_a   1.00
_cell.length_b   1.00
_cell.length_c   1.00
_cell.angle_alpha   90.00
_cell.angle_beta   90.00
_cell.angle_gamma   90.00
#
_symmetry.space_group_name_H-M   'P 1'
#
loop_
_entity.id
_entity.type
_entity.pdbx_description
1 polymer 'DNA-directed RNA polymerase V largest subunit'
2 polymer 'DNA-dependent RNA polymerase IV and V subunit 2'
3 polymer 'RPOLD domain-containing protein'
4 polymer 'DNA-directed RNA polymerases I, II, and III subunit RPABC1'
5 polymer 'DNA-directed RNA polymerases I, II, and III subunit RPABC2'
6 polymer 'DNA-directed RNA polymerases I, II, and III subunit RPABC3'
7 polymer 'DNA-directed RNA polymerase subunit'
8 polymer 'DNA-directed RNA polymerases I, II, and III subunit RPABC5'
9 polymer 'RNA_pol_L_2 domain-containing protein'
10 polymer 'DNA-directed RNA polymerases II, IV and V subunit 12'
11 non-polymer 'ZINC ION'
12 non-polymer 'MAGNESIUM ION'
#
loop_
_entity_poly.entity_id
_entity_poly.type
_entity_poly.pdbx_seq_one_letter_code
_entity_poly.pdbx_strand_id
1 'polypeptide(L)'
;MEEASSSDILEAEIVGISFALATHRQIRLASISDAGINHASQLSNAFLGLPLEFGKCEACGATEPDKCEGHFGYIHLPVP
IYHPAHVSELKQMLSLLCLKCLKIKKIKSTSSGLAERLLGVCCEEASNITIKDKSSDGASYLQLKLPSRTRLQEGFWNFL
ERYGYRYGSDHTRPLLAREVKEILRRIPEETRKKLTAKGHIPQEGYILEYLPVPPNCLSVPEVSDGSNSMSVDPSRIELK
DVLRKVVAINNSRSGETNFESHRAEANEMFRVVDTYLQVRGTAKPTRNIDMRFGVSKISDSSSSKAWTEKMRTLFIRKGS
GFSSRSVITGDAFRNVNEVGIPMEIAHRITFEERVSVHNIGYLQELVDNKMCLSYTQGSTTYSLRDGSKGHTVLKPGQIV
HRRVMDGDVVFINRPPTTHKHSLQALRVYVHEDNTVKINPLMCGPLSADFDGDCVHLFYPQSLTAKAEVLELFSVDKQLR
SSHTGQLILQLGLDSLLSLRVMMEQVFLDKASAQQLAMYGSRSLPSPAVVKSSKSGPAWTFFQILQLAFPERLSCRGDGF
IVGGSDLLSFDFGVDALASIINGIVTGIMVEKGPKEALAFFDSLQPLLMEHLDPQGFSLSLEDLSMSREDMGVIHNLIVR
EISPMVSRLRLSYEDELQLENSIQKVKEVAANFMLKSYSMRNLIDIKSNSAINKLVQQIGFLGLQLSDKKKLYTKTLVED
MAQFYKKKYVSTSSSGDFGIVKGCFFHGLDPYEEMAHSVAAREVIVRSSRGLAEPGTLFKNLMAVLRDIVITNDGTVRNT
CSNSIVQFKYELSSDNENQGLFEAGDPVGVLAATAMSNPAYKAVLDSSPNSNSSWELMKEVLLCKVNFQNTTNDRRVILY
LNECRCGKKYCQENSAYTVRNKLKKVSLKDTAVEFLVEYRKQQAISEIFGMDICLHGHIHLNKTLLEGWNISMQDILQRC
EDAINSLVQKKKKKAEDFKKMNLSVSECCSFRGPGSSKDSDMPCLMFSSYNATDPDLERTLDVLCNTIYPVLLETVIKGD
PRIASANIIWNSPETTTWIRSLHASRRGEWVLDVTVEKSDVKQSGDAWRVVIDSCLSVLHLIDTKRSIPYSIKQVQELLG
LSCAFEQAVQRLSASVRKVSKGVLKEHIILVANNMTCSGDMLGFNSGGYKALTRSLNIKAPFTEATLIAPRKCFEKAAEK
CHKDSLSTVVGSCSWGKRVDVGTGSQFELLWNKKETGLENDDETDVFSFLQMVRSTKTADAYVSSPGFDVTEEEMAEWAE
SPERDSALGEPKFDDSAEFQNLLDEGKASESKWDNGSLWENGCSSGSEWGVSKNAGGEENTQSGWGKAANVENEDASSGW
NSKKDAQEATNTDSWGAWGSKTKDDAENATPNWGTKPAQNDSVVIENGEPSSDVWGPKAVSDKPWGKKNSETEPAPAAWG
KTNSESESAAAAWGSDDEKNTGTESDAAGWGSTYKKNPETELNAAAWGSGAKMNKETEPAPAAWGSWGKKSSETVSGGAD
WGNRGKRVSETESGAGGWASRNRSLENQSGGATWGSRDKSKFETESGGAAWGSQAKNNSETEPGSGAAALGTWDKKKPET
ETGGGGAAWGSQAKNNSETESGSGAAAWGTWDKKKSETESGGGAWGSQAKKNSETESGAGASTWGAWDKKKPETESGGGG
AAWGSQAKNNSETESGSGAAAWGSQAKKNSESQLGTANWGSKDTNNSENGSDSAAWGKKKNSEAEPTSVAWCSWGQPSPP
ASDKDAQEDDGNPWVSLKATSSGDKEGNETSQWGVPNKRYPSAGSQSQGGGGGADWKRNRPPRTPGSESILGPMFTATRQ
RVDMFTSEEQELLSDVDPVMRRLRKIMHQSGYTDGEPISDEDKTYVLEQILNYHPDKDAKLGPGLDFITVDKHTTFTESR
CFFVVSTDGTKQDFSYRKCINNYLVEKHPNLAEEFIAKYFRKRDNENRDKNSQEATPPGEQESQTQPIDNGSQDSQPQPI
GNEGGDTQPQSQIEDIQPIGNGGEDSQTEPQA
;
A
2 'polypeptide(L)'
;MTDIDIEEIEAAGEVDLRDLGEPFLQSFCKKAATSFFDEYGLVSHQLNSYNFFIEHGLQSVFESSGEMLVEPSFDPTKNK
DHEWRYATVKFGEVSVDKPTLYSDDKELVFLPWHARLQNMTYSARMKVNVDVEVFVKKVVKRDKFKTGQDEYVEKQILSK
KTQDIPIGRIPVMVKSVLCNTTEKGKNGESYRKGECAFDQGGYFVIKGAEKVFIAQEQICTKRLWISNSPWTVSYRSETK
RNRFIVRLSENQKAEDFKRKEKVLTVYFLSTEIPVWVLFFALGVASDKEAVDLIAFDGGDASITNSVVASIQEADSVCED
FRHGRNALAYVEQQIKGTKFPPGESVDECLSLYLFPGLKSLTQKARFLGYMVKCLFSAYAGKRKCENRDNFRNKRIELAG
ELLERELRVHLAHARRTMTKAMQRHLTGDGDLKPIEHYLDASIITNGLSRAFSTGAWCHPFRKMERVSGVVANLGRANPL
QSLIDLRRTRQQVLYTGRVGDARYPHPSHWGRLCFLSTPDGENCGLVKNLSLLGLVSTQIMEPVVEELFDSGMEELMDDT
STPLSGKHKVLLNGDWVGVCSDSDYFVADLKSRRRQSELPRQMEIKLDKDDKEVRIFTDAGRLLRPLLVVENLHKLKQSK
PSKYTFEHLLDQGILELIGIEEEEDCTTAWGTKQLLKQQKSYTHCELDLSFLLGVSCAIVPFANHDHGRRVLYQSQKHCQ
QAIGFCSTNPNIRCDTLSQQLFYPQRPLFKTMASECLQKDVLFNGQNAIVAVNVHLGFNQEDSIVMNKASLERGMFRSEQ
IRSYKADVDSKDSEKRKKMDEVVQFGKTHSKIGRVDSLDDDGFPFVGANMHSGDIVIGRCTESGTDHSVKLKHTERGIVQ
KVVLSSNDDGKNYATVSLRQVRSPCLGDKFSSMHGQKGVLGYIEEQENFAFTNQGIVPDIVINPHAFPSRQTPGQLLEAA
LSKGIACPMQKKKGKSDAYSKVTRHATPFSTPSVDDITDQLHRAGFSRSGNERVYNGRTGEMMRSLIFMGPNFYQRLIHM
SEDKVKFRNTGPVHPLTRQPVADRKRFGGIKFGEMERDCLIAHGASANLHERLFTLSDSSQMHICRNCKSAANVIERVAS
SGRRIRGPYCRLCESPDYVVMVNVPYGAKLLYQELFSMGICLNFETNLC
;
B
3 'polypeptide(L)'
;MDTGATYQRFPKVKIRELKDDYAKFELRDTDVSMANALRRVMISEVPTVAIDLVEIEVNSSVLNDEFIAHRLGLIPLTSE
RAMSMRFSRDCDACDGDGQCEFCSVEFRLSAKCVTDQTLDVTSKDLYSADPTVTPVDFGDSSGADSSEQRGIIIVKLRRG
QELKLRAIARKGIGKDHAKWSPAATVTFMYEPDIIINEDMMDTLTDDEKIDLIESSPTKVFDFDAVTRQVVVVDPEAYTY
DEEVIKKAEAMGKQGLIEIRPKDDSFIFTVESTGAVKASQLVLNAIDLLKQKLDAVRLSDDTVEADDQFGELGAHMRGG
;
C
4 'polypeptide(L)'
;MEGIGNDKSSCSSSSTVPSPCLSKYVDPSSEESHRYYLARRNALEMLRDRGYEVSLEDINLSLQDFRTVYGERPDVDRLR
ISAHHRSDSSNKVKVVFFGTGKVKVNTIRSVAAEILSQETITGLILVLQNQVTDKALKAIELFTFKVEIFQITDLLVNLT
KHVLSLRHRVLTDGEKKALLKQFNIEEKQLPRISKKDAVVRYYGLEKGQIVKVSYRGELTESYVAYRCVW
;
E
5 'polypeptide(L)'
;MAEDDYNEVDDLGYEDEPAEPEIEEGIEEDADMKDNDDINGEPLETEDKVETEPVQRPRKTSKFMTKYERARILGTRALQ
ISMNAPVMVELEGETDPLEIAMKELRQRKIPFTIRRYLPDGSFEEWGVDELIVEDSWKRQVGGD
;
F
6 'polypeptide(L)'
;MASSIIMFEDIFVVDKLDPDGKKFDKVTRIEATSHNLDMFMHLDVNTEVYPMAVGDKFTLAMAPTLNLDGTPDTGYFTPG
AKKTLADKYEYVMHGKLYKITERDGQTPKAEMYVSFGGLLMLLRGDPAHISHFELDQRLFLLMRKL
;
H
7 'polypeptide(L)'
;MSTMKFCRECNNILYPKEDREQSILLYACRNCDHQEAADDNCVYRNEVHHSVSEQTQILSDVASDPTLPRTKAVRCAKCQ
HGEAVFFQATARGEEGMTLFFVCCNPNCGHRWRE
;
I
8 'polypeptide(L)' MIIPVRCFTCGKVIGNKWDTYLDLLQADYTEGDALDAIGLVRYCCRRMLMTHVDLIEKLLNYNTLEKSDAN J
9 'polypeptide(L)'
;MNAPDRYERFVVPEGTKKVSYERDTKIINAASFTIEREDHTIGNIVRMQLHRDENVLFAGYQLPHPLKYKIIVRIHTTSQ
SSPMQAYNQAINDLDKELDFLKSQFEAEVAKFSNPY
;
K
10 'polypeptide(L)' MDQQSEPVTYVCGDCGQENTLKSGDVIQCRECGYRILYKKRTRRVVQYEAR L
#
# COMPACT_ATOMS: atom_id res chain seq x y z
N SER A 320 -11.78 33.09 -2.83
CA SER A 320 -10.68 33.32 -3.77
C SER A 320 -10.71 32.30 -4.90
N GLY A 321 -11.90 32.00 -5.42
CA GLY A 321 -12.06 30.93 -6.39
C GLY A 321 -12.52 29.65 -5.72
N PHE A 322 -12.11 29.49 -4.47
CA PHE A 322 -12.71 28.69 -3.38
C PHE A 322 -12.79 27.19 -3.64
N SER A 323 -12.46 26.72 -4.83
CA SER A 323 -12.73 25.34 -5.22
C SER A 323 -12.09 25.01 -6.56
N SER A 324 -11.73 23.75 -6.75
CA SER A 324 -11.34 23.21 -8.04
C SER A 324 -11.50 21.70 -7.97
N ARG A 325 -11.87 21.12 -9.11
CA ARG A 325 -12.00 19.67 -9.25
C ARG A 325 -11.44 19.29 -10.60
N SER A 326 -10.17 18.89 -10.63
CA SER A 326 -9.52 18.53 -11.87
C SER A 326 -8.34 17.63 -11.57
N VAL A 327 -8.11 16.67 -12.47
CA VAL A 327 -6.93 15.83 -12.37
C VAL A 327 -5.73 16.67 -12.80
N ILE A 328 -4.54 16.34 -12.30
CA ILE A 328 -3.35 17.00 -12.81
C ILE A 328 -2.65 16.04 -13.75
N THR A 329 -1.87 16.60 -14.68
CA THR A 329 -1.15 15.83 -15.68
C THR A 329 0.22 16.48 -15.82
N GLY A 330 1.08 15.93 -16.68
CA GLY A 330 2.40 16.51 -16.85
C GLY A 330 2.66 17.09 -18.22
N ASP A 331 3.68 17.93 -18.32
CA ASP A 331 4.07 18.56 -19.57
C ASP A 331 5.50 19.06 -19.42
N ALA A 332 6.41 18.52 -20.21
CA ALA A 332 7.83 18.82 -20.06
C ALA A 332 8.29 20.02 -20.86
N PHE A 333 7.59 20.40 -21.92
CA PHE A 333 8.04 21.44 -22.83
C PHE A 333 7.49 22.81 -22.49
N ARG A 334 6.82 22.94 -21.36
CA ARG A 334 6.22 24.17 -20.87
C ARG A 334 6.83 24.47 -19.50
N ASN A 335 7.09 25.75 -19.23
CA ASN A 335 8.00 26.20 -18.18
C ASN A 335 7.53 25.82 -16.78
N VAL A 336 8.48 25.85 -15.83
CA VAL A 336 8.28 25.29 -14.50
C VAL A 336 7.20 25.99 -13.70
N ASN A 337 7.20 27.30 -13.67
CA ASN A 337 6.22 28.04 -12.90
C ASN A 337 4.99 28.41 -13.73
N GLU A 338 4.67 27.58 -14.71
CA GLU A 338 3.48 27.76 -15.53
C GLU A 338 2.53 26.58 -15.34
N VAL A 339 1.23 26.87 -15.43
CA VAL A 339 0.20 25.91 -15.08
C VAL A 339 -0.94 26.06 -16.08
N GLY A 340 -1.53 24.94 -16.50
CA GLY A 340 -2.54 25.00 -17.54
C GLY A 340 -3.95 24.86 -17.02
N ILE A 341 -4.79 25.85 -17.26
CA ILE A 341 -6.15 25.89 -16.72
C ILE A 341 -7.12 25.40 -17.79
N PRO A 342 -8.14 24.63 -17.43
CA PRO A 342 -9.18 24.29 -18.42
C PRO A 342 -10.09 25.46 -18.72
N MET A 343 -10.48 25.58 -20.00
CA MET A 343 -11.40 26.65 -20.41
C MET A 343 -12.79 26.45 -19.82
N GLU A 344 -13.10 25.23 -19.38
CA GLU A 344 -14.33 24.94 -18.64
C GLU A 344 -14.44 25.75 -17.35
N ILE A 345 -13.32 26.01 -16.68
CA ILE A 345 -13.34 26.80 -15.47
C ILE A 345 -12.64 28.14 -15.63
N ALA A 346 -11.81 28.31 -16.67
CA ALA A 346 -11.11 29.58 -16.84
C ALA A 346 -12.07 30.69 -17.29
N HIS A 347 -13.14 30.33 -17.99
CA HIS A 347 -14.15 31.30 -18.38
C HIS A 347 -15.18 31.55 -17.30
N ARG A 348 -14.97 31.02 -16.09
CA ARG A 348 -15.89 31.26 -14.98
C ARG A 348 -15.18 31.79 -13.75
N ILE A 349 -13.95 32.28 -13.90
CA ILE A 349 -13.16 32.84 -12.81
C ILE A 349 -12.81 34.28 -13.17
N THR A 350 -12.93 35.18 -12.20
CA THR A 350 -12.81 36.61 -12.43
C THR A 350 -11.58 37.20 -11.75
N PHE A 351 -10.87 38.07 -12.47
CA PHE A 351 -9.84 38.94 -11.92
C PHE A 351 -10.36 40.37 -12.00
N GLU A 352 -10.59 41.01 -10.86
CA GLU A 352 -10.98 42.41 -10.91
C GLU A 352 -9.75 43.28 -11.21
N GLU A 353 -10.01 44.49 -11.68
CA GLU A 353 -8.95 45.41 -12.06
C GLU A 353 -9.53 46.82 -12.11
N ARG A 354 -8.71 47.80 -11.74
CA ARG A 354 -9.11 49.19 -11.59
C ARG A 354 -8.80 49.97 -12.86
N VAL A 355 -9.75 50.78 -13.31
CA VAL A 355 -9.53 51.61 -14.49
C VAL A 355 -8.69 52.81 -14.07
N SER A 356 -7.55 53.00 -14.71
CA SER A 356 -6.64 54.05 -14.33
C SER A 356 -6.38 54.97 -15.52
N VAL A 357 -5.56 55.98 -15.26
CA VAL A 357 -5.04 56.86 -16.29
C VAL A 357 -4.13 56.12 -17.28
N HIS A 358 -3.49 55.04 -16.84
CA HIS A 358 -2.55 54.31 -17.69
C HIS A 358 -3.19 53.19 -18.50
N ASN A 359 -4.06 52.39 -17.90
CA ASN A 359 -4.39 51.07 -18.44
C ASN A 359 -5.45 51.08 -19.53
N ILE A 360 -5.97 52.24 -19.93
CA ILE A 360 -7.22 52.24 -20.68
C ILE A 360 -6.99 51.91 -22.15
N GLY A 361 -5.77 52.12 -22.66
CA GLY A 361 -5.48 51.72 -24.03
C GLY A 361 -5.43 50.22 -24.22
N TYR A 362 -5.22 49.49 -23.13
CA TYR A 362 -5.26 48.04 -23.04
C TYR A 362 -6.65 47.54 -22.66
N LEU A 363 -7.30 48.23 -21.73
CA LEU A 363 -8.61 47.78 -21.27
C LEU A 363 -9.69 48.00 -22.32
N GLN A 364 -9.57 49.03 -23.17
CA GLN A 364 -10.58 49.22 -24.21
C GLN A 364 -10.43 48.19 -25.32
N GLU A 365 -9.20 47.69 -25.51
CA GLU A 365 -9.02 46.50 -26.33
C GLU A 365 -9.65 45.29 -25.66
N LEU A 366 -9.59 45.22 -24.33
CA LEU A 366 -10.16 44.06 -23.65
C LEU A 366 -11.69 44.12 -23.58
N VAL A 367 -12.29 45.28 -23.76
CA VAL A 367 -13.70 45.46 -23.44
C VAL A 367 -14.58 45.68 -24.66
N ASP A 368 -14.02 46.10 -25.81
CA ASP A 368 -14.84 46.32 -26.99
C ASP A 368 -15.37 45.01 -27.55
N ASN A 369 -14.51 44.00 -27.64
CA ASN A 369 -14.89 42.63 -27.94
C ASN A 369 -15.25 41.94 -26.62
N LYS A 370 -15.25 40.61 -26.62
CA LYS A 370 -15.51 39.83 -25.43
C LYS A 370 -14.27 39.83 -24.52
N MET A 371 -14.21 38.84 -23.61
CA MET A 371 -13.18 38.64 -22.58
C MET A 371 -13.28 39.70 -21.49
N CYS A 372 -14.49 40.19 -21.22
CA CYS A 372 -14.72 41.07 -20.09
C CYS A 372 -16.05 40.69 -19.47
N LEU A 373 -16.52 41.52 -18.55
CA LEU A 373 -17.66 41.17 -17.73
C LEU A 373 -18.26 42.50 -17.25
N SER A 374 -19.06 42.43 -16.17
CA SER A 374 -19.82 43.58 -15.65
C SER A 374 -18.93 44.76 -15.31
N TYR A 375 -19.39 45.96 -15.72
CA TYR A 375 -18.63 47.19 -15.63
C TYR A 375 -19.00 48.00 -14.40
N THR A 376 -19.25 47.29 -13.30
CA THR A 376 -19.76 47.84 -12.05
C THR A 376 -18.87 48.95 -11.49
N GLN A 377 -19.40 50.16 -11.51
CA GLN A 377 -18.87 51.33 -10.83
C GLN A 377 -19.70 51.58 -9.57
N GLY A 378 -19.52 52.78 -8.98
CA GLY A 378 -20.35 53.17 -7.85
C GLY A 378 -21.84 53.26 -8.13
N SER A 379 -22.23 53.39 -9.41
CA SER A 379 -23.63 53.27 -9.76
C SER A 379 -24.09 51.83 -9.87
N THR A 380 -23.16 50.87 -9.83
CA THR A 380 -23.41 49.43 -9.62
C THR A 380 -24.28 48.85 -10.75
N THR A 381 -23.69 48.84 -11.95
CA THR A 381 -24.34 48.34 -13.16
C THR A 381 -23.86 46.91 -13.41
N TYR A 382 -24.74 45.92 -13.19
CA TYR A 382 -24.38 44.53 -13.43
C TYR A 382 -24.81 44.06 -14.83
N SER A 383 -24.38 44.83 -15.83
CA SER A 383 -24.66 44.53 -17.23
C SER A 383 -23.42 43.89 -17.84
N LEU A 384 -23.61 42.76 -18.51
CA LEU A 384 -22.49 41.98 -19.03
C LEU A 384 -21.96 42.59 -20.32
N ARG A 385 -20.98 41.89 -20.91
CA ARG A 385 -20.48 42.22 -22.24
C ARG A 385 -21.19 41.36 -23.30
N ASP A 386 -22.52 41.39 -23.25
CA ASP A 386 -23.34 40.54 -24.10
C ASP A 386 -24.49 41.27 -24.79
N GLY A 387 -24.99 42.37 -24.24
CA GLY A 387 -26.18 43.01 -24.76
C GLY A 387 -25.93 44.10 -25.79
N SER A 388 -24.82 43.99 -26.53
CA SER A 388 -24.39 44.89 -27.60
C SER A 388 -24.30 46.34 -27.15
N LYS A 389 -23.85 46.59 -25.92
CA LYS A 389 -23.73 47.95 -25.43
C LYS A 389 -22.55 48.67 -26.07
N GLY A 390 -21.55 47.92 -26.51
CA GLY A 390 -20.48 48.52 -27.30
C GLY A 390 -19.26 48.79 -26.46
N HIS A 391 -18.44 49.74 -26.92
CA HIS A 391 -17.23 50.18 -26.25
C HIS A 391 -17.52 50.74 -24.86
N THR A 392 -18.24 51.88 -24.82
CA THR A 392 -18.54 52.66 -23.62
C THR A 392 -17.29 52.87 -22.77
N VAL A 393 -16.36 53.65 -23.34
CA VAL A 393 -15.00 53.86 -22.84
C VAL A 393 -15.05 54.40 -21.41
N LEU A 394 -14.53 53.62 -20.47
CA LEU A 394 -14.92 53.73 -19.08
C LEU A 394 -14.21 54.91 -18.41
N LYS A 395 -14.74 55.29 -17.25
CA LYS A 395 -14.12 56.32 -16.44
C LYS A 395 -12.88 55.78 -15.75
N PRO A 396 -11.70 56.43 -15.90
CA PRO A 396 -10.55 56.07 -15.07
C PRO A 396 -10.86 56.25 -13.59
N GLY A 397 -10.96 55.14 -12.88
CA GLY A 397 -11.48 55.14 -11.53
C GLY A 397 -12.46 54.01 -11.29
N GLN A 398 -13.11 53.52 -12.34
CA GLN A 398 -14.05 52.42 -12.19
C GLN A 398 -13.29 51.11 -11.99
N ILE A 399 -14.02 50.03 -11.77
CA ILE A 399 -13.40 48.73 -11.54
C ILE A 399 -13.98 47.75 -12.56
N VAL A 400 -13.14 46.84 -13.05
CA VAL A 400 -13.50 45.97 -14.16
C VAL A 400 -13.28 44.52 -13.76
N HIS A 401 -14.33 43.73 -13.85
CA HIS A 401 -14.24 42.28 -13.74
C HIS A 401 -13.95 41.75 -15.13
N ARG A 402 -12.93 40.90 -15.26
CA ARG A 402 -12.59 40.30 -16.54
C ARG A 402 -12.41 38.79 -16.37
N ARG A 403 -11.96 38.14 -17.44
CA ARG A 403 -11.68 36.71 -17.43
C ARG A 403 -10.24 36.47 -17.00
N VAL A 404 -9.77 35.24 -17.18
CA VAL A 404 -8.43 34.81 -16.76
C VAL A 404 -7.57 34.78 -18.02
N MET A 405 -6.73 35.79 -18.18
CA MET A 405 -5.82 35.83 -19.31
C MET A 405 -4.57 35.03 -18.98
N ASP A 406 -3.61 35.02 -19.90
CA ASP A 406 -2.32 34.43 -19.59
C ASP A 406 -1.54 35.34 -18.66
N GLY A 407 -0.47 34.79 -18.09
CA GLY A 407 0.45 35.58 -17.30
C GLY A 407 -0.03 35.99 -15.93
N ASP A 408 -1.22 35.56 -15.50
CA ASP A 408 -1.71 35.86 -14.18
C ASP A 408 -0.99 34.98 -13.15
N VAL A 409 -1.37 35.11 -11.88
CA VAL A 409 -0.79 34.27 -10.85
C VAL A 409 -1.91 33.51 -10.15
N VAL A 410 -1.65 32.24 -9.85
CA VAL A 410 -2.56 31.41 -9.09
C VAL A 410 -1.80 30.76 -7.96
N PHE A 411 -2.56 30.07 -7.12
CA PHE A 411 -2.11 29.58 -5.83
C PHE A 411 -2.67 28.18 -5.68
N ILE A 412 -1.78 27.19 -5.67
CA ILE A 412 -2.16 25.80 -5.86
C ILE A 412 -1.96 25.02 -4.56
N ASN A 413 -2.90 24.12 -4.27
CA ASN A 413 -2.86 23.29 -3.07
C ASN A 413 -3.86 22.15 -3.25
N ARG A 414 -3.79 21.18 -2.35
CA ARG A 414 -4.73 20.09 -2.22
C ARG A 414 -5.46 20.27 -0.89
N PRO A 415 -6.47 19.44 -0.58
CA PRO A 415 -6.93 19.39 0.81
C PRO A 415 -5.83 18.86 1.72
N PRO A 416 -5.69 19.42 2.93
CA PRO A 416 -4.49 19.17 3.73
C PRO A 416 -4.37 17.75 4.28
N THR A 417 -3.94 16.84 3.41
CA THR A 417 -3.44 15.54 3.87
C THR A 417 -2.18 15.72 4.73
N THR A 418 -1.38 16.75 4.45
CA THR A 418 -0.27 17.17 5.28
C THR A 418 0.02 18.63 4.98
N HIS A 419 0.64 19.31 5.96
CA HIS A 419 1.02 20.70 5.76
C HIS A 419 2.48 20.80 5.35
N LYS A 420 2.94 19.81 4.58
CA LYS A 420 4.10 19.97 3.71
C LYS A 420 3.86 21.18 2.82
N HIS A 421 4.90 21.98 2.59
CA HIS A 421 4.73 23.31 2.01
C HIS A 421 4.37 23.17 0.54
N SER A 422 3.07 22.97 0.30
CA SER A 422 2.48 22.90 -1.03
C SER A 422 2.12 24.27 -1.57
N LEU A 423 2.53 25.34 -0.89
CA LEU A 423 2.12 26.70 -1.25
C LEU A 423 3.09 27.24 -2.30
N GLN A 424 2.62 27.32 -3.54
CA GLN A 424 3.41 27.81 -4.66
C GLN A 424 2.60 28.82 -5.47
N ALA A 425 3.31 29.66 -6.21
CA ALA A 425 2.68 30.63 -7.11
C ALA A 425 3.10 30.29 -8.54
N LEU A 426 2.12 30.28 -9.44
CA LEU A 426 2.32 29.76 -10.79
C LEU A 426 1.68 30.72 -11.80
N ARG A 427 2.18 30.68 -13.03
CA ARG A 427 1.68 31.53 -14.11
C ARG A 427 0.66 30.78 -14.95
N VAL A 428 -0.43 31.45 -15.33
CA VAL A 428 -1.57 30.69 -15.96
C VAL A 428 -1.55 30.66 -17.49
N TYR A 429 -1.72 29.47 -18.09
CA TYR A 429 -1.92 29.37 -19.56
C TYR A 429 -3.27 28.67 -19.72
N VAL A 430 -4.11 29.09 -20.67
CA VAL A 430 -5.47 28.59 -20.74
C VAL A 430 -5.61 27.69 -21.96
N HIS A 431 -6.08 26.46 -21.73
CA HIS A 431 -6.23 25.48 -22.80
C HIS A 431 -7.52 24.69 -22.55
N GLU A 432 -7.86 23.84 -23.53
CA GLU A 432 -8.94 22.85 -23.44
C GLU A 432 -8.44 21.64 -22.65
N ASP A 433 -9.09 20.47 -22.82
CA ASP A 433 -8.58 19.20 -22.30
C ASP A 433 -8.52 19.21 -20.77
N ASN A 434 -9.69 19.11 -20.15
CA ASN A 434 -9.93 19.63 -18.80
C ASN A 434 -9.17 18.95 -17.67
N THR A 435 -7.84 19.11 -17.69
CA THR A 435 -6.95 18.77 -16.60
C THR A 435 -6.02 19.94 -16.34
N VAL A 436 -5.12 19.76 -15.38
CA VAL A 436 -4.10 20.73 -15.03
C VAL A 436 -2.76 20.18 -15.49
N LYS A 437 -2.00 20.97 -16.23
CA LYS A 437 -0.72 20.51 -16.76
C LYS A 437 0.40 21.26 -16.08
N ILE A 438 1.14 20.56 -15.22
CA ILE A 438 2.30 21.13 -14.55
C ILE A 438 3.55 20.49 -15.10
N ASN A 439 4.70 21.06 -14.78
CA ASN A 439 5.96 20.48 -15.17
C ASN A 439 6.19 19.22 -14.32
N PRO A 440 6.94 18.24 -14.82
CA PRO A 440 7.32 17.10 -13.97
C PRO A 440 8.24 17.45 -12.80
N LEU A 441 8.86 18.63 -12.78
CA LEU A 441 9.67 19.01 -11.65
C LEU A 441 8.85 19.49 -10.47
N MET A 442 7.56 19.72 -10.65
CA MET A 442 6.69 20.11 -9.56
C MET A 442 5.97 18.92 -8.94
N CYS A 443 6.40 17.70 -9.25
CA CYS A 443 5.91 16.52 -8.56
C CYS A 443 6.57 16.37 -7.19
N GLY A 444 7.74 16.97 -7.01
CA GLY A 444 8.41 17.01 -5.72
C GLY A 444 7.81 18.03 -4.77
N PRO A 445 7.91 19.32 -5.11
CA PRO A 445 7.35 20.36 -4.23
C PRO A 445 5.85 20.30 -3.99
N LEU A 446 5.05 20.00 -4.99
CA LEU A 446 3.62 19.88 -4.74
C LEU A 446 3.23 18.51 -4.22
N SER A 447 4.16 17.55 -4.23
CA SER A 447 3.99 16.20 -3.68
C SER A 447 2.81 15.46 -4.33
N ALA A 448 2.98 15.18 -5.62
CA ALA A 448 1.95 14.50 -6.38
C ALA A 448 2.58 13.53 -7.39
N ASP A 449 1.78 12.54 -7.78
CA ASP A 449 2.07 11.69 -8.92
C ASP A 449 0.97 11.88 -9.94
N PHE A 450 0.93 11.09 -11.00
CA PHE A 450 -0.04 11.33 -12.06
C PHE A 450 -1.01 10.17 -12.21
N ASP A 451 -1.61 9.71 -11.11
CA ASP A 451 -2.63 8.67 -11.18
C ASP A 451 -3.99 9.15 -10.68
N GLY A 452 -4.31 10.43 -10.82
CA GLY A 452 -5.60 10.91 -10.40
C GLY A 452 -5.64 11.75 -9.13
N ASP A 453 -4.71 12.70 -9.00
CA ASP A 453 -4.75 13.62 -7.88
C ASP A 453 -5.65 14.83 -8.20
N CYS A 454 -6.32 15.34 -7.16
CA CYS A 454 -7.20 16.49 -7.30
C CYS A 454 -6.62 17.66 -6.52
N VAL A 455 -6.55 18.83 -7.16
CA VAL A 455 -5.96 20.02 -6.57
C VAL A 455 -7.00 21.13 -6.51
N HIS A 456 -6.80 22.03 -5.55
CA HIS A 456 -7.56 23.26 -5.42
C HIS A 456 -6.73 24.43 -5.92
N LEU A 457 -7.40 25.42 -6.52
CA LEU A 457 -6.74 26.61 -7.01
C LEU A 457 -7.32 27.84 -6.34
N PHE A 458 -6.45 28.79 -6.03
CA PHE A 458 -6.87 30.01 -5.36
C PHE A 458 -6.30 31.22 -6.09
N TYR A 459 -7.08 32.31 -6.07
CA TYR A 459 -6.84 33.45 -6.92
C TYR A 459 -6.65 34.69 -6.05
N PRO A 460 -5.53 35.39 -6.14
CA PRO A 460 -5.42 36.67 -5.45
C PRO A 460 -6.27 37.75 -6.09
N GLN A 461 -7.34 38.17 -5.40
CA GLN A 461 -8.28 39.14 -5.95
C GLN A 461 -7.87 40.58 -5.69
N SER A 462 -7.52 40.89 -4.45
CA SER A 462 -7.01 42.21 -4.12
C SER A 462 -5.62 42.41 -4.71
N LEU A 463 -5.21 43.67 -4.83
CA LEU A 463 -3.87 43.95 -5.33
C LEU A 463 -2.81 43.72 -4.26
N THR A 464 -3.19 43.88 -2.98
CA THR A 464 -2.28 43.56 -1.89
C THR A 464 -2.02 42.06 -1.83
N ALA A 465 -3.04 41.27 -2.16
CA ALA A 465 -2.89 39.81 -2.22
C ALA A 465 -1.90 39.40 -3.30
N LYS A 466 -2.07 39.95 -4.51
CA LYS A 466 -1.15 39.69 -5.62
C LYS A 466 0.26 40.14 -5.26
N ALA A 467 0.37 41.26 -4.54
CA ALA A 467 1.66 41.80 -4.15
C ALA A 467 2.42 40.85 -3.23
N GLU A 468 1.78 40.46 -2.12
CA GLU A 468 2.50 39.65 -1.14
C GLU A 468 2.64 38.20 -1.59
N VAL A 469 1.68 37.70 -2.38
CA VAL A 469 1.79 36.34 -2.93
C VAL A 469 2.92 36.25 -3.94
N LEU A 470 3.01 37.23 -4.86
CA LEU A 470 4.07 37.18 -5.85
C LEU A 470 5.42 37.46 -5.21
N GLU A 471 5.46 38.28 -4.15
CA GLU A 471 6.74 38.61 -3.57
C GLU A 471 7.27 37.49 -2.67
N LEU A 472 6.38 36.76 -2.00
CA LEU A 472 6.83 35.74 -1.07
C LEU A 472 6.93 34.34 -1.66
N PHE A 473 5.99 33.94 -2.51
CA PHE A 473 5.71 32.53 -2.76
C PHE A 473 6.07 32.06 -4.16
N SER A 474 6.91 32.80 -4.90
CA SER A 474 7.24 32.31 -6.23
C SER A 474 8.32 31.24 -6.15
N VAL A 475 8.53 30.56 -7.27
CA VAL A 475 9.44 29.41 -7.32
C VAL A 475 10.88 29.84 -7.13
N ASP A 476 11.28 30.92 -7.79
CA ASP A 476 12.62 31.44 -7.61
C ASP A 476 12.82 32.12 -6.26
N LYS A 477 11.75 32.56 -5.60
CA LYS A 477 11.88 33.02 -4.22
C LYS A 477 12.08 31.85 -3.26
N GLN A 478 11.45 30.70 -3.54
CA GLN A 478 11.53 29.52 -2.70
C GLN A 478 12.47 28.46 -3.23
N LEU A 479 13.56 28.84 -3.89
CA LEU A 479 14.35 27.85 -4.61
C LEU A 479 15.19 26.99 -3.67
N ARG A 480 15.52 27.49 -2.49
CA ARG A 480 16.14 26.68 -1.46
C ARG A 480 15.09 26.25 -0.45
N SER A 481 15.20 24.99 -0.02
CA SER A 481 14.26 24.44 0.95
C SER A 481 14.45 25.06 2.33
N SER A 482 13.36 25.58 2.88
CA SER A 482 13.32 26.09 4.24
C SER A 482 13.18 24.99 5.28
N HIS A 483 13.25 23.73 4.88
CA HIS A 483 13.20 22.61 5.79
C HIS A 483 14.41 21.71 5.72
N THR A 484 15.24 21.84 4.71
CA THR A 484 16.43 21.02 4.58
C THR A 484 17.68 21.83 4.30
N GLY A 485 17.57 22.87 3.48
CA GLY A 485 18.73 23.63 3.05
C GLY A 485 19.29 23.23 1.71
N GLN A 486 18.56 22.42 0.94
CA GLN A 486 18.96 22.02 -0.40
C GLN A 486 17.96 22.58 -1.41
N LEU A 487 18.15 22.22 -2.67
CA LEU A 487 17.26 22.67 -3.71
C LEU A 487 15.98 21.84 -3.71
N ILE A 488 14.84 22.51 -3.93
CA ILE A 488 13.57 21.79 -3.98
C ILE A 488 13.30 21.21 -5.36
N LEU A 489 14.22 21.37 -6.31
CA LEU A 489 14.01 20.91 -7.68
C LEU A 489 15.22 20.10 -8.11
N GLN A 490 15.05 18.80 -8.24
CA GLN A 490 16.13 17.95 -8.72
C GLN A 490 15.63 17.11 -9.89
N LEU A 491 16.57 16.57 -10.66
CA LEU A 491 16.24 15.89 -11.89
C LEU A 491 15.57 14.55 -11.62
N GLY A 492 14.39 14.36 -12.24
CA GLY A 492 13.54 13.25 -11.91
C GLY A 492 13.83 11.99 -12.69
N LEU A 493 12.75 11.38 -13.20
CA LEU A 493 12.81 9.98 -13.59
C LEU A 493 13.50 9.80 -14.93
N ASP A 494 12.92 10.36 -16.00
CA ASP A 494 13.45 10.09 -17.33
C ASP A 494 14.72 10.91 -17.60
N SER A 495 14.79 12.11 -17.01
CA SER A 495 15.89 13.03 -17.29
C SER A 495 17.22 12.46 -16.83
N LEU A 496 17.23 11.82 -15.66
CA LEU A 496 18.48 11.27 -15.14
C LEU A 496 18.90 10.06 -15.95
N LEU A 497 17.94 9.28 -16.46
CA LEU A 497 18.22 8.20 -17.39
C LEU A 497 18.83 8.72 -18.68
N SER A 498 18.33 9.86 -19.16
CA SER A 498 18.86 10.48 -20.35
C SER A 498 20.30 10.92 -20.14
N LEU A 499 20.60 11.44 -18.95
CA LEU A 499 21.98 11.81 -18.64
C LEU A 499 22.89 10.60 -18.53
N ARG A 500 22.39 9.48 -17.99
CA ARG A 500 23.22 8.27 -17.89
C ARG A 500 23.55 7.70 -19.27
N VAL A 501 22.55 7.62 -20.15
CA VAL A 501 22.81 7.05 -21.47
C VAL A 501 23.59 8.05 -22.33
N MET A 502 23.50 9.34 -22.04
CA MET A 502 24.37 10.30 -22.68
C MET A 502 25.79 10.22 -22.15
N MET A 503 25.97 9.79 -20.90
CA MET A 503 27.34 9.62 -20.42
C MET A 503 27.99 8.37 -20.98
N GLU A 504 27.23 7.29 -21.12
CA GLU A 504 27.84 6.06 -21.59
C GLU A 504 28.10 6.12 -23.10
N GLN A 505 27.45 7.04 -23.79
CA GLN A 505 27.74 7.35 -25.18
C GLN A 505 28.42 8.72 -25.23
N VAL A 506 29.74 8.75 -25.10
CA VAL A 506 30.45 10.01 -24.92
C VAL A 506 30.51 10.83 -26.20
N PHE A 507 30.51 10.19 -27.36
CA PHE A 507 30.59 10.90 -28.61
C PHE A 507 29.25 10.97 -29.33
N LEU A 508 29.02 12.08 -30.00
CA LEU A 508 27.85 12.30 -30.82
C LEU A 508 28.31 12.53 -32.25
N ASP A 509 27.39 12.44 -33.19
CA ASP A 509 27.67 12.72 -34.59
C ASP A 509 27.38 14.20 -34.85
N LYS A 510 27.50 14.63 -36.10
CA LYS A 510 27.22 16.01 -36.45
C LYS A 510 25.72 16.30 -36.39
N ALA A 511 24.92 15.41 -36.95
CA ALA A 511 23.51 15.71 -37.22
C ALA A 511 22.70 15.74 -35.93
N SER A 512 22.93 14.78 -35.04
CA SER A 512 22.25 14.78 -33.76
C SER A 512 22.67 15.96 -32.91
N ALA A 513 23.94 16.37 -33.03
CA ALA A 513 24.42 17.53 -32.28
C ALA A 513 23.73 18.80 -32.73
N GLN A 514 23.68 19.04 -34.04
CA GLN A 514 23.05 20.25 -34.53
C GLN A 514 21.54 20.22 -34.33
N GLN A 515 20.95 19.02 -34.25
CA GLN A 515 19.53 18.93 -33.94
C GLN A 515 19.26 19.27 -32.47
N LEU A 516 20.12 18.82 -31.57
CA LEU A 516 19.96 19.16 -30.15
C LEU A 516 20.31 20.61 -29.88
N ALA A 517 21.14 21.21 -30.74
CA ALA A 517 21.55 22.60 -30.55
C ALA A 517 20.42 23.59 -30.71
N MET A 518 19.30 23.18 -31.33
CA MET A 518 18.16 24.06 -31.53
C MET A 518 17.48 24.45 -30.23
N TYR A 519 17.66 23.67 -29.17
CA TYR A 519 16.82 23.84 -27.98
C TYR A 519 17.32 24.92 -27.01
N GLY A 520 18.49 24.74 -26.42
CA GLY A 520 18.79 25.64 -25.33
C GLY A 520 19.21 27.06 -25.67
N SER A 521 20.50 27.27 -25.96
CA SER A 521 21.09 28.58 -26.23
C SER A 521 22.56 28.40 -26.60
N ARG A 522 23.30 29.50 -26.69
CA ARG A 522 24.77 29.41 -26.95
C ARG A 522 25.02 28.62 -28.25
N SER A 523 24.27 28.92 -29.30
CA SER A 523 24.47 28.26 -30.62
C SER A 523 25.16 26.89 -30.45
N LEU A 524 26.49 26.86 -30.54
CA LEU A 524 27.19 25.58 -30.49
C LEU A 524 28.69 25.85 -30.41
N PRO A 525 29.43 25.14 -29.58
CA PRO A 525 30.89 25.24 -29.62
C PRO A 525 31.46 24.48 -30.80
N SER A 526 32.75 24.74 -31.03
CA SER A 526 33.52 24.01 -32.03
C SER A 526 33.64 22.55 -31.60
N PRO A 527 33.72 21.62 -32.55
CA PRO A 527 33.81 20.20 -32.19
C PRO A 527 35.09 19.85 -31.44
N ALA A 528 34.97 18.91 -30.51
CA ALA A 528 36.13 18.41 -29.78
C ALA A 528 37.10 17.74 -30.74
N VAL A 529 36.70 16.62 -31.32
CA VAL A 529 37.47 15.97 -32.36
C VAL A 529 37.04 16.62 -33.67
N VAL A 530 37.97 17.36 -34.29
CA VAL A 530 37.59 18.09 -35.49
C VAL A 530 37.75 17.25 -36.75
N LYS A 531 38.65 16.26 -36.73
CA LYS A 531 38.67 15.26 -37.78
C LYS A 531 39.34 14.01 -37.24
N SER A 532 39.17 12.92 -37.97
CA SER A 532 39.86 11.67 -37.73
C SER A 532 40.19 11.09 -39.09
N SER A 533 40.50 9.80 -39.13
CA SER A 533 40.64 9.15 -40.43
C SER A 533 39.29 8.77 -41.00
N LYS A 534 38.37 8.25 -40.18
CA LYS A 534 37.16 7.62 -40.70
C LYS A 534 35.98 8.58 -40.75
N SER A 535 35.54 9.07 -39.61
CA SER A 535 34.34 9.88 -39.58
C SER A 535 34.69 11.33 -39.91
N GLY A 536 33.68 12.20 -39.83
CA GLY A 536 33.91 13.62 -39.95
C GLY A 536 34.29 14.19 -38.60
N PRO A 537 33.67 15.28 -38.22
CA PRO A 537 33.88 15.80 -36.86
C PRO A 537 33.10 14.99 -35.84
N ALA A 538 33.50 15.11 -34.59
CA ALA A 538 32.80 14.45 -33.49
C ALA A 538 32.78 15.36 -32.29
N TRP A 539 31.65 15.39 -31.60
CA TRP A 539 31.46 16.18 -30.41
C TRP A 539 31.51 15.28 -29.18
N THR A 540 31.76 15.88 -28.01
CA THR A 540 31.57 15.21 -26.75
C THR A 540 30.26 15.71 -26.15
N PHE A 541 29.80 15.05 -25.10
CA PHE A 541 28.49 15.44 -24.58
C PHE A 541 28.61 16.52 -23.52
N PHE A 542 29.82 16.86 -23.11
CA PHE A 542 29.98 17.97 -22.17
C PHE A 542 29.73 19.28 -22.88
N GLN A 543 30.10 19.35 -24.16
CA GLN A 543 29.81 20.51 -24.98
C GLN A 543 28.31 20.64 -25.22
N ILE A 544 27.61 19.51 -25.26
CA ILE A 544 26.17 19.50 -25.33
C ILE A 544 25.55 20.03 -24.05
N LEU A 545 26.20 19.77 -22.92
CA LEU A 545 25.69 20.26 -21.64
C LEU A 545 25.87 21.76 -21.49
N GLN A 546 26.81 22.34 -22.25
CA GLN A 546 27.10 23.77 -22.15
C GLN A 546 25.94 24.64 -22.61
N LEU A 547 25.06 24.10 -23.45
CA LEU A 547 24.04 24.88 -24.12
C LEU A 547 22.95 25.37 -23.18
N ALA A 548 22.84 24.81 -21.99
CA ALA A 548 21.85 25.26 -21.03
C ALA A 548 22.37 26.32 -20.07
N PHE A 549 23.64 26.68 -20.18
CA PHE A 549 24.24 27.60 -19.23
C PHE A 549 23.78 29.03 -19.48
N PRO A 550 23.85 29.88 -18.46
CA PRO A 550 23.78 31.32 -18.71
C PRO A 550 25.13 31.85 -19.15
N GLU A 551 25.26 33.18 -19.27
CA GLU A 551 26.44 33.75 -19.92
C GLU A 551 27.52 34.10 -18.91
N ARG A 552 28.76 33.73 -19.25
CA ARG A 552 29.97 34.01 -18.47
C ARG A 552 29.88 33.42 -17.06
N LEU A 553 29.82 32.09 -17.02
CA LEU A 553 29.77 31.34 -15.77
C LEU A 553 31.18 30.96 -15.37
N SER A 554 31.48 31.10 -14.08
CA SER A 554 32.80 30.79 -13.56
C SER A 554 32.65 30.25 -12.14
N CYS A 555 32.64 28.93 -11.99
CA CYS A 555 32.49 28.31 -10.68
C CYS A 555 33.34 27.05 -10.62
N ARG A 556 33.77 26.73 -9.39
CA ARG A 556 34.70 25.65 -9.09
C ARG A 556 33.97 24.54 -8.36
N GLY A 557 34.25 23.29 -8.73
CA GLY A 557 33.51 22.20 -8.12
C GLY A 557 34.33 20.99 -7.74
N ASP A 558 33.64 19.93 -7.33
CA ASP A 558 34.33 18.70 -6.96
C ASP A 558 34.79 17.94 -8.19
N GLY A 559 33.96 17.91 -9.23
CA GLY A 559 34.34 17.27 -10.47
C GLY A 559 34.20 18.21 -11.65
N PHE A 560 33.41 19.26 -11.49
CA PHE A 560 33.13 20.17 -12.58
C PHE A 560 34.01 21.40 -12.46
N ILE A 561 34.46 21.89 -13.62
CA ILE A 561 35.28 23.09 -13.72
C ILE A 561 34.67 23.91 -14.84
N VAL A 562 34.15 25.09 -14.51
CA VAL A 562 33.47 25.94 -15.48
C VAL A 562 34.23 27.25 -15.60
N GLY A 563 34.80 27.51 -16.77
CA GLY A 563 35.41 28.79 -17.05
C GLY A 563 34.88 29.46 -18.30
N GLY A 564 34.15 30.55 -18.13
CA GLY A 564 33.59 31.30 -19.23
C GLY A 564 32.54 30.58 -20.05
N SER A 565 31.47 30.12 -19.38
CA SER A 565 30.31 29.43 -19.99
C SER A 565 30.71 28.16 -20.75
N ASP A 566 31.82 27.54 -20.37
CA ASP A 566 32.27 26.28 -20.94
C ASP A 566 32.44 25.27 -19.83
N LEU A 567 32.21 23.99 -20.14
CA LEU A 567 32.44 22.92 -19.18
C LEU A 567 33.81 22.32 -19.47
N LEU A 568 34.80 22.70 -18.67
CA LEU A 568 36.19 22.37 -18.95
C LEU A 568 36.49 20.92 -18.66
N SER A 569 36.34 20.49 -17.42
CA SER A 569 36.49 19.08 -17.09
C SER A 569 35.30 18.64 -16.27
N PHE A 570 35.02 17.35 -16.34
CA PHE A 570 33.89 16.76 -15.63
C PHE A 570 34.38 15.40 -15.18
N ASP A 571 34.14 15.07 -13.92
CA ASP A 571 34.65 13.84 -13.35
C ASP A 571 33.95 12.64 -13.95
N PHE A 572 34.58 11.48 -13.84
CA PHE A 572 33.99 10.23 -14.31
C PHE A 572 32.67 9.91 -13.64
N GLY A 573 32.56 10.14 -12.33
CA GLY A 573 31.67 9.36 -11.49
C GLY A 573 30.20 9.40 -11.82
N VAL A 574 29.76 8.31 -12.44
CA VAL A 574 28.36 8.13 -12.81
C VAL A 574 27.52 7.84 -11.57
N ASP A 575 28.16 7.29 -10.53
CA ASP A 575 27.47 7.01 -9.27
C ASP A 575 27.03 8.28 -8.56
N ALA A 576 27.79 9.37 -8.71
CA ALA A 576 27.47 10.63 -8.05
C ALA A 576 26.90 11.66 -9.02
N LEU A 577 26.19 11.22 -10.05
CA LEU A 577 25.82 12.11 -11.14
C LEU A 577 24.68 13.05 -10.74
N ALA A 578 23.80 12.60 -9.85
CA ALA A 578 22.74 13.48 -9.36
C ALA A 578 23.25 14.49 -8.34
N SER A 579 24.54 14.48 -8.02
CA SER A 579 25.18 15.47 -7.16
C SER A 579 26.04 16.45 -7.93
N ILE A 580 26.72 16.00 -8.98
CA ILE A 580 27.60 16.90 -9.73
C ILE A 580 26.76 17.85 -10.57
N ILE A 581 25.62 17.37 -11.07
CA ILE A 581 24.62 18.27 -11.65
C ILE A 581 24.10 19.20 -10.57
N ASN A 582 23.83 18.65 -9.39
CA ASN A 582 23.33 19.44 -8.26
C ASN A 582 24.39 20.40 -7.72
N GLY A 583 25.66 20.18 -8.04
CA GLY A 583 26.68 21.14 -7.71
C GLY A 583 26.62 22.36 -8.61
N ILE A 584 26.37 22.13 -9.90
CA ILE A 584 26.43 23.21 -10.89
C ILE A 584 25.26 24.17 -10.72
N VAL A 585 24.07 23.63 -10.45
CA VAL A 585 22.89 24.46 -10.25
C VAL A 585 23.04 25.32 -8.99
N THR A 586 23.65 24.75 -7.94
CA THR A 586 23.92 25.52 -6.73
C THR A 586 24.94 26.62 -7.00
N GLY A 587 25.96 26.34 -7.82
CA GLY A 587 26.93 27.36 -8.18
C GLY A 587 26.32 28.49 -9.01
N ILE A 588 25.39 28.14 -9.90
CA ILE A 588 24.68 29.16 -10.68
C ILE A 588 23.78 29.99 -9.77
N MET A 589 23.16 29.35 -8.78
CA MET A 589 22.30 30.11 -7.87
C MET A 589 23.13 31.02 -6.96
N VAL A 590 24.36 30.60 -6.64
CA VAL A 590 25.26 31.47 -5.90
C VAL A 590 25.71 32.64 -6.76
N GLU A 591 26.09 32.38 -8.01
CA GLU A 591 26.76 33.41 -8.79
C GLU A 591 25.81 34.37 -9.50
N LYS A 592 24.74 33.86 -10.11
CA LYS A 592 23.84 34.73 -10.85
C LYS A 592 22.39 34.72 -10.38
N GLY A 593 22.05 34.06 -9.30
CA GLY A 593 20.72 34.16 -8.73
C GLY A 593 19.82 33.00 -9.06
N PRO A 594 18.54 33.10 -8.67
CA PRO A 594 17.61 31.98 -8.94
C PRO A 594 17.02 31.99 -10.34
N LYS A 595 16.89 33.18 -10.92
CA LYS A 595 16.27 33.29 -12.24
C LYS A 595 17.19 32.84 -13.35
N GLU A 596 18.43 32.45 -13.05
CA GLU A 596 19.26 31.78 -14.02
C GLU A 596 19.26 30.28 -13.79
N ALA A 597 19.01 29.85 -12.56
CA ALA A 597 18.85 28.42 -12.29
C ALA A 597 17.59 27.88 -12.95
N LEU A 598 16.50 28.66 -12.92
CA LEU A 598 15.30 28.23 -13.60
C LEU A 598 15.48 28.22 -15.12
N ALA A 599 16.29 29.13 -15.65
CA ALA A 599 16.60 29.10 -17.08
C ALA A 599 17.45 27.89 -17.44
N PHE A 600 18.31 27.47 -16.52
CA PHE A 600 19.08 26.24 -16.73
C PHE A 600 18.18 25.02 -16.81
N PHE A 601 17.23 24.90 -15.88
CA PHE A 601 16.27 23.79 -15.92
C PHE A 601 15.42 23.84 -17.18
N ASP A 602 14.91 25.01 -17.53
CA ASP A 602 14.02 25.13 -18.68
C ASP A 602 14.74 25.01 -20.01
N SER A 603 16.06 25.10 -20.02
CA SER A 603 16.81 24.78 -21.23
C SER A 603 17.34 23.35 -21.22
N LEU A 604 17.44 22.71 -20.06
CA LEU A 604 18.03 21.39 -19.99
C LEU A 604 17.03 20.28 -20.18
N GLN A 605 15.82 20.41 -19.62
CA GLN A 605 14.88 19.29 -19.61
C GLN A 605 14.38 18.88 -21.00
N PRO A 606 13.94 19.79 -21.90
CA PRO A 606 13.61 19.31 -23.25
C PRO A 606 14.80 18.88 -24.06
N LEU A 607 15.99 19.43 -23.79
CA LEU A 607 17.21 18.96 -24.41
C LEU A 607 17.52 17.50 -24.06
N LEU A 608 17.09 17.04 -22.89
CA LEU A 608 17.22 15.64 -22.53
C LEU A 608 16.10 14.80 -23.15
N MET A 609 14.85 15.29 -23.04
CA MET A 609 13.72 14.49 -23.50
C MET A 609 13.68 14.35 -25.00
N GLU A 610 14.37 15.22 -25.74
CA GLU A 610 14.53 15.02 -27.17
C GLU A 610 15.72 14.14 -27.50
N HIS A 611 16.72 14.07 -26.62
CA HIS A 611 17.80 13.13 -26.83
C HIS A 611 17.35 11.69 -26.60
N LEU A 612 16.38 11.46 -25.73
CA LEU A 612 15.86 10.09 -25.61
C LEU A 612 14.95 9.65 -26.74
N ASP A 613 14.56 10.53 -27.65
CA ASP A 613 13.47 10.19 -28.55
C ASP A 613 13.90 9.30 -29.71
N PRO A 614 15.05 9.52 -30.41
CA PRO A 614 15.48 8.48 -31.35
C PRO A 614 16.39 7.41 -30.79
N GLN A 615 16.20 6.97 -29.56
CA GLN A 615 16.89 5.77 -29.10
C GLN A 615 15.98 4.79 -28.39
N GLY A 616 15.04 5.28 -27.59
CA GLY A 616 14.16 4.42 -26.81
C GLY A 616 14.82 3.66 -25.68
N PHE A 617 14.02 3.10 -24.78
CA PHE A 617 14.56 2.37 -23.65
C PHE A 617 13.47 1.45 -23.12
N SER A 618 13.80 0.17 -22.91
CA SER A 618 12.77 -0.81 -22.59
C SER A 618 13.32 -1.95 -21.74
N LEU A 619 12.42 -2.83 -21.34
CA LEU A 619 12.69 -4.01 -20.55
C LEU A 619 12.60 -5.27 -21.41
N SER A 620 12.97 -6.40 -20.81
CA SER A 620 12.97 -7.66 -21.52
C SER A 620 12.61 -8.77 -20.53
N LEU A 621 12.39 -9.97 -21.06
CA LEU A 621 12.26 -11.12 -20.20
C LEU A 621 13.60 -11.67 -19.76
N GLU A 622 14.65 -11.46 -20.55
CA GLU A 622 15.99 -11.89 -20.19
C GLU A 622 16.60 -11.04 -19.09
N ASP A 623 16.04 -9.88 -18.80
CA ASP A 623 16.52 -9.07 -17.68
C ASP A 623 16.08 -9.67 -16.35
N LEU A 624 14.86 -10.18 -16.29
CA LEU A 624 14.35 -10.75 -15.06
C LEU A 624 14.76 -12.21 -14.87
N SER A 625 15.36 -12.83 -15.88
CA SER A 625 15.76 -14.24 -15.79
C SER A 625 17.20 -14.29 -15.31
N MET A 626 17.40 -14.67 -14.05
CA MET A 626 18.73 -14.96 -13.58
C MET A 626 19.19 -16.30 -14.14
N SER A 627 20.49 -16.46 -14.33
CA SER A 627 21.00 -17.69 -14.93
C SER A 627 20.88 -18.86 -13.98
N ARG A 628 20.96 -20.06 -14.55
CA ARG A 628 20.60 -21.26 -13.79
C ARG A 628 21.71 -21.70 -12.85
N GLU A 629 22.97 -21.63 -13.28
CA GLU A 629 24.06 -22.00 -12.38
C GLU A 629 24.21 -20.98 -11.26
N ASP A 630 23.86 -19.73 -11.51
CA ASP A 630 23.86 -18.74 -10.43
C ASP A 630 22.65 -18.95 -9.52
N MET A 631 21.56 -19.45 -10.09
CA MET A 631 20.41 -19.86 -9.28
C MET A 631 20.78 -21.05 -8.40
N GLY A 632 21.60 -21.94 -8.93
CA GLY A 632 22.10 -23.05 -8.12
C GLY A 632 23.08 -22.60 -7.06
N VAL A 633 23.81 -21.50 -7.32
CA VAL A 633 24.67 -20.92 -6.29
C VAL A 633 23.84 -20.36 -5.16
N ILE A 634 22.82 -19.57 -5.48
CA ILE A 634 22.06 -18.91 -4.42
C ILE A 634 21.17 -19.91 -3.66
N HIS A 635 20.72 -20.97 -4.33
CA HIS A 635 19.98 -22.00 -3.59
C HIS A 635 20.89 -22.84 -2.70
N ASN A 636 22.20 -22.87 -2.97
CA ASN A 636 23.13 -23.52 -2.06
C ASN A 636 23.55 -22.65 -0.90
N LEU A 637 22.84 -21.57 -0.61
CA LEU A 637 23.12 -20.73 0.53
C LEU A 637 21.94 -20.60 1.48
N ILE A 638 20.76 -21.09 1.10
CA ILE A 638 19.65 -21.16 2.02
C ILE A 638 19.84 -22.33 2.98
N VAL A 639 20.49 -23.39 2.51
CA VAL A 639 20.68 -24.60 3.30
C VAL A 639 22.15 -24.78 3.65
N ARG A 640 22.91 -23.69 3.68
CA ARG A 640 24.29 -23.75 4.15
C ARG A 640 24.54 -22.84 5.35
N GLU A 641 24.03 -21.61 5.30
CA GLU A 641 24.27 -20.68 6.39
C GLU A 641 22.97 -20.10 6.94
N ILE A 642 21.81 -20.54 6.44
CA ILE A 642 20.53 -20.03 6.86
C ILE A 642 19.68 -21.11 7.52
N SER A 643 19.71 -22.33 6.96
CA SER A 643 19.15 -23.47 7.69
C SER A 643 19.96 -23.86 8.92
N PRO A 644 21.31 -23.89 8.91
CA PRO A 644 22.01 -24.05 10.20
C PRO A 644 21.90 -22.86 11.13
N MET A 645 21.51 -21.68 10.63
CA MET A 645 21.26 -20.58 11.55
C MET A 645 19.86 -20.64 12.13
N VAL A 646 18.89 -21.16 11.36
CA VAL A 646 17.56 -21.31 11.93
C VAL A 646 17.52 -22.54 12.82
N SER A 647 18.53 -23.41 12.72
CA SER A 647 18.72 -24.44 13.74
C SER A 647 19.09 -23.82 15.10
N ARG A 648 19.76 -22.66 15.10
CA ARG A 648 19.94 -21.94 16.35
C ARG A 648 18.76 -21.05 16.67
N LEU A 649 17.94 -20.70 15.68
CA LEU A 649 16.74 -19.91 15.96
C LEU A 649 15.68 -20.72 16.71
N ARG A 650 15.85 -22.05 16.75
CA ARG A 650 14.98 -22.93 17.53
C ARG A 650 14.88 -22.55 19.00
N LEU A 651 15.97 -22.07 19.59
CA LEU A 651 15.99 -21.67 20.99
C LEU A 651 16.39 -20.22 21.20
N SER A 652 17.31 -19.68 20.38
CA SER A 652 17.72 -18.29 20.48
C SER A 652 16.64 -17.40 19.90
N TYR A 653 16.26 -16.37 20.64
CA TYR A 653 15.26 -15.40 20.19
C TYR A 653 15.87 -14.17 19.54
N GLU A 654 16.63 -13.38 20.30
CA GLU A 654 16.86 -11.98 19.95
C GLU A 654 18.06 -11.75 19.05
N ASP A 655 18.40 -12.74 18.21
CA ASP A 655 19.43 -12.50 17.20
C ASP A 655 18.82 -12.08 15.87
N GLU A 656 17.67 -11.38 15.91
CA GLU A 656 17.01 -10.94 14.68
C GLU A 656 17.85 -9.96 13.87
N LEU A 657 18.74 -9.21 14.51
CA LEU A 657 19.62 -8.35 13.74
C LEU A 657 20.82 -9.14 13.21
N GLN A 658 21.22 -10.21 13.91
CA GLN A 658 22.14 -11.17 13.32
C GLN A 658 21.49 -11.90 12.16
N LEU A 659 20.21 -12.28 12.32
CA LEU A 659 19.38 -12.82 11.24
C LEU A 659 19.41 -11.91 10.01
N GLU A 660 19.06 -10.64 10.20
CA GLU A 660 19.07 -9.69 9.09
C GLU A 660 20.47 -9.41 8.55
N ASN A 661 21.52 -9.56 9.37
CA ASN A 661 22.88 -9.39 8.88
C ASN A 661 23.25 -10.50 7.89
N SER A 662 22.96 -11.75 8.27
CA SER A 662 23.17 -12.86 7.35
C SER A 662 22.27 -12.78 6.13
N ILE A 663 21.02 -12.32 6.31
CA ILE A 663 20.10 -12.17 5.19
C ILE A 663 20.60 -11.13 4.19
N GLN A 664 21.03 -9.95 4.67
CA GLN A 664 21.52 -8.94 3.75
C GLN A 664 22.87 -9.31 3.16
N LYS A 665 23.65 -10.16 3.85
CA LYS A 665 24.82 -10.74 3.23
C LYS A 665 24.43 -11.63 2.05
N VAL A 666 23.30 -12.31 2.14
CA VAL A 666 22.81 -13.07 0.99
C VAL A 666 22.23 -12.15 -0.10
N LYS A 667 21.46 -11.14 0.33
CA LYS A 667 20.74 -10.26 -0.60
C LYS A 667 21.70 -9.42 -1.44
N GLU A 668 22.85 -9.05 -0.87
CA GLU A 668 23.80 -8.23 -1.61
C GLU A 668 24.47 -9.02 -2.73
N VAL A 669 24.86 -10.27 -2.46
CA VAL A 669 25.48 -11.04 -3.52
C VAL A 669 24.43 -11.50 -4.51
N ALA A 670 23.17 -11.57 -4.09
CA ALA A 670 22.08 -11.82 -5.04
C ALA A 670 21.89 -10.64 -5.99
N ALA A 671 21.86 -9.42 -5.45
CA ALA A 671 21.72 -8.22 -6.27
C ALA A 671 22.97 -7.92 -7.09
N ASN A 672 24.09 -8.54 -6.75
CA ASN A 672 25.32 -8.31 -7.52
C ASN A 672 25.21 -8.90 -8.92
N PHE A 673 24.49 -10.01 -9.07
CA PHE A 673 24.43 -10.66 -10.38
C PHE A 673 23.53 -9.92 -11.36
N MET A 674 22.37 -9.43 -10.91
CA MET A 674 21.43 -8.85 -11.84
C MET A 674 21.73 -7.40 -12.20
N LEU A 675 22.87 -6.87 -11.77
CA LEU A 675 23.39 -5.66 -12.36
C LEU A 675 24.38 -5.93 -13.47
N LYS A 676 24.53 -7.18 -13.89
CA LYS A 676 25.33 -7.50 -15.07
C LYS A 676 24.47 -7.60 -16.31
N SER A 677 23.63 -6.58 -16.49
CA SER A 677 22.78 -6.43 -17.67
C SER A 677 22.66 -4.94 -17.93
N TYR A 678 22.42 -4.58 -19.19
CA TYR A 678 22.47 -3.18 -19.55
C TYR A 678 21.25 -2.40 -19.07
N SER A 679 20.08 -3.02 -19.09
CA SER A 679 18.87 -2.26 -18.80
C SER A 679 18.62 -2.13 -17.30
N MET A 680 19.09 -3.08 -16.50
CA MET A 680 18.76 -3.03 -15.08
C MET A 680 19.68 -2.10 -14.32
N ARG A 681 20.85 -1.78 -14.88
CA ARG A 681 21.72 -0.79 -14.26
C ARG A 681 21.15 0.60 -14.32
N ASN A 682 20.24 0.86 -15.25
CA ASN A 682 19.88 2.22 -15.60
C ASN A 682 18.48 2.63 -15.15
N LEU A 683 17.69 1.72 -14.61
CA LEU A 683 16.36 2.06 -14.13
C LEU A 683 16.25 2.11 -12.62
N ILE A 684 17.25 1.61 -11.90
CA ILE A 684 17.18 1.52 -10.44
C ILE A 684 18.36 2.28 -9.86
N ASP A 685 18.14 2.92 -8.71
CA ASP A 685 19.24 3.55 -7.97
C ASP A 685 19.98 2.45 -7.24
N ILE A 686 21.24 2.23 -7.61
CA ILE A 686 22.03 1.09 -7.15
C ILE A 686 22.25 1.16 -5.64
N LYS A 687 22.45 2.36 -5.12
CA LYS A 687 22.97 2.51 -3.76
C LYS A 687 21.88 2.28 -2.72
N SER A 688 20.66 2.70 -3.01
CA SER A 688 19.59 2.76 -2.00
C SER A 688 19.15 1.39 -1.54
N ASN A 689 19.02 1.21 -0.23
CA ASN A 689 18.57 -0.05 0.34
C ASN A 689 17.07 -0.27 0.12
N SER A 690 16.34 0.81 -0.12
CA SER A 690 14.89 0.74 -0.24
C SER A 690 14.47 -0.09 -1.44
N ALA A 691 15.10 0.13 -2.59
CA ALA A 691 14.68 -0.49 -3.84
C ALA A 691 15.74 -1.41 -4.42
N ILE A 692 16.59 -2.00 -3.58
CA ILE A 692 17.57 -2.96 -4.07
C ILE A 692 17.19 -4.34 -3.54
N ASN A 693 16.35 -4.38 -2.51
CA ASN A 693 15.84 -5.66 -2.04
C ASN A 693 14.54 -6.02 -2.73
N LYS A 694 13.80 -5.00 -3.21
CA LYS A 694 12.61 -5.25 -4.00
C LYS A 694 12.92 -5.99 -5.28
N LEU A 695 14.11 -5.81 -5.83
CA LEU A 695 14.41 -6.45 -7.09
C LEU A 695 14.95 -7.86 -6.85
N VAL A 696 15.49 -8.11 -5.66
CA VAL A 696 15.83 -9.47 -5.25
C VAL A 696 14.56 -10.23 -4.87
N GLN A 697 13.49 -9.53 -4.47
CA GLN A 697 12.22 -10.21 -4.29
C GLN A 697 11.55 -10.61 -5.60
N GLN A 698 12.11 -10.26 -6.75
CA GLN A 698 11.55 -10.70 -8.02
C GLN A 698 12.58 -11.22 -9.01
N ILE A 699 13.84 -11.38 -8.62
CA ILE A 699 14.78 -12.21 -9.37
C ILE A 699 15.46 -13.25 -8.49
N GLY A 700 15.56 -12.99 -7.19
CA GLY A 700 16.27 -13.86 -6.29
C GLY A 700 15.33 -14.71 -5.46
N PHE A 701 15.03 -14.24 -4.25
CA PHE A 701 14.10 -14.88 -3.35
C PHE A 701 13.57 -13.82 -2.41
N LEU A 702 12.48 -14.15 -1.72
CA LEU A 702 11.86 -13.18 -0.83
C LEU A 702 12.58 -13.10 0.51
N GLY A 703 12.61 -14.21 1.23
CA GLY A 703 13.21 -14.20 2.55
C GLY A 703 12.22 -14.37 3.69
N LEU A 704 12.49 -13.67 4.78
CA LEU A 704 11.83 -13.96 6.05
C LEU A 704 10.46 -13.29 6.12
N GLN A 705 9.42 -14.03 5.74
CA GLN A 705 8.06 -13.51 5.71
C GLN A 705 7.33 -13.64 7.04
N LEU A 706 7.81 -14.47 7.94
CA LEU A 706 7.14 -14.70 9.21
C LEU A 706 8.12 -14.66 10.36
N SER A 707 7.71 -14.00 11.43
CA SER A 707 8.43 -14.00 12.70
C SER A 707 7.42 -13.64 13.77
N ASP A 708 7.83 -13.83 15.01
CA ASP A 708 6.95 -13.45 16.12
C ASP A 708 7.20 -12.02 16.57
N LYS A 709 8.16 -11.33 15.95
CA LYS A 709 8.51 -9.97 16.31
C LYS A 709 7.86 -8.92 15.42
N LYS A 710 7.12 -9.34 14.39
CA LYS A 710 6.29 -8.44 13.59
C LYS A 710 4.99 -8.27 14.37
N LYS A 711 5.01 -7.32 15.30
CA LYS A 711 4.11 -7.36 16.45
C LYS A 711 2.73 -6.78 16.14
N LEU A 712 1.99 -7.43 15.25
CA LEU A 712 0.55 -7.22 15.24
C LEU A 712 -0.29 -8.49 15.26
N TYR A 713 0.09 -9.54 14.55
CA TYR A 713 -0.57 -10.82 14.67
C TYR A 713 0.03 -11.60 15.84
N THR A 714 -0.82 -12.30 16.59
CA THR A 714 -0.40 -12.87 17.85
C THR A 714 0.47 -14.10 17.64
N LYS A 715 0.91 -14.68 18.76
CA LYS A 715 1.79 -15.84 18.71
C LYS A 715 1.04 -17.11 18.30
N THR A 716 -0.28 -17.13 18.48
CA THR A 716 -1.06 -18.31 18.15
C THR A 716 -1.09 -18.53 16.64
N LEU A 717 -1.19 -17.44 15.87
CA LEU A 717 -1.14 -17.54 14.41
C LEU A 717 0.21 -18.07 13.95
N VAL A 718 1.28 -17.67 14.62
CA VAL A 718 2.61 -18.16 14.26
C VAL A 718 2.73 -19.63 14.59
N GLU A 719 2.19 -20.05 15.74
CA GLU A 719 2.39 -21.43 16.16
C GLU A 719 1.56 -22.40 15.32
N ASP A 720 0.35 -21.99 14.90
CA ASP A 720 -0.37 -22.95 14.08
C ASP A 720 -0.11 -22.78 12.59
N MET A 721 0.45 -21.65 12.16
CA MET A 721 1.04 -21.60 10.82
C MET A 721 2.29 -22.47 10.75
N ALA A 722 3.03 -22.56 11.84
CA ALA A 722 4.13 -23.53 11.91
C ALA A 722 3.60 -24.95 11.92
N GLN A 723 2.47 -25.17 12.59
CA GLN A 723 1.86 -26.49 12.61
C GLN A 723 1.33 -26.90 11.24
N PHE A 724 0.66 -25.98 10.51
CA PHE A 724 0.05 -26.14 9.17
C PHE A 724 1.05 -26.50 8.08
N TYR A 725 2.33 -26.52 8.42
CA TYR A 725 3.38 -27.07 7.58
C TYR A 725 3.30 -28.59 7.47
N LYS A 726 2.26 -29.22 8.03
CA LYS A 726 1.85 -30.57 7.67
C LYS A 726 1.28 -30.66 6.27
N LYS A 727 0.87 -29.53 5.68
CA LYS A 727 0.26 -29.52 4.35
C LYS A 727 1.37 -29.78 3.35
N LYS A 728 1.66 -31.06 3.13
CA LYS A 728 2.65 -31.60 2.20
C LYS A 728 4.07 -31.13 2.46
N TYR A 729 4.28 -30.46 3.60
CA TYR A 729 5.64 -29.97 3.95
C TYR A 729 6.23 -30.91 5.00
N VAL A 730 5.39 -31.61 5.76
CA VAL A 730 5.91 -32.65 6.70
C VAL A 730 5.63 -33.99 6.02
N SER A 731 4.56 -34.06 5.21
CA SER A 731 4.26 -35.27 4.47
C SER A 731 5.33 -35.57 3.43
N THR A 732 6.12 -34.58 3.04
CA THR A 732 7.17 -34.76 2.07
C THR A 732 8.56 -34.33 2.55
N SER A 733 8.66 -33.41 3.50
CA SER A 733 9.93 -32.73 3.74
C SER A 733 10.08 -32.40 5.22
N SER A 734 11.26 -31.91 5.59
CA SER A 734 11.43 -31.08 6.77
C SER A 734 12.50 -30.03 6.49
N SER A 735 12.95 -29.98 5.24
CA SER A 735 14.02 -29.06 4.85
C SER A 735 13.46 -27.66 4.67
N GLY A 736 14.33 -26.65 4.77
CA GLY A 736 13.88 -25.29 4.85
C GLY A 736 13.20 -25.04 6.17
N ASP A 737 12.31 -24.05 6.22
CA ASP A 737 11.54 -23.75 7.42
C ASP A 737 10.33 -22.92 7.03
N PHE A 738 9.30 -22.91 7.87
CA PHE A 738 8.19 -21.99 7.66
C PHE A 738 8.69 -20.55 7.84
N GLY A 739 8.08 -19.63 7.12
CA GLY A 739 8.51 -18.26 7.16
C GLY A 739 9.67 -17.92 6.24
N ILE A 740 10.31 -18.91 5.62
CA ILE A 740 11.36 -18.67 4.65
C ILE A 740 10.85 -19.11 3.28
N VAL A 741 10.89 -18.18 2.32
CA VAL A 741 10.47 -18.44 0.96
C VAL A 741 11.71 -18.55 0.10
N LYS A 742 11.94 -19.74 -0.46
CA LYS A 742 13.08 -19.96 -1.34
C LYS A 742 12.81 -19.53 -2.78
N GLY A 743 11.59 -19.10 -3.08
CA GLY A 743 11.21 -18.75 -4.43
C GLY A 743 11.05 -17.25 -4.61
N CYS A 744 10.83 -16.86 -5.85
CA CYS A 744 10.75 -15.46 -6.22
C CYS A 744 9.44 -15.17 -6.94
N PHE A 745 9.12 -13.88 -7.07
CA PHE A 745 7.91 -13.45 -7.75
C PHE A 745 7.91 -13.84 -9.22
N PHE A 746 9.07 -13.83 -9.86
CA PHE A 746 9.12 -14.07 -11.30
C PHE A 746 8.84 -15.54 -11.62
N HIS A 747 9.31 -16.46 -10.78
CA HIS A 747 9.07 -17.87 -11.00
C HIS A 747 7.86 -18.42 -10.26
N GLY A 748 7.20 -17.61 -9.43
CA GLY A 748 5.93 -18.03 -8.88
C GLY A 748 5.98 -18.67 -7.51
N LEU A 749 4.90 -18.52 -6.76
CA LEU A 749 4.84 -18.99 -5.37
C LEU A 749 3.80 -20.09 -5.23
N ASP A 750 4.23 -21.26 -4.75
CA ASP A 750 3.29 -22.36 -4.52
C ASP A 750 2.51 -22.10 -3.22
N PRO A 751 1.28 -22.66 -3.06
CA PRO A 751 0.26 -21.97 -2.22
C PRO A 751 0.58 -21.71 -0.75
N TYR A 752 1.48 -22.48 -0.12
CA TYR A 752 1.80 -22.25 1.28
C TYR A 752 2.54 -20.93 1.46
N GLU A 753 3.59 -20.73 0.69
CA GLU A 753 4.37 -19.50 0.85
C GLU A 753 3.62 -18.32 0.26
N GLU A 754 2.66 -18.59 -0.64
CA GLU A 754 1.73 -17.53 -1.04
C GLU A 754 0.86 -17.09 0.13
N MET A 755 0.38 -18.04 0.93
CA MET A 755 -0.39 -17.68 2.12
C MET A 755 0.45 -16.93 3.15
N ALA A 756 1.72 -17.35 3.32
CA ALA A 756 2.60 -16.66 4.25
C ALA A 756 2.90 -15.23 3.80
N HIS A 757 3.16 -15.06 2.50
CA HIS A 757 3.34 -13.72 1.95
C HIS A 757 2.08 -12.89 2.08
N SER A 758 0.91 -13.53 2.04
CA SER A 758 -0.34 -12.80 2.22
C SER A 758 -0.50 -12.30 3.65
N VAL A 759 -0.08 -13.08 4.64
CA VAL A 759 -0.22 -12.58 6.01
C VAL A 759 0.79 -11.47 6.26
N ALA A 760 1.95 -11.51 5.59
CA ALA A 760 2.93 -10.45 5.77
C ALA A 760 2.46 -9.13 5.15
N ALA A 761 1.97 -9.19 3.91
CA ALA A 761 1.46 -7.99 3.25
C ALA A 761 0.22 -7.46 3.94
N ARG A 762 -0.62 -8.36 4.45
CA ARG A 762 -1.79 -7.95 5.22
C ARG A 762 -1.38 -7.22 6.48
N GLU A 763 -0.33 -7.68 7.16
CA GLU A 763 0.11 -7.03 8.39
C GLU A 763 0.68 -5.64 8.10
N VAL A 764 1.38 -5.49 6.97
CA VAL A 764 1.88 -4.17 6.60
C VAL A 764 0.73 -3.22 6.28
N ILE A 765 -0.33 -3.73 5.64
CA ILE A 765 -1.51 -2.92 5.36
C ILE A 765 -2.20 -2.47 6.66
N VAL A 766 -2.32 -3.38 7.62
CA VAL A 766 -2.98 -3.07 8.89
C VAL A 766 -2.17 -2.04 9.68
N ARG A 767 -0.84 -2.23 9.72
CA ARG A 767 0.04 -1.32 10.45
C ARG A 767 0.03 0.08 9.85
N SER A 768 0.25 0.18 8.53
CA SER A 768 0.28 1.50 7.92
C SER A 768 -1.11 2.07 7.69
N SER A 769 -2.18 1.33 7.98
CA SER A 769 -3.53 1.84 7.88
C SER A 769 -4.08 2.35 9.21
N ARG A 770 -3.85 1.63 10.30
CA ARG A 770 -4.45 1.97 11.57
C ARG A 770 -3.81 3.22 12.15
N GLY A 771 -4.50 3.81 13.11
CA GLY A 771 -3.91 4.84 13.96
C GLY A 771 -3.60 6.11 13.18
N LEU A 772 -2.31 6.47 13.19
CA LEU A 772 -1.66 7.50 12.39
C LEU A 772 -2.10 8.91 12.78
N ALA A 773 -3.03 9.03 13.73
CA ALA A 773 -3.41 10.31 14.28
C ALA A 773 -2.46 10.78 15.37
N GLU A 774 -1.47 9.97 15.74
CA GLU A 774 -0.46 10.42 16.69
C GLU A 774 0.43 11.53 16.14
N PRO A 775 0.94 11.49 14.90
CA PRO A 775 1.48 12.74 14.33
C PRO A 775 0.40 13.78 14.09
N GLY A 776 -0.86 13.36 13.91
CA GLY A 776 -1.93 14.33 13.74
C GLY A 776 -2.19 15.16 14.98
N THR A 777 -2.23 14.51 16.14
CA THR A 777 -2.34 15.28 17.38
C THR A 777 -1.01 15.89 17.78
N LEU A 778 0.11 15.32 17.33
CA LEU A 778 1.42 15.87 17.65
C LEU A 778 1.67 17.17 16.90
N PHE A 779 1.03 17.34 15.73
CA PHE A 779 1.11 18.60 15.02
C PHE A 779 0.40 19.71 15.78
N LYS A 780 -0.77 19.41 16.34
CA LYS A 780 -1.47 20.44 17.12
C LYS A 780 -0.75 20.68 18.45
N ASN A 781 -0.16 19.64 19.02
CA ASN A 781 0.58 19.80 20.26
C ASN A 781 1.94 20.48 20.06
N LEU A 782 2.45 20.51 18.84
CA LEU A 782 3.59 21.36 18.51
C LEU A 782 3.18 22.74 18.03
N MET A 783 1.94 22.92 17.60
CA MET A 783 1.50 24.22 17.14
C MET A 783 0.94 25.08 18.27
N ALA A 784 0.53 24.46 19.38
CA ALA A 784 0.00 25.25 20.49
C ALA A 784 1.08 26.08 21.18
N VAL A 785 2.34 25.64 21.13
CA VAL A 785 3.41 26.27 21.88
C VAL A 785 4.47 26.90 20.98
N LEU A 786 4.82 26.24 19.87
CA LEU A 786 5.84 26.80 18.97
C LEU A 786 5.29 27.79 17.97
N ARG A 787 4.05 28.26 18.13
CA ARG A 787 3.49 29.19 17.16
C ARG A 787 4.09 30.59 17.29
N ASP A 788 4.08 31.14 18.50
CA ASP A 788 4.28 32.57 18.68
C ASP A 788 5.76 32.90 18.90
N ILE A 789 6.59 32.42 17.98
CA ILE A 789 8.03 32.62 18.07
C ILE A 789 8.52 33.14 16.72
N VAL A 790 9.08 34.34 16.72
CA VAL A 790 9.60 34.99 15.52
C VAL A 790 11.07 35.30 15.74
N ILE A 791 11.68 35.94 14.74
CA ILE A 791 12.97 36.57 14.90
C ILE A 791 12.75 38.08 14.93
N THR A 792 13.04 38.70 16.08
CA THR A 792 12.79 40.12 16.24
C THR A 792 13.78 40.96 15.46
N ASN A 793 13.54 42.28 15.45
CA ASN A 793 14.25 43.22 14.60
C ASN A 793 15.73 43.33 14.93
N ASP A 794 16.13 42.94 16.13
CA ASP A 794 17.54 42.99 16.53
C ASP A 794 18.23 41.64 16.46
N GLY A 795 17.47 40.55 16.31
CA GLY A 795 18.03 39.22 16.23
C GLY A 795 17.70 38.33 17.42
N THR A 796 16.97 38.83 18.40
CA THR A 796 16.63 38.03 19.56
C THR A 796 15.39 37.19 19.25
N VAL A 797 15.54 35.88 19.28
CA VAL A 797 14.45 34.96 19.01
C VAL A 797 13.58 34.93 20.26
N ARG A 798 12.39 35.52 20.19
CA ARG A 798 11.59 35.73 21.38
C ARG A 798 10.17 35.20 21.19
N ASN A 799 9.59 34.75 22.30
CA ASN A 799 8.15 34.52 22.35
C ASN A 799 7.44 35.85 22.15
N THR A 800 6.42 35.86 21.30
CA THR A 800 5.77 37.12 20.96
C THR A 800 4.85 37.58 22.08
N CYS A 801 4.13 36.65 22.71
CA CYS A 801 3.19 37.01 23.77
C CYS A 801 3.84 37.17 25.13
N SER A 802 5.17 37.05 25.23
CA SER A 802 5.85 37.25 26.49
C SER A 802 7.12 38.08 26.41
N ASN A 803 7.67 38.28 25.21
CA ASN A 803 8.81 39.16 24.95
C ASN A 803 10.05 38.71 25.74
N SER A 804 10.27 37.41 25.78
CA SER A 804 11.38 36.83 26.52
C SER A 804 12.32 36.11 25.57
N ILE A 805 13.63 36.26 25.80
CA ILE A 805 14.61 35.63 24.93
C ILE A 805 14.58 34.12 25.12
N VAL A 806 14.14 33.41 24.09
CA VAL A 806 14.19 31.95 24.06
C VAL A 806 15.58 31.57 23.59
N GLN A 807 16.13 32.36 22.68
CA GLN A 807 17.44 32.10 22.12
C GLN A 807 18.02 33.42 21.65
N PHE A 808 19.24 33.73 22.08
CA PHE A 808 19.83 35.04 21.80
C PHE A 808 20.10 35.25 20.32
N LYS A 809 20.59 34.22 19.65
CA LYS A 809 21.03 34.39 18.27
C LYS A 809 20.66 33.12 17.54
N TYR A 810 20.24 33.26 16.29
CA TYR A 810 19.84 32.13 15.45
C TYR A 810 21.10 31.48 14.88
N GLU A 811 21.01 30.94 13.67
CA GLU A 811 22.05 30.28 12.90
C GLU A 811 23.47 30.82 13.10
N LEU A 812 24.42 29.91 13.21
CA LEU A 812 25.77 30.22 13.63
C LEU A 812 26.53 30.93 12.50
N SER A 813 27.32 31.93 12.91
CA SER A 813 28.20 32.73 12.07
C SER A 813 27.44 33.48 10.98
N SER A 814 26.17 33.84 11.22
CA SER A 814 25.41 34.66 10.31
C SER A 814 25.20 36.06 10.87
N ASP A 815 26.15 36.54 11.68
CA ASP A 815 26.06 37.89 12.20
C ASP A 815 26.98 38.83 11.43
N ASN A 816 27.99 38.27 10.75
CA ASN A 816 28.71 39.01 9.74
C ASN A 816 27.79 39.27 8.56
N GLU A 817 28.05 40.37 7.84
CA GLU A 817 27.02 40.93 6.97
C GLU A 817 27.10 40.26 5.60
N ASN A 818 26.68 39.00 5.56
CA ASN A 818 26.57 38.24 4.33
C ASN A 818 25.22 37.52 4.31
N GLN A 819 24.44 37.83 3.27
CA GLN A 819 23.02 37.53 3.25
C GLN A 819 22.76 36.40 2.25
N GLY A 820 21.50 35.99 2.12
CA GLY A 820 21.11 34.71 1.58
C GLY A 820 20.55 33.78 2.62
N LEU A 821 20.17 34.30 3.79
CA LEU A 821 19.93 33.52 4.98
C LEU A 821 18.66 34.05 5.64
N PHE A 822 18.44 33.68 6.90
CA PHE A 822 17.21 34.06 7.60
C PHE A 822 17.18 35.56 7.91
N GLU A 823 15.97 36.09 7.97
CA GLU A 823 15.70 37.50 8.24
C GLU A 823 14.77 37.65 9.43
N ALA A 824 14.65 38.89 9.89
CA ALA A 824 13.78 39.22 11.01
C ALA A 824 12.34 39.26 10.52
N GLY A 825 11.50 38.42 11.10
CA GLY A 825 10.10 38.34 10.70
C GLY A 825 9.71 36.89 10.44
N ASP A 826 10.71 36.05 10.19
CA ASP A 826 10.46 34.66 9.85
C ASP A 826 9.85 33.91 11.04
N PRO A 827 8.70 33.30 10.87
CA PRO A 827 8.11 32.49 11.95
C PRO A 827 8.80 31.12 12.01
N VAL A 828 9.93 31.08 12.71
CA VAL A 828 10.79 29.91 12.63
C VAL A 828 10.27 28.77 13.49
N GLY A 829 9.41 29.06 14.45
CA GLY A 829 8.77 27.99 15.20
C GLY A 829 7.77 27.22 14.35
N VAL A 830 7.02 27.94 13.51
CA VAL A 830 6.10 27.29 12.60
C VAL A 830 6.86 26.58 11.49
N LEU A 831 8.09 27.02 11.20
CA LEU A 831 8.96 26.27 10.31
C LEU A 831 9.40 24.97 10.97
N ALA A 832 9.74 25.01 12.26
CA ALA A 832 10.22 23.82 12.95
C ALA A 832 9.14 22.79 13.17
N ALA A 833 7.89 23.25 13.37
CA ALA A 833 6.75 22.34 13.52
C ALA A 833 6.55 21.47 12.28
N THR A 834 6.51 22.10 11.11
CA THR A 834 6.33 21.35 9.87
C THR A 834 7.58 20.54 9.51
N ALA A 835 8.77 21.12 9.72
CA ALA A 835 10.01 20.42 9.41
C ALA A 835 10.31 19.29 10.37
N MET A 836 9.58 19.19 11.47
CA MET A 836 9.68 18.02 12.33
C MET A 836 8.51 17.07 12.14
N SER A 837 7.35 17.59 11.71
CA SER A 837 6.19 16.76 11.46
C SER A 837 6.29 15.91 10.22
N ASN A 838 6.97 16.39 9.17
CA ASN A 838 7.12 15.57 7.96
C ASN A 838 7.90 14.26 8.14
N PRO A 839 9.01 14.19 8.90
CA PRO A 839 9.63 12.87 9.10
C PRO A 839 8.80 11.90 9.91
N ALA A 840 7.85 12.38 10.71
CA ALA A 840 6.93 11.50 11.40
C ALA A 840 6.06 10.73 10.41
N TYR A 841 5.49 11.42 9.42
CA TYR A 841 4.67 10.74 8.44
C TYR A 841 5.50 9.88 7.51
N LYS A 842 6.73 10.32 7.19
CA LYS A 842 7.59 9.46 6.38
C LYS A 842 8.04 8.21 7.14
N ALA A 843 8.08 8.27 8.47
CA ALA A 843 8.40 7.08 9.26
C ALA A 843 7.20 6.20 9.57
N VAL A 844 5.99 6.76 9.65
CA VAL A 844 4.83 5.93 9.95
C VAL A 844 4.26 5.27 8.70
N LEU A 845 4.13 6.03 7.59
CA LEU A 845 3.49 5.49 6.41
C LEU A 845 4.35 4.45 5.70
N ASP A 846 5.63 4.36 6.05
CA ASP A 846 6.48 3.25 5.65
C ASP A 846 6.70 2.37 6.87
N SER A 847 6.27 1.11 6.78
CA SER A 847 6.36 0.17 7.88
C SER A 847 7.65 -0.65 7.85
N SER A 848 8.65 -0.20 7.09
CA SER A 848 9.94 -0.86 7.02
C SER A 848 10.63 -0.80 8.40
N PRO A 849 11.51 -1.78 8.71
CA PRO A 849 12.00 -1.88 10.11
C PRO A 849 12.88 -0.73 10.56
N ASN A 850 13.69 -0.15 9.66
CA ASN A 850 14.46 1.01 10.06
C ASN A 850 13.59 2.25 10.16
N SER A 851 12.43 2.24 9.52
CA SER A 851 11.51 3.35 9.67
C SER A 851 10.52 3.13 10.79
N ASN A 852 10.47 1.93 11.37
CA ASN A 852 9.58 1.75 12.52
C ASN A 852 10.34 1.72 13.83
N SER A 853 11.64 1.39 13.80
CA SER A 853 12.47 1.48 14.99
C SER A 853 12.73 2.91 15.42
N SER A 854 12.70 3.87 14.50
CA SER A 854 13.03 5.25 14.79
C SER A 854 11.81 6.14 14.94
N TRP A 855 10.62 5.56 14.91
CA TRP A 855 9.43 6.36 15.18
C TRP A 855 9.27 6.70 16.65
N GLU A 856 9.70 5.84 17.56
CA GLU A 856 9.47 6.18 18.96
C GLU A 856 10.64 6.91 19.59
N LEU A 857 11.80 6.96 18.90
CA LEU A 857 12.92 7.73 19.40
C LEU A 857 12.64 9.23 19.39
N MET A 858 11.72 9.67 18.53
CA MET A 858 11.20 11.02 18.64
C MET A 858 10.20 11.12 19.78
N LYS A 859 9.46 10.05 20.04
CA LYS A 859 8.43 10.12 21.07
C LYS A 859 9.04 10.03 22.47
N GLU A 860 10.24 9.46 22.58
CA GLU A 860 10.93 9.45 23.86
C GLU A 860 11.41 10.83 24.26
N VAL A 861 11.78 11.64 23.27
CA VAL A 861 12.31 12.97 23.52
C VAL A 861 11.20 14.02 23.50
N LEU A 862 10.37 14.01 22.46
CA LEU A 862 9.38 15.07 22.29
C LEU A 862 8.17 14.84 23.20
N LEU A 863 7.72 13.61 23.35
CA LEU A 863 6.61 13.30 24.25
C LEU A 863 7.12 12.79 25.59
N CYS A 864 7.83 13.66 26.31
CA CYS A 864 8.18 13.36 27.69
C CYS A 864 7.12 13.96 28.60
N LYS A 865 6.95 13.35 29.77
CA LYS A 865 6.04 13.83 30.79
C LYS A 865 6.85 14.16 32.03
N VAL A 866 6.62 15.35 32.58
CA VAL A 866 7.43 15.84 33.68
C VAL A 866 7.04 15.15 34.98
N ASN A 867 5.76 14.82 35.14
CA ASN A 867 5.31 14.16 36.36
C ASN A 867 5.62 12.68 36.31
N PHE A 868 6.37 12.23 37.31
CA PHE A 868 7.05 10.94 37.26
C PHE A 868 6.05 9.79 37.35
N GLN A 869 5.83 9.13 36.22
CA GLN A 869 4.87 8.04 36.11
C GLN A 869 5.44 6.70 36.54
N ASN A 870 6.76 6.62 36.77
CA ASN A 870 7.48 5.44 37.26
C ASN A 870 7.29 4.25 36.31
N THR A 871 7.67 4.46 35.06
CA THR A 871 7.51 3.46 34.03
C THR A 871 8.77 2.61 33.94
N THR A 872 8.80 1.66 33.02
CA THR A 872 9.97 0.78 32.92
C THR A 872 11.11 1.43 32.15
N ASN A 873 10.86 2.54 31.46
CA ASN A 873 11.97 3.29 30.92
C ASN A 873 12.65 4.11 32.02
N ASP A 874 11.91 4.39 33.09
CA ASP A 874 12.41 5.13 34.24
C ASP A 874 13.21 4.28 35.20
N ARG A 875 13.53 3.03 34.82
CA ARG A 875 14.21 2.12 35.72
C ARG A 875 15.52 1.56 35.18
N ARG A 876 15.79 1.69 33.89
CA ARG A 876 16.99 1.09 33.35
C ARG A 876 18.21 1.95 33.66
N VAL A 877 19.35 1.28 33.80
CA VAL A 877 20.67 1.89 33.99
C VAL A 877 21.67 1.04 33.23
N ILE A 878 22.43 1.66 32.34
CA ILE A 878 23.49 0.97 31.62
C ILE A 878 24.77 1.14 32.42
N LEU A 879 25.59 0.10 32.49
CA LEU A 879 26.84 0.13 33.24
C LEU A 879 28.01 -0.22 32.33
N TYR A 880 28.98 0.69 32.23
CA TYR A 880 30.21 0.45 31.48
C TYR A 880 31.27 0.01 32.47
N LEU A 881 32.17 -0.86 32.04
CA LEU A 881 33.24 -1.35 32.90
C LEU A 881 34.54 -1.43 32.11
N ASN A 882 35.42 -0.46 32.34
CA ASN A 882 36.66 -0.37 31.58
C ASN A 882 37.83 -0.18 32.52
N GLU A 883 38.35 -1.28 33.03
CA GLU A 883 39.56 -1.26 33.86
C GLU A 883 40.45 -2.37 33.32
N CYS A 884 41.37 -2.01 32.42
CA CYS A 884 41.88 -2.98 31.46
C CYS A 884 42.92 -3.94 32.04
N ARG A 885 44.05 -3.42 32.50
CA ARG A 885 45.18 -4.29 32.95
C ARG A 885 45.96 -4.62 31.68
N CYS A 886 45.34 -4.47 30.50
CA CYS A 886 46.05 -4.61 29.19
C CYS A 886 46.17 -6.06 28.68
N GLY A 887 46.89 -6.93 29.40
CA GLY A 887 47.17 -8.25 28.85
C GLY A 887 46.87 -9.48 29.70
N LYS A 888 45.71 -9.53 30.38
CA LYS A 888 45.44 -10.74 31.15
C LYS A 888 44.59 -11.75 30.39
N LYS A 889 44.04 -11.38 29.22
CA LYS A 889 43.40 -12.30 28.27
C LYS A 889 42.17 -13.04 28.84
N TYR A 890 41.00 -12.38 28.76
CA TYR A 890 39.66 -12.68 29.30
C TYR A 890 39.49 -12.19 30.73
N CYS A 891 40.32 -11.24 31.15
CA CYS A 891 39.98 -10.49 32.37
C CYS A 891 38.83 -9.55 32.10
N GLN A 892 38.62 -9.17 30.84
CA GLN A 892 37.50 -8.31 30.46
C GLN A 892 36.17 -9.01 30.67
N GLU A 893 36.08 -10.27 30.24
CA GLU A 893 34.82 -10.99 30.33
C GLU A 893 34.62 -11.55 31.73
N ASN A 894 35.72 -11.75 32.47
CA ASN A 894 35.58 -12.07 33.88
C ASN A 894 35.10 -10.85 34.65
N SER A 895 35.49 -9.65 34.22
CA SER A 895 34.95 -8.45 34.81
C SER A 895 33.48 -8.26 34.43
N ALA A 896 33.08 -8.80 33.28
CA ALA A 896 31.73 -8.60 32.79
C ALA A 896 30.71 -9.34 33.63
N TYR A 897 31.10 -10.44 34.28
CA TYR A 897 30.08 -11.33 34.80
C TYR A 897 30.05 -11.39 36.32
N THR A 898 31.17 -11.07 36.99
CA THR A 898 31.17 -11.13 38.45
C THR A 898 30.34 -10.01 39.06
N VAL A 899 30.28 -8.86 38.38
CA VAL A 899 29.45 -7.77 38.85
C VAL A 899 27.98 -8.08 38.59
N ARG A 900 27.71 -8.93 37.59
CA ARG A 900 26.37 -9.47 37.44
C ARG A 900 26.06 -10.46 38.56
N ASN A 901 27.08 -11.23 38.97
CA ASN A 901 26.88 -12.24 40.00
C ASN A 901 26.59 -11.63 41.36
N LYS A 902 27.17 -10.46 41.63
CA LYS A 902 26.82 -9.79 42.88
C LYS A 902 25.42 -9.21 42.85
N LEU A 903 24.83 -9.02 41.66
CA LEU A 903 23.55 -8.36 41.53
C LEU A 903 22.43 -9.22 40.96
N LYS A 904 22.72 -10.30 40.24
CA LYS A 904 21.64 -11.10 39.66
C LYS A 904 20.88 -11.84 40.75
N LYS A 905 19.55 -11.72 40.71
CA LYS A 905 18.68 -12.26 41.74
C LYS A 905 18.31 -13.71 41.45
N VAL A 906 18.58 -14.59 42.42
CA VAL A 906 18.03 -15.95 42.41
C VAL A 906 17.25 -16.15 43.69
N SER A 907 16.28 -17.05 43.66
CA SER A 907 15.35 -17.17 44.78
C SER A 907 15.29 -18.59 45.30
N LEU A 908 14.29 -18.88 46.14
CA LEU A 908 14.08 -20.24 46.62
C LEU A 908 13.01 -20.97 45.83
N LYS A 909 11.96 -20.24 45.43
CA LYS A 909 10.80 -20.80 44.72
C LYS A 909 11.16 -21.37 43.35
N ASP A 910 12.32 -21.05 42.80
CA ASP A 910 12.69 -21.53 41.48
C ASP A 910 13.43 -22.87 41.51
N THR A 911 14.27 -23.10 42.52
CA THR A 911 15.06 -24.30 42.60
C THR A 911 14.38 -25.44 43.34
N ALA A 912 13.14 -25.25 43.78
CA ALA A 912 12.42 -26.31 44.48
C ALA A 912 11.92 -27.36 43.49
N VAL A 913 11.49 -28.50 44.02
CA VAL A 913 10.77 -29.50 43.27
C VAL A 913 9.43 -29.84 43.91
N GLU A 914 9.38 -29.98 45.23
CA GLU A 914 8.21 -30.50 45.90
C GLU A 914 8.20 -30.01 47.34
N PHE A 915 7.22 -30.50 48.10
CA PHE A 915 6.94 -29.98 49.44
C PHE A 915 6.12 -31.02 50.19
N LEU A 916 6.66 -31.56 51.27
CA LEU A 916 6.08 -32.70 51.96
C LEU A 916 5.99 -32.44 53.46
N VAL A 917 4.77 -32.29 53.98
CA VAL A 917 4.59 -32.28 55.42
C VAL A 917 4.25 -33.70 55.84
N GLU A 918 4.67 -34.06 57.05
CA GLU A 918 4.59 -35.44 57.50
C GLU A 918 4.71 -35.49 59.02
N TYR A 919 3.66 -35.98 59.65
CA TYR A 919 3.63 -36.23 61.08
C TYR A 919 4.62 -37.28 61.53
N ARG A 920 4.82 -38.32 60.74
CA ARG A 920 5.71 -39.41 61.14
C ARG A 920 7.18 -39.07 60.88
N LYS A 921 8.06 -40.06 61.07
CA LYS A 921 9.50 -40.04 60.79
C LYS A 921 10.31 -39.14 61.73
N GLN A 922 9.65 -38.33 62.53
CA GLN A 922 10.36 -37.50 63.50
C GLN A 922 9.64 -37.50 64.84
N GLN A 923 8.88 -38.55 65.12
CA GLN A 923 8.24 -38.78 66.41
C GLN A 923 9.32 -38.89 67.47
N ALA A 924 10.41 -39.62 67.23
CA ALA A 924 11.49 -39.70 68.21
C ALA A 924 12.43 -38.50 68.12
N ILE A 925 12.46 -37.83 66.97
CA ILE A 925 13.26 -36.61 66.79
C ILE A 925 12.54 -35.48 67.54
N SER A 926 11.23 -35.59 67.69
CA SER A 926 10.48 -34.71 68.60
C SER A 926 10.82 -35.08 70.06
N GLU A 927 11.77 -34.35 70.63
CA GLU A 927 12.24 -34.69 71.98
C GLU A 927 11.68 -33.74 73.02
N ILE A 928 10.96 -32.70 72.56
CA ILE A 928 10.44 -31.62 73.41
C ILE A 928 9.47 -32.19 74.43
N PHE A 929 9.73 -31.90 75.70
CA PHE A 929 9.14 -32.54 76.87
C PHE A 929 7.61 -32.51 76.91
N GLY A 930 7.00 -31.48 76.33
CA GLY A 930 5.55 -31.41 76.30
C GLY A 930 4.94 -31.84 74.99
N MET A 931 5.79 -32.31 74.07
CA MET A 931 5.44 -32.70 72.69
C MET A 931 4.69 -31.57 71.99
N ASP A 932 5.39 -30.48 71.71
CA ASP A 932 4.85 -29.42 70.87
C ASP A 932 5.12 -29.70 69.39
N ILE A 933 6.00 -30.67 69.10
CA ILE A 933 6.53 -30.91 67.78
C ILE A 933 5.92 -32.16 67.15
N CYS A 934 5.13 -31.98 66.09
CA CYS A 934 4.60 -33.13 65.38
C CYS A 934 4.80 -33.09 63.86
N LEU A 935 4.68 -31.91 63.23
CA LEU A 935 4.70 -31.81 61.77
C LEU A 935 6.04 -31.28 61.29
N HIS A 936 6.53 -31.81 60.17
CA HIS A 936 7.87 -31.55 59.67
C HIS A 936 7.86 -31.38 58.16
N GLY A 937 7.71 -30.15 57.69
CA GLY A 937 7.61 -29.89 56.27
C GLY A 937 8.93 -29.84 55.54
N HIS A 938 9.24 -30.89 54.79
CA HIS A 938 10.39 -30.88 53.90
C HIS A 938 10.13 -29.95 52.72
N ILE A 939 11.19 -29.31 52.25
CA ILE A 939 11.15 -28.60 50.97
C ILE A 939 12.35 -29.05 50.17
N HIS A 940 12.15 -29.97 49.24
CA HIS A 940 13.28 -30.58 48.55
C HIS A 940 13.73 -29.68 47.42
N LEU A 941 15.05 -29.60 47.24
CA LEU A 941 15.65 -28.82 46.18
C LEU A 941 16.06 -29.75 45.04
N ASN A 942 16.67 -29.18 44.03
CA ASN A 942 17.36 -29.98 43.04
C ASN A 942 18.86 -29.73 43.14
N LYS A 943 19.64 -30.79 43.00
CA LYS A 943 21.06 -30.75 43.36
C LYS A 943 21.87 -29.96 42.35
N THR A 944 21.58 -30.16 41.06
CA THR A 944 22.44 -29.67 39.99
C THR A 944 22.41 -28.15 39.88
N LEU A 945 21.27 -27.51 40.19
CA LEU A 945 21.25 -26.06 40.17
C LEU A 945 21.86 -25.48 41.44
N LEU A 946 21.77 -26.20 42.56
CA LEU A 946 22.44 -25.76 43.77
C LEU A 946 23.94 -25.97 43.69
N GLU A 947 24.37 -26.98 42.92
CA GLU A 947 25.79 -27.22 42.68
C GLU A 947 26.32 -26.51 41.45
N GLY A 948 25.44 -26.05 40.56
CA GLY A 948 25.86 -25.33 39.37
C GLY A 948 26.35 -23.94 39.65
N TRP A 949 25.51 -23.09 40.25
CA TRP A 949 25.86 -21.70 40.44
C TRP A 949 26.64 -21.43 41.72
N ASN A 950 27.25 -22.46 42.31
CA ASN A 950 28.12 -22.36 43.48
C ASN A 950 27.37 -21.75 44.67
N ILE A 951 26.18 -22.28 44.92
CA ILE A 951 25.34 -21.84 46.03
C ILE A 951 25.46 -22.87 47.14
N SER A 952 25.96 -22.42 48.30
CA SER A 952 26.14 -23.30 49.44
C SER A 952 24.79 -23.66 50.06
N MET A 953 24.85 -24.44 51.12
CA MET A 953 23.64 -24.82 51.85
C MET A 953 23.51 -24.13 53.19
N GLN A 954 24.63 -23.76 53.81
CA GLN A 954 24.58 -23.13 55.11
C GLN A 954 24.24 -21.65 54.99
N ASP A 955 24.62 -21.03 53.88
CA ASP A 955 24.21 -19.65 53.64
C ASP A 955 22.72 -19.56 53.37
N ILE A 956 22.12 -20.64 52.86
CA ILE A 956 20.67 -20.70 52.75
C ILE A 956 20.04 -20.67 54.13
N LEU A 957 20.63 -21.38 55.10
CA LEU A 957 20.18 -21.36 56.48
C LEU A 957 20.31 -19.96 57.07
N GLN A 958 21.44 -19.32 56.79
CA GLN A 958 21.70 -17.94 57.22
C GLN A 958 20.64 -16.98 56.69
N ARG A 959 20.42 -17.01 55.38
CA ARG A 959 19.54 -16.06 54.72
C ARG A 959 18.07 -16.37 54.99
N CYS A 960 17.73 -17.61 55.33
CA CYS A 960 16.36 -17.89 55.72
C CYS A 960 16.08 -17.52 57.16
N GLU A 961 17.02 -17.82 58.08
CA GLU A 961 16.80 -17.56 59.49
C GLU A 961 16.78 -16.07 59.79
N ASP A 962 17.69 -15.30 59.19
CA ASP A 962 17.71 -13.87 59.51
C ASP A 962 16.53 -13.16 58.87
N ALA A 963 16.04 -13.66 57.74
CA ALA A 963 14.87 -13.05 57.11
C ALA A 963 13.61 -13.34 57.89
N ILE A 964 13.46 -14.59 58.37
CA ILE A 964 12.25 -14.91 59.12
C ILE A 964 12.31 -14.28 60.52
N ASN A 965 13.51 -13.98 61.02
CA ASN A 965 13.60 -13.18 62.23
C ASN A 965 13.27 -11.71 61.95
N SER A 966 13.94 -11.12 60.96
CA SER A 966 13.80 -9.71 60.65
C SER A 966 12.46 -9.36 60.00
N LEU A 967 11.59 -10.32 59.75
CA LEU A 967 10.26 -9.95 59.26
C LEU A 967 9.18 -10.21 60.30
N VAL A 968 9.48 -10.96 61.36
CA VAL A 968 8.56 -11.00 62.48
C VAL A 968 8.91 -9.89 63.48
N GLN A 969 10.14 -9.38 63.42
CA GLN A 969 10.47 -8.13 64.11
C GLN A 969 9.71 -6.96 63.49
N LYS A 970 9.49 -7.02 62.19
CA LYS A 970 8.53 -6.13 61.53
C LYS A 970 7.13 -6.41 62.07
N LYS A 971 6.33 -5.36 62.15
CA LYS A 971 4.99 -5.50 62.72
C LYS A 971 4.10 -6.23 61.72
N LYS A 972 4.13 -7.56 61.78
CA LYS A 972 3.39 -8.38 60.83
C LYS A 972 2.26 -9.15 61.50
N LYS A 973 2.63 -10.05 62.41
CA LYS A 973 1.78 -11.00 63.14
C LYS A 973 2.58 -11.61 64.27
N LYS A 974 1.90 -12.48 65.02
CA LYS A 974 2.54 -13.41 65.94
C LYS A 974 2.19 -14.85 65.57
N ALA A 975 2.33 -15.19 64.30
CA ALA A 975 1.96 -16.51 63.79
C ALA A 975 3.18 -17.41 63.61
N GLU A 976 4.35 -16.84 63.34
CA GLU A 976 5.56 -17.59 63.10
C GLU A 976 6.70 -17.24 64.07
N ASP A 977 6.37 -16.88 65.32
CA ASP A 977 7.40 -16.49 66.27
C ASP A 977 8.27 -17.65 66.71
N PHE A 978 7.75 -18.87 66.60
CA PHE A 978 8.43 -20.05 67.12
C PHE A 978 8.88 -20.93 65.96
N LYS A 979 9.43 -20.29 64.93
CA LYS A 979 9.91 -21.01 63.76
C LYS A 979 11.18 -21.78 64.11
N LYS A 980 11.37 -22.93 63.48
CA LYS A 980 12.49 -23.80 63.81
C LYS A 980 13.67 -23.65 62.86
N MET A 981 13.45 -23.84 61.55
CA MET A 981 14.44 -23.63 60.49
C MET A 981 15.71 -24.44 60.71
N ASN A 982 15.57 -25.76 60.79
CA ASN A 982 16.61 -26.58 61.40
C ASN A 982 17.96 -26.61 60.68
N LEU A 983 18.06 -27.22 59.50
CA LEU A 983 19.37 -27.47 58.89
C LEU A 983 19.14 -27.98 57.48
N SER A 984 20.07 -27.61 56.59
CA SER A 984 20.12 -28.08 55.22
C SER A 984 21.13 -29.20 55.10
N VAL A 985 20.65 -30.42 54.83
CA VAL A 985 21.44 -31.62 55.12
C VAL A 985 22.00 -32.32 53.89
N SER A 986 21.38 -32.10 52.73
CA SER A 986 21.67 -32.72 51.43
C SER A 986 21.40 -34.22 51.37
N GLU A 987 20.98 -34.86 52.47
CA GLU A 987 20.52 -36.25 52.50
C GLU A 987 19.67 -36.43 53.77
N CYS A 988 18.34 -36.44 53.60
CA CYS A 988 17.47 -36.67 54.75
C CYS A 988 17.26 -38.15 55.00
N CYS A 989 16.58 -38.84 54.07
CA CYS A 989 16.11 -40.20 54.27
C CYS A 989 15.54 -40.80 52.99
N SER A 990 15.24 -42.10 53.02
CA SER A 990 14.56 -42.81 51.94
C SER A 990 13.08 -42.46 51.91
N PHE A 991 12.76 -41.22 51.53
CA PHE A 991 11.43 -40.66 51.63
C PHE A 991 10.65 -41.03 50.36
N ARG A 992 9.63 -40.24 50.03
CA ARG A 992 8.85 -40.28 48.79
C ARG A 992 7.98 -41.53 48.72
N GLY A 993 7.08 -41.69 49.69
CA GLY A 993 6.04 -42.67 49.64
C GLY A 993 5.16 -42.56 48.40
N PRO A 994 4.45 -41.45 48.25
CA PRO A 994 3.84 -41.14 46.96
C PRO A 994 4.92 -40.95 45.89
N GLY A 995 4.71 -41.60 44.75
CA GLY A 995 5.77 -41.91 43.81
C GLY A 995 6.55 -40.78 43.17
N SER A 996 7.78 -40.61 43.61
CA SER A 996 8.81 -39.82 42.95
C SER A 996 10.08 -40.61 42.71
N SER A 997 10.51 -41.41 43.70
CA SER A 997 11.60 -42.38 43.60
C SER A 997 12.92 -41.70 43.24
N LYS A 998 13.38 -40.83 44.13
CA LYS A 998 14.72 -40.26 44.07
C LYS A 998 15.37 -40.66 45.39
N ASP A 999 16.59 -40.21 45.66
CA ASP A 999 17.39 -40.66 46.80
C ASP A 999 17.91 -39.47 47.62
N SER A 1000 16.99 -38.55 47.93
CA SER A 1000 17.17 -37.48 48.94
C SER A 1000 18.32 -36.53 48.59
N ASP A 1001 18.15 -35.81 47.48
CA ASP A 1001 19.19 -34.93 46.97
C ASP A 1001 18.79 -33.49 47.23
N MET A 1002 19.51 -32.83 48.14
CA MET A 1002 19.18 -31.57 48.80
C MET A 1002 17.74 -31.45 49.27
N PRO A 1003 17.33 -32.20 50.32
CA PRO A 1003 15.98 -32.08 50.89
C PRO A 1003 15.92 -31.07 52.05
N CYS A 1004 16.36 -29.85 51.77
CA CYS A 1004 16.75 -28.93 52.82
C CYS A 1004 15.52 -28.33 53.51
N LEU A 1005 15.80 -27.56 54.56
CA LEU A 1005 14.82 -26.73 55.28
C LEU A 1005 13.70 -27.57 55.89
N MET A 1006 14.09 -28.49 56.76
CA MET A 1006 13.14 -29.46 57.29
C MET A 1006 12.50 -28.91 58.58
N PHE A 1007 11.75 -27.82 58.39
CA PHE A 1007 11.32 -26.99 59.51
C PHE A 1007 10.21 -27.65 60.32
N SER A 1008 9.76 -26.91 61.35
CA SER A 1008 8.60 -27.26 62.14
C SER A 1008 7.91 -25.97 62.58
N SER A 1009 6.69 -26.10 63.08
CA SER A 1009 5.81 -24.95 63.29
C SER A 1009 5.03 -25.05 64.60
N TYR A 1010 5.72 -25.22 65.73
CA TYR A 1010 5.04 -25.57 66.98
C TYR A 1010 4.28 -24.42 67.64
N ASN A 1011 3.99 -23.32 66.92
CA ASN A 1011 3.31 -22.14 67.43
C ASN A 1011 2.03 -22.47 68.20
N ALA A 1012 1.19 -23.32 67.63
CA ALA A 1012 0.09 -23.92 68.38
C ALA A 1012 0.67 -25.08 69.21
N THR A 1013 1.14 -24.72 70.40
CA THR A 1013 1.69 -25.70 71.32
C THR A 1013 0.60 -26.65 71.80
N ASP A 1014 0.94 -27.95 71.85
CA ASP A 1014 0.03 -29.08 71.98
C ASP A 1014 -1.06 -28.98 70.92
N PRO A 1015 -0.74 -29.27 69.64
CA PRO A 1015 -1.70 -29.08 68.52
C PRO A 1015 -2.97 -29.92 68.65
N ASP A 1016 -4.08 -29.21 68.84
CA ASP A 1016 -5.35 -29.85 69.17
C ASP A 1016 -5.97 -30.53 67.95
N LEU A 1017 -5.97 -29.86 66.81
CA LEU A 1017 -6.57 -30.44 65.61
C LEU A 1017 -5.51 -30.57 64.53
N GLU A 1018 -5.41 -31.76 63.94
CA GLU A 1018 -4.36 -32.06 62.98
C GLU A 1018 -4.56 -31.30 61.67
N ARG A 1019 -5.80 -31.24 61.18
CA ARG A 1019 -6.05 -30.69 59.86
C ARG A 1019 -6.05 -29.16 59.87
N THR A 1020 -6.44 -28.56 61.01
CA THR A 1020 -6.55 -27.11 61.05
C THR A 1020 -5.21 -26.51 61.44
N LEU A 1021 -4.26 -27.37 61.79
CA LEU A 1021 -2.88 -26.97 61.98
C LEU A 1021 -2.03 -27.18 60.75
N ASP A 1022 -2.44 -28.08 59.84
CA ASP A 1022 -1.70 -28.27 58.60
C ASP A 1022 -1.87 -27.09 57.67
N VAL A 1023 -2.98 -26.36 57.77
CA VAL A 1023 -3.18 -25.19 56.92
C VAL A 1023 -2.31 -24.04 57.42
N LEU A 1024 -2.00 -24.01 58.71
CA LEU A 1024 -1.08 -23.01 59.24
C LEU A 1024 0.36 -23.36 58.96
N CYS A 1025 0.64 -24.57 58.50
CA CYS A 1025 1.92 -24.93 57.92
C CYS A 1025 1.91 -24.70 56.41
N ASN A 1026 0.82 -24.15 55.88
CA ASN A 1026 0.75 -23.69 54.50
C ASN A 1026 0.43 -22.21 54.41
N THR A 1027 0.75 -21.44 55.43
CA THR A 1027 0.79 -20.00 55.35
C THR A 1027 2.19 -19.45 55.58
N ILE A 1028 3.18 -20.32 55.71
CA ILE A 1028 4.57 -19.90 55.83
C ILE A 1028 5.48 -20.56 54.80
N TYR A 1029 5.04 -21.67 54.18
CA TYR A 1029 5.64 -22.13 52.93
C TYR A 1029 5.73 -21.06 51.82
N PRO A 1030 4.75 -20.17 51.59
CA PRO A 1030 5.02 -19.10 50.60
C PRO A 1030 6.12 -18.14 51.00
N VAL A 1031 6.17 -17.72 52.26
CA VAL A 1031 7.19 -16.76 52.67
C VAL A 1031 8.55 -17.43 52.78
N LEU A 1032 8.59 -18.75 52.81
CA LEU A 1032 9.86 -19.45 52.62
C LEU A 1032 10.24 -19.54 51.15
N LEU A 1033 9.25 -19.65 50.26
CA LEU A 1033 9.56 -19.72 48.83
C LEU A 1033 10.06 -18.39 48.30
N GLU A 1034 9.52 -17.28 48.78
CA GLU A 1034 9.75 -15.98 48.14
C GLU A 1034 11.05 -15.32 48.57
N THR A 1035 11.93 -16.01 49.29
CA THR A 1035 13.18 -15.39 49.71
C THR A 1035 14.23 -15.48 48.62
N VAL A 1036 15.23 -14.62 48.76
CA VAL A 1036 16.34 -14.50 47.82
C VAL A 1036 17.56 -15.15 48.46
N ILE A 1037 18.44 -15.68 47.62
CA ILE A 1037 19.60 -16.42 48.12
C ILE A 1037 20.89 -15.67 47.81
N LYS A 1038 21.21 -15.53 46.52
CA LYS A 1038 22.42 -14.88 46.06
C LYS A 1038 22.04 -13.75 45.12
N GLY A 1039 22.32 -12.52 45.52
CA GLY A 1039 22.01 -11.35 44.72
C GLY A 1039 21.28 -10.29 45.51
N ASP A 1040 21.21 -9.11 44.92
CA ASP A 1040 20.54 -8.00 45.55
C ASP A 1040 19.01 -8.18 45.42
N PRO A 1041 18.26 -8.00 46.50
CA PRO A 1041 16.79 -8.04 46.38
C PRO A 1041 16.18 -6.97 45.50
N ARG A 1042 16.87 -5.87 45.21
CA ARG A 1042 16.24 -4.78 44.47
C ARG A 1042 16.37 -4.94 42.96
N ILE A 1043 17.22 -5.85 42.50
CA ILE A 1043 17.53 -5.93 41.07
C ILE A 1043 16.50 -6.80 40.38
N ALA A 1044 15.92 -6.27 39.30
CA ALA A 1044 14.98 -7.06 38.51
C ALA A 1044 15.71 -7.99 37.54
N SER A 1045 16.73 -7.48 36.86
CA SER A 1045 17.52 -8.29 35.94
C SER A 1045 18.86 -7.62 35.71
N ALA A 1046 19.75 -8.35 35.04
CA ALA A 1046 21.06 -7.84 34.63
C ALA A 1046 21.52 -8.68 33.47
N ASN A 1047 22.03 -8.03 32.42
CA ASN A 1047 22.26 -8.68 31.14
C ASN A 1047 23.61 -8.24 30.59
N ILE A 1048 24.35 -9.18 30.01
CA ILE A 1048 25.65 -8.88 29.41
C ILE A 1048 25.51 -9.08 27.91
N ILE A 1049 25.61 -8.00 27.14
CA ILE A 1049 25.20 -8.00 25.75
C ILE A 1049 26.09 -7.00 25.00
N TRP A 1050 25.96 -7.01 23.66
CA TRP A 1050 26.47 -5.97 22.77
C TRP A 1050 27.99 -5.88 22.80
N ASN A 1051 28.61 -6.89 22.21
CA ASN A 1051 30.05 -6.87 21.92
C ASN A 1051 30.39 -6.12 20.65
N SER A 1052 29.49 -5.29 20.14
CA SER A 1052 29.73 -4.54 18.90
C SER A 1052 29.34 -3.07 19.07
N PRO A 1053 30.14 -2.27 19.82
CA PRO A 1053 29.95 -0.82 19.74
C PRO A 1053 30.45 -0.19 18.46
N GLU A 1054 29.64 -0.26 17.41
CA GLU A 1054 29.77 0.69 16.31
C GLU A 1054 28.54 1.58 16.26
N THR A 1055 28.44 2.40 15.22
CA THR A 1055 27.37 3.39 15.11
C THR A 1055 26.01 2.79 14.76
N THR A 1056 25.89 1.46 14.63
CA THR A 1056 24.62 0.85 14.29
C THR A 1056 23.70 0.71 15.50
N THR A 1057 24.21 0.92 16.70
CA THR A 1057 23.45 0.69 17.91
C THR A 1057 23.01 2.02 18.53
N TRP A 1058 22.52 1.96 19.78
CA TRP A 1058 21.83 3.08 20.40
C TRP A 1058 22.82 4.15 20.84
N ILE A 1059 22.32 5.08 21.68
CA ILE A 1059 23.08 6.27 22.01
C ILE A 1059 24.09 5.96 23.11
N ARG A 1060 25.36 6.33 22.88
CA ARG A 1060 26.44 6.12 23.83
C ARG A 1060 26.99 7.43 24.35
N SER A 1061 27.97 7.34 25.26
CA SER A 1061 28.68 8.56 25.73
C SER A 1061 30.09 8.53 25.12
N LEU A 1062 30.63 7.34 24.86
CA LEU A 1062 31.97 7.18 24.25
C LEU A 1062 32.14 5.75 23.75
N HIS A 1063 32.92 5.53 22.68
CA HIS A 1063 33.14 4.17 22.13
C HIS A 1063 34.17 4.20 20.99
N ALA A 1064 34.47 5.37 20.45
CA ALA A 1064 35.40 5.47 19.32
C ALA A 1064 36.62 4.59 19.51
N SER A 1065 37.10 4.47 20.75
CA SER A 1065 38.36 3.79 21.01
C SER A 1065 38.25 2.28 20.77
N ARG A 1066 37.40 1.61 21.52
CA ARG A 1066 37.25 0.17 21.35
C ARG A 1066 36.25 -0.12 20.25
N ARG A 1067 36.05 -1.41 19.99
CA ARG A 1067 34.99 -1.88 19.09
C ARG A 1067 34.22 -3.06 19.66
N GLY A 1068 34.45 -3.44 20.92
CA GLY A 1068 33.89 -4.68 21.42
C GLY A 1068 33.48 -4.72 22.88
N GLU A 1069 33.27 -3.57 23.51
CA GLU A 1069 33.14 -3.55 24.97
C GLU A 1069 31.80 -4.11 25.44
N TRP A 1070 31.85 -4.91 26.51
CA TRP A 1070 30.68 -5.49 27.12
C TRP A 1070 30.06 -4.53 28.11
N VAL A 1071 28.74 -4.66 28.31
CA VAL A 1071 28.00 -3.75 29.15
C VAL A 1071 27.04 -4.53 30.03
N LEU A 1072 26.49 -3.85 31.02
CA LEU A 1072 25.48 -4.41 31.91
C LEU A 1072 24.20 -3.60 31.81
N ASP A 1073 23.22 -4.14 31.09
CA ASP A 1073 21.88 -3.60 31.09
C ASP A 1073 21.20 -4.02 32.38
N VAL A 1074 20.99 -3.08 33.28
CA VAL A 1074 20.52 -3.36 34.63
C VAL A 1074 19.17 -2.70 34.82
N THR A 1075 18.23 -3.45 35.39
CA THR A 1075 16.87 -2.98 35.61
C THR A 1075 16.50 -3.19 37.08
N VAL A 1076 15.89 -2.18 37.68
CA VAL A 1076 15.47 -2.21 39.07
C VAL A 1076 13.99 -2.52 39.08
N GLU A 1077 13.51 -3.25 40.08
CA GLU A 1077 12.08 -3.47 40.25
C GLU A 1077 11.41 -2.26 40.88
N LYS A 1078 10.12 -2.39 41.21
CA LYS A 1078 9.27 -1.24 41.50
C LYS A 1078 9.44 -0.63 42.90
N SER A 1079 10.58 -0.89 43.56
CA SER A 1079 10.90 -0.16 44.79
C SER A 1079 11.35 1.28 44.53
N ASP A 1080 11.39 1.72 43.27
CA ASP A 1080 11.62 3.11 42.93
C ASP A 1080 10.47 3.97 43.43
N VAL A 1081 10.76 4.83 44.40
CA VAL A 1081 9.78 5.69 45.04
C VAL A 1081 9.50 6.84 44.05
N LYS A 1082 8.47 7.65 44.32
CA LYS A 1082 8.03 8.73 43.44
C LYS A 1082 9.12 9.76 43.13
N GLN A 1083 10.15 9.87 43.97
CA GLN A 1083 11.31 10.69 43.64
C GLN A 1083 12.01 10.15 42.41
N SER A 1084 12.22 11.03 41.44
CA SER A 1084 12.92 10.69 40.23
C SER A 1084 14.40 10.50 40.51
N GLY A 1085 15.07 9.71 39.68
CA GLY A 1085 16.50 9.50 39.83
C GLY A 1085 16.89 8.56 40.93
N ASP A 1086 15.98 7.72 41.42
CA ASP A 1086 16.33 6.82 42.50
C ASP A 1086 16.75 5.44 42.03
N ALA A 1087 16.49 5.09 40.77
CA ALA A 1087 16.89 3.77 40.27
C ALA A 1087 18.40 3.68 40.14
N TRP A 1088 19.00 4.71 39.57
CA TRP A 1088 20.45 4.80 39.51
C TRP A 1088 21.05 4.94 40.90
N ARG A 1089 20.31 5.62 41.79
CA ARG A 1089 20.73 5.74 43.19
C ARG A 1089 20.81 4.38 43.88
N VAL A 1090 19.84 3.51 43.59
CA VAL A 1090 19.85 2.17 44.18
C VAL A 1090 20.96 1.31 43.57
N VAL A 1091 21.13 1.40 42.25
CA VAL A 1091 22.17 0.62 41.57
C VAL A 1091 23.57 1.01 42.05
N ILE A 1092 23.80 2.30 42.27
CA ILE A 1092 25.08 2.72 42.81
C ILE A 1092 25.19 2.34 44.28
N ASP A 1093 24.07 2.37 45.00
CA ASP A 1093 24.08 1.92 46.39
C ASP A 1093 24.10 0.39 46.52
N SER A 1094 24.12 -0.32 45.39
CA SER A 1094 24.17 -1.77 45.35
C SER A 1094 25.55 -2.32 45.06
N CYS A 1095 26.31 -1.68 44.19
CA CYS A 1095 27.55 -2.22 43.66
C CYS A 1095 28.77 -1.85 44.52
N LEU A 1096 28.56 -1.55 45.80
CA LEU A 1096 29.60 -1.00 46.68
C LEU A 1096 30.78 -1.94 46.82
N SER A 1097 30.51 -3.23 46.98
CA SER A 1097 31.58 -4.21 47.09
C SER A 1097 32.33 -4.38 45.78
N VAL A 1098 31.76 -3.97 44.65
CA VAL A 1098 32.36 -4.16 43.34
C VAL A 1098 32.50 -2.86 42.56
N LEU A 1099 32.63 -1.72 43.26
CA LEU A 1099 32.77 -0.45 42.55
C LEU A 1099 34.12 -0.32 41.85
N HIS A 1100 35.12 -1.13 42.25
CA HIS A 1100 36.46 -0.95 41.71
C HIS A 1100 36.56 -1.36 40.26
N LEU A 1101 35.76 -2.32 39.82
CA LEU A 1101 35.81 -2.77 38.44
C LEU A 1101 34.61 -2.31 37.62
N ILE A 1102 33.71 -1.53 38.19
CA ILE A 1102 32.71 -0.82 37.42
C ILE A 1102 33.26 0.58 37.17
N ASP A 1103 32.82 1.22 36.09
CA ASP A 1103 33.49 2.41 35.58
C ASP A 1103 32.53 3.59 35.60
N THR A 1104 32.52 4.35 36.70
CA THR A 1104 31.89 5.65 36.70
C THR A 1104 32.78 6.63 35.92
N LYS A 1105 32.28 7.87 35.82
CA LYS A 1105 32.50 8.94 34.83
C LYS A 1105 31.75 8.63 33.54
N ARG A 1106 31.13 7.47 33.43
CA ARG A 1106 30.33 7.01 32.30
C ARG A 1106 29.11 6.35 32.94
N SER A 1107 28.40 5.51 32.19
CA SER A 1107 27.28 4.69 32.71
C SER A 1107 26.13 5.55 33.22
N ILE A 1108 25.45 6.19 32.28
CA ILE A 1108 24.35 7.13 32.56
C ILE A 1108 23.12 6.29 32.85
N PRO A 1109 22.06 6.84 33.45
CA PRO A 1109 20.76 6.21 33.30
C PRO A 1109 20.20 6.41 31.90
N TYR A 1110 19.15 5.64 31.59
CA TYR A 1110 18.70 5.53 30.21
C TYR A 1110 17.76 6.64 29.78
N SER A 1111 16.67 6.82 30.52
CA SER A 1111 15.68 7.81 30.14
C SER A 1111 16.20 9.22 30.35
N ILE A 1112 15.83 10.11 29.44
CA ILE A 1112 16.47 11.42 29.35
C ILE A 1112 15.92 12.41 30.35
N LYS A 1113 14.81 12.08 31.01
CA LYS A 1113 14.40 12.87 32.18
C LYS A 1113 15.26 12.53 33.38
N GLN A 1114 15.69 11.28 33.50
CA GLN A 1114 16.50 10.89 34.64
C GLN A 1114 17.92 11.41 34.51
N VAL A 1115 18.42 11.57 33.28
CA VAL A 1115 19.71 12.20 33.07
C VAL A 1115 19.63 13.67 33.46
N GLN A 1116 18.50 14.31 33.18
CA GLN A 1116 18.26 15.67 33.64
C GLN A 1116 18.18 15.74 35.15
N GLU A 1117 17.70 14.67 35.78
CA GLU A 1117 17.68 14.60 37.24
C GLU A 1117 19.07 14.42 37.83
N LEU A 1118 19.94 13.67 37.16
CA LEU A 1118 21.27 13.36 37.69
C LEU A 1118 22.33 14.39 37.33
N LEU A 1119 22.59 14.58 36.04
CA LEU A 1119 23.75 15.33 35.60
C LEU A 1119 23.47 16.81 35.41
N GLY A 1120 22.21 17.22 35.38
CA GLY A 1120 21.88 18.62 35.16
C GLY A 1120 21.19 18.85 33.83
N LEU A 1121 20.72 20.09 33.67
CA LEU A 1121 19.89 20.43 32.53
C LEU A 1121 20.71 20.51 31.25
N SER A 1122 21.92 21.05 31.33
CA SER A 1122 22.70 21.30 30.13
C SER A 1122 23.31 20.03 29.57
N CYS A 1123 23.40 18.96 30.36
CA CYS A 1123 23.75 17.66 29.77
C CYS A 1123 22.57 17.08 29.01
N ALA A 1124 21.37 17.21 29.57
CA ALA A 1124 20.16 16.71 28.92
C ALA A 1124 19.88 17.46 27.64
N PHE A 1125 20.32 18.73 27.56
CA PHE A 1125 20.19 19.50 26.33
C PHE A 1125 20.98 18.86 25.19
N GLU A 1126 22.26 18.54 25.41
CA GLU A 1126 23.06 17.91 24.38
C GLU A 1126 22.57 16.50 24.07
N GLN A 1127 22.03 15.81 25.09
CA GLN A 1127 21.52 14.47 24.82
C GLN A 1127 20.23 14.49 24.01
N ALA A 1128 19.36 15.47 24.27
CA ALA A 1128 18.16 15.63 23.47
C ALA A 1128 18.49 16.02 22.03
N VAL A 1129 19.52 16.86 21.86
CA VAL A 1129 20.00 17.22 20.53
C VAL A 1129 20.50 16.00 19.78
N GLN A 1130 21.34 15.18 20.43
CA GLN A 1130 21.92 14.04 19.73
C GLN A 1130 20.88 12.96 19.44
N ARG A 1131 19.91 12.79 20.34
CA ARG A 1131 18.92 11.75 20.13
C ARG A 1131 17.93 12.14 19.04
N LEU A 1132 17.46 13.39 19.04
CA LEU A 1132 16.62 13.85 17.94
C LEU A 1132 17.37 13.87 16.63
N SER A 1133 18.67 14.15 16.66
CA SER A 1133 19.46 14.13 15.43
C SER A 1133 19.59 12.72 14.87
N ALA A 1134 20.04 11.77 15.69
CA ALA A 1134 20.19 10.40 15.23
C ALA A 1134 18.86 9.73 14.94
N SER A 1135 17.76 10.22 15.51
CA SER A 1135 16.46 9.69 15.15
C SER A 1135 16.00 10.22 13.79
N VAL A 1136 16.12 11.54 13.57
CA VAL A 1136 15.54 12.11 12.36
C VAL A 1136 16.45 11.91 11.16
N ARG A 1137 17.71 11.50 11.37
CA ARG A 1137 18.54 11.13 10.23
C ARG A 1137 18.03 9.87 9.56
N LYS A 1138 17.60 8.89 10.35
CA LYS A 1138 17.36 7.55 9.82
C LYS A 1138 16.10 7.43 8.97
N VAL A 1139 15.28 8.48 8.87
CA VAL A 1139 14.09 8.45 8.06
C VAL A 1139 14.13 9.46 6.92
N SER A 1140 14.73 10.62 7.12
CA SER A 1140 14.65 11.71 6.14
C SER A 1140 15.99 12.14 5.56
N LYS A 1141 17.10 11.75 6.20
CA LYS A 1141 18.48 11.80 5.71
C LYS A 1141 19.03 13.21 5.55
N GLY A 1142 18.31 14.26 5.90
CA GLY A 1142 18.92 15.57 6.03
C GLY A 1142 17.94 16.62 6.49
N VAL A 1143 18.29 17.36 7.56
CA VAL A 1143 17.42 18.32 8.25
C VAL A 1143 18.29 19.40 8.87
N LEU A 1144 17.91 20.67 8.67
CA LEU A 1144 18.58 21.82 9.29
C LEU A 1144 18.60 21.69 10.81
N LYS A 1145 19.81 21.79 11.39
CA LYS A 1145 20.00 21.58 12.81
C LYS A 1145 19.42 22.70 13.67
N GLU A 1146 19.14 23.86 13.07
CA GLU A 1146 18.62 24.98 13.83
C GLU A 1146 17.21 24.73 14.32
N HIS A 1147 16.43 23.91 13.61
CA HIS A 1147 15.11 23.58 14.10
C HIS A 1147 15.18 22.64 15.30
N ILE A 1148 16.16 21.73 15.29
CA ILE A 1148 16.40 20.85 16.43
C ILE A 1148 16.77 21.69 17.65
N ILE A 1149 17.70 22.63 17.47
CA ILE A 1149 18.16 23.45 18.58
C ILE A 1149 17.05 24.35 19.10
N LEU A 1150 16.20 24.86 18.21
CA LEU A 1150 15.07 25.69 18.63
C LEU A 1150 14.05 24.87 19.42
N VAL A 1151 13.76 23.65 18.98
CA VAL A 1151 12.83 22.78 19.71
C VAL A 1151 13.37 22.44 21.09
N ALA A 1152 14.68 22.15 21.17
CA ALA A 1152 15.27 21.78 22.45
C ALA A 1152 15.32 22.95 23.41
N ASN A 1153 15.57 24.16 22.89
CA ASN A 1153 15.55 25.33 23.76
C ASN A 1153 14.14 25.71 24.17
N ASN A 1154 13.15 25.39 23.35
CA ASN A 1154 11.80 25.62 23.82
C ASN A 1154 11.36 24.59 24.84
N MET A 1155 11.98 23.40 24.83
CA MET A 1155 11.71 22.46 25.92
C MET A 1155 12.38 22.92 27.22
N THR A 1156 13.59 23.44 27.12
CA THR A 1156 14.43 23.75 28.28
C THR A 1156 14.47 25.23 28.60
N CYS A 1157 13.34 25.92 28.51
CA CYS A 1157 13.35 27.36 28.79
C CYS A 1157 12.85 27.66 30.19
N SER A 1158 11.63 27.23 30.51
CA SER A 1158 11.06 27.52 31.82
C SER A 1158 11.42 26.45 32.83
N GLY A 1159 12.63 26.48 33.34
CA GLY A 1159 13.07 25.50 34.33
C GLY A 1159 13.55 24.22 33.64
N ASP A 1160 12.92 23.09 33.98
CA ASP A 1160 13.30 21.80 33.43
C ASP A 1160 12.55 21.48 32.14
N MET A 1161 12.66 20.25 31.66
CA MET A 1161 12.22 19.88 30.32
C MET A 1161 10.71 19.70 30.34
N LEU A 1162 10.01 20.61 29.68
CA LEU A 1162 8.57 20.49 29.49
C LEU A 1162 8.31 19.88 28.12
N GLY A 1163 7.50 18.83 28.09
CA GLY A 1163 7.25 18.11 26.86
C GLY A 1163 6.26 18.81 25.96
N PHE A 1164 5.88 18.11 24.89
CA PHE A 1164 4.98 18.64 23.88
C PHE A 1164 3.66 17.88 23.86
N ASN A 1165 3.05 17.67 25.01
CA ASN A 1165 1.78 16.97 25.05
C ASN A 1165 0.80 17.69 25.97
N SER A 1166 -0.30 16.98 26.25
CA SER A 1166 -1.36 17.53 27.10
C SER A 1166 -0.88 17.83 28.50
N GLY A 1167 0.01 16.98 29.02
CA GLY A 1167 0.58 17.27 30.34
C GLY A 1167 1.59 18.40 30.31
N GLY A 1168 2.42 18.44 29.26
CA GLY A 1168 3.42 19.49 29.15
C GLY A 1168 2.82 20.86 28.87
N TYR A 1169 1.63 20.89 28.25
CA TYR A 1169 0.94 22.16 28.02
C TYR A 1169 0.46 22.78 29.33
N LYS A 1170 0.25 21.97 30.37
CA LYS A 1170 -0.31 22.43 31.64
C LYS A 1170 0.67 23.27 32.47
N ALA A 1171 1.90 23.48 32.00
CA ALA A 1171 2.81 24.41 32.65
C ALA A 1171 3.35 25.42 31.66
N SER A 1225 3.18 42.85 9.33
CA SER A 1225 3.50 42.42 10.68
C SER A 1225 3.58 43.61 11.66
N GLN A 1226 3.83 43.30 12.93
CA GLN A 1226 3.91 44.29 13.99
C GLN A 1226 5.30 44.96 14.06
N PHE A 1227 6.18 44.63 13.13
CA PHE A 1227 7.53 45.19 13.13
C PHE A 1227 7.63 46.55 12.46
N GLU A 1228 6.78 46.83 11.49
CA GLU A 1228 6.81 48.12 10.80
C GLU A 1228 5.41 48.68 10.66
N LEU A 1229 5.37 49.96 10.30
CA LEU A 1229 4.15 50.62 9.85
C LEU A 1229 4.55 51.77 8.96
N LEU A 1230 4.02 51.80 7.74
CA LEU A 1230 4.52 52.69 6.69
C LEU A 1230 4.03 54.11 6.88
N TRP A 1231 4.89 55.06 6.51
CA TRP A 1231 4.55 56.47 6.52
C TRP A 1231 5.14 57.14 5.28
N ASN A 1232 4.54 58.27 4.90
CA ASN A 1232 5.07 59.11 3.83
C ASN A 1232 4.58 60.55 4.03
N GLU B 14 -4.69 -52.10 -11.41
CA GLU B 14 -4.95 -50.67 -11.47
C GLU B 14 -4.42 -50.00 -10.23
N VAL B 15 -3.84 -50.82 -9.33
CA VAL B 15 -3.43 -50.35 -8.01
C VAL B 15 -2.23 -49.41 -8.12
N ASP B 16 -1.50 -49.47 -9.23
CA ASP B 16 -0.45 -48.49 -9.48
C ASP B 16 -1.01 -47.10 -9.69
N LEU B 17 -2.21 -47.01 -10.26
CA LEU B 17 -2.99 -45.81 -10.65
C LEU B 17 -2.35 -45.06 -11.82
N ARG B 18 -1.18 -45.50 -12.28
CA ARG B 18 -0.66 -45.11 -13.58
C ARG B 18 -1.41 -45.92 -14.65
N ASP B 19 -1.04 -45.73 -15.91
CA ASP B 19 -1.60 -46.29 -17.16
C ASP B 19 -2.97 -45.70 -17.50
N LEU B 20 -3.57 -44.92 -16.61
CA LEU B 20 -4.71 -44.05 -16.89
C LEU B 20 -4.32 -42.62 -16.57
N GLY B 21 -3.10 -42.24 -16.95
CA GLY B 21 -2.38 -41.10 -16.41
C GLY B 21 -2.90 -39.71 -16.71
N GLU B 22 -2.00 -38.74 -16.57
CA GLU B 22 -2.34 -37.32 -16.37
C GLU B 22 -3.27 -36.67 -17.39
N PRO B 23 -3.26 -36.99 -18.71
CA PRO B 23 -4.26 -36.33 -19.57
C PRO B 23 -5.67 -36.83 -19.35
N PHE B 24 -5.82 -38.02 -18.77
CA PHE B 24 -7.14 -38.50 -18.39
C PHE B 24 -7.62 -37.83 -17.10
N LEU B 25 -6.73 -37.69 -16.12
CA LEU B 25 -7.15 -37.20 -14.81
C LEU B 25 -7.42 -35.70 -14.83
N GLN B 26 -6.61 -34.93 -15.56
CA GLN B 26 -6.86 -33.49 -15.63
C GLN B 26 -8.14 -33.20 -16.40
N SER B 27 -8.42 -34.02 -17.41
CA SER B 27 -9.69 -33.94 -18.13
C SER B 27 -10.87 -34.26 -17.22
N PHE B 28 -10.70 -35.26 -16.35
CA PHE B 28 -11.77 -35.58 -15.41
C PHE B 28 -12.00 -34.46 -14.41
N CYS B 29 -10.93 -33.79 -13.97
CA CYS B 29 -11.11 -32.68 -13.03
C CYS B 29 -11.83 -31.51 -13.68
N LYS B 30 -11.52 -31.23 -14.95
CA LYS B 30 -12.22 -30.15 -15.65
C LYS B 30 -13.69 -30.48 -15.85
N LYS B 31 -14.00 -31.74 -16.21
CA LYS B 31 -15.39 -32.14 -16.38
C LYS B 31 -16.16 -32.12 -15.06
N ALA B 32 -15.50 -32.50 -13.97
CA ALA B 32 -16.16 -32.49 -12.68
C ALA B 32 -16.45 -31.07 -12.21
N ALA B 33 -15.52 -30.14 -12.46
CA ALA B 33 -15.72 -28.76 -12.03
C ALA B 33 -16.81 -28.07 -12.84
N THR B 34 -16.85 -28.31 -14.16
CA THR B 34 -17.92 -27.69 -14.92
C THR B 34 -19.28 -28.31 -14.60
N SER B 35 -19.32 -29.60 -14.23
CA SER B 35 -20.58 -30.19 -13.80
C SER B 35 -20.99 -29.65 -12.44
N PHE B 36 -20.01 -29.32 -11.59
CA PHE B 36 -20.28 -28.68 -10.30
C PHE B 36 -21.01 -27.36 -10.49
N PHE B 37 -20.48 -26.51 -11.36
CA PHE B 37 -21.14 -25.22 -11.55
C PHE B 37 -22.44 -25.35 -12.32
N ASP B 38 -22.59 -26.41 -13.13
CA ASP B 38 -23.87 -26.66 -13.76
C ASP B 38 -24.94 -27.01 -12.73
N GLU B 39 -24.57 -27.75 -11.69
CA GLU B 39 -25.60 -28.16 -10.74
C GLU B 39 -25.88 -27.06 -9.72
N TYR B 40 -24.83 -26.44 -9.17
CA TYR B 40 -25.01 -25.52 -8.05
C TYR B 40 -25.06 -24.05 -8.44
N GLY B 41 -24.24 -23.61 -9.37
CA GLY B 41 -24.23 -22.20 -9.71
C GLY B 41 -23.32 -21.40 -8.81
N LEU B 42 -23.68 -20.16 -8.52
CA LEU B 42 -22.86 -19.32 -7.65
C LEU B 42 -23.63 -18.57 -6.59
N VAL B 43 -24.95 -18.70 -6.54
CA VAL B 43 -25.75 -18.08 -5.49
C VAL B 43 -26.52 -19.15 -4.74
N SER B 44 -25.92 -20.34 -4.64
CA SER B 44 -26.64 -21.51 -4.15
C SER B 44 -27.01 -21.41 -2.67
N HIS B 45 -26.13 -20.83 -1.86
CA HIS B 45 -26.33 -20.82 -0.42
C HIS B 45 -27.45 -19.86 0.00
N GLN B 46 -27.53 -18.69 -0.65
CA GLN B 46 -28.61 -17.73 -0.41
C GLN B 46 -29.96 -18.38 -0.64
N LEU B 47 -30.11 -19.00 -1.80
CA LEU B 47 -31.37 -19.63 -2.19
C LEU B 47 -31.71 -20.80 -1.28
N ASN B 48 -30.71 -21.60 -0.90
CA ASN B 48 -30.98 -22.75 -0.05
C ASN B 48 -31.46 -22.33 1.34
N SER B 49 -30.87 -21.27 1.90
CA SER B 49 -31.29 -20.85 3.23
C SER B 49 -32.69 -20.22 3.21
N TYR B 50 -32.99 -19.42 2.18
CA TYR B 50 -34.34 -18.85 2.13
C TYR B 50 -35.39 -19.92 1.88
N ASN B 51 -35.08 -20.88 0.99
CA ASN B 51 -36.00 -21.96 0.70
C ASN B 51 -36.24 -22.83 1.91
N PHE B 52 -35.19 -23.10 2.69
CA PHE B 52 -35.35 -23.88 3.90
C PHE B 52 -36.22 -23.16 4.91
N PHE B 53 -36.08 -21.84 5.02
CA PHE B 53 -36.93 -21.08 5.92
C PHE B 53 -38.39 -21.23 5.55
N ILE B 54 -38.71 -21.07 4.26
CA ILE B 54 -40.10 -21.18 3.80
C ILE B 54 -40.63 -22.61 3.97
N GLU B 55 -39.80 -23.61 3.68
CA GLU B 55 -40.28 -24.98 3.73
C GLU B 55 -40.47 -25.49 5.16
N HIS B 56 -39.55 -25.20 6.08
CA HIS B 56 -39.61 -25.78 7.41
C HIS B 56 -39.73 -24.74 8.51
N GLY B 57 -38.92 -23.69 8.47
CA GLY B 57 -38.68 -22.90 9.66
C GLY B 57 -39.81 -21.95 9.97
N LEU B 58 -40.60 -21.60 8.96
CA LEU B 58 -41.74 -20.72 9.18
C LEU B 58 -42.79 -21.39 10.05
N GLN B 59 -43.15 -22.63 9.72
CA GLN B 59 -44.04 -23.38 10.60
C GLN B 59 -43.38 -23.72 11.92
N SER B 60 -42.06 -23.92 11.90
CA SER B 60 -41.34 -24.21 13.15
C SER B 60 -41.32 -23.04 14.13
N VAL B 61 -41.43 -21.80 13.65
CA VAL B 61 -41.45 -20.65 14.55
C VAL B 61 -42.76 -20.57 15.33
N PHE B 62 -43.89 -20.71 14.64
CA PHE B 62 -45.19 -20.38 15.23
C PHE B 62 -45.64 -21.32 16.34
N GLU B 63 -45.07 -22.53 16.43
CA GLU B 63 -45.46 -23.43 17.51
C GLU B 63 -44.80 -22.96 18.82
N SER B 64 -45.54 -22.12 19.54
CA SER B 64 -45.02 -21.51 20.76
C SER B 64 -45.80 -21.93 22.00
N SER B 65 -47.11 -21.70 22.05
CA SER B 65 -47.88 -21.93 23.27
C SER B 65 -49.34 -22.10 22.92
N GLY B 66 -50.18 -22.04 23.95
CA GLY B 66 -51.61 -22.22 23.80
C GLY B 66 -52.42 -20.98 24.11
N GLU B 67 -51.73 -19.87 24.39
CA GLU B 67 -52.31 -18.53 24.59
C GLU B 67 -53.39 -18.52 25.66
N MET B 68 -52.96 -18.78 26.90
CA MET B 68 -53.84 -18.59 28.03
C MET B 68 -54.04 -17.11 28.31
N LEU B 69 -55.10 -16.79 29.06
CA LEU B 69 -55.44 -15.40 29.35
C LEU B 69 -56.12 -15.35 30.71
N VAL B 70 -55.49 -14.67 31.67
CA VAL B 70 -55.90 -14.69 33.07
C VAL B 70 -56.72 -13.47 33.45
N GLU B 71 -56.74 -12.44 32.60
CA GLU B 71 -57.49 -11.18 32.73
C GLU B 71 -57.60 -10.57 34.13
N PRO B 72 -56.47 -10.11 34.74
CA PRO B 72 -56.53 -9.53 36.09
C PRO B 72 -56.97 -8.08 36.07
N SER B 73 -58.23 -7.84 36.45
CA SER B 73 -58.72 -6.48 36.52
C SER B 73 -59.21 -6.08 37.90
N PHE B 74 -60.14 -6.84 38.47
CA PHE B 74 -60.87 -6.44 39.67
C PHE B 74 -61.24 -7.65 40.50
N ASP B 75 -61.52 -7.40 41.78
CA ASP B 75 -62.44 -8.21 42.58
C ASP B 75 -63.04 -7.45 43.78
N PRO B 76 -63.85 -6.35 43.59
CA PRO B 76 -64.69 -5.94 44.71
C PRO B 76 -66.04 -6.65 44.77
N THR B 77 -66.62 -6.95 43.62
CA THR B 77 -68.05 -7.27 43.54
C THR B 77 -68.30 -8.53 42.73
N LYS B 78 -69.54 -9.04 42.77
CA LYS B 78 -69.86 -10.30 42.11
C LYS B 78 -69.96 -10.17 40.60
N ASN B 79 -70.63 -9.13 40.11
CA ASN B 79 -70.79 -8.94 38.67
C ASN B 79 -69.51 -8.46 37.99
N LYS B 80 -68.48 -8.12 38.76
CA LYS B 80 -67.11 -8.05 38.28
C LYS B 80 -66.20 -8.94 39.14
N ASP B 81 -66.57 -10.20 39.33
CA ASP B 81 -65.64 -11.23 39.75
C ASP B 81 -64.79 -11.67 38.56
N HIS B 82 -64.08 -12.79 38.77
CA HIS B 82 -63.33 -13.43 37.69
C HIS B 82 -64.21 -14.51 37.04
N GLU B 83 -65.42 -14.09 36.64
CA GLU B 83 -66.44 -14.97 36.13
C GLU B 83 -66.54 -14.98 34.63
N TRP B 84 -65.94 -14.02 33.93
CA TRP B 84 -65.89 -14.11 32.48
C TRP B 84 -64.76 -15.07 32.11
N ARG B 85 -64.91 -15.76 30.98
CA ARG B 85 -64.13 -16.96 30.72
C ARG B 85 -62.68 -16.65 30.38
N TYR B 86 -61.76 -17.42 30.96
CA TYR B 86 -60.37 -17.37 30.54
C TYR B 86 -60.24 -18.00 29.16
N ALA B 87 -59.76 -17.22 28.20
CA ALA B 87 -59.85 -17.62 26.80
C ALA B 87 -58.75 -18.60 26.43
N THR B 88 -58.90 -19.20 25.25
CA THR B 88 -57.89 -20.08 24.69
C THR B 88 -57.97 -20.03 23.16
N VAL B 89 -56.79 -20.05 22.53
CA VAL B 89 -56.65 -19.91 21.08
C VAL B 89 -55.27 -20.42 20.71
N LYS B 90 -55.16 -21.13 19.58
CA LYS B 90 -53.85 -21.63 19.17
C LYS B 90 -53.70 -21.67 17.65
N PHE B 91 -52.46 -21.49 17.21
CA PHE B 91 -52.11 -21.47 15.80
C PHE B 91 -52.06 -22.88 15.24
N GLY B 92 -52.31 -22.99 13.93
CA GLY B 92 -52.16 -24.26 13.25
C GLY B 92 -51.16 -24.21 12.12
N GLU B 93 -51.63 -24.42 10.90
CA GLU B 93 -50.79 -24.37 9.71
C GLU B 93 -50.60 -22.93 9.25
N VAL B 94 -49.48 -22.69 8.58
CA VAL B 94 -49.23 -21.43 7.89
C VAL B 94 -49.15 -21.70 6.40
N SER B 95 -49.85 -20.89 5.62
CA SER B 95 -49.87 -21.01 4.17
C SER B 95 -49.38 -19.70 3.57
N VAL B 96 -48.45 -19.80 2.63
CA VAL B 96 -47.84 -18.65 2.00
C VAL B 96 -48.12 -18.71 0.51
N ASP B 97 -48.75 -17.67 -0.01
CA ASP B 97 -49.09 -17.58 -1.42
C ASP B 97 -47.86 -17.23 -2.25
N LYS B 98 -48.03 -17.31 -3.54
CA LYS B 98 -47.11 -16.65 -4.43
C LYS B 98 -47.53 -15.19 -4.55
N PRO B 99 -46.60 -14.27 -4.81
CA PRO B 99 -46.93 -12.84 -4.70
C PRO B 99 -47.84 -12.37 -5.82
N THR B 100 -48.96 -11.78 -5.45
CA THR B 100 -49.96 -11.28 -6.39
C THR B 100 -50.16 -9.80 -6.13
N LEU B 101 -50.66 -9.11 -7.15
CA LEU B 101 -50.94 -7.68 -7.06
C LEU B 101 -52.43 -7.55 -6.77
N TYR B 102 -52.75 -7.38 -5.48
CA TYR B 102 -54.13 -7.46 -5.00
C TYR B 102 -54.95 -6.24 -5.42
N SER B 103 -55.25 -6.17 -6.71
CA SER B 103 -56.24 -5.24 -7.20
C SER B 103 -57.61 -5.90 -7.21
N ASP B 104 -58.64 -5.09 -7.00
CA ASP B 104 -60.00 -5.55 -7.24
C ASP B 104 -60.23 -5.73 -8.74
N ASP B 105 -61.33 -6.43 -9.06
CA ASP B 105 -61.69 -6.81 -10.43
C ASP B 105 -60.57 -7.64 -11.07
N LYS B 106 -60.46 -8.88 -10.58
CA LYS B 106 -59.56 -9.92 -11.10
C LYS B 106 -58.10 -9.52 -10.90
N GLU B 107 -57.67 -9.72 -9.64
CA GLU B 107 -56.28 -9.59 -9.20
C GLU B 107 -55.29 -10.29 -10.13
N LEU B 108 -54.07 -9.74 -10.17
CA LEU B 108 -53.11 -10.04 -11.21
C LEU B 108 -51.86 -10.67 -10.62
N VAL B 109 -51.12 -11.35 -11.48
CA VAL B 109 -49.84 -11.93 -11.08
C VAL B 109 -48.81 -10.81 -10.99
N PHE B 110 -47.84 -10.97 -10.11
CA PHE B 110 -46.96 -9.87 -9.70
C PHE B 110 -45.51 -10.30 -9.87
N LEU B 111 -44.72 -9.45 -10.51
CA LEU B 111 -43.38 -9.77 -10.96
C LEU B 111 -42.37 -8.83 -10.32
N PRO B 112 -41.07 -9.18 -10.31
CA PRO B 112 -40.10 -8.24 -9.71
C PRO B 112 -39.85 -6.99 -10.52
N TRP B 113 -40.02 -7.02 -11.84
CA TRP B 113 -39.81 -5.79 -12.60
C TRP B 113 -40.94 -4.80 -12.38
N HIS B 114 -42.17 -5.29 -12.12
CA HIS B 114 -43.25 -4.42 -11.66
C HIS B 114 -42.88 -3.77 -10.33
N ALA B 115 -42.23 -4.52 -9.44
CA ALA B 115 -41.88 -3.97 -8.15
C ALA B 115 -40.78 -2.92 -8.27
N ARG B 116 -39.84 -3.10 -9.20
CA ARG B 116 -38.79 -2.10 -9.38
C ARG B 116 -39.33 -0.85 -10.03
N LEU B 117 -40.12 -0.99 -11.09
CA LEU B 117 -40.60 0.19 -11.79
C LEU B 117 -41.79 0.85 -11.12
N GLN B 118 -42.39 0.24 -10.10
CA GLN B 118 -43.52 0.88 -9.46
C GLN B 118 -43.26 1.23 -8.00
N ASN B 119 -42.04 0.99 -7.50
CA ASN B 119 -41.59 1.34 -6.14
C ASN B 119 -42.46 0.70 -5.07
N MET B 120 -42.63 -0.61 -5.14
CA MET B 120 -43.32 -1.37 -4.13
C MET B 120 -42.45 -2.53 -3.68
N THR B 121 -42.95 -3.27 -2.68
CA THR B 121 -42.22 -4.37 -2.08
C THR B 121 -42.72 -5.70 -2.65
N TYR B 122 -41.81 -6.46 -3.25
CA TYR B 122 -42.15 -7.74 -3.83
C TYR B 122 -42.37 -8.71 -2.68
N SER B 123 -43.60 -8.76 -2.17
CA SER B 123 -43.91 -9.51 -0.96
C SER B 123 -45.07 -10.46 -1.18
N ALA B 124 -45.15 -11.47 -0.32
CA ALA B 124 -46.21 -12.46 -0.34
C ALA B 124 -46.99 -12.44 0.97
N ARG B 125 -48.23 -12.91 0.90
CA ARG B 125 -49.10 -12.90 2.06
C ARG B 125 -49.01 -14.23 2.82
N MET B 126 -48.96 -14.15 4.14
CA MET B 126 -49.02 -15.31 5.02
C MET B 126 -50.42 -15.46 5.57
N LYS B 127 -50.96 -16.68 5.51
CA LYS B 127 -52.25 -16.99 6.11
C LYS B 127 -52.08 -18.14 7.07
N VAL B 128 -52.59 -17.97 8.30
CA VAL B 128 -52.42 -18.95 9.36
C VAL B 128 -53.79 -19.55 9.69
N ASN B 129 -53.79 -20.84 10.01
CA ASN B 129 -55.00 -21.59 10.33
C ASN B 129 -55.17 -21.61 11.84
N VAL B 130 -55.65 -20.49 12.39
CA VAL B 130 -55.78 -20.40 13.83
C VAL B 130 -57.02 -21.15 14.29
N ASP B 131 -56.98 -21.64 15.53
CA ASP B 131 -58.11 -22.30 16.15
C ASP B 131 -58.37 -21.68 17.52
N VAL B 132 -59.63 -21.44 17.83
CA VAL B 132 -60.05 -20.87 19.10
C VAL B 132 -61.21 -21.70 19.66
N GLU B 133 -61.09 -22.12 20.91
CA GLU B 133 -62.09 -22.93 21.59
C GLU B 133 -62.33 -22.44 23.00
N VAL B 134 -62.46 -21.11 23.16
CA VAL B 134 -62.89 -20.56 24.44
C VAL B 134 -64.33 -21.00 24.73
N PHE B 135 -64.53 -21.56 25.92
CA PHE B 135 -65.82 -22.16 26.24
C PHE B 135 -66.04 -22.10 27.74
N VAL B 136 -67.23 -21.65 28.13
CA VAL B 136 -67.56 -21.45 29.53
C VAL B 136 -67.85 -22.77 30.24
N LYS B 137 -66.83 -23.32 30.90
CA LYS B 137 -67.04 -24.45 31.79
C LYS B 137 -66.19 -24.39 33.06
N LYS B 138 -65.31 -23.40 33.20
CA LYS B 138 -64.52 -23.22 34.40
C LYS B 138 -64.95 -21.93 35.11
N VAL B 139 -66.01 -21.29 34.62
CA VAL B 139 -66.68 -20.24 35.37
C VAL B 139 -67.23 -20.83 36.66
N VAL B 140 -67.01 -20.12 37.77
CA VAL B 140 -67.42 -20.57 39.11
C VAL B 140 -68.93 -20.72 39.23
N ILE B 157 -64.81 -20.77 20.07
CA ILE B 157 -65.50 -21.98 19.61
C ILE B 157 -65.21 -22.12 18.12
N LEU B 158 -64.97 -20.98 17.46
CA LEU B 158 -64.75 -20.94 16.02
C LEU B 158 -63.35 -21.45 15.65
N SER B 159 -63.13 -22.75 15.87
CA SER B 159 -61.98 -23.40 15.26
C SER B 159 -62.13 -23.42 13.75
N LYS B 160 -63.34 -23.74 13.30
CA LYS B 160 -63.71 -23.55 11.91
C LYS B 160 -63.97 -22.06 11.66
N LYS B 161 -64.09 -21.69 10.39
CA LYS B 161 -64.21 -20.31 9.90
C LYS B 161 -63.04 -19.42 10.34
N THR B 162 -61.90 -20.04 10.63
CA THR B 162 -60.66 -19.33 10.89
C THR B 162 -59.51 -19.95 10.13
N GLN B 163 -59.78 -20.50 8.94
CA GLN B 163 -58.76 -21.25 8.20
C GLN B 163 -57.72 -20.34 7.60
N ASP B 164 -58.13 -19.14 7.18
CA ASP B 164 -57.24 -18.24 6.44
C ASP B 164 -57.30 -16.88 7.11
N ILE B 165 -56.32 -16.59 7.96
CA ILE B 165 -56.28 -15.34 8.70
C ILE B 165 -55.04 -14.58 8.23
N PRO B 166 -55.17 -13.33 7.78
CA PRO B 166 -54.01 -12.59 7.28
C PRO B 166 -53.04 -12.23 8.39
N ILE B 167 -51.81 -12.70 8.27
CA ILE B 167 -50.78 -12.44 9.27
C ILE B 167 -49.52 -11.90 8.58
N GLY B 168 -49.45 -10.58 8.45
CA GLY B 168 -48.29 -9.91 7.86
C GLY B 168 -48.04 -10.20 6.39
N ARG B 169 -47.05 -9.51 5.81
CA ARG B 169 -46.62 -9.80 4.46
C ARG B 169 -45.10 -9.89 4.45
N ILE B 170 -44.59 -11.06 4.07
CA ILE B 170 -43.17 -11.35 4.07
C ILE B 170 -42.62 -11.08 2.67
N PRO B 171 -41.46 -10.43 2.55
CA PRO B 171 -40.86 -10.25 1.22
C PRO B 171 -40.32 -11.56 0.68
N VAL B 172 -40.06 -11.56 -0.63
CA VAL B 172 -39.76 -12.78 -1.38
C VAL B 172 -38.45 -12.58 -2.13
N MET B 173 -37.53 -13.52 -1.96
CA MET B 173 -36.29 -13.51 -2.73
C MET B 173 -36.58 -13.85 -4.18
N VAL B 174 -35.81 -13.26 -5.09
CA VAL B 174 -35.88 -13.62 -6.49
C VAL B 174 -35.31 -15.02 -6.68
N LYS B 175 -35.89 -15.80 -7.59
CA LYS B 175 -35.53 -17.17 -7.91
C LYS B 175 -35.74 -18.11 -6.73
N SER B 176 -36.63 -17.75 -5.81
CA SER B 176 -36.95 -18.57 -4.66
C SER B 176 -37.92 -19.68 -5.04
N VAL B 177 -38.45 -20.38 -4.04
CA VAL B 177 -39.60 -21.25 -4.25
C VAL B 177 -40.91 -20.49 -4.19
N LEU B 178 -40.86 -19.17 -4.11
CA LEU B 178 -42.05 -18.35 -4.15
C LEU B 178 -42.06 -17.35 -5.28
N CYS B 179 -40.90 -17.02 -5.85
CA CYS B 179 -40.85 -16.04 -6.93
C CYS B 179 -41.46 -16.64 -8.19
N ASN B 180 -42.13 -15.80 -8.96
CA ASN B 180 -42.87 -16.26 -10.13
C ASN B 180 -42.03 -16.33 -11.35
N THR B 181 -40.72 -16.22 -11.21
CA THR B 181 -39.79 -16.27 -12.33
C THR B 181 -38.95 -17.55 -12.30
N THR B 182 -39.51 -18.63 -11.76
CA THR B 182 -38.72 -19.84 -11.58
C THR B 182 -39.40 -21.12 -12.00
N GLU B 183 -40.70 -21.11 -12.30
CA GLU B 183 -41.41 -22.35 -12.56
C GLU B 183 -41.08 -22.88 -13.96
N LYS B 184 -40.71 -22.00 -14.88
CA LYS B 184 -40.37 -22.42 -16.23
C LYS B 184 -38.86 -22.42 -16.41
N GLY B 185 -38.34 -23.50 -16.98
CA GLY B 185 -36.90 -23.70 -17.05
C GLY B 185 -36.16 -22.79 -18.00
N LYS B 186 -36.31 -22.99 -19.32
CA LYS B 186 -35.54 -22.20 -20.28
C LYS B 186 -36.36 -21.48 -21.32
N ASN B 187 -37.27 -22.15 -22.01
CA ASN B 187 -37.89 -21.52 -23.18
C ASN B 187 -39.38 -21.82 -23.24
N GLY B 188 -39.99 -22.14 -22.11
CA GLY B 188 -41.44 -22.10 -22.04
C GLY B 188 -41.91 -20.65 -21.99
N GLU B 189 -41.70 -20.00 -20.84
CA GLU B 189 -41.90 -18.57 -20.69
C GLU B 189 -40.87 -17.92 -19.78
N SER B 190 -39.58 -18.22 -19.95
CA SER B 190 -38.57 -17.57 -19.11
C SER B 190 -38.32 -16.14 -19.56
N TYR B 191 -38.79 -15.80 -20.76
CA TYR B 191 -38.56 -14.52 -21.43
C TYR B 191 -39.46 -13.39 -20.96
N ARG B 192 -40.07 -13.52 -19.77
CA ARG B 192 -41.35 -12.88 -19.42
C ARG B 192 -41.51 -11.39 -19.73
N LYS B 193 -41.08 -10.53 -18.80
CA LYS B 193 -40.69 -9.14 -19.06
C LYS B 193 -39.79 -8.70 -17.89
N GLY B 194 -39.16 -9.67 -17.23
CA GLY B 194 -38.51 -9.35 -15.98
C GLY B 194 -37.15 -9.98 -15.80
N GLU B 195 -36.41 -10.10 -16.89
CA GLU B 195 -35.30 -11.05 -16.93
C GLU B 195 -34.06 -10.37 -17.46
N CYS B 196 -32.92 -10.97 -17.15
CA CYS B 196 -31.67 -10.76 -17.87
C CYS B 196 -31.03 -12.12 -18.08
N ALA B 197 -30.16 -12.23 -19.08
CA ALA B 197 -29.46 -13.48 -19.28
C ALA B 197 -28.24 -13.61 -18.38
N PHE B 198 -27.91 -12.55 -17.67
CA PHE B 198 -26.76 -12.52 -16.80
C PHE B 198 -27.17 -12.62 -15.34
N ASP B 199 -28.43 -12.33 -15.06
CA ASP B 199 -28.95 -12.36 -13.70
C ASP B 199 -29.22 -13.79 -13.23
N GLN B 200 -28.82 -14.07 -12.00
CA GLN B 200 -29.18 -15.29 -11.32
C GLN B 200 -29.97 -15.06 -10.05
N GLY B 201 -30.00 -13.83 -9.53
CA GLY B 201 -31.03 -13.42 -8.59
C GLY B 201 -31.01 -14.00 -7.19
N GLY B 202 -30.07 -13.58 -6.37
CA GLY B 202 -30.14 -13.95 -4.97
C GLY B 202 -30.46 -12.76 -4.09
N TYR B 203 -31.27 -11.84 -4.59
CA TYR B 203 -31.49 -10.57 -3.93
C TYR B 203 -32.96 -10.43 -3.53
N PHE B 204 -33.28 -9.29 -2.97
CA PHE B 204 -34.66 -8.89 -2.67
C PHE B 204 -34.99 -7.64 -3.46
N VAL B 205 -36.26 -7.23 -3.42
CA VAL B 205 -36.67 -5.92 -3.90
C VAL B 205 -37.55 -5.31 -2.82
N ILE B 206 -37.09 -4.21 -2.22
CA ILE B 206 -37.78 -3.56 -1.10
C ILE B 206 -38.03 -2.11 -1.47
N LYS B 207 -39.29 -1.80 -1.82
CA LYS B 207 -39.76 -0.47 -2.21
C LYS B 207 -38.89 0.16 -3.29
N GLY B 208 -38.66 -0.60 -4.36
CA GLY B 208 -37.95 -0.10 -5.50
C GLY B 208 -36.46 -0.33 -5.48
N ALA B 209 -35.90 -0.75 -4.35
CA ALA B 209 -34.46 -0.92 -4.23
C ALA B 209 -34.09 -2.39 -4.10
N GLU B 210 -32.88 -2.72 -4.53
CA GLU B 210 -32.42 -4.10 -4.55
C GLU B 210 -31.52 -4.37 -3.36
N LYS B 211 -32.03 -5.13 -2.39
CA LYS B 211 -31.35 -5.42 -1.16
C LYS B 211 -30.70 -6.81 -1.22
N VAL B 212 -29.73 -7.03 -0.34
CA VAL B 212 -28.99 -8.29 -0.30
C VAL B 212 -28.42 -8.48 1.10
N PHE B 213 -28.64 -9.68 1.67
CA PHE B 213 -28.05 -10.01 2.96
C PHE B 213 -26.57 -10.27 2.84
N ILE B 214 -25.86 -10.06 3.95
CA ILE B 214 -24.48 -10.46 4.10
C ILE B 214 -24.45 -11.59 5.12
N ALA B 215 -23.64 -12.60 4.87
CA ALA B 215 -23.51 -13.71 5.79
C ALA B 215 -22.85 -13.25 7.08
N GLN B 216 -23.47 -13.56 8.20
CA GLN B 216 -22.92 -13.23 9.51
C GLN B 216 -22.05 -14.38 9.99
N GLU B 217 -21.33 -14.15 11.08
CA GLU B 217 -20.48 -15.18 11.66
C GLU B 217 -20.72 -15.27 13.14
N GLN B 218 -21.01 -16.47 13.62
CA GLN B 218 -21.30 -16.68 15.03
C GLN B 218 -20.40 -17.76 15.58
N ILE B 219 -20.33 -17.82 16.90
CA ILE B 219 -19.61 -18.90 17.56
C ILE B 219 -20.39 -20.20 17.40
N CYS B 220 -19.68 -21.30 17.29
CA CYS B 220 -20.33 -22.61 17.30
C CYS B 220 -20.68 -22.96 18.72
N THR B 221 -21.94 -22.77 19.09
CA THR B 221 -22.44 -23.35 20.33
C THR B 221 -22.72 -24.83 20.07
N LYS B 222 -23.27 -25.50 21.08
CA LYS B 222 -23.36 -26.96 21.14
C LYS B 222 -21.98 -27.58 20.98
N ARG B 223 -21.07 -27.15 21.85
CA ARG B 223 -19.66 -27.51 21.93
C ARG B 223 -19.15 -26.97 23.25
N LEU B 224 -18.24 -27.69 23.89
CA LEU B 224 -17.63 -27.20 25.11
C LEU B 224 -16.51 -26.21 24.79
N TRP B 225 -16.47 -25.12 25.55
CA TRP B 225 -15.61 -23.97 25.30
C TRP B 225 -14.77 -23.73 26.54
N ILE B 226 -13.45 -23.70 26.38
CA ILE B 226 -12.52 -23.65 27.50
C ILE B 226 -11.81 -22.31 27.49
N SER B 227 -12.14 -21.46 28.44
CA SER B 227 -11.39 -20.24 28.64
C SER B 227 -10.17 -20.54 29.50
N ASN B 228 -9.36 -19.51 29.74
CA ASN B 228 -8.26 -19.69 30.68
C ASN B 228 -7.98 -18.51 31.60
N SER B 229 -8.74 -17.43 31.52
CA SER B 229 -8.40 -16.35 32.45
C SER B 229 -9.02 -16.62 33.82
N PRO B 230 -10.28 -17.01 33.97
CA PRO B 230 -10.67 -17.70 35.22
C PRO B 230 -10.88 -19.21 35.14
N TRP B 231 -10.57 -19.87 34.01
CA TRP B 231 -10.69 -21.33 33.80
C TRP B 231 -12.14 -21.81 33.97
N THR B 232 -12.97 -21.42 33.02
CA THR B 232 -14.43 -21.47 33.16
C THR B 232 -15.10 -22.24 32.01
N VAL B 233 -14.75 -23.52 31.83
CA VAL B 233 -15.32 -24.42 30.82
C VAL B 233 -16.85 -24.39 30.81
N SER B 234 -17.43 -24.37 29.61
CA SER B 234 -18.71 -23.73 29.38
C SER B 234 -19.59 -24.56 28.47
N TYR B 235 -20.84 -24.73 28.88
CA TYR B 235 -21.86 -25.41 28.09
C TYR B 235 -22.86 -24.36 27.64
N ARG B 236 -22.66 -23.83 26.43
CA ARG B 236 -23.56 -22.83 25.89
C ARG B 236 -24.79 -23.48 25.29
N SER B 237 -25.86 -22.69 25.19
CA SER B 237 -27.03 -23.06 24.40
C SER B 237 -27.67 -21.74 23.98
N GLU B 238 -27.86 -21.56 22.67
CA GLU B 238 -28.48 -20.33 22.16
C GLU B 238 -29.93 -20.21 22.62
N THR B 239 -30.73 -21.26 22.44
CA THR B 239 -32.01 -21.37 23.10
C THR B 239 -31.80 -21.73 24.56
N LYS B 240 -32.92 -21.78 25.31
CA LYS B 240 -32.97 -22.28 26.68
C LYS B 240 -32.03 -21.46 27.56
N ARG B 241 -32.42 -20.19 27.80
CA ARG B 241 -31.53 -19.25 28.48
C ARG B 241 -31.53 -19.50 29.99
N ASN B 242 -31.10 -20.72 30.33
CA ASN B 242 -30.79 -21.13 31.69
C ASN B 242 -29.86 -22.33 31.55
N ARG B 243 -28.56 -22.06 31.64
CA ARG B 243 -27.51 -23.00 31.25
C ARG B 243 -26.20 -22.45 31.81
N PHE B 244 -25.26 -23.35 32.09
CA PHE B 244 -24.27 -23.04 33.10
C PHE B 244 -22.84 -23.34 32.68
N ILE B 245 -21.93 -22.89 33.55
CA ILE B 245 -20.48 -22.99 33.39
C ILE B 245 -19.90 -23.52 34.70
N VAL B 246 -18.73 -24.14 34.59
CA VAL B 246 -17.98 -24.65 35.72
C VAL B 246 -16.64 -23.94 35.75
N ARG B 247 -16.32 -23.29 36.86
CA ARG B 247 -15.16 -22.41 36.94
C ARG B 247 -14.21 -22.87 38.04
N LEU B 248 -12.94 -23.10 37.72
CA LEU B 248 -12.02 -23.68 38.74
C LEU B 248 -10.97 -22.68 39.23
N SER B 249 -10.73 -21.56 38.52
CA SER B 249 -9.61 -20.66 38.92
C SER B 249 -10.08 -19.50 39.81
N GLU B 250 -11.06 -19.73 40.69
CA GLU B 250 -11.46 -18.67 41.61
C GLU B 250 -11.56 -19.25 43.02
N ASN B 251 -10.97 -18.53 43.98
CA ASN B 251 -10.74 -19.03 45.31
C ASN B 251 -11.58 -18.34 46.36
N GLN B 252 -12.30 -17.27 45.98
CA GLN B 252 -13.18 -16.38 46.73
C GLN B 252 -12.43 -15.42 47.65
N LYS B 253 -11.12 -15.64 47.86
CA LYS B 253 -10.26 -14.82 48.71
C LYS B 253 -8.84 -14.97 48.20
N ALA B 254 -7.97 -14.04 48.62
CA ALA B 254 -6.56 -14.07 48.24
C ALA B 254 -5.62 -13.62 49.36
N GLU B 255 -5.93 -13.93 50.63
CA GLU B 255 -5.23 -13.31 51.76
C GLU B 255 -3.80 -13.83 51.89
N ASP B 256 -3.64 -15.12 52.18
CA ASP B 256 -2.32 -15.74 52.09
C ASP B 256 -2.17 -16.54 50.80
N PHE B 257 -2.97 -17.61 50.65
CA PHE B 257 -3.42 -18.22 49.39
C PHE B 257 -4.39 -19.33 49.77
N LYS B 258 -5.35 -19.62 48.91
CA LYS B 258 -6.21 -20.78 49.07
C LYS B 258 -5.95 -21.71 47.91
N ARG B 259 -6.25 -22.99 48.11
CA ARG B 259 -6.16 -23.95 47.02
C ARG B 259 -7.30 -23.70 46.04
N LYS B 260 -7.02 -23.89 44.76
CA LYS B 260 -8.03 -23.79 43.71
C LYS B 260 -9.07 -24.88 43.91
N GLU B 261 -10.31 -24.50 44.21
CA GLU B 261 -11.36 -25.50 44.29
C GLU B 261 -12.42 -25.17 43.26
N LYS B 262 -13.10 -26.20 42.78
CA LYS B 262 -14.11 -26.02 41.74
C LYS B 262 -15.40 -25.60 42.39
N VAL B 263 -15.92 -24.46 41.97
CA VAL B 263 -17.27 -24.04 42.30
C VAL B 263 -18.05 -24.07 40.99
N LEU B 264 -19.18 -24.77 41.00
CA LEU B 264 -20.04 -24.71 39.83
C LEU B 264 -20.73 -23.37 39.87
N THR B 265 -20.10 -22.36 39.27
CA THR B 265 -20.60 -21.01 39.36
C THR B 265 -21.85 -20.83 38.51
N VAL B 266 -22.28 -19.57 38.41
CA VAL B 266 -23.64 -19.10 38.22
C VAL B 266 -24.46 -19.96 37.26
N TYR B 267 -25.60 -20.46 37.75
CA TYR B 267 -26.30 -21.57 37.13
C TYR B 267 -27.64 -21.19 36.53
N PHE B 268 -28.38 -20.28 37.16
CA PHE B 268 -29.67 -19.79 36.66
C PHE B 268 -29.66 -18.27 36.60
N LEU B 269 -28.58 -17.72 36.04
CA LEU B 269 -28.20 -16.30 35.98
C LEU B 269 -27.99 -15.72 37.39
N SER B 270 -27.91 -16.58 38.40
CA SER B 270 -27.55 -16.35 39.79
C SER B 270 -27.15 -17.71 40.35
N THR B 271 -27.13 -17.83 41.68
CA THR B 271 -27.12 -19.10 42.41
C THR B 271 -25.87 -19.95 42.10
N GLU B 272 -24.73 -19.50 42.60
CA GLU B 272 -23.57 -20.39 42.61
C GLU B 272 -23.80 -21.57 43.54
N ILE B 273 -23.25 -22.72 43.18
CA ILE B 273 -23.27 -23.92 44.02
C ILE B 273 -21.89 -24.55 43.94
N PRO B 274 -21.37 -25.21 44.98
CA PRO B 274 -20.22 -26.09 44.78
C PRO B 274 -20.59 -27.31 43.95
N VAL B 275 -19.58 -28.06 43.54
CA VAL B 275 -19.80 -29.10 42.56
C VAL B 275 -20.42 -30.34 43.20
N TRP B 276 -20.10 -30.59 44.46
CA TRP B 276 -20.49 -31.84 45.11
C TRP B 276 -21.92 -31.84 45.60
N VAL B 277 -22.48 -30.68 45.90
CA VAL B 277 -23.91 -30.60 46.17
C VAL B 277 -24.69 -30.93 44.90
N LEU B 278 -24.18 -30.52 43.74
CA LEU B 278 -24.87 -30.86 42.51
C LEU B 278 -24.54 -32.28 42.06
N PHE B 279 -23.49 -32.89 42.62
CA PHE B 279 -23.36 -34.34 42.48
C PHE B 279 -24.42 -35.07 43.28
N PHE B 280 -24.47 -34.85 44.59
CA PHE B 280 -25.38 -35.61 45.44
C PHE B 280 -26.82 -35.16 45.34
N ALA B 281 -27.09 -34.06 44.64
CA ALA B 281 -28.45 -33.74 44.26
C ALA B 281 -28.92 -34.62 43.13
N LEU B 282 -28.01 -34.94 42.20
CA LEU B 282 -28.30 -35.84 41.10
C LEU B 282 -28.15 -37.31 41.46
N GLY B 283 -27.89 -37.62 42.72
CA GLY B 283 -27.90 -39.00 43.15
C GLY B 283 -26.63 -39.79 42.90
N VAL B 284 -25.46 -39.20 43.10
CA VAL B 284 -24.24 -39.99 43.20
C VAL B 284 -24.30 -40.77 44.51
N ALA B 285 -23.90 -42.02 44.48
CA ALA B 285 -24.01 -42.85 45.68
C ALA B 285 -22.98 -42.44 46.72
N SER B 286 -21.72 -42.41 46.33
CA SER B 286 -20.65 -42.16 47.29
C SER B 286 -19.53 -41.43 46.58
N ASP B 287 -18.46 -41.19 47.32
CA ASP B 287 -17.21 -40.81 46.70
C ASP B 287 -16.52 -42.07 46.18
N LYS B 288 -15.42 -41.85 45.45
CA LYS B 288 -14.58 -42.81 44.72
C LYS B 288 -15.29 -43.34 43.47
N GLU B 289 -16.58 -43.09 43.29
CA GLU B 289 -17.18 -43.17 41.97
C GLU B 289 -17.24 -41.82 41.30
N ALA B 290 -17.44 -40.74 42.06
CA ALA B 290 -17.32 -39.40 41.52
C ALA B 290 -15.89 -39.07 41.12
N VAL B 291 -14.91 -39.65 41.81
CA VAL B 291 -13.54 -39.60 41.36
C VAL B 291 -13.35 -40.48 40.12
N ASP B 292 -14.11 -41.55 40.00
CA ASP B 292 -14.05 -42.32 38.77
C ASP B 292 -14.97 -41.78 37.69
N LEU B 293 -15.95 -40.93 38.03
CA LEU B 293 -16.69 -40.23 36.99
C LEU B 293 -15.83 -39.18 36.33
N ILE B 294 -15.05 -38.43 37.11
CA ILE B 294 -14.08 -37.51 36.53
C ILE B 294 -12.96 -38.29 35.84
N ALA B 295 -12.29 -39.16 36.60
CA ALA B 295 -11.30 -40.12 36.10
C ALA B 295 -10.11 -39.43 35.43
N PHE B 296 -9.41 -38.63 36.22
CA PHE B 296 -8.19 -37.97 35.76
C PHE B 296 -7.02 -38.94 35.81
N ASP B 297 -5.79 -38.42 35.66
CA ASP B 297 -4.61 -39.26 35.46
C ASP B 297 -4.18 -40.02 36.71
N GLY B 298 -4.42 -39.48 37.90
CA GLY B 298 -3.85 -40.04 39.10
C GLY B 298 -2.43 -39.53 39.32
N GLY B 299 -2.18 -39.07 40.54
CA GLY B 299 -0.98 -38.28 40.70
C GLY B 299 -1.23 -36.89 40.15
N ASP B 300 -0.17 -36.13 39.87
CA ASP B 300 -0.41 -34.71 39.49
C ASP B 300 -1.09 -34.08 40.71
N ALA B 301 -0.42 -34.12 41.87
CA ALA B 301 -1.01 -33.65 43.15
C ALA B 301 -1.94 -32.44 43.02
N SER B 302 -1.63 -31.47 42.15
CA SER B 302 -2.44 -30.26 42.17
C SER B 302 -3.93 -30.57 41.93
N ILE B 303 -4.20 -31.56 41.07
CA ILE B 303 -5.57 -31.95 40.76
C ILE B 303 -6.27 -32.55 41.98
N THR B 304 -5.60 -33.48 42.67
CA THR B 304 -6.23 -34.11 43.83
C THR B 304 -6.29 -33.16 45.02
N ASN B 305 -5.33 -32.24 45.13
CA ASN B 305 -5.44 -31.17 46.11
C ASN B 305 -6.63 -30.29 45.81
N SER B 306 -6.90 -30.05 44.53
CA SER B 306 -8.03 -29.24 44.11
C SER B 306 -9.34 -29.92 44.47
N VAL B 307 -9.42 -31.24 44.30
CA VAL B 307 -10.70 -31.90 44.54
C VAL B 307 -10.93 -32.13 46.03
N VAL B 308 -9.86 -32.29 46.82
CA VAL B 308 -10.09 -32.41 48.25
C VAL B 308 -10.43 -31.05 48.85
N ALA B 309 -9.90 -29.97 48.26
CA ALA B 309 -10.34 -28.64 48.67
C ALA B 309 -11.79 -28.40 48.26
N SER B 310 -12.21 -29.01 47.15
CA SER B 310 -13.61 -28.91 46.72
C SER B 310 -14.54 -29.57 47.72
N ILE B 311 -14.17 -30.76 48.20
CA ILE B 311 -14.99 -31.46 49.20
C ILE B 311 -15.01 -30.68 50.52
N GLN B 312 -13.85 -30.16 50.92
CA GLN B 312 -13.77 -29.40 52.17
C GLN B 312 -14.51 -28.08 52.09
N GLU B 313 -14.65 -27.53 50.89
CA GLU B 313 -15.54 -26.38 50.72
C GLU B 313 -17.00 -26.82 50.71
N ALA B 314 -17.26 -28.04 50.24
CA ALA B 314 -18.63 -28.52 50.10
C ALA B 314 -19.29 -28.74 51.44
N ASP B 315 -18.61 -29.44 52.35
CA ASP B 315 -19.26 -29.72 53.64
C ASP B 315 -19.29 -28.51 54.57
N SER B 316 -18.64 -27.41 54.19
CA SER B 316 -18.64 -26.21 55.04
C SER B 316 -19.91 -25.40 54.88
N VAL B 317 -20.66 -25.60 53.80
CA VAL B 317 -21.86 -24.80 53.55
C VAL B 317 -23.15 -25.59 53.70
N CYS B 318 -23.08 -26.92 53.70
CA CYS B 318 -24.25 -27.78 53.90
C CYS B 318 -23.76 -29.17 54.27
N GLU B 319 -24.51 -29.83 55.14
CA GLU B 319 -24.26 -31.25 55.43
C GLU B 319 -25.04 -32.03 54.39
N ASP B 320 -24.33 -32.46 53.36
CA ASP B 320 -24.89 -33.16 52.21
C ASP B 320 -24.74 -34.67 52.34
N PHE B 321 -25.06 -35.37 51.25
CA PHE B 321 -25.03 -36.85 51.08
C PHE B 321 -25.64 -37.62 52.25
N ARG B 322 -26.66 -37.08 52.90
CA ARG B 322 -27.26 -37.80 54.00
C ARG B 322 -28.63 -38.35 53.67
N HIS B 323 -29.49 -37.56 53.03
CA HIS B 323 -30.78 -38.05 52.58
C HIS B 323 -30.94 -37.72 51.12
N GLY B 324 -32.08 -38.13 50.56
CA GLY B 324 -32.48 -37.65 49.25
C GLY B 324 -32.82 -36.18 49.22
N ARG B 325 -33.07 -35.57 50.38
CA ARG B 325 -33.34 -34.15 50.48
C ARG B 325 -32.33 -33.37 51.30
N ASN B 326 -31.35 -34.03 51.92
CA ASN B 326 -30.37 -33.28 52.71
C ASN B 326 -29.37 -32.57 51.81
N ALA B 327 -29.06 -33.14 50.65
CA ALA B 327 -28.21 -32.48 49.66
C ALA B 327 -29.05 -31.69 48.67
N LEU B 328 -30.17 -32.27 48.23
CA LEU B 328 -31.02 -31.62 47.24
C LEU B 328 -31.74 -30.41 47.84
N ALA B 329 -31.87 -30.36 49.17
CA ALA B 329 -32.47 -29.21 49.82
C ALA B 329 -31.56 -28.01 49.86
N TYR B 330 -30.25 -28.20 49.66
CA TYR B 330 -29.39 -27.03 49.52
C TYR B 330 -29.56 -26.36 48.17
N VAL B 331 -30.11 -27.08 47.19
CA VAL B 331 -30.44 -26.45 45.92
C VAL B 331 -31.73 -25.68 46.22
N GLU B 332 -31.54 -24.47 46.73
CA GLU B 332 -32.54 -23.73 47.49
C GLU B 332 -32.50 -22.29 47.05
N GLN B 333 -31.34 -21.87 46.54
CA GLN B 333 -31.15 -20.54 46.02
C GLN B 333 -31.96 -20.33 44.74
N GLN B 334 -32.41 -21.40 44.12
CA GLN B 334 -33.30 -21.36 42.97
C GLN B 334 -34.72 -20.94 43.35
N ILE B 335 -35.05 -20.85 44.64
CA ILE B 335 -36.39 -20.48 45.09
C ILE B 335 -36.50 -18.98 45.37
N LYS B 336 -35.74 -18.47 46.34
CA LYS B 336 -35.91 -17.07 46.72
C LYS B 336 -34.65 -16.27 46.47
N GLY B 337 -33.49 -16.82 46.79
CA GLY B 337 -32.24 -16.12 46.53
C GLY B 337 -31.82 -16.22 45.07
N THR B 338 -32.69 -15.79 44.17
CA THR B 338 -32.55 -16.04 42.74
C THR B 338 -32.64 -14.75 41.94
N LYS B 339 -33.52 -13.83 42.37
CA LYS B 339 -33.98 -12.58 41.76
C LYS B 339 -34.91 -12.81 40.57
N PHE B 340 -35.01 -14.05 40.11
CA PHE B 340 -35.75 -14.44 38.91
C PHE B 340 -36.10 -15.92 39.05
N PRO B 341 -37.21 -16.27 39.71
CA PRO B 341 -37.54 -17.67 39.94
C PRO B 341 -37.91 -18.36 38.64
N PRO B 342 -37.18 -19.42 38.26
CA PRO B 342 -37.46 -20.08 36.97
C PRO B 342 -38.74 -20.89 37.02
N GLY B 343 -39.80 -20.29 36.46
CA GLY B 343 -41.16 -20.78 36.44
C GLY B 343 -41.71 -21.11 37.82
N GLU B 344 -42.74 -21.94 37.79
CA GLU B 344 -43.36 -22.51 38.97
C GLU B 344 -42.81 -23.94 39.09
N SER B 345 -42.98 -24.54 40.29
CA SER B 345 -42.46 -25.85 40.64
C SER B 345 -40.94 -25.90 40.49
N VAL B 346 -40.28 -25.12 41.33
CA VAL B 346 -38.83 -25.08 41.37
C VAL B 346 -38.30 -26.28 42.17
N ASP B 347 -38.13 -27.40 41.49
CA ASP B 347 -37.77 -28.69 42.08
C ASP B 347 -37.16 -29.55 40.98
N GLU B 348 -37.26 -30.87 41.12
CA GLU B 348 -36.83 -31.84 40.10
C GLU B 348 -37.43 -31.58 38.71
N CYS B 349 -38.55 -30.84 38.64
CA CYS B 349 -39.04 -30.35 37.35
C CYS B 349 -38.04 -29.43 36.66
N LEU B 350 -37.22 -28.71 37.44
CA LEU B 350 -36.18 -27.89 36.83
C LEU B 350 -34.99 -28.70 36.36
N SER B 351 -34.94 -30.00 36.67
CA SER B 351 -33.80 -30.79 36.23
C SER B 351 -33.83 -31.14 34.76
N LEU B 352 -34.86 -30.74 34.03
CA LEU B 352 -34.82 -30.70 32.58
C LEU B 352 -34.55 -29.28 32.06
N TYR B 353 -33.86 -28.46 32.85
CA TYR B 353 -33.24 -27.24 32.36
C TYR B 353 -31.73 -27.37 32.25
N LEU B 354 -31.12 -28.35 32.91
CA LEU B 354 -29.77 -28.74 32.54
C LEU B 354 -29.86 -29.94 31.62
N PHE B 355 -29.12 -29.84 30.51
CA PHE B 355 -28.80 -30.93 29.59
C PHE B 355 -30.08 -31.57 29.00
N PRO B 356 -30.82 -30.84 28.16
CA PRO B 356 -32.08 -31.43 27.66
C PRO B 356 -31.88 -32.54 26.67
N GLY B 357 -30.77 -32.54 25.93
CA GLY B 357 -30.43 -33.66 25.06
C GLY B 357 -30.13 -34.96 25.78
N LEU B 358 -29.81 -34.88 27.07
CA LEU B 358 -29.69 -36.05 27.93
C LEU B 358 -31.02 -36.30 28.62
N LYS B 359 -31.23 -37.55 29.02
CA LYS B 359 -32.59 -38.05 29.29
C LYS B 359 -32.80 -38.47 30.74
N SER B 360 -31.77 -38.94 31.44
CA SER B 360 -31.92 -39.30 32.84
C SER B 360 -30.69 -38.86 33.62
N LEU B 361 -30.81 -38.94 34.95
CA LEU B 361 -29.84 -38.32 35.84
C LEU B 361 -28.52 -39.08 35.84
N THR B 362 -28.56 -40.39 35.56
CA THR B 362 -27.35 -41.18 35.55
C THR B 362 -26.47 -40.91 34.33
N GLN B 363 -26.97 -40.16 33.34
CA GLN B 363 -26.13 -39.65 32.27
C GLN B 363 -25.73 -38.21 32.51
N LYS B 364 -26.59 -37.42 33.18
CA LYS B 364 -26.25 -36.04 33.47
C LYS B 364 -25.10 -35.94 34.46
N ALA B 365 -25.06 -36.87 35.43
CA ALA B 365 -23.94 -36.94 36.36
C ALA B 365 -22.64 -37.27 35.62
N ARG B 366 -22.73 -38.19 34.66
CA ARG B 366 -21.55 -38.56 33.88
C ARG B 366 -21.09 -37.42 32.99
N PHE B 367 -22.03 -36.62 32.49
CA PHE B 367 -21.62 -35.53 31.62
C PHE B 367 -21.03 -34.38 32.42
N LEU B 368 -21.51 -34.18 33.65
CA LEU B 368 -20.86 -33.25 34.57
C LEU B 368 -19.44 -33.69 34.89
N GLY B 369 -19.25 -35.00 35.10
CA GLY B 369 -17.91 -35.53 35.30
C GLY B 369 -17.03 -35.34 34.08
N TYR B 370 -17.61 -35.43 32.89
CA TYR B 370 -16.84 -35.21 31.66
C TYR B 370 -16.40 -33.76 31.53
N MET B 371 -17.30 -32.82 31.86
CA MET B 371 -16.96 -31.40 31.86
C MET B 371 -15.81 -31.10 32.81
N VAL B 372 -15.88 -31.65 34.02
CA VAL B 372 -14.83 -31.42 35.01
C VAL B 372 -13.52 -32.07 34.57
N LYS B 373 -13.59 -33.22 33.91
CA LYS B 373 -12.38 -33.85 33.39
C LYS B 373 -11.76 -33.01 32.27
N CYS B 374 -12.60 -32.36 31.45
CA CYS B 374 -12.09 -31.46 30.42
C CYS B 374 -11.38 -30.26 31.04
N LEU B 375 -11.96 -29.72 32.12
CA LEU B 375 -11.35 -28.57 32.80
C LEU B 375 -10.01 -28.95 33.43
N PHE B 376 -9.96 -30.10 34.10
CA PHE B 376 -8.71 -30.56 34.71
C PHE B 376 -7.64 -30.89 33.67
N SER B 377 -8.06 -31.42 32.53
CA SER B 377 -7.09 -31.69 31.48
C SER B 377 -6.59 -30.41 30.83
N ALA B 378 -7.41 -29.36 30.85
CA ALA B 378 -6.97 -28.09 30.29
C ALA B 378 -6.04 -27.36 31.26
N TYR B 379 -6.21 -27.59 32.56
CA TYR B 379 -5.35 -26.94 33.55
C TYR B 379 -3.91 -27.44 33.46
N ALA B 380 -3.73 -28.74 33.23
CA ALA B 380 -2.39 -29.32 33.21
C ALA B 380 -1.70 -29.17 31.86
N GLY B 381 -2.26 -28.38 30.94
CA GLY B 381 -1.62 -28.18 29.65
C GLY B 381 -1.66 -29.39 28.75
N LYS B 382 -2.71 -30.19 28.83
CA LYS B 382 -2.87 -31.35 27.96
C LYS B 382 -3.89 -31.12 26.86
N ARG B 383 -4.80 -30.18 27.06
CA ARG B 383 -5.76 -29.79 26.04
C ARG B 383 -5.67 -28.29 25.84
N LYS B 384 -5.44 -27.87 24.60
CA LYS B 384 -5.27 -26.46 24.30
C LYS B 384 -6.63 -25.75 24.36
N CYS B 385 -6.61 -24.50 24.82
CA CYS B 385 -7.83 -23.72 24.96
C CYS B 385 -8.41 -23.38 23.60
N GLU B 386 -9.64 -22.87 23.61
CA GLU B 386 -10.38 -22.68 22.38
C GLU B 386 -9.95 -21.39 21.70
N ASN B 387 -9.34 -21.53 20.52
CA ASN B 387 -8.98 -20.40 19.69
C ASN B 387 -10.23 -19.98 18.92
N ARG B 388 -10.66 -18.74 19.12
CA ARG B 388 -11.92 -18.28 18.53
C ARG B 388 -11.82 -18.14 17.02
N ASP B 389 -10.68 -17.69 16.50
CA ASP B 389 -10.52 -17.42 15.09
C ASP B 389 -10.10 -18.63 14.29
N ASN B 390 -10.34 -19.83 14.80
CA ASN B 390 -10.17 -21.06 14.05
C ASN B 390 -11.56 -21.49 13.58
N PHE B 391 -11.78 -21.50 12.26
CA PHE B 391 -13.13 -21.53 11.71
C PHE B 391 -13.87 -22.85 11.85
N ARG B 392 -13.32 -23.84 12.54
CA ARG B 392 -14.16 -24.97 12.91
C ARG B 392 -15.00 -24.67 14.13
N ASN B 393 -14.76 -23.54 14.80
CA ASN B 393 -15.53 -23.13 15.95
C ASN B 393 -16.57 -22.08 15.58
N LYS B 394 -16.93 -22.01 14.31
CA LYS B 394 -17.77 -20.92 13.81
C LYS B 394 -18.87 -21.43 12.90
N ARG B 395 -20.08 -20.92 13.12
CA ARG B 395 -21.24 -21.21 12.29
C ARG B 395 -21.69 -19.92 11.63
N ILE B 396 -21.97 -19.99 10.33
CA ILE B 396 -22.31 -18.84 9.52
C ILE B 396 -23.83 -18.78 9.36
N GLU B 397 -24.42 -17.66 9.73
CA GLU B 397 -25.86 -17.47 9.68
C GLU B 397 -26.25 -16.77 8.40
N LEU B 398 -26.94 -17.47 7.52
CA LEU B 398 -27.48 -16.89 6.30
C LEU B 398 -28.91 -16.39 6.54
N ALA B 399 -29.63 -16.17 5.44
CA ALA B 399 -30.90 -15.44 5.48
C ALA B 399 -31.97 -16.15 6.29
N GLY B 400 -31.90 -17.48 6.36
CA GLY B 400 -32.91 -18.25 7.08
C GLY B 400 -32.93 -17.94 8.57
N GLU B 401 -31.76 -18.01 9.22
CA GLU B 401 -31.69 -17.77 10.65
C GLU B 401 -31.97 -16.31 11.01
N LEU B 402 -31.60 -15.39 10.13
CA LEU B 402 -31.85 -13.98 10.39
C LEU B 402 -33.33 -13.66 10.30
N LEU B 403 -34.02 -14.27 9.33
CA LEU B 403 -35.46 -14.11 9.26
C LEU B 403 -36.16 -14.80 10.43
N GLU B 404 -35.62 -15.94 10.88
CA GLU B 404 -36.06 -16.59 12.13
C GLU B 404 -36.07 -15.60 13.28
N ARG B 405 -34.94 -14.92 13.47
CA ARG B 405 -34.76 -14.04 14.61
C ARG B 405 -35.69 -12.83 14.56
N GLU B 406 -35.72 -12.13 13.41
CA GLU B 406 -36.59 -10.97 13.26
C GLU B 406 -38.07 -11.32 13.39
N LEU B 407 -38.47 -12.46 12.83
CA LEU B 407 -39.88 -12.82 12.87
C LEU B 407 -40.29 -13.25 14.28
N ARG B 408 -39.37 -13.87 15.04
CA ARG B 408 -39.67 -14.18 16.43
C ARG B 408 -39.87 -12.92 17.26
N VAL B 409 -39.04 -11.90 17.00
CA VAL B 409 -39.18 -10.63 17.75
C VAL B 409 -40.53 -9.97 17.46
N HIS B 410 -40.86 -9.80 16.18
CA HIS B 410 -42.10 -9.08 15.86
C HIS B 410 -43.32 -9.92 16.16
N LEU B 411 -43.21 -11.25 16.12
CA LEU B 411 -44.33 -12.10 16.50
C LEU B 411 -44.58 -12.05 18.01
N ALA B 412 -43.51 -11.97 18.82
CA ALA B 412 -43.70 -11.84 20.26
C ALA B 412 -44.37 -10.52 20.60
N HIS B 413 -43.95 -9.44 19.92
CA HIS B 413 -44.65 -8.16 20.08
C HIS B 413 -46.10 -8.25 19.63
N ALA B 414 -46.36 -9.01 18.57
CA ALA B 414 -47.74 -9.17 18.09
C ALA B 414 -48.59 -9.93 19.09
N ARG B 415 -48.02 -10.95 19.74
CA ARG B 415 -48.75 -11.74 20.73
C ARG B 415 -49.09 -10.90 21.95
N ARG B 416 -48.14 -10.09 22.42
CA ARG B 416 -48.43 -9.20 23.55
C ARG B 416 -49.48 -8.15 23.19
N THR B 417 -49.35 -7.55 21.99
CA THR B 417 -50.29 -6.53 21.55
C THR B 417 -51.68 -7.12 21.34
N MET B 418 -51.74 -8.39 20.97
CA MET B 418 -53.02 -9.07 20.79
C MET B 418 -53.66 -9.39 22.13
N THR B 419 -52.88 -9.91 23.08
CA THR B 419 -53.48 -10.33 24.35
C THR B 419 -53.85 -9.13 25.21
N LYS B 420 -53.21 -7.98 24.98
CA LYS B 420 -53.71 -6.78 25.62
C LYS B 420 -54.99 -6.29 24.96
N ALA B 421 -55.21 -6.65 23.69
CA ALA B 421 -56.42 -6.24 22.99
C ALA B 421 -57.59 -7.15 23.28
N MET B 422 -57.33 -8.41 23.66
CA MET B 422 -58.42 -9.32 24.00
C MET B 422 -59.03 -8.97 25.34
N GLN B 423 -58.28 -8.30 26.20
CA GLN B 423 -58.69 -8.08 27.57
C GLN B 423 -59.58 -6.85 27.71
N ARG B 424 -59.64 -5.99 26.70
CA ARG B 424 -60.47 -4.80 26.79
C ARG B 424 -61.96 -5.10 26.70
N HIS B 425 -62.34 -6.31 26.33
CA HIS B 425 -63.74 -6.69 26.17
C HIS B 425 -64.23 -7.59 27.29
N LEU B 426 -63.80 -7.31 28.51
CA LEU B 426 -64.30 -8.01 29.70
C LEU B 426 -65.80 -7.84 29.87
N THR B 427 -66.50 -8.97 30.02
CA THR B 427 -67.88 -9.06 30.50
C THR B 427 -68.88 -8.33 29.60
N GLY B 428 -68.51 -8.13 28.35
CA GLY B 428 -69.39 -7.54 27.35
C GLY B 428 -68.73 -7.66 25.99
N ASP B 429 -69.44 -8.22 25.01
CA ASP B 429 -68.78 -8.59 23.77
C ASP B 429 -68.64 -7.40 22.83
N GLY B 430 -69.75 -6.89 22.33
CA GLY B 430 -69.67 -5.91 21.26
C GLY B 430 -69.14 -6.56 19.99
N ASP B 431 -67.89 -6.25 19.67
CA ASP B 431 -67.19 -6.83 18.53
C ASP B 431 -66.34 -8.01 18.98
N LEU B 432 -66.94 -9.22 18.91
CA LEU B 432 -66.22 -10.43 19.43
C LEU B 432 -65.69 -11.32 18.31
N LYS B 433 -66.17 -11.22 17.06
CA LYS B 433 -65.55 -12.03 15.97
C LYS B 433 -64.10 -12.23 16.41
N PRO B 434 -63.60 -13.46 16.67
CA PRO B 434 -62.29 -13.59 17.31
C PRO B 434 -61.15 -13.09 16.43
N ILE B 435 -61.29 -13.26 15.13
CA ILE B 435 -60.23 -12.91 14.20
C ILE B 435 -60.61 -11.60 13.54
N GLU B 436 -59.67 -11.04 12.76
CA GLU B 436 -59.75 -9.82 11.94
C GLU B 436 -60.26 -8.59 12.69
N HIS B 437 -60.18 -8.61 14.02
CA HIS B 437 -60.55 -7.45 14.82
C HIS B 437 -59.48 -7.24 15.88
N TYR B 438 -58.58 -8.22 16.03
CA TYR B 438 -57.59 -8.14 17.08
C TYR B 438 -56.18 -8.41 16.56
N LEU B 439 -56.06 -9.23 15.52
CA LEU B 439 -54.77 -9.67 15.00
C LEU B 439 -54.38 -8.76 13.83
N ASP B 440 -53.51 -7.79 14.11
CA ASP B 440 -53.18 -6.75 13.16
C ASP B 440 -51.96 -7.17 12.34
N ALA B 441 -52.13 -7.22 11.01
CA ALA B 441 -51.05 -7.64 10.13
C ALA B 441 -50.01 -6.55 9.94
N SER B 442 -50.40 -5.30 10.16
CA SER B 442 -49.52 -4.18 9.88
C SER B 442 -48.35 -4.11 10.85
N ILE B 443 -48.48 -4.75 12.02
CA ILE B 443 -47.39 -4.81 12.99
C ILE B 443 -46.20 -5.56 12.41
N ILE B 444 -46.43 -6.80 11.98
CA ILE B 444 -45.38 -7.62 11.40
C ILE B 444 -44.94 -7.05 10.05
N THR B 445 -45.89 -6.46 9.32
CA THR B 445 -45.57 -5.85 8.03
C THR B 445 -44.56 -4.70 8.19
N ASN B 446 -44.89 -3.73 9.04
CA ASN B 446 -44.00 -2.60 9.30
C ASN B 446 -42.69 -3.05 9.90
N GLY B 447 -42.71 -4.08 10.76
CA GLY B 447 -41.47 -4.60 11.31
C GLY B 447 -40.50 -5.15 10.30
N LEU B 448 -41.00 -6.06 9.44
CA LEU B 448 -40.14 -6.65 8.43
C LEU B 448 -39.76 -5.64 7.36
N SER B 449 -40.55 -4.58 7.18
CA SER B 449 -40.14 -3.54 6.25
C SER B 449 -39.02 -2.69 6.81
N ARG B 450 -39.08 -2.34 8.10
CA ARG B 450 -38.04 -1.49 8.66
C ARG B 450 -36.75 -2.26 8.83
N ALA B 451 -36.85 -3.58 8.99
CA ALA B 451 -35.64 -4.39 9.09
C ALA B 451 -34.81 -4.34 7.81
N PHE B 452 -35.46 -4.40 6.65
CA PHE B 452 -34.72 -4.28 5.39
C PHE B 452 -34.36 -2.85 5.07
N SER B 453 -35.27 -1.90 5.29
CA SER B 453 -35.04 -0.55 4.80
C SER B 453 -34.09 0.24 5.69
N THR B 454 -34.15 0.04 7.00
CA THR B 454 -33.37 0.88 7.89
C THR B 454 -32.00 0.26 8.19
N GLY B 455 -31.93 -1.06 8.24
CA GLY B 455 -30.76 -1.74 8.71
C GLY B 455 -30.74 -1.99 10.20
N ALA B 456 -31.85 -1.78 10.89
CA ALA B 456 -31.94 -1.98 12.33
C ALA B 456 -32.19 -3.47 12.55
N TRP B 457 -31.12 -4.25 12.55
CA TRP B 457 -31.25 -5.69 12.61
C TRP B 457 -31.06 -6.15 14.06
N CYS B 458 -31.80 -7.16 14.48
CA CYS B 458 -31.82 -7.61 15.88
C CYS B 458 -30.53 -8.33 16.24
N HIS B 459 -30.02 -8.03 17.42
CA HIS B 459 -28.78 -8.63 17.88
C HIS B 459 -29.03 -10.10 18.23
N PRO B 460 -28.08 -11.00 17.93
CA PRO B 460 -28.34 -12.43 18.15
C PRO B 460 -28.39 -12.85 19.62
N PHE B 461 -27.97 -12.00 20.56
CA PHE B 461 -27.89 -12.37 21.96
C PHE B 461 -28.84 -11.55 22.84
N ARG B 462 -28.72 -10.23 22.81
CA ARG B 462 -29.45 -9.38 23.73
C ARG B 462 -30.74 -8.92 23.06
N LYS B 463 -31.88 -9.35 23.59
CA LYS B 463 -33.14 -9.16 22.87
C LYS B 463 -33.80 -7.80 23.16
N MET B 464 -33.01 -6.74 23.16
CA MET B 464 -33.53 -5.37 23.10
C MET B 464 -32.77 -4.44 22.18
N GLU B 465 -31.51 -4.70 21.86
CA GLU B 465 -30.70 -3.79 21.08
C GLU B 465 -30.77 -4.14 19.60
N ARG B 466 -29.93 -3.46 18.81
CA ARG B 466 -29.92 -3.56 17.37
C ARG B 466 -28.48 -3.67 16.89
N VAL B 467 -28.32 -4.22 15.68
CA VAL B 467 -27.03 -4.32 15.02
C VAL B 467 -27.23 -3.80 13.60
N SER B 468 -26.13 -3.48 12.91
CA SER B 468 -26.22 -2.72 11.67
C SER B 468 -25.54 -3.34 10.46
N GLY B 469 -24.42 -4.05 10.63
CA GLY B 469 -23.63 -4.50 9.49
C GLY B 469 -24.19 -5.65 8.67
N VAL B 470 -25.46 -5.52 8.30
CA VAL B 470 -26.29 -6.54 7.67
C VAL B 470 -26.79 -5.78 6.44
N VAL B 471 -27.92 -6.20 5.86
CA VAL B 471 -28.40 -6.01 4.49
C VAL B 471 -28.10 -4.66 3.84
N ALA B 472 -27.50 -4.72 2.66
CA ALA B 472 -26.94 -3.60 1.95
C ALA B 472 -27.64 -3.43 0.60
N ASN B 473 -27.08 -2.56 -0.24
CA ASN B 473 -27.57 -2.41 -1.59
C ASN B 473 -26.83 -3.38 -2.50
N LEU B 474 -27.35 -3.55 -3.71
CA LEU B 474 -26.79 -4.48 -4.67
C LEU B 474 -26.20 -3.70 -5.83
N GLY B 475 -24.90 -3.85 -6.05
CA GLY B 475 -24.25 -3.16 -7.15
C GLY B 475 -24.59 -3.76 -8.49
N ARG B 476 -24.61 -2.91 -9.50
CA ARG B 476 -24.98 -3.31 -10.85
C ARG B 476 -24.02 -2.83 -11.92
N ALA B 477 -22.89 -2.21 -11.58
CA ALA B 477 -22.04 -1.59 -12.59
C ALA B 477 -21.41 -2.62 -13.50
N ASN B 478 -20.97 -3.73 -12.95
CA ASN B 478 -20.58 -4.90 -13.71
C ASN B 478 -21.66 -5.95 -13.54
N PRO B 479 -21.59 -7.07 -14.25
CA PRO B 479 -22.24 -8.28 -13.76
C PRO B 479 -21.35 -9.09 -12.84
N LEU B 480 -20.13 -8.62 -12.58
CA LEU B 480 -19.20 -9.22 -11.65
C LEU B 480 -19.30 -8.59 -10.27
N GLN B 481 -19.69 -7.31 -10.22
CA GLN B 481 -19.95 -6.67 -8.94
C GLN B 481 -21.13 -7.29 -8.22
N SER B 482 -22.12 -7.80 -8.96
CA SER B 482 -23.22 -8.49 -8.31
C SER B 482 -22.78 -9.83 -7.73
N LEU B 483 -21.95 -10.58 -8.45
CA LEU B 483 -21.40 -11.82 -7.95
C LEU B 483 -20.57 -11.61 -6.69
N ILE B 484 -19.70 -10.59 -6.70
CA ILE B 484 -18.90 -10.29 -5.51
C ILE B 484 -19.79 -9.83 -4.37
N ASP B 485 -20.85 -9.11 -4.68
CA ASP B 485 -21.73 -8.57 -3.65
C ASP B 485 -22.66 -9.62 -3.06
N LEU B 486 -22.85 -10.74 -3.73
CA LEU B 486 -23.71 -11.81 -3.23
C LEU B 486 -22.98 -12.89 -2.46
N ARG B 487 -21.64 -12.84 -2.40
CA ARG B 487 -20.82 -13.89 -1.78
C ARG B 487 -19.88 -13.20 -0.81
N ARG B 488 -20.35 -12.88 0.39
CA ARG B 488 -19.53 -12.18 1.38
C ARG B 488 -19.93 -12.63 2.77
N THR B 489 -18.96 -12.71 3.67
CA THR B 489 -19.18 -13.06 5.06
C THR B 489 -18.41 -12.12 5.96
N ARG B 490 -18.95 -11.85 7.14
CA ARG B 490 -18.58 -10.68 7.92
C ARG B 490 -18.42 -10.99 9.40
N GLN B 491 -17.23 -10.74 9.93
CA GLN B 491 -17.00 -10.75 11.36
C GLN B 491 -17.38 -9.39 11.93
N GLN B 492 -18.19 -9.39 12.99
CA GLN B 492 -18.56 -8.15 13.65
C GLN B 492 -17.39 -7.59 14.46
N VAL B 493 -17.56 -6.35 14.90
CA VAL B 493 -16.63 -5.68 15.79
C VAL B 493 -17.17 -5.83 17.20
N LEU B 494 -16.44 -6.57 18.03
CA LEU B 494 -16.88 -6.87 19.38
C LEU B 494 -16.41 -5.80 20.37
N TYR B 495 -15.09 -5.61 20.48
CA TYR B 495 -14.47 -4.50 21.18
C TYR B 495 -13.01 -4.47 20.75
N THR B 496 -12.48 -3.27 20.55
CA THR B 496 -11.15 -3.12 19.95
C THR B 496 -10.00 -3.39 20.93
N GLY B 497 -10.25 -3.98 22.09
CA GLY B 497 -9.17 -4.36 22.96
C GLY B 497 -8.71 -5.77 22.70
N ARG B 498 -7.67 -5.91 21.88
CA ARG B 498 -7.08 -7.18 21.45
C ARG B 498 -8.14 -8.10 20.83
N VAL B 499 -8.55 -7.70 19.62
CA VAL B 499 -9.31 -8.57 18.73
C VAL B 499 -8.50 -9.76 18.26
N GLY B 500 -7.18 -9.71 18.38
CA GLY B 500 -6.33 -10.84 18.05
C GLY B 500 -6.09 -10.97 16.57
N ASP B 501 -6.34 -12.17 16.04
CA ASP B 501 -6.10 -12.47 14.64
C ASP B 501 -7.34 -12.32 13.79
N ALA B 502 -8.22 -11.37 14.14
CA ALA B 502 -9.52 -11.25 13.50
C ALA B 502 -9.46 -10.60 12.13
N ARG B 503 -8.28 -10.23 11.64
CA ARG B 503 -8.15 -9.64 10.33
C ARG B 503 -6.92 -10.19 9.62
N TYR B 504 -6.59 -11.45 9.91
CA TYR B 504 -5.41 -12.10 9.28
C TYR B 504 -5.79 -13.52 8.86
N PRO B 505 -5.43 -13.98 7.64
CA PRO B 505 -5.83 -15.31 7.17
C PRO B 505 -5.37 -16.42 8.12
N HIS B 506 -6.31 -17.21 8.64
CA HIS B 506 -5.97 -18.34 9.56
C HIS B 506 -5.93 -19.63 8.74
N PRO B 507 -4.98 -20.57 8.97
CA PRO B 507 -4.86 -21.78 8.16
C PRO B 507 -6.12 -22.63 8.07
N SER B 508 -7.23 -22.26 8.70
CA SER B 508 -8.47 -22.98 8.46
C SER B 508 -9.27 -22.37 7.32
N HIS B 509 -8.74 -21.34 6.66
CA HIS B 509 -9.40 -20.77 5.50
C HIS B 509 -9.11 -21.53 4.22
N TRP B 510 -8.27 -22.55 4.28
CA TRP B 510 -7.78 -23.27 3.11
C TRP B 510 -8.91 -23.94 2.36
N GLY B 511 -9.21 -23.42 1.17
CA GLY B 511 -10.24 -23.97 0.32
C GLY B 511 -11.63 -23.45 0.57
N ARG B 512 -11.85 -22.70 1.65
CA ARG B 512 -13.19 -22.23 1.97
C ARG B 512 -13.38 -20.74 1.77
N LEU B 513 -12.53 -19.92 2.38
CA LEU B 513 -12.56 -18.49 2.14
C LEU B 513 -11.33 -18.12 1.33
N CYS B 514 -11.15 -16.83 1.07
CA CYS B 514 -10.09 -16.40 0.17
C CYS B 514 -9.00 -15.67 0.93
N PHE B 515 -7.75 -16.04 0.67
CA PHE B 515 -6.62 -15.51 1.42
C PHE B 515 -5.80 -14.51 0.61
N LEU B 516 -6.34 -13.99 -0.49
CA LEU B 516 -5.69 -12.93 -1.24
C LEU B 516 -6.51 -11.65 -1.32
N SER B 517 -7.80 -11.74 -1.56
CA SER B 517 -8.64 -10.57 -1.78
C SER B 517 -9.44 -10.25 -0.54
N THR B 518 -9.48 -8.97 -0.18
CA THR B 518 -10.22 -8.45 0.95
C THR B 518 -10.35 -6.94 0.74
N PRO B 519 -11.31 -6.27 1.37
CA PRO B 519 -11.29 -4.80 1.37
C PRO B 519 -10.14 -4.27 2.20
N ASP B 520 -9.84 -2.98 2.01
CA ASP B 520 -8.88 -2.32 2.88
C ASP B 520 -9.49 -1.04 3.42
N GLY B 521 -9.14 -0.72 4.65
CA GLY B 521 -9.69 0.46 5.28
C GLY B 521 -10.34 0.19 6.62
N GLU B 522 -11.59 0.62 6.77
CA GLU B 522 -12.29 0.50 8.04
C GLU B 522 -12.60 -0.94 8.40
N ASN B 523 -12.72 -1.82 7.41
CA ASN B 523 -13.05 -3.22 7.65
C ASN B 523 -12.13 -4.13 6.86
N CYS B 524 -10.82 -3.89 6.93
CA CYS B 524 -9.86 -4.75 6.24
C CYS B 524 -9.81 -6.09 6.94
N GLY B 525 -10.16 -7.16 6.21
CA GLY B 525 -10.07 -8.49 6.74
C GLY B 525 -11.25 -8.94 7.58
N LEU B 526 -12.22 -8.07 7.82
CA LEU B 526 -13.43 -8.52 8.52
C LEU B 526 -14.48 -9.02 7.55
N VAL B 527 -14.49 -8.51 6.32
CA VAL B 527 -15.40 -9.00 5.28
C VAL B 527 -14.59 -9.89 4.36
N LYS B 528 -14.99 -11.15 4.27
CA LYS B 528 -14.24 -12.16 3.56
C LYS B 528 -15.07 -12.73 2.42
N ASN B 529 -14.37 -13.21 1.39
CA ASN B 529 -15.00 -13.65 0.15
C ASN B 529 -15.05 -15.18 0.11
N LEU B 530 -16.25 -15.72 -0.01
CA LEU B 530 -16.44 -17.17 -0.15
C LEU B 530 -15.85 -17.63 -1.46
N SER B 531 -15.18 -18.78 -1.44
CA SER B 531 -14.41 -19.22 -2.59
C SER B 531 -15.33 -19.77 -3.67
N LEU B 532 -14.71 -20.30 -4.73
CA LEU B 532 -15.48 -20.89 -5.82
C LEU B 532 -16.19 -22.15 -5.37
N LEU B 533 -15.43 -23.17 -4.98
CA LEU B 533 -16.00 -24.46 -4.65
C LEU B 533 -16.54 -24.53 -3.23
N GLY B 534 -16.64 -23.42 -2.50
CA GLY B 534 -17.22 -23.45 -1.17
C GLY B 534 -18.71 -23.66 -1.24
N LEU B 535 -19.24 -24.33 -0.21
CA LEU B 535 -20.66 -24.60 -0.04
C LEU B 535 -20.99 -24.46 1.43
N VAL B 536 -22.26 -24.23 1.74
CA VAL B 536 -22.71 -24.04 3.11
C VAL B 536 -23.77 -25.07 3.42
N SER B 537 -23.59 -25.85 4.48
CA SER B 537 -24.58 -26.83 4.89
C SER B 537 -25.83 -26.14 5.39
N THR B 538 -26.96 -26.84 5.29
CA THR B 538 -28.26 -26.20 5.49
C THR B 538 -28.96 -26.65 6.77
N GLN B 539 -29.18 -27.94 6.97
CA GLN B 539 -29.76 -28.63 8.12
C GLN B 539 -29.77 -30.09 7.71
N ILE B 540 -29.76 -30.99 8.68
CA ILE B 540 -30.07 -32.39 8.43
C ILE B 540 -31.26 -32.74 9.32
N MET B 541 -32.38 -33.06 8.70
CA MET B 541 -33.55 -33.63 9.34
C MET B 541 -33.36 -35.14 9.41
N GLU B 542 -34.45 -35.91 9.61
CA GLU B 542 -34.51 -37.39 9.60
C GLU B 542 -33.47 -38.01 10.56
N PRO B 543 -33.79 -38.05 11.86
CA PRO B 543 -32.78 -38.19 12.92
C PRO B 543 -31.94 -39.46 12.81
N VAL B 544 -30.67 -39.33 13.18
CA VAL B 544 -29.66 -40.33 12.87
C VAL B 544 -29.00 -40.90 14.12
N VAL B 545 -29.70 -40.89 15.26
CA VAL B 545 -29.16 -41.56 16.44
C VAL B 545 -29.17 -43.07 16.26
N GLU B 546 -30.23 -43.61 15.67
CA GLU B 546 -30.34 -45.06 15.49
C GLU B 546 -29.51 -45.55 14.33
N GLU B 547 -29.05 -44.65 13.47
CA GLU B 547 -28.30 -45.05 12.30
C GLU B 547 -26.86 -45.40 12.63
N LEU B 548 -26.37 -45.02 13.81
CA LEU B 548 -24.97 -45.20 14.17
C LEU B 548 -24.70 -46.55 14.79
N PHE B 549 -25.74 -47.26 15.24
CA PHE B 549 -25.59 -48.53 15.92
C PHE B 549 -25.02 -49.63 15.03
N ASP B 550 -25.11 -49.47 13.71
CA ASP B 550 -24.84 -50.53 12.77
C ASP B 550 -23.36 -50.66 12.42
N SER B 551 -22.47 -49.95 13.11
CA SER B 551 -21.04 -50.05 12.87
C SER B 551 -20.24 -50.24 14.15
N GLY B 552 -20.87 -50.19 15.30
CA GLY B 552 -20.22 -50.19 16.60
C GLY B 552 -21.22 -49.66 17.59
N MET B 553 -20.81 -48.66 18.37
CA MET B 553 -21.72 -47.73 19.05
C MET B 553 -22.61 -48.45 20.07
N GLU B 554 -21.93 -48.99 21.08
CA GLU B 554 -22.63 -49.53 22.23
C GLU B 554 -23.29 -48.40 23.00
N GLU B 555 -24.38 -48.72 23.68
CA GLU B 555 -25.19 -47.66 24.23
C GLU B 555 -24.72 -47.32 25.66
N LEU B 556 -25.02 -46.10 26.08
CA LEU B 556 -24.54 -45.61 27.37
C LEU B 556 -25.37 -46.22 28.49
N MET B 557 -24.71 -46.49 29.62
CA MET B 557 -25.32 -47.21 30.73
C MET B 557 -26.33 -46.32 31.48
N ASP B 558 -27.00 -46.92 32.46
CA ASP B 558 -28.01 -46.22 33.25
C ASP B 558 -27.68 -46.29 34.75
N ASP B 559 -26.39 -46.23 35.07
CA ASP B 559 -25.91 -46.23 36.44
C ASP B 559 -24.47 -45.73 36.45
N THR B 560 -24.04 -45.19 37.59
CA THR B 560 -22.64 -44.81 37.70
C THR B 560 -21.76 -46.05 37.70
N SER B 561 -21.84 -46.79 38.81
CA SER B 561 -21.02 -48.02 38.98
C SER B 561 -19.59 -47.64 38.61
N THR B 562 -19.26 -47.76 37.33
CA THR B 562 -17.92 -47.40 36.82
C THR B 562 -17.49 -48.45 35.79
N PRO B 563 -18.41 -49.08 35.01
CA PRO B 563 -17.89 -50.08 34.05
C PRO B 563 -17.17 -49.46 32.86
N LEU B 564 -17.06 -48.13 32.81
CA LEU B 564 -16.59 -47.49 31.60
C LEU B 564 -15.07 -47.56 31.50
N SER B 565 -14.59 -48.26 30.49
CA SER B 565 -13.18 -48.46 30.24
C SER B 565 -12.58 -47.24 29.55
N GLY B 566 -11.40 -47.40 28.98
CA GLY B 566 -10.83 -46.39 28.12
C GLY B 566 -11.34 -46.44 26.68
N LYS B 567 -12.61 -46.80 26.50
CA LYS B 567 -13.24 -46.77 25.19
C LYS B 567 -13.50 -45.34 24.75
N HIS B 568 -13.52 -45.15 23.43
CA HIS B 568 -13.73 -43.84 22.84
C HIS B 568 -15.16 -43.35 23.05
N LYS B 569 -15.36 -42.06 22.86
CA LYS B 569 -16.63 -41.40 23.09
C LYS B 569 -17.17 -40.82 21.80
N VAL B 570 -18.45 -41.01 21.56
CA VAL B 570 -19.10 -40.54 20.35
C VAL B 570 -20.14 -39.50 20.75
N LEU B 571 -19.89 -38.25 20.40
CA LEU B 571 -20.81 -37.16 20.65
C LEU B 571 -21.61 -36.85 19.40
N LEU B 572 -22.84 -36.36 19.58
CA LEU B 572 -23.69 -35.94 18.47
C LEU B 572 -24.18 -34.53 18.77
N ASN B 573 -23.60 -33.55 18.07
CA ASN B 573 -23.86 -32.11 18.29
C ASN B 573 -23.57 -31.73 19.75
N GLY B 574 -22.50 -32.28 20.30
CA GLY B 574 -22.16 -32.03 21.69
C GLY B 574 -23.10 -32.71 22.67
N ASP B 575 -23.32 -34.01 22.49
CA ASP B 575 -24.23 -34.80 23.32
C ASP B 575 -23.76 -36.24 23.33
N TRP B 576 -23.46 -36.79 24.50
CA TRP B 576 -23.31 -38.23 24.66
C TRP B 576 -24.58 -38.94 24.27
N VAL B 577 -24.50 -39.75 23.21
CA VAL B 577 -25.53 -40.73 22.90
C VAL B 577 -24.97 -42.15 22.83
N GLY B 578 -23.68 -42.34 23.09
CA GLY B 578 -23.15 -43.69 23.16
C GLY B 578 -21.65 -43.69 23.25
N VAL B 579 -21.10 -44.90 23.20
CA VAL B 579 -19.69 -45.21 23.44
C VAL B 579 -19.31 -46.39 22.56
N CYS B 580 -18.23 -46.26 21.80
CA CYS B 580 -17.78 -47.37 20.97
C CYS B 580 -16.30 -47.65 21.26
N SER B 581 -15.81 -48.73 20.66
CA SER B 581 -14.41 -49.10 20.78
C SER B 581 -13.88 -49.55 19.42
N ASP B 582 -12.55 -49.51 19.29
CA ASP B 582 -11.82 -49.66 18.03
C ASP B 582 -12.40 -48.72 16.98
N SER B 583 -12.24 -47.42 17.25
CA SER B 583 -12.91 -46.41 16.45
C SER B 583 -12.25 -46.23 15.09
N ASP B 584 -11.02 -46.71 14.94
CA ASP B 584 -10.32 -46.66 13.66
C ASP B 584 -11.03 -47.46 12.58
N TYR B 585 -11.81 -48.47 12.97
CA TYR B 585 -12.68 -49.21 12.08
C TYR B 585 -14.08 -48.61 12.03
N PHE B 586 -14.52 -48.01 13.14
CA PHE B 586 -15.89 -47.50 13.24
C PHE B 586 -16.11 -46.28 12.36
N VAL B 587 -15.16 -45.34 12.36
CA VAL B 587 -15.34 -44.17 11.50
C VAL B 587 -15.05 -44.52 10.05
N ALA B 588 -14.22 -45.54 9.81
CA ALA B 588 -14.06 -46.06 8.45
C ALA B 588 -15.36 -46.63 7.92
N ASP B 589 -16.12 -47.31 8.78
CA ASP B 589 -17.39 -47.86 8.33
C ASP B 589 -18.46 -46.78 8.20
N LEU B 590 -18.39 -45.73 9.02
CA LEU B 590 -19.34 -44.63 8.84
C LEU B 590 -19.08 -43.87 7.55
N LYS B 591 -17.81 -43.64 7.22
CA LYS B 591 -17.49 -43.01 5.94
C LYS B 591 -17.83 -43.92 4.77
N SER B 592 -17.72 -45.23 4.96
CA SER B 592 -18.10 -46.15 3.88
C SER B 592 -19.61 -46.22 3.70
N ARG B 593 -20.38 -46.05 4.77
CA ARG B 593 -21.83 -45.94 4.60
C ARG B 593 -22.22 -44.60 3.99
N ARG B 594 -21.45 -43.53 4.26
CA ARG B 594 -21.79 -42.25 3.65
C ARG B 594 -21.46 -42.21 2.17
N ARG B 595 -20.35 -42.84 1.75
CA ARG B 595 -19.96 -42.83 0.35
C ARG B 595 -20.84 -43.71 -0.52
N GLN B 596 -21.57 -44.65 0.07
CA GLN B 596 -22.52 -45.47 -0.67
C GLN B 596 -23.92 -44.92 -0.64
N SER B 597 -24.07 -43.63 -0.30
CA SER B 597 -25.34 -42.89 -0.24
C SER B 597 -26.34 -43.59 0.68
N GLU B 598 -25.85 -43.98 1.85
CA GLU B 598 -26.68 -44.63 2.85
C GLU B 598 -26.80 -43.82 4.13
N LEU B 599 -25.86 -42.93 4.42
CA LEU B 599 -25.93 -41.87 5.39
C LEU B 599 -25.98 -40.54 4.66
N PRO B 600 -26.58 -39.50 5.26
CA PRO B 600 -26.70 -38.20 4.57
C PRO B 600 -25.35 -37.55 4.28
N ARG B 601 -25.33 -36.73 3.23
CA ARG B 601 -24.08 -36.26 2.63
C ARG B 601 -23.47 -35.08 3.34
N GLN B 602 -24.23 -34.34 4.13
CA GLN B 602 -23.78 -33.13 4.80
C GLN B 602 -23.33 -33.41 6.23
N MET B 603 -22.77 -34.58 6.49
CA MET B 603 -22.46 -35.01 7.84
C MET B 603 -20.96 -35.21 7.97
N GLU B 604 -20.36 -34.49 8.92
CA GLU B 604 -18.92 -34.56 9.17
C GLU B 604 -18.64 -35.67 10.18
N ILE B 605 -17.57 -36.41 9.94
CA ILE B 605 -17.13 -37.49 10.80
C ILE B 605 -15.75 -37.13 11.31
N LYS B 606 -15.65 -36.86 12.61
CA LYS B 606 -14.44 -36.32 13.22
C LYS B 606 -13.88 -37.31 14.22
N LEU B 607 -12.69 -37.84 13.95
CA LEU B 607 -12.02 -38.78 14.82
C LEU B 607 -10.86 -38.08 15.51
N ASP B 608 -11.05 -37.71 16.78
CA ASP B 608 -9.97 -37.14 17.57
C ASP B 608 -9.29 -38.30 18.27
N LYS B 609 -8.04 -38.57 17.87
CA LYS B 609 -7.37 -39.75 18.38
C LYS B 609 -6.70 -39.52 19.73
N ASP B 610 -6.26 -38.30 20.00
CA ASP B 610 -5.59 -37.99 21.26
C ASP B 610 -6.58 -37.82 22.42
N ASP B 611 -7.63 -37.03 22.22
CA ASP B 611 -8.60 -36.84 23.28
C ASP B 611 -9.59 -38.00 23.40
N LYS B 612 -9.45 -39.01 22.53
CA LYS B 612 -10.21 -40.26 22.54
C LYS B 612 -11.71 -39.99 22.39
N GLU B 613 -12.07 -39.45 21.23
CA GLU B 613 -13.35 -38.80 21.06
C GLU B 613 -13.76 -38.85 19.60
N VAL B 614 -15.06 -38.97 19.36
CA VAL B 614 -15.64 -38.96 18.02
C VAL B 614 -16.76 -37.93 18.02
N ARG B 615 -16.75 -37.02 17.06
CA ARG B 615 -17.81 -36.04 16.90
C ARG B 615 -18.51 -36.23 15.56
N ILE B 616 -19.84 -36.15 15.60
CA ILE B 616 -20.68 -36.27 14.41
C ILE B 616 -21.55 -35.02 14.33
N PHE B 617 -21.52 -34.34 13.18
CA PHE B 617 -22.19 -33.06 13.02
C PHE B 617 -23.31 -33.19 11.99
N THR B 618 -24.52 -32.78 12.39
CA THR B 618 -25.69 -32.67 11.52
C THR B 618 -26.23 -31.26 11.60
N ASP B 619 -25.35 -30.29 11.40
CA ASP B 619 -25.51 -28.93 11.88
C ASP B 619 -25.86 -28.01 10.71
N ALA B 620 -26.34 -26.81 11.05
CA ALA B 620 -26.85 -25.83 10.09
C ALA B 620 -25.86 -24.68 9.95
N GLY B 621 -24.95 -24.76 8.99
CA GLY B 621 -24.10 -23.61 8.78
C GLY B 621 -22.59 -23.82 8.83
N ARG B 622 -22.15 -25.03 8.51
CA ARG B 622 -20.73 -25.30 8.30
C ARG B 622 -20.34 -24.93 6.89
N LEU B 623 -19.06 -25.08 6.58
CA LEU B 623 -18.54 -24.77 5.25
C LEU B 623 -17.99 -26.03 4.61
N LEU B 624 -18.55 -26.42 3.48
CA LEU B 624 -18.23 -27.68 2.84
C LEU B 624 -17.61 -27.44 1.46
N ARG B 625 -16.73 -28.34 1.04
CA ARG B 625 -16.21 -28.28 -0.32
C ARG B 625 -15.85 -29.68 -0.82
N PRO B 626 -15.90 -29.93 -2.12
CA PRO B 626 -15.68 -31.30 -2.62
C PRO B 626 -14.24 -31.62 -2.99
N LEU B 627 -13.89 -32.90 -2.81
CA LEU B 627 -12.54 -33.39 -3.05
C LEU B 627 -12.56 -34.74 -3.75
N LEU B 628 -11.49 -35.04 -4.48
CA LEU B 628 -11.35 -36.33 -5.14
C LEU B 628 -10.94 -37.39 -4.13
N VAL B 629 -11.71 -38.46 -4.04
CA VAL B 629 -11.38 -39.58 -3.15
C VAL B 629 -10.49 -40.55 -3.90
N VAL B 630 -9.35 -40.88 -3.30
CA VAL B 630 -8.44 -41.82 -3.94
C VAL B 630 -9.01 -43.22 -3.72
N GLU B 631 -9.83 -43.66 -4.66
CA GLU B 631 -10.38 -45.00 -4.65
C GLU B 631 -9.27 -46.03 -4.83
N ASN B 632 -9.55 -47.27 -4.44
CA ASN B 632 -8.65 -48.39 -4.72
C ASN B 632 -9.06 -49.18 -5.96
N LEU B 633 -10.06 -48.72 -6.70
CA LEU B 633 -10.52 -49.45 -7.88
C LEU B 633 -10.55 -48.56 -9.11
N HIS B 634 -10.90 -47.28 -8.94
CA HIS B 634 -10.89 -46.25 -9.97
C HIS B 634 -11.77 -46.63 -11.16
N LYS B 635 -13.07 -46.61 -10.86
CA LYS B 635 -14.18 -46.82 -11.78
C LYS B 635 -14.13 -46.01 -13.08
N LEU B 636 -13.41 -44.88 -13.06
CA LEU B 636 -13.23 -44.05 -14.25
C LEU B 636 -12.53 -44.81 -15.36
N LYS B 637 -11.59 -45.69 -15.02
CA LYS B 637 -10.95 -46.53 -16.03
C LYS B 637 -11.92 -47.54 -16.61
N GLN B 638 -12.73 -48.16 -15.75
CA GLN B 638 -13.47 -49.34 -16.17
C GLN B 638 -14.75 -48.97 -16.93
N SER B 639 -15.33 -47.80 -16.62
CA SER B 639 -16.64 -47.52 -17.20
C SER B 639 -16.56 -46.56 -18.38
N LYS B 640 -16.03 -45.36 -18.15
CA LYS B 640 -15.91 -44.24 -19.08
C LYS B 640 -17.20 -43.93 -19.84
N PRO B 641 -18.19 -43.28 -19.21
CA PRO B 641 -19.24 -42.64 -20.00
C PRO B 641 -18.81 -41.26 -20.45
N SER B 642 -19.55 -40.65 -21.38
CA SER B 642 -19.24 -39.31 -21.84
C SER B 642 -19.95 -38.23 -21.05
N LYS B 643 -20.66 -38.60 -19.99
CA LYS B 643 -21.38 -37.66 -19.14
C LYS B 643 -21.13 -38.00 -17.68
N TYR B 644 -21.12 -36.96 -16.85
CA TYR B 644 -21.03 -37.12 -15.40
C TYR B 644 -21.88 -36.03 -14.76
N THR B 645 -23.08 -36.39 -14.32
CA THR B 645 -23.84 -35.49 -13.49
C THR B 645 -23.23 -35.49 -12.08
N PHE B 646 -23.45 -34.42 -11.34
CA PHE B 646 -22.78 -34.32 -10.04
C PHE B 646 -23.47 -35.18 -9.00
N GLU B 647 -24.80 -35.31 -9.11
CA GLU B 647 -25.54 -36.29 -8.30
C GLU B 647 -25.06 -37.70 -8.56
N HIS B 648 -24.64 -37.99 -9.79
CA HIS B 648 -24.08 -39.29 -10.12
C HIS B 648 -22.69 -39.50 -9.56
N LEU B 649 -21.84 -38.48 -9.56
CA LEU B 649 -20.51 -38.68 -9.01
C LEU B 649 -20.49 -38.69 -7.49
N LEU B 650 -21.53 -38.16 -6.85
CA LEU B 650 -21.60 -38.33 -5.40
C LEU B 650 -22.18 -39.67 -4.98
N ASP B 651 -22.61 -40.51 -5.92
CA ASP B 651 -23.13 -41.82 -5.55
C ASP B 651 -22.04 -42.87 -5.57
N GLN B 652 -21.11 -42.77 -6.51
CA GLN B 652 -19.99 -43.67 -6.60
C GLN B 652 -18.87 -43.31 -5.64
N GLY B 653 -18.99 -42.18 -4.94
CA GLY B 653 -18.01 -41.80 -3.94
C GLY B 653 -16.67 -41.40 -4.50
N ILE B 654 -16.62 -40.95 -5.74
CA ILE B 654 -15.37 -40.43 -6.28
C ILE B 654 -15.10 -39.03 -5.76
N LEU B 655 -16.14 -38.20 -5.68
CA LEU B 655 -16.09 -36.92 -4.99
C LEU B 655 -16.77 -37.05 -3.64
N GLU B 656 -16.57 -36.04 -2.79
CA GLU B 656 -17.02 -36.13 -1.41
C GLU B 656 -17.06 -34.73 -0.79
N LEU B 657 -18.18 -34.38 -0.18
CA LEU B 657 -18.31 -33.09 0.48
C LEU B 657 -17.70 -33.18 1.87
N ILE B 658 -16.66 -32.38 2.12
CA ILE B 658 -15.84 -32.47 3.32
C ILE B 658 -15.82 -31.11 4.01
N GLY B 659 -16.09 -31.09 5.31
CA GLY B 659 -16.01 -29.89 6.10
C GLY B 659 -14.60 -29.58 6.59
N ILE B 660 -14.52 -28.68 7.57
CA ILE B 660 -13.23 -28.22 8.07
C ILE B 660 -12.70 -29.14 9.15
N GLU B 661 -13.59 -29.55 10.06
CA GLU B 661 -13.32 -30.58 11.06
C GLU B 661 -12.74 -31.84 10.45
N GLU B 662 -13.44 -32.39 9.46
CA GLU B 662 -13.06 -33.68 8.90
C GLU B 662 -11.80 -33.61 8.05
N GLU B 663 -11.45 -32.43 7.52
CA GLU B 663 -10.39 -32.36 6.52
C GLU B 663 -9.01 -32.50 7.15
N GLU B 664 -8.87 -32.10 8.40
CA GLU B 664 -7.56 -32.12 9.05
C GLU B 664 -7.11 -33.54 9.39
N ASP B 665 -8.00 -34.53 9.27
CA ASP B 665 -7.64 -35.93 9.34
C ASP B 665 -7.35 -36.51 7.97
N CYS B 666 -7.23 -35.66 6.94
CA CYS B 666 -7.05 -36.12 5.57
C CYS B 666 -5.78 -35.52 5.00
N THR B 667 -4.88 -36.36 4.50
CA THR B 667 -3.66 -35.88 3.83
C THR B 667 -3.96 -35.78 2.35
N THR B 668 -4.09 -34.55 1.87
CA THR B 668 -4.55 -34.28 0.52
C THR B 668 -3.38 -33.80 -0.34
N ALA B 669 -3.29 -34.35 -1.55
CA ALA B 669 -2.25 -33.97 -2.49
C ALA B 669 -2.60 -32.65 -3.17
N TRP B 670 -1.62 -32.11 -3.87
CA TRP B 670 -1.80 -30.86 -4.61
C TRP B 670 -2.07 -31.08 -6.08
N GLY B 671 -2.81 -32.11 -6.43
CA GLY B 671 -3.19 -32.25 -7.80
C GLY B 671 -2.72 -33.53 -8.43
N THR B 672 -3.44 -33.96 -9.46
CA THR B 672 -3.10 -35.16 -10.19
C THR B 672 -1.86 -34.99 -11.05
N LYS B 673 -1.36 -33.75 -11.18
CA LYS B 673 -0.34 -33.27 -12.09
C LYS B 673 0.91 -34.15 -12.11
N GLN B 674 1.62 -34.21 -11.00
CA GLN B 674 2.57 -35.29 -10.78
C GLN B 674 2.47 -35.77 -9.34
N LEU B 675 1.65 -35.13 -8.52
CA LEU B 675 1.81 -35.18 -7.07
C LEU B 675 1.05 -36.33 -6.45
N LEU B 676 -0.06 -36.74 -7.05
CA LEU B 676 -0.71 -37.98 -6.65
C LEU B 676 -0.06 -39.19 -7.29
N LYS B 677 0.95 -38.98 -8.15
CA LYS B 677 1.69 -40.07 -8.77
C LYS B 677 3.06 -40.30 -8.16
N GLN B 678 3.55 -39.39 -7.32
CA GLN B 678 4.83 -39.63 -6.66
C GLN B 678 4.70 -40.67 -5.56
N GLN B 679 3.59 -40.66 -4.84
CA GLN B 679 3.40 -41.56 -3.71
C GLN B 679 2.02 -42.18 -3.80
N LYS B 680 1.67 -42.94 -2.76
CA LYS B 680 0.29 -43.30 -2.46
C LYS B 680 -0.05 -43.07 -1.00
N SER B 681 0.63 -42.14 -0.34
CA SER B 681 0.35 -41.81 1.04
C SER B 681 -0.76 -40.78 1.18
N TYR B 682 -1.50 -40.51 0.12
CA TYR B 682 -2.56 -39.54 0.10
C TYR B 682 -3.90 -40.26 0.17
N THR B 683 -4.84 -39.65 0.87
CA THR B 683 -6.20 -40.17 0.96
C THR B 683 -7.20 -39.35 0.17
N HIS B 684 -6.81 -38.18 -0.30
CA HIS B 684 -7.69 -37.35 -1.13
C HIS B 684 -6.85 -36.60 -2.14
N CYS B 685 -7.53 -35.88 -3.02
CA CYS B 685 -6.88 -34.97 -3.95
C CYS B 685 -7.81 -33.78 -4.17
N GLU B 686 -7.22 -32.61 -4.39
CA GLU B 686 -8.00 -31.43 -4.74
C GLU B 686 -8.14 -31.33 -6.24
N LEU B 687 -9.26 -30.75 -6.69
CA LEU B 687 -9.58 -30.67 -8.11
C LEU B 687 -8.55 -29.84 -8.87
N ASP B 688 -8.41 -28.57 -8.51
CA ASP B 688 -7.27 -27.78 -8.94
C ASP B 688 -7.04 -26.67 -7.93
N LEU B 689 -5.80 -26.19 -7.87
CA LEU B 689 -5.39 -25.29 -6.80
C LEU B 689 -5.88 -23.87 -7.00
N SER B 690 -6.34 -23.52 -8.20
CA SER B 690 -6.82 -22.15 -8.35
C SER B 690 -8.22 -21.96 -7.80
N PHE B 691 -8.87 -23.02 -7.35
CA PHE B 691 -10.17 -22.92 -6.71
C PHE B 691 -10.06 -22.59 -5.22
N LEU B 692 -8.85 -22.34 -4.74
CA LEU B 692 -8.69 -21.82 -3.39
C LEU B 692 -9.11 -20.36 -3.30
N LEU B 693 -9.09 -19.65 -4.41
CA LEU B 693 -9.26 -18.21 -4.42
C LEU B 693 -10.73 -17.83 -4.57
N GLY B 694 -11.00 -16.53 -4.53
CA GLY B 694 -12.35 -16.05 -4.65
C GLY B 694 -12.86 -16.08 -6.07
N VAL B 695 -14.05 -15.52 -6.25
CA VAL B 695 -14.70 -15.52 -7.56
C VAL B 695 -14.00 -14.55 -8.50
N SER B 696 -13.44 -13.46 -7.96
CA SER B 696 -12.79 -12.45 -8.77
C SER B 696 -11.28 -12.57 -8.81
N CYS B 697 -10.69 -13.30 -7.88
CA CYS B 697 -9.25 -13.46 -7.86
C CYS B 697 -8.77 -14.66 -8.66
N ALA B 698 -9.65 -15.62 -8.94
CA ALA B 698 -9.24 -16.86 -9.56
C ALA B 698 -9.03 -16.74 -11.06
N ILE B 699 -9.50 -15.66 -11.68
CA ILE B 699 -9.43 -15.49 -13.13
C ILE B 699 -8.27 -14.60 -13.56
N VAL B 700 -7.56 -14.00 -12.62
CA VAL B 700 -6.42 -13.12 -12.92
C VAL B 700 -5.28 -13.97 -13.47
N PRO B 701 -4.72 -13.62 -14.63
CA PRO B 701 -3.58 -14.39 -15.15
C PRO B 701 -2.35 -14.21 -14.29
N PHE B 702 -1.62 -15.33 -14.10
CA PHE B 702 -0.31 -15.34 -13.45
C PHE B 702 -0.38 -14.76 -12.04
N ALA B 703 -1.45 -15.08 -11.32
CA ALA B 703 -1.81 -14.28 -10.16
C ALA B 703 -0.92 -14.54 -8.96
N ASN B 704 -0.15 -15.62 -8.97
CA ASN B 704 0.80 -15.88 -7.90
C ASN B 704 2.17 -15.29 -8.17
N HIS B 705 2.31 -14.51 -9.24
CA HIS B 705 3.55 -13.81 -9.53
C HIS B 705 3.57 -12.38 -9.01
N ASP B 706 2.43 -11.75 -8.84
CA ASP B 706 2.35 -10.36 -8.45
C ASP B 706 2.54 -10.25 -6.94
N HIS B 707 2.89 -9.05 -6.49
CA HIS B 707 2.85 -8.75 -5.06
C HIS B 707 1.41 -8.82 -4.58
N GLY B 708 1.21 -9.17 -3.30
CA GLY B 708 -0.13 -9.41 -2.80
C GLY B 708 -0.99 -8.16 -2.74
N ARG B 709 -0.36 -6.99 -2.58
CA ARG B 709 -1.09 -5.74 -2.54
C ARG B 709 -1.72 -5.41 -3.89
N ARG B 710 -1.01 -5.74 -4.97
CA ARG B 710 -1.52 -5.48 -6.31
C ARG B 710 -2.71 -6.36 -6.64
N VAL B 711 -2.65 -7.63 -6.23
CA VAL B 711 -3.75 -8.56 -6.46
C VAL B 711 -4.95 -8.17 -5.60
N LEU B 712 -4.70 -7.63 -4.40
CA LEU B 712 -5.79 -7.11 -3.58
C LEU B 712 -6.48 -5.94 -4.28
N TYR B 713 -5.69 -5.03 -4.86
CA TYR B 713 -6.22 -3.91 -5.65
C TYR B 713 -7.11 -4.40 -6.77
N GLN B 714 -6.55 -5.26 -7.63
CA GLN B 714 -7.27 -5.74 -8.81
C GLN B 714 -8.53 -6.50 -8.45
N SER B 715 -8.46 -7.37 -7.45
CA SER B 715 -9.56 -8.26 -7.16
C SER B 715 -10.55 -7.70 -6.16
N GLN B 716 -10.31 -6.52 -5.61
CA GLN B 716 -11.36 -5.90 -4.80
C GLN B 716 -11.92 -4.60 -5.38
N LYS B 717 -11.10 -3.76 -6.01
CA LYS B 717 -11.58 -2.46 -6.45
C LYS B 717 -11.64 -2.33 -7.96
N HIS B 718 -10.58 -2.72 -8.69
CA HIS B 718 -10.52 -2.40 -10.11
C HIS B 718 -11.41 -3.32 -10.94
N CYS B 719 -11.60 -4.56 -10.51
CA CYS B 719 -12.54 -5.43 -11.21
C CYS B 719 -13.96 -4.99 -10.98
N GLN B 720 -14.24 -4.41 -9.83
CA GLN B 720 -15.59 -3.99 -9.50
C GLN B 720 -15.94 -2.66 -10.15
N GLN B 721 -14.99 -1.98 -10.77
CA GLN B 721 -15.23 -0.66 -11.35
C GLN B 721 -15.12 -0.60 -12.86
N ALA B 722 -14.59 -1.62 -13.52
CA ALA B 722 -14.29 -1.54 -14.94
C ALA B 722 -15.56 -1.46 -15.78
N ILE B 723 -15.49 -0.72 -16.88
CA ILE B 723 -16.63 -0.51 -17.75
C ILE B 723 -16.69 -1.66 -18.76
N GLY B 724 -17.88 -2.22 -18.95
CA GLY B 724 -18.03 -3.41 -19.75
C GLY B 724 -19.47 -3.75 -20.04
N PHE B 725 -19.84 -5.01 -19.85
CA PHE B 725 -21.23 -5.42 -20.03
C PHE B 725 -22.12 -4.76 -18.99
N CYS B 726 -23.38 -4.52 -19.34
CA CYS B 726 -24.33 -4.02 -18.36
C CYS B 726 -25.51 -4.96 -18.15
N SER B 727 -26.24 -5.29 -19.22
CA SER B 727 -27.48 -6.05 -19.13
C SER B 727 -27.88 -6.42 -20.55
N THR B 728 -28.80 -7.37 -20.66
CA THR B 728 -29.35 -7.77 -21.94
C THR B 728 -30.82 -7.40 -22.10
N ASN B 729 -31.32 -6.46 -21.30
CA ASN B 729 -32.62 -5.84 -21.55
C ASN B 729 -32.61 -4.46 -20.91
N PRO B 730 -32.01 -3.47 -21.59
CA PRO B 730 -31.85 -2.15 -21.00
C PRO B 730 -33.10 -1.30 -20.97
N ASN B 731 -34.22 -1.81 -21.45
CA ASN B 731 -35.46 -1.05 -21.53
C ASN B 731 -36.24 -1.05 -20.23
N ILE B 732 -35.80 -1.84 -19.25
CA ILE B 732 -36.52 -1.99 -17.99
C ILE B 732 -35.73 -1.49 -16.80
N ARG B 733 -34.40 -1.57 -16.83
CA ARG B 733 -33.55 -1.07 -15.76
C ARG B 733 -33.58 0.46 -15.77
N CYS B 734 -34.38 1.03 -14.88
CA CYS B 734 -34.47 2.48 -14.71
C CYS B 734 -33.71 2.84 -13.44
N ASP B 735 -32.40 3.01 -13.57
CA ASP B 735 -31.54 3.32 -12.44
C ASP B 735 -30.58 4.42 -12.85
N THR B 736 -29.95 5.03 -11.85
CA THR B 736 -29.02 6.12 -12.10
C THR B 736 -27.69 5.56 -12.60
N LEU B 737 -27.23 6.08 -13.73
CA LEU B 737 -25.90 5.84 -14.30
C LEU B 737 -25.68 4.35 -14.60
N SER B 738 -26.41 3.88 -15.59
CA SER B 738 -26.06 2.65 -16.29
C SER B 738 -24.97 2.97 -17.31
N GLN B 739 -23.95 2.12 -17.40
CA GLN B 739 -22.87 2.34 -18.36
C GLN B 739 -22.52 1.05 -19.08
N GLN B 740 -21.83 1.18 -20.20
CA GLN B 740 -21.61 0.07 -21.12
C GLN B 740 -20.57 0.47 -22.16
N LEU B 741 -19.77 -0.50 -22.61
CA LEU B 741 -18.90 -0.26 -23.74
C LEU B 741 -19.67 -0.44 -25.05
N PHE B 742 -18.93 -0.37 -26.16
CA PHE B 742 -19.44 -0.81 -27.46
C PHE B 742 -19.05 -2.25 -27.77
N TYR B 743 -17.75 -2.54 -27.77
CA TYR B 743 -17.22 -3.82 -28.21
C TYR B 743 -16.49 -4.51 -27.06
N PRO B 744 -17.19 -5.22 -26.19
CA PRO B 744 -16.51 -5.94 -25.13
C PRO B 744 -15.83 -7.17 -25.69
N GLN B 745 -14.85 -7.68 -24.94
CA GLN B 745 -14.02 -8.79 -25.40
C GLN B 745 -13.73 -9.74 -24.26
N ARG B 746 -13.14 -10.88 -24.62
CA ARG B 746 -12.56 -11.87 -23.73
C ARG B 746 -11.05 -11.84 -23.91
N PRO B 747 -10.27 -12.32 -22.94
CA PRO B 747 -8.81 -12.31 -23.12
C PRO B 747 -8.31 -13.40 -24.06
N LEU B 748 -7.09 -13.19 -24.57
CA LEU B 748 -6.45 -14.17 -25.43
C LEU B 748 -6.08 -15.45 -24.70
N PHE B 749 -5.66 -15.35 -23.45
CA PHE B 749 -5.28 -16.51 -22.66
C PHE B 749 -6.53 -17.23 -22.15
N LYS B 750 -6.32 -18.25 -21.32
CA LYS B 750 -7.41 -18.93 -20.63
C LYS B 750 -6.99 -19.21 -19.21
N THR B 751 -7.93 -19.11 -18.28
CA THR B 751 -7.74 -19.62 -16.93
C THR B 751 -8.68 -20.79 -16.72
N MET B 752 -8.44 -21.53 -15.63
CA MET B 752 -9.24 -22.70 -15.33
C MET B 752 -10.67 -22.33 -14.99
N ALA B 753 -10.84 -21.35 -14.10
CA ALA B 753 -12.17 -21.02 -13.59
C ALA B 753 -13.02 -20.33 -14.64
N SER B 754 -12.41 -19.51 -15.50
CA SER B 754 -13.16 -18.87 -16.57
C SER B 754 -13.61 -19.88 -17.62
N GLU B 755 -12.89 -20.99 -17.74
CA GLU B 755 -13.29 -22.02 -18.68
C GLU B 755 -14.37 -22.93 -18.09
N CYS B 756 -14.30 -23.21 -16.80
CA CYS B 756 -15.33 -24.06 -16.21
C CYS B 756 -16.62 -23.28 -15.97
N LEU B 757 -16.52 -21.99 -15.70
CA LEU B 757 -17.72 -21.18 -15.50
C LEU B 757 -18.42 -20.87 -16.80
N GLN B 758 -17.65 -20.57 -17.86
CA GLN B 758 -18.13 -20.14 -19.17
C GLN B 758 -19.03 -18.90 -19.07
N LYS B 759 -18.53 -17.88 -18.39
CA LYS B 759 -19.15 -16.57 -18.39
C LYS B 759 -18.11 -15.63 -18.98
N ASP B 760 -18.39 -15.08 -20.15
CA ASP B 760 -17.49 -14.06 -20.68
C ASP B 760 -17.80 -12.69 -20.11
N VAL B 761 -18.79 -12.60 -19.22
CA VAL B 761 -19.08 -11.37 -18.50
C VAL B 761 -18.21 -11.17 -17.28
N LEU B 762 -17.23 -12.04 -17.07
CA LEU B 762 -16.26 -11.90 -15.99
C LEU B 762 -15.04 -11.11 -16.45
N PHE B 763 -15.08 -10.49 -17.62
CA PHE B 763 -13.95 -9.78 -18.19
C PHE B 763 -14.50 -8.54 -18.87
N ASN B 764 -14.10 -7.37 -18.42
CA ASN B 764 -14.72 -6.12 -18.84
C ASN B 764 -13.62 -5.16 -19.27
N GLY B 765 -13.22 -5.26 -20.52
CA GLY B 765 -12.17 -4.41 -21.03
C GLY B 765 -11.78 -4.91 -22.40
N GLN B 766 -10.69 -4.38 -22.96
CA GLN B 766 -10.31 -4.71 -24.32
C GLN B 766 -8.83 -5.06 -24.39
N ASN B 767 -8.46 -5.78 -25.44
CA ASN B 767 -7.13 -6.32 -25.60
C ASN B 767 -6.25 -5.29 -26.28
N ALA B 768 -5.66 -4.41 -25.48
CA ALA B 768 -4.78 -3.39 -26.01
C ALA B 768 -3.40 -3.96 -26.27
N ILE B 769 -2.68 -3.33 -27.20
CA ILE B 769 -1.29 -3.66 -27.47
C ILE B 769 -0.41 -2.68 -26.74
N VAL B 770 0.48 -3.19 -25.90
CA VAL B 770 1.26 -2.34 -25.00
C VAL B 770 2.74 -2.47 -25.34
N ALA B 771 3.39 -1.33 -25.51
CA ALA B 771 4.83 -1.26 -25.70
C ALA B 771 5.41 -0.45 -24.55
N VAL B 772 6.46 -0.97 -23.92
CA VAL B 772 7.14 -0.23 -22.88
C VAL B 772 8.30 0.54 -23.50
N ASN B 773 8.22 1.86 -23.42
CA ASN B 773 9.22 2.72 -24.00
C ASN B 773 9.07 4.11 -23.39
N VAL B 774 10.14 4.88 -23.42
CA VAL B 774 10.08 6.28 -23.06
C VAL B 774 9.41 7.04 -24.19
N HIS B 775 8.38 7.79 -23.85
CA HIS B 775 7.82 8.74 -24.80
C HIS B 775 8.49 10.07 -24.52
N LEU B 776 7.92 11.16 -25.01
CA LEU B 776 8.57 12.46 -24.81
C LEU B 776 8.51 12.98 -23.37
N GLY B 777 8.05 12.28 -22.37
CA GLY B 777 7.89 12.82 -21.04
C GLY B 777 6.49 12.97 -20.63
N PHE B 778 5.57 12.31 -21.31
CA PHE B 778 4.15 12.41 -21.02
C PHE B 778 3.63 11.20 -20.27
N ASN B 779 4.41 10.11 -20.22
CA ASN B 779 4.01 8.90 -19.53
C ASN B 779 4.76 8.71 -18.21
N GLN B 780 5.34 9.77 -17.67
CA GLN B 780 5.99 9.72 -16.37
C GLN B 780 4.97 9.68 -15.27
N GLU B 781 5.42 9.26 -14.08
CA GLU B 781 4.67 9.26 -12.84
C GLU B 781 3.39 8.46 -12.98
N ASP B 782 3.50 7.26 -13.54
CA ASP B 782 2.33 6.34 -13.70
C ASP B 782 1.26 6.99 -14.60
N SER B 783 1.66 7.57 -15.73
CA SER B 783 0.67 8.11 -16.70
C SER B 783 0.78 7.31 -18.00
N ILE B 784 -0.30 7.20 -18.79
CA ILE B 784 -0.24 6.34 -19.97
C ILE B 784 -0.54 7.16 -21.22
N VAL B 785 -0.08 6.64 -22.35
CA VAL B 785 -0.17 7.29 -23.66
C VAL B 785 -0.90 6.37 -24.63
N MET B 786 -1.99 6.84 -25.21
CA MET B 786 -2.76 6.05 -26.16
C MET B 786 -2.44 6.46 -27.59
N ASN B 787 -3.25 5.94 -28.51
CA ASN B 787 -3.12 6.17 -29.94
C ASN B 787 -4.44 6.74 -30.42
N LYS B 788 -4.38 7.83 -31.18
CA LYS B 788 -5.62 8.50 -31.55
C LYS B 788 -6.36 7.73 -32.63
N ALA B 789 -5.61 7.07 -33.52
CA ALA B 789 -6.21 6.29 -34.58
C ALA B 789 -6.99 5.10 -34.03
N SER B 790 -6.44 4.45 -33.01
CA SER B 790 -7.15 3.35 -32.35
C SER B 790 -8.38 3.86 -31.63
N LEU B 791 -8.30 5.05 -31.03
CA LEU B 791 -9.46 5.62 -30.38
C LEU B 791 -10.56 5.99 -31.36
N GLU B 792 -10.21 6.27 -32.61
CA GLU B 792 -11.20 6.67 -33.58
C GLU B 792 -11.87 5.51 -34.28
N ARG B 793 -11.37 4.29 -34.12
CA ARG B 793 -12.03 3.15 -34.70
C ARG B 793 -13.01 2.48 -33.73
N GLY B 794 -13.21 3.06 -32.56
CA GLY B 794 -14.21 2.59 -31.61
C GLY B 794 -13.65 2.08 -30.31
N MET B 795 -12.34 2.00 -30.16
CA MET B 795 -11.73 1.35 -29.00
C MET B 795 -11.96 2.15 -27.74
N PHE B 796 -12.40 1.46 -26.68
CA PHE B 796 -12.78 1.98 -25.37
C PHE B 796 -13.88 3.03 -25.43
N ARG B 797 -14.73 3.04 -26.45
CA ARG B 797 -15.79 4.03 -26.51
C ARG B 797 -16.97 3.56 -25.68
N SER B 798 -17.36 4.33 -24.68
CA SER B 798 -18.41 3.91 -23.77
C SER B 798 -19.71 4.64 -24.08
N GLU B 799 -20.70 4.41 -23.22
CA GLU B 799 -22.06 4.90 -23.43
C GLU B 799 -22.80 4.87 -22.11
N GLN B 800 -23.17 6.04 -21.59
CA GLN B 800 -23.81 6.08 -20.28
C GLN B 800 -25.27 6.50 -20.42
N ILE B 801 -26.08 6.12 -19.42
CA ILE B 801 -27.51 6.37 -19.40
C ILE B 801 -27.89 6.72 -17.97
N ARG B 802 -28.44 7.92 -17.77
CA ARG B 802 -28.81 8.40 -16.45
C ARG B 802 -30.29 8.68 -16.41
N SER B 803 -30.90 8.50 -15.24
CA SER B 803 -32.34 8.55 -15.10
C SER B 803 -32.78 9.58 -14.08
N TYR B 804 -33.83 10.33 -14.41
CA TYR B 804 -34.30 11.47 -13.63
C TYR B 804 -35.75 11.25 -13.23
N LYS B 805 -36.05 11.51 -11.95
CA LYS B 805 -37.24 10.95 -11.31
C LYS B 805 -37.97 12.02 -10.51
N ALA B 806 -39.30 11.90 -10.47
CA ALA B 806 -40.16 12.84 -9.74
C ALA B 806 -41.47 12.14 -9.42
N ASP B 807 -42.32 12.82 -8.63
CA ASP B 807 -43.53 12.20 -8.10
C ASP B 807 -44.52 13.24 -7.60
N VAL B 808 -45.80 12.86 -7.60
CA VAL B 808 -46.91 13.70 -7.15
C VAL B 808 -47.99 12.79 -6.56
N ASP B 809 -48.91 13.38 -5.80
CA ASP B 809 -49.95 12.57 -5.09
C ASP B 809 -50.83 11.77 -6.06
N SER B 810 -51.89 11.14 -5.54
CA SER B 810 -52.79 10.29 -6.36
C SER B 810 -53.42 11.10 -7.50
N LYS B 811 -54.70 11.46 -7.38
CA LYS B 811 -55.35 12.17 -8.47
C LYS B 811 -55.93 13.47 -7.96
N ASP B 812 -56.72 13.36 -6.90
CA ASP B 812 -57.39 14.50 -6.29
C ASP B 812 -57.44 14.43 -4.77
N SER B 813 -57.18 13.27 -4.18
CA SER B 813 -57.44 13.03 -2.77
C SER B 813 -56.39 13.72 -1.90
N GLU B 814 -56.66 13.75 -0.61
CA GLU B 814 -55.60 14.00 0.36
C GLU B 814 -54.87 12.70 0.68
N LYS B 815 -55.55 11.57 0.51
CA LYS B 815 -54.98 10.26 0.74
C LYS B 815 -54.26 9.74 -0.50
N ASP B 820 -53.01 25.50 -4.69
CA ASP B 820 -53.23 24.21 -4.06
C ASP B 820 -51.94 23.41 -4.15
N GLU B 821 -51.81 22.37 -3.32
CA GLU B 821 -50.60 21.56 -3.34
C GLU B 821 -50.63 20.46 -4.38
N VAL B 822 -51.56 20.50 -5.34
CA VAL B 822 -51.57 19.54 -6.44
C VAL B 822 -50.53 20.02 -7.46
N VAL B 823 -49.52 19.20 -7.70
CA VAL B 823 -48.37 19.62 -8.50
C VAL B 823 -48.38 18.73 -9.74
N GLN B 824 -49.60 18.48 -10.24
CA GLN B 824 -49.88 17.58 -11.37
C GLN B 824 -48.99 17.86 -12.58
N PHE B 825 -48.51 16.78 -13.19
CA PHE B 825 -47.54 16.87 -14.29
C PHE B 825 -48.16 17.55 -15.50
N GLY B 826 -47.67 18.74 -15.82
CA GLY B 826 -48.21 19.49 -16.92
C GLY B 826 -47.18 20.41 -17.51
N LYS B 827 -47.64 21.26 -18.42
CA LYS B 827 -46.76 22.16 -19.15
C LYS B 827 -46.56 23.50 -18.44
N THR B 828 -47.65 24.15 -18.02
CA THR B 828 -47.66 25.51 -17.47
C THR B 828 -47.01 26.48 -18.48
N HIS B 829 -47.80 26.77 -19.52
CA HIS B 829 -47.37 27.46 -20.74
C HIS B 829 -46.83 28.87 -20.54
N SER B 830 -46.83 29.41 -19.31
CA SER B 830 -46.48 30.80 -19.06
C SER B 830 -44.98 31.09 -19.02
N LYS B 831 -44.16 30.16 -19.53
CA LYS B 831 -42.71 30.33 -19.79
C LYS B 831 -41.96 30.67 -18.51
N ILE B 832 -41.86 29.64 -17.65
CA ILE B 832 -41.08 29.77 -16.43
C ILE B 832 -39.59 29.69 -16.73
N GLY B 833 -39.14 28.58 -17.31
CA GLY B 833 -37.73 28.39 -17.62
C GLY B 833 -37.44 28.23 -19.09
N ARG B 834 -37.06 27.02 -19.51
CA ARG B 834 -36.85 26.70 -20.91
C ARG B 834 -37.73 25.50 -21.26
N VAL B 835 -38.62 25.67 -22.22
CA VAL B 835 -39.64 24.67 -22.51
C VAL B 835 -39.66 24.33 -24.00
N ASP B 836 -38.49 24.38 -24.64
CA ASP B 836 -38.42 24.13 -26.08
C ASP B 836 -38.73 22.68 -26.45
N SER B 837 -38.53 21.75 -25.52
CA SER B 837 -38.66 20.34 -25.85
C SER B 837 -39.79 19.63 -25.13
N LEU B 838 -40.40 20.26 -24.13
CA LEU B 838 -41.47 19.61 -23.39
C LEU B 838 -42.74 19.54 -24.23
N ASP B 839 -43.52 18.49 -24.01
CA ASP B 839 -44.80 18.35 -24.65
C ASP B 839 -45.89 18.84 -23.70
N ASP B 840 -47.15 18.59 -24.06
CA ASP B 840 -48.25 19.09 -23.26
C ASP B 840 -48.41 18.30 -21.97
N ASP B 841 -47.96 17.05 -21.95
CA ASP B 841 -48.10 16.18 -20.78
C ASP B 841 -47.18 16.58 -19.64
N GLY B 842 -46.11 17.33 -19.91
CA GLY B 842 -45.14 17.70 -18.91
C GLY B 842 -43.80 17.05 -19.10
N PHE B 843 -43.62 16.29 -20.17
CA PHE B 843 -42.41 15.51 -20.37
C PHE B 843 -41.96 15.71 -21.82
N PRO B 844 -40.66 15.61 -22.09
CA PRO B 844 -40.19 15.78 -23.46
C PRO B 844 -40.55 14.65 -24.40
N PHE B 845 -40.10 14.74 -25.64
CA PHE B 845 -40.35 13.69 -26.62
C PHE B 845 -39.14 12.77 -26.70
N VAL B 846 -39.22 11.77 -27.56
CA VAL B 846 -38.33 10.62 -27.49
C VAL B 846 -37.24 10.71 -28.57
N GLY B 847 -36.87 11.92 -28.95
CA GLY B 847 -35.74 12.08 -29.83
C GLY B 847 -35.01 13.36 -29.53
N ALA B 848 -35.29 13.95 -28.37
CA ALA B 848 -34.83 15.28 -28.03
C ALA B 848 -33.32 15.30 -27.81
N ASN B 849 -32.78 16.50 -27.66
CA ASN B 849 -31.35 16.74 -27.58
C ASN B 849 -31.07 17.65 -26.39
N MET B 850 -31.54 17.22 -25.22
CA MET B 850 -31.55 18.01 -23.98
C MET B 850 -30.16 18.58 -23.65
N HIS B 851 -30.13 19.88 -23.39
CA HIS B 851 -28.93 20.71 -23.40
C HIS B 851 -28.34 20.78 -22.00
N SER B 852 -27.43 21.75 -21.83
CA SER B 852 -26.66 21.91 -20.60
C SER B 852 -27.54 22.15 -19.38
N GLY B 853 -28.60 22.95 -19.53
CA GLY B 853 -29.49 23.20 -18.39
C GLY B 853 -30.87 23.55 -18.95
N ASP B 854 -31.78 22.57 -18.92
CA ASP B 854 -33.13 22.73 -19.43
C ASP B 854 -34.10 22.30 -18.35
N ILE B 855 -35.38 22.27 -18.70
CA ILE B 855 -36.38 21.64 -17.83
C ILE B 855 -36.60 20.21 -18.31
N VAL B 856 -36.45 19.25 -17.40
CA VAL B 856 -36.53 17.85 -17.76
C VAL B 856 -37.84 17.20 -17.34
N ILE B 857 -38.47 17.63 -16.25
CA ILE B 857 -39.81 17.20 -15.89
C ILE B 857 -40.61 18.43 -15.49
N GLY B 858 -41.75 18.64 -16.14
CA GLY B 858 -42.63 19.75 -15.82
C GLY B 858 -43.55 19.46 -14.67
N ARG B 859 -43.03 19.51 -13.45
CA ARG B 859 -43.82 19.25 -12.25
C ARG B 859 -44.22 20.59 -11.66
N CYS B 860 -45.18 21.25 -12.30
CA CYS B 860 -45.64 22.55 -11.85
C CYS B 860 -47.11 22.48 -11.50
N THR B 861 -47.50 23.31 -10.53
CA THR B 861 -48.87 23.37 -10.05
C THR B 861 -49.71 24.21 -11.01
N GLU B 862 -50.93 24.55 -10.59
CA GLU B 862 -51.86 25.20 -11.50
C GLU B 862 -51.63 26.71 -11.56
N SER B 863 -51.32 27.34 -10.44
CA SER B 863 -51.15 28.78 -10.39
C SER B 863 -49.86 29.22 -9.74
N GLY B 864 -49.35 28.50 -8.75
CA GLY B 864 -48.15 28.91 -8.06
C GLY B 864 -46.90 28.72 -8.88
N THR B 865 -45.76 28.92 -8.22
CA THR B 865 -44.48 28.83 -8.88
C THR B 865 -44.13 27.38 -9.19
N ASP B 866 -43.01 27.22 -9.90
CA ASP B 866 -42.60 25.91 -10.40
C ASP B 866 -42.04 25.06 -9.26
N HIS B 867 -42.42 23.79 -9.25
CA HIS B 867 -41.70 22.77 -8.51
C HIS B 867 -40.95 21.83 -9.45
N SER B 868 -40.73 22.25 -10.68
CA SER B 868 -40.24 21.38 -11.74
C SER B 868 -38.77 21.04 -11.53
N VAL B 869 -38.43 19.81 -11.86
CA VAL B 869 -37.06 19.34 -11.78
C VAL B 869 -36.30 19.93 -12.96
N LYS B 870 -35.08 20.38 -12.69
CA LYS B 870 -34.26 20.95 -13.76
C LYS B 870 -32.88 20.31 -13.73
N LEU B 871 -32.24 20.33 -14.89
CA LEU B 871 -30.86 19.89 -15.00
C LEU B 871 -29.94 20.87 -14.30
N LYS B 872 -28.86 20.35 -13.76
CA LYS B 872 -27.76 21.13 -13.20
C LYS B 872 -26.72 21.35 -14.30
N HIS B 873 -25.53 21.78 -13.89
CA HIS B 873 -24.53 22.29 -14.83
C HIS B 873 -23.95 21.22 -15.74
N THR B 874 -23.92 19.96 -15.30
CA THR B 874 -23.11 18.98 -16.02
C THR B 874 -23.92 17.76 -16.46
N GLU B 875 -25.21 17.92 -16.73
CA GLU B 875 -25.96 16.80 -17.27
C GLU B 875 -26.78 17.22 -18.48
N ARG B 876 -26.76 16.38 -19.50
CA ARG B 876 -27.25 16.64 -20.85
C ARG B 876 -27.33 15.31 -21.59
N GLY B 877 -28.09 15.28 -22.67
CA GLY B 877 -28.04 14.12 -23.53
C GLY B 877 -29.37 13.80 -24.18
N ILE B 878 -29.30 12.93 -25.19
CA ILE B 878 -30.45 12.54 -25.99
C ILE B 878 -31.41 11.69 -25.17
N VAL B 879 -32.70 11.99 -25.29
CA VAL B 879 -33.72 11.23 -24.58
C VAL B 879 -33.86 9.85 -25.17
N GLN B 880 -33.83 8.83 -24.31
CA GLN B 880 -33.97 7.44 -24.69
C GLN B 880 -35.37 6.88 -24.47
N LYS B 881 -35.95 7.07 -23.28
CA LYS B 881 -37.32 6.63 -23.06
C LYS B 881 -37.95 7.45 -21.94
N VAL B 882 -39.26 7.37 -21.86
CA VAL B 882 -40.05 8.01 -20.80
C VAL B 882 -40.93 6.94 -20.19
N VAL B 883 -40.81 6.73 -18.88
CA VAL B 883 -41.57 5.70 -18.17
C VAL B 883 -42.42 6.40 -17.11
N LEU B 884 -43.71 6.07 -17.08
CA LEU B 884 -44.67 6.71 -16.18
C LEU B 884 -45.44 5.65 -15.43
N SER B 885 -45.09 5.37 -14.18
CA SER B 885 -45.78 4.38 -13.38
C SER B 885 -46.41 5.03 -12.16
N SER B 886 -46.94 4.20 -11.26
CA SER B 886 -47.65 4.68 -10.09
C SER B 886 -47.60 3.64 -8.99
N ASN B 887 -48.28 3.96 -7.88
CA ASN B 887 -48.30 3.15 -6.67
C ASN B 887 -49.75 2.80 -6.36
N ASP B 888 -50.01 2.15 -5.22
CA ASP B 888 -51.38 1.81 -4.84
C ASP B 888 -52.20 3.05 -4.52
N ASP B 889 -51.67 3.93 -3.67
CA ASP B 889 -52.38 5.19 -3.42
C ASP B 889 -52.03 6.26 -4.43
N GLY B 890 -52.10 5.91 -5.72
CA GLY B 890 -52.02 6.84 -6.84
C GLY B 890 -50.73 7.63 -7.02
N LYS B 891 -49.70 7.31 -6.24
CA LYS B 891 -48.50 8.14 -6.18
C LYS B 891 -47.75 7.99 -7.49
N ASN B 892 -48.03 8.88 -8.44
CA ASN B 892 -47.62 8.72 -9.82
C ASN B 892 -46.13 9.00 -9.96
N TYR B 893 -45.43 8.10 -10.63
CA TYR B 893 -43.99 8.13 -10.74
C TYR B 893 -43.59 8.40 -12.18
N ALA B 894 -42.48 9.12 -12.33
CA ALA B 894 -42.05 9.57 -13.65
C ALA B 894 -40.57 9.28 -13.80
N THR B 895 -40.19 8.79 -14.97
CA THR B 895 -38.83 8.34 -15.22
C THR B 895 -38.42 8.75 -16.61
N VAL B 896 -37.33 9.50 -16.71
CA VAL B 896 -36.80 9.97 -17.98
C VAL B 896 -35.32 9.62 -18.03
N SER B 897 -34.90 8.95 -19.11
CA SER B 897 -33.53 8.52 -19.24
C SER B 897 -32.85 9.26 -20.40
N LEU B 898 -31.66 9.80 -20.14
CA LEU B 898 -30.87 10.50 -21.14
C LEU B 898 -29.73 9.58 -21.58
N ARG B 899 -29.25 9.76 -22.80
CA ARG B 899 -28.17 8.93 -23.32
C ARG B 899 -27.02 9.81 -23.79
N GLN B 900 -25.79 9.31 -23.62
CA GLN B 900 -24.59 10.00 -24.09
C GLN B 900 -23.60 8.98 -24.61
N VAL B 901 -22.73 9.44 -25.50
CA VAL B 901 -21.63 8.64 -26.03
C VAL B 901 -20.35 9.37 -25.71
N ARG B 902 -19.41 8.68 -25.07
CA ARG B 902 -18.15 9.29 -24.66
C ARG B 902 -16.98 8.51 -25.24
N SER B 903 -16.10 9.16 -25.73
CA SER B 903 -14.78 8.66 -26.03
C SER B 903 -13.86 9.04 -24.87
N PRO B 904 -12.80 8.28 -24.59
CA PRO B 904 -11.99 8.60 -23.41
C PRO B 904 -11.14 9.84 -23.63
N CYS B 905 -11.27 10.79 -22.71
CA CYS B 905 -10.63 12.08 -22.80
C CYS B 905 -9.27 12.04 -22.13
N LEU B 906 -8.63 13.21 -22.04
CA LEU B 906 -7.25 13.34 -21.58
C LEU B 906 -7.16 13.38 -20.05
N GLY B 907 -8.20 12.99 -19.34
CA GLY B 907 -8.12 12.97 -17.90
C GLY B 907 -8.55 11.67 -17.27
N ASP B 908 -8.81 10.66 -18.09
CA ASP B 908 -9.44 9.44 -17.63
C ASP B 908 -8.39 8.44 -17.15
N LYS B 909 -8.87 7.44 -16.42
CA LYS B 909 -8.03 6.48 -15.73
C LYS B 909 -8.23 5.08 -16.29
N PHE B 910 -7.14 4.34 -16.42
CA PHE B 910 -7.15 2.98 -16.94
C PHE B 910 -6.28 2.13 -16.03
N SER B 911 -6.23 0.82 -16.29
CA SER B 911 -5.48 -0.10 -15.45
C SER B 911 -5.27 -1.42 -16.17
N SER B 912 -4.27 -2.17 -15.76
CA SER B 912 -4.04 -3.49 -16.32
C SER B 912 -4.73 -4.53 -15.46
N MET B 913 -4.43 -5.80 -15.68
CA MET B 913 -4.91 -6.91 -14.86
C MET B 913 -4.06 -7.15 -13.63
N HIS B 914 -3.19 -6.21 -13.27
CA HIS B 914 -2.19 -6.45 -12.25
C HIS B 914 -2.03 -5.26 -11.31
N GLY B 915 -3.09 -4.46 -11.14
CA GLY B 915 -3.03 -3.34 -10.22
C GLY B 915 -2.10 -2.22 -10.63
N GLN B 916 -1.92 -2.04 -11.93
CA GLN B 916 -0.95 -1.10 -12.48
C GLN B 916 -1.74 -0.02 -13.20
N LYS B 917 -2.20 0.99 -12.46
CA LYS B 917 -3.13 1.94 -13.04
C LYS B 917 -2.46 3.27 -13.37
N GLY B 918 -3.14 4.06 -14.18
CA GLY B 918 -2.63 5.34 -14.59
C GLY B 918 -3.72 6.31 -15.00
N VAL B 919 -3.30 7.42 -15.59
CA VAL B 919 -4.19 8.40 -16.20
C VAL B 919 -3.73 8.61 -17.63
N LEU B 920 -4.69 8.61 -18.57
CA LEU B 920 -4.39 8.97 -19.96
C LEU B 920 -3.93 10.41 -20.01
N GLY B 921 -2.66 10.62 -20.31
CA GLY B 921 -2.14 11.96 -20.27
C GLY B 921 -1.83 12.58 -21.61
N TYR B 922 -1.75 11.77 -22.66
CA TYR B 922 -1.31 12.29 -23.95
C TYR B 922 -1.82 11.39 -25.06
N ILE B 923 -2.66 11.94 -25.92
CA ILE B 923 -3.23 11.21 -27.04
C ILE B 923 -2.45 11.59 -28.29
N GLU B 924 -1.81 10.61 -28.90
CA GLU B 924 -0.83 10.80 -29.95
C GLU B 924 -1.37 10.31 -31.29
N GLU B 925 -1.07 11.06 -32.35
CA GLU B 925 -1.43 10.69 -33.71
C GLU B 925 -0.58 9.52 -34.20
N GLN B 926 -1.09 8.85 -35.25
CA GLN B 926 -0.64 7.50 -35.57
C GLN B 926 0.78 7.47 -36.15
N GLU B 927 1.09 8.40 -37.02
CA GLU B 927 2.36 8.23 -37.73
C GLU B 927 3.57 8.65 -36.93
N ASN B 928 3.50 8.87 -35.63
CA ASN B 928 4.67 9.22 -34.85
C ASN B 928 5.13 8.09 -33.93
N PHE B 929 4.34 7.05 -33.78
CA PHE B 929 4.75 5.90 -33.00
C PHE B 929 5.83 5.12 -33.70
N ALA B 930 6.56 4.35 -32.91
CA ALA B 930 7.54 3.43 -33.44
C ALA B 930 6.81 2.26 -34.07
N PHE B 931 7.26 1.83 -35.24
CA PHE B 931 6.59 0.79 -35.99
C PHE B 931 7.56 -0.35 -36.26
N THR B 932 7.03 -1.56 -36.30
CA THR B 932 7.85 -2.72 -36.58
C THR B 932 7.88 -2.96 -38.08
N ASN B 933 8.61 -4.01 -38.49
CA ASN B 933 8.76 -4.28 -39.91
C ASN B 933 7.49 -4.81 -40.56
N GLN B 934 6.52 -5.28 -39.76
CA GLN B 934 5.18 -5.53 -40.27
C GLN B 934 4.32 -4.29 -40.28
N GLY B 935 4.76 -3.21 -39.65
CA GLY B 935 3.97 -2.00 -39.60
C GLY B 935 3.04 -1.90 -38.43
N ILE B 936 3.27 -2.66 -37.37
CA ILE B 936 2.37 -2.66 -36.23
C ILE B 936 2.71 -1.47 -35.34
N VAL B 937 1.67 -0.86 -34.78
CA VAL B 937 1.75 0.34 -33.95
C VAL B 937 1.17 -0.05 -32.60
N PRO B 938 1.66 0.46 -31.48
CA PRO B 938 1.02 0.16 -30.20
C PRO B 938 -0.25 0.96 -30.00
N ASP B 939 -1.08 0.48 -29.10
CA ASP B 939 -2.31 1.19 -28.74
C ASP B 939 -2.18 1.94 -27.44
N ILE B 940 -1.30 1.47 -26.56
CA ILE B 940 -1.01 2.10 -25.28
C ILE B 940 0.50 1.97 -25.06
N VAL B 941 1.14 3.07 -24.68
CA VAL B 941 2.57 3.07 -24.39
C VAL B 941 2.75 3.48 -22.93
N ILE B 942 3.50 2.69 -22.18
CA ILE B 942 3.78 2.98 -20.78
C ILE B 942 5.28 3.01 -20.54
N ASN B 943 5.65 3.52 -19.36
CA ASN B 943 7.00 3.90 -18.94
C ASN B 943 7.69 2.70 -18.31
N PRO B 944 8.94 2.39 -18.68
CA PRO B 944 9.64 1.27 -18.05
C PRO B 944 10.10 1.52 -16.63
N HIS B 945 9.87 2.70 -16.06
CA HIS B 945 10.15 2.91 -14.64
C HIS B 945 9.06 2.38 -13.73
N ALA B 946 8.03 1.74 -14.26
CA ALA B 946 6.97 1.23 -13.41
C ALA B 946 7.22 -0.19 -12.94
N PHE B 947 8.01 -0.95 -13.67
CA PHE B 947 8.15 -2.38 -13.38
C PHE B 947 9.17 -2.82 -12.34
N PRO B 948 10.41 -2.29 -12.26
CA PRO B 948 11.34 -2.84 -11.27
C PRO B 948 11.02 -2.50 -9.83
N SER B 949 10.13 -1.55 -9.58
CA SER B 949 9.75 -1.23 -8.20
C SER B 949 8.51 -1.96 -7.75
N ARG B 950 7.46 -1.96 -8.57
CA ARG B 950 6.15 -2.42 -8.10
C ARG B 950 6.01 -3.93 -8.09
N GLN B 951 6.98 -4.66 -8.66
CA GLN B 951 7.10 -6.11 -8.58
C GLN B 951 5.91 -6.83 -9.20
N THR B 952 5.61 -6.51 -10.45
CA THR B 952 4.62 -7.25 -11.23
C THR B 952 5.28 -7.77 -12.50
N PRO B 953 5.93 -8.94 -12.44
CA PRO B 953 6.39 -9.59 -13.66
C PRO B 953 5.29 -10.36 -14.37
N GLY B 954 4.11 -10.47 -13.74
CA GLY B 954 3.00 -11.16 -14.36
C GLY B 954 2.47 -10.44 -15.58
N GLN B 955 2.64 -9.13 -15.64
CA GLN B 955 2.18 -8.38 -16.80
C GLN B 955 3.07 -8.63 -18.02
N LEU B 956 4.38 -8.72 -17.79
CA LEU B 956 5.30 -9.05 -18.86
C LEU B 956 5.11 -10.48 -19.35
N LEU B 957 4.88 -11.41 -18.42
CA LEU B 957 4.63 -12.80 -18.80
C LEU B 957 3.31 -12.94 -19.54
N GLU B 958 2.28 -12.19 -19.13
CA GLU B 958 1.00 -12.19 -19.83
C GLU B 958 1.12 -11.66 -21.24
N ALA B 959 1.88 -10.56 -21.41
CA ALA B 959 2.07 -10.00 -22.74
C ALA B 959 2.81 -10.97 -23.65
N ALA B 960 3.82 -11.66 -23.12
CA ALA B 960 4.53 -12.64 -23.93
C ALA B 960 3.67 -13.85 -24.27
N LEU B 961 2.84 -14.31 -23.33
CA LEU B 961 1.93 -15.42 -23.60
C LEU B 961 0.91 -15.07 -24.67
N SER B 962 0.26 -13.92 -24.55
CA SER B 962 -0.77 -13.55 -25.52
C SER B 962 -0.16 -13.25 -26.89
N LYS B 963 1.06 -12.69 -26.93
CA LYS B 963 1.73 -12.49 -28.20
C LYS B 963 2.13 -13.81 -28.82
N GLY B 964 2.42 -14.82 -28.02
CA GLY B 964 2.66 -16.14 -28.57
C GLY B 964 1.41 -16.89 -28.96
N ILE B 965 0.25 -16.51 -28.43
CA ILE B 965 -1.00 -17.09 -28.90
C ILE B 965 -1.37 -16.53 -30.26
N ALA B 966 -1.48 -15.21 -30.36
CA ALA B 966 -2.15 -14.61 -31.51
C ALA B 966 -1.33 -14.65 -32.80
N CYS B 967 -0.05 -14.93 -32.75
CA CYS B 967 0.77 -14.96 -33.94
C CYS B 967 0.55 -16.24 -34.74
N PRO B 968 0.81 -16.22 -36.04
CA PRO B 968 0.81 -17.45 -36.82
C PRO B 968 2.03 -18.31 -36.51
N MET B 969 2.10 -19.44 -37.19
CA MET B 969 3.10 -20.47 -36.90
C MET B 969 3.64 -21.00 -38.21
N GLN B 970 4.91 -20.69 -38.50
CA GLN B 970 5.52 -21.08 -39.76
C GLN B 970 5.95 -22.54 -39.72
N LYS B 971 6.52 -22.98 -40.86
CA LYS B 971 6.97 -24.37 -41.11
C LYS B 971 5.82 -25.36 -40.87
N LYS B 972 4.64 -24.99 -41.33
CA LYS B 972 3.44 -25.79 -41.12
C LYS B 972 3.24 -26.88 -42.16
N LYS B 973 4.11 -26.95 -43.17
CA LYS B 973 3.93 -27.89 -44.26
C LYS B 973 4.55 -29.23 -43.91
N GLY B 974 3.69 -30.21 -43.63
CA GLY B 974 4.14 -31.53 -43.23
C GLY B 974 4.48 -31.62 -41.77
N LYS B 975 4.58 -32.86 -41.27
CA LYS B 975 5.17 -33.27 -39.99
C LYS B 975 4.31 -32.90 -38.77
N SER B 976 3.27 -32.08 -38.98
CA SER B 976 2.37 -31.61 -37.93
C SER B 976 1.27 -30.80 -38.59
N ASP B 977 0.17 -30.62 -37.84
CA ASP B 977 -0.79 -29.58 -38.12
C ASP B 977 -0.35 -28.22 -37.58
N ALA B 978 0.70 -28.20 -36.76
CA ALA B 978 1.48 -27.03 -36.34
C ALA B 978 0.69 -26.03 -35.52
N TYR B 979 -0.45 -26.40 -34.93
CA TYR B 979 -1.18 -25.52 -34.05
C TYR B 979 -1.75 -26.27 -32.85
N SER B 980 -1.06 -27.30 -32.40
CA SER B 980 -1.62 -28.14 -31.35
C SER B 980 -0.81 -28.11 -30.06
N LYS B 981 0.48 -27.74 -30.12
CA LYS B 981 1.29 -27.59 -28.92
C LYS B 981 1.35 -26.12 -28.54
N VAL B 982 0.18 -25.52 -28.37
CA VAL B 982 0.05 -24.10 -28.07
C VAL B 982 -0.54 -23.95 -26.67
N THR B 983 0.20 -23.26 -25.80
CA THR B 983 -0.25 -23.06 -24.42
C THR B 983 -1.17 -21.85 -24.35
N ARG B 984 -2.36 -22.05 -23.83
CA ARG B 984 -3.27 -20.93 -23.60
C ARG B 984 -3.65 -20.77 -22.14
N HIS B 985 -3.07 -21.54 -21.23
CA HIS B 985 -3.56 -21.61 -19.85
C HIS B 985 -2.62 -20.89 -18.92
N ALA B 986 -3.00 -19.69 -18.49
CA ALA B 986 -2.35 -19.04 -17.36
C ALA B 986 -3.16 -19.19 -16.08
N THR B 987 -3.34 -20.44 -15.66
CA THR B 987 -3.97 -20.72 -14.38
C THR B 987 -3.04 -20.23 -13.27
N PRO B 988 -3.59 -19.62 -12.18
CA PRO B 988 -2.71 -19.00 -11.18
C PRO B 988 -1.70 -19.90 -10.49
N PHE B 989 -2.10 -20.92 -9.74
CA PHE B 989 -1.10 -21.67 -8.99
C PHE B 989 -0.46 -22.78 -9.79
N SER B 990 -0.79 -22.92 -11.07
CA SER B 990 -0.20 -23.91 -11.96
C SER B 990 -0.02 -23.24 -13.31
N THR B 991 1.16 -22.69 -13.54
CA THR B 991 1.43 -21.73 -14.59
C THR B 991 2.53 -22.25 -15.52
N PRO B 992 2.56 -21.81 -16.78
CA PRO B 992 3.62 -22.28 -17.68
C PRO B 992 4.96 -21.71 -17.31
N SER B 993 6.01 -22.46 -17.63
CA SER B 993 7.35 -22.04 -17.26
C SER B 993 7.88 -21.02 -18.26
N VAL B 994 9.03 -20.45 -17.93
CA VAL B 994 9.66 -19.46 -18.79
C VAL B 994 10.11 -20.10 -20.09
N ASP B 995 10.55 -21.36 -20.01
CA ASP B 995 11.04 -22.04 -21.21
C ASP B 995 9.93 -22.35 -22.19
N ASP B 996 8.73 -22.65 -21.68
CA ASP B 996 7.56 -22.85 -22.54
C ASP B 996 7.23 -21.60 -23.33
N ILE B 997 7.21 -20.45 -22.65
CA ILE B 997 6.84 -19.20 -23.29
C ILE B 997 7.89 -18.76 -24.30
N THR B 998 9.16 -18.85 -23.90
CA THR B 998 10.23 -18.40 -24.81
C THR B 998 10.42 -19.35 -25.98
N ASP B 999 10.19 -20.66 -25.78
CA ASP B 999 10.27 -21.56 -26.93
C ASP B 999 9.05 -21.43 -27.83
N GLN B 1000 7.91 -20.99 -27.27
CA GLN B 1000 6.77 -20.69 -28.14
C GLN B 1000 7.05 -19.45 -28.98
N LEU B 1001 7.68 -18.43 -28.38
CA LEU B 1001 8.02 -17.24 -29.16
C LEU B 1001 9.12 -17.54 -30.17
N HIS B 1002 9.96 -18.54 -29.90
CA HIS B 1002 10.91 -18.98 -30.92
C HIS B 1002 10.20 -19.73 -32.04
N ARG B 1003 9.15 -20.48 -31.72
CA ARG B 1003 8.41 -21.19 -32.76
C ARG B 1003 7.61 -20.22 -33.62
N ALA B 1004 7.10 -19.14 -33.04
CA ALA B 1004 6.27 -18.22 -33.80
C ALA B 1004 7.09 -17.29 -34.69
N GLY B 1005 8.41 -17.30 -34.57
CA GLY B 1005 9.27 -16.52 -35.43
C GLY B 1005 9.93 -15.32 -34.78
N PHE B 1006 9.47 -14.91 -33.61
CA PHE B 1006 9.95 -13.71 -32.96
C PHE B 1006 11.19 -14.00 -32.13
N SER B 1007 11.69 -12.96 -31.48
CA SER B 1007 12.88 -13.10 -30.68
C SER B 1007 12.55 -13.70 -29.33
N ARG B 1008 13.49 -14.50 -28.82
CA ARG B 1008 13.29 -15.26 -27.59
C ARG B 1008 13.26 -14.39 -26.35
N SER B 1009 13.88 -13.21 -26.40
CA SER B 1009 13.94 -12.33 -25.23
C SER B 1009 12.67 -11.51 -25.04
N GLY B 1010 11.70 -11.63 -25.93
CA GLY B 1010 10.48 -10.86 -25.83
C GLY B 1010 10.49 -9.56 -26.59
N ASN B 1011 11.66 -9.02 -26.93
CA ASN B 1011 11.78 -7.72 -27.56
C ASN B 1011 11.39 -7.77 -29.03
N GLU B 1012 11.49 -6.61 -29.68
CA GLU B 1012 11.18 -6.45 -31.09
C GLU B 1012 11.77 -5.15 -31.59
N ARG B 1013 12.40 -5.21 -32.77
CA ARG B 1013 13.07 -4.05 -33.37
C ARG B 1013 12.06 -3.13 -34.04
N VAL B 1014 12.19 -1.82 -33.78
CA VAL B 1014 11.28 -0.82 -34.31
C VAL B 1014 12.09 0.25 -35.04
N TYR B 1015 11.39 1.04 -35.83
CA TYR B 1015 11.93 2.23 -36.47
C TYR B 1015 11.12 3.42 -35.97
N ASN B 1016 11.72 4.61 -35.96
CA ASN B 1016 11.05 5.75 -35.35
C ASN B 1016 10.03 6.35 -36.32
N GLY B 1017 9.00 6.96 -35.75
CA GLY B 1017 7.99 7.61 -36.57
C GLY B 1017 8.27 9.05 -36.92
N ARG B 1018 9.40 9.60 -36.48
CA ARG B 1018 9.77 10.97 -36.82
C ARG B 1018 11.04 11.03 -37.65
N THR B 1019 12.15 10.52 -37.13
CA THR B 1019 13.38 10.50 -37.90
C THR B 1019 13.37 9.39 -38.93
N GLY B 1020 12.68 8.30 -38.63
CA GLY B 1020 12.56 7.22 -39.57
C GLY B 1020 13.66 6.20 -39.56
N GLU B 1021 14.71 6.41 -38.78
CA GLU B 1021 15.81 5.45 -38.76
C GLU B 1021 15.71 4.55 -37.54
N MET B 1022 16.63 3.61 -37.46
CA MET B 1022 16.55 2.51 -36.51
C MET B 1022 16.74 3.02 -35.09
N MET B 1023 15.75 2.79 -34.24
CA MET B 1023 15.92 3.04 -32.82
C MET B 1023 16.87 1.99 -32.27
N ARG B 1024 17.83 2.43 -31.44
CA ARG B 1024 18.92 1.54 -31.06
C ARG B 1024 18.50 0.47 -30.08
N SER B 1025 17.50 0.74 -29.25
CA SER B 1025 17.10 -0.16 -28.18
C SER B 1025 15.89 -0.97 -28.62
N LEU B 1026 15.99 -2.28 -28.46
CA LEU B 1026 14.89 -3.17 -28.82
C LEU B 1026 13.73 -2.97 -27.86
N ILE B 1027 12.51 -3.00 -28.38
CA ILE B 1027 11.32 -2.63 -27.64
C ILE B 1027 10.49 -3.87 -27.36
N PHE B 1028 9.96 -3.95 -26.13
CA PHE B 1028 9.10 -5.04 -25.68
C PHE B 1028 7.66 -4.69 -26.01
N MET B 1029 7.01 -5.51 -26.84
CA MET B 1029 5.62 -5.30 -27.23
C MET B 1029 4.80 -6.56 -26.99
N GLY B 1030 3.49 -6.43 -27.11
CA GLY B 1030 2.61 -7.57 -26.99
C GLY B 1030 1.29 -7.20 -26.36
N PRO B 1031 0.24 -7.96 -26.64
CA PRO B 1031 -1.09 -7.58 -26.17
C PRO B 1031 -1.30 -7.83 -24.68
N ASN B 1032 -2.19 -7.02 -24.10
CA ASN B 1032 -2.51 -7.08 -22.68
C ASN B 1032 -3.96 -6.67 -22.50
N PHE B 1033 -4.65 -7.31 -21.59
CA PHE B 1033 -6.05 -6.98 -21.36
C PHE B 1033 -6.12 -5.78 -20.45
N TYR B 1034 -6.54 -4.63 -20.96
CA TYR B 1034 -6.68 -3.47 -20.10
C TYR B 1034 -8.15 -3.20 -19.81
N GLN B 1035 -8.36 -2.26 -18.90
CA GLN B 1035 -9.66 -1.96 -18.32
C GLN B 1035 -9.85 -0.46 -18.27
N ARG B 1036 -11.11 -0.03 -18.33
CA ARG B 1036 -11.45 1.37 -18.21
C ARG B 1036 -12.33 1.56 -17.00
N LEU B 1037 -11.97 2.50 -16.15
CA LEU B 1037 -12.60 2.66 -14.85
C LEU B 1037 -13.55 3.83 -14.84
N ILE B 1038 -14.54 3.76 -13.94
CA ILE B 1038 -15.55 4.80 -13.77
C ILE B 1038 -14.97 5.92 -12.91
N HIS B 1039 -15.76 6.98 -12.74
CA HIS B 1039 -15.38 8.30 -12.23
C HIS B 1039 -14.39 8.95 -13.19
N MET B 1040 -14.86 9.18 -14.40
CA MET B 1040 -14.14 9.92 -15.43
C MET B 1040 -14.08 11.39 -15.07
N SER B 1041 -13.06 12.07 -15.61
CA SER B 1041 -12.88 13.50 -15.37
C SER B 1041 -12.21 14.20 -16.55
N GLY C 4 23.41 27.84 -57.84
CA GLY C 4 22.60 26.73 -58.31
C GLY C 4 23.41 25.56 -58.82
N ALA C 5 23.92 24.74 -57.90
CA ALA C 5 24.67 23.56 -58.27
C ALA C 5 23.75 22.36 -58.42
N THR C 6 24.32 21.15 -58.46
CA THR C 6 23.50 19.98 -58.71
C THR C 6 22.72 19.59 -57.46
N TYR C 7 23.43 19.15 -56.42
CA TYR C 7 22.91 18.91 -55.06
C TYR C 7 21.70 17.98 -55.05
N GLN C 8 21.72 17.00 -55.94
CA GLN C 8 20.54 16.19 -56.21
C GLN C 8 20.92 14.73 -56.38
N ARG C 9 20.29 13.86 -55.57
CA ARG C 9 20.48 12.43 -55.65
C ARG C 9 19.37 11.79 -56.47
N PHE C 10 19.69 10.67 -57.14
CA PHE C 10 18.89 10.10 -58.21
C PHE C 10 18.29 8.77 -57.77
N PRO C 11 17.01 8.72 -57.38
CA PRO C 11 16.40 7.48 -56.89
C PRO C 11 16.25 6.43 -57.99
N LYS C 12 15.87 5.23 -57.57
CA LYS C 12 15.66 4.09 -58.44
C LYS C 12 14.52 3.26 -57.88
N VAL C 13 13.60 2.82 -58.75
CA VAL C 13 12.49 1.99 -58.35
C VAL C 13 12.55 0.69 -59.14
N LYS C 14 12.29 -0.42 -58.46
CA LYS C 14 12.20 -1.73 -59.12
C LYS C 14 11.18 -2.55 -58.35
N ILE C 15 10.12 -2.96 -59.03
CA ILE C 15 8.97 -3.57 -58.36
C ILE C 15 9.10 -5.08 -58.36
N ARG C 16 8.90 -5.69 -57.20
CA ARG C 16 8.84 -7.12 -57.05
C ARG C 16 7.46 -7.71 -57.29
N GLU C 17 6.43 -7.17 -56.65
CA GLU C 17 5.07 -7.66 -56.84
C GLU C 17 4.12 -6.48 -56.88
N LEU C 18 3.01 -6.68 -57.59
CA LEU C 18 2.01 -5.62 -57.72
C LEU C 18 0.69 -6.24 -58.08
N LYS C 19 -0.29 -6.08 -57.22
CA LYS C 19 -1.65 -6.54 -57.45
C LYS C 19 -2.56 -5.35 -57.27
N ASP C 20 -3.87 -5.58 -57.15
CA ASP C 20 -4.79 -4.45 -57.11
C ASP C 20 -4.70 -3.70 -55.78
N ASP C 21 -4.36 -4.39 -54.69
CA ASP C 21 -4.32 -3.78 -53.37
C ASP C 21 -3.02 -4.10 -52.66
N TYR C 22 -1.93 -4.22 -53.40
CA TYR C 22 -0.67 -4.64 -52.82
C TYR C 22 0.46 -4.18 -53.72
N ALA C 23 1.64 -4.00 -53.14
CA ALA C 23 2.84 -3.64 -53.91
C ALA C 23 4.07 -3.97 -53.09
N LYS C 24 5.21 -4.01 -53.77
CA LYS C 24 6.53 -4.10 -53.13
C LYS C 24 7.57 -3.65 -54.13
N PHE C 25 8.39 -2.68 -53.76
CA PHE C 25 9.38 -2.11 -54.66
C PHE C 25 10.63 -1.72 -53.91
N GLU C 26 11.77 -1.91 -54.57
CA GLU C 26 13.09 -1.75 -53.95
C GLU C 26 13.63 -0.36 -54.25
N LEU C 27 13.08 0.63 -53.58
CA LEU C 27 13.53 2.01 -53.67
C LEU C 27 14.92 2.15 -53.08
N ARG C 28 15.85 2.73 -53.84
CA ARG C 28 17.22 2.91 -53.38
C ARG C 28 17.71 4.30 -53.75
N ASP C 29 18.94 4.61 -53.30
CA ASP C 29 19.67 5.84 -53.60
C ASP C 29 18.95 7.10 -53.15
N THR C 30 18.08 6.97 -52.16
CA THR C 30 17.42 8.11 -51.54
C THR C 30 17.57 7.97 -50.04
N ASP C 31 17.36 9.07 -49.33
CA ASP C 31 17.62 9.08 -47.91
C ASP C 31 16.42 8.53 -47.16
N VAL C 32 16.62 8.27 -45.86
CA VAL C 32 15.58 7.70 -45.01
C VAL C 32 14.41 8.65 -44.85
N SER C 33 14.70 9.96 -44.81
CA SER C 33 13.65 10.94 -44.54
C SER C 33 12.66 11.05 -45.69
N MET C 34 13.11 10.79 -46.91
CA MET C 34 12.20 10.77 -48.05
C MET C 34 11.25 9.59 -47.99
N ALA C 35 11.76 8.43 -47.62
CA ALA C 35 10.92 7.25 -47.46
C ALA C 35 9.93 7.43 -46.32
N ASN C 36 10.36 8.07 -45.24
CA ASN C 36 9.46 8.34 -44.13
C ASN C 36 8.40 9.37 -44.52
N ALA C 37 8.77 10.32 -45.38
CA ALA C 37 7.81 11.29 -45.87
C ALA C 37 6.75 10.63 -46.73
N LEU C 38 7.16 9.69 -47.59
CA LEU C 38 6.21 8.93 -48.39
C LEU C 38 5.27 8.11 -47.51
N ARG C 39 5.82 7.51 -46.46
CA ARG C 39 5.00 6.72 -45.54
C ARG C 39 3.97 7.58 -44.81
N ARG C 40 4.38 8.74 -44.34
CA ARG C 40 3.47 9.55 -43.53
C ARG C 40 2.42 10.24 -44.38
N VAL C 41 2.77 10.59 -45.63
CA VAL C 41 1.78 11.13 -46.54
C VAL C 41 0.76 10.06 -46.93
N MET C 42 1.21 8.83 -47.20
CA MET C 42 0.25 7.79 -47.57
C MET C 42 -0.61 7.36 -46.40
N ILE C 43 -0.15 7.50 -45.16
CA ILE C 43 -1.01 7.13 -44.05
C ILE C 43 -1.98 8.25 -43.69
N SER C 44 -1.56 9.50 -43.68
CA SER C 44 -2.39 10.55 -43.10
C SER C 44 -2.76 11.70 -44.02
N GLU C 45 -2.13 11.85 -45.18
CA GLU C 45 -2.35 13.03 -46.00
C GLU C 45 -3.19 12.79 -47.25
N VAL C 46 -3.23 11.57 -47.76
CA VAL C 46 -3.94 11.32 -49.02
C VAL C 46 -5.43 11.24 -48.74
N PRO C 47 -6.28 11.97 -49.47
CA PRO C 47 -7.69 12.04 -49.13
C PRO C 47 -8.50 10.91 -49.76
N THR C 48 -9.74 10.80 -49.29
CA THR C 48 -10.65 9.69 -49.55
C THR C 48 -12.05 10.19 -49.24
N VAL C 49 -13.06 9.67 -49.94
CA VAL C 49 -14.45 9.98 -49.65
C VAL C 49 -14.98 9.00 -48.62
N ALA C 50 -15.66 9.51 -47.59
CA ALA C 50 -16.25 8.65 -46.57
C ALA C 50 -17.48 9.33 -45.98
N ILE C 51 -18.32 8.54 -45.32
CA ILE C 51 -19.59 9.06 -44.82
C ILE C 51 -19.32 10.00 -43.65
N ASP C 52 -19.99 11.16 -43.65
CA ASP C 52 -19.68 12.19 -42.67
C ASP C 52 -20.92 12.79 -42.01
N LEU C 53 -22.13 12.43 -42.44
CA LEU C 53 -23.33 12.99 -41.82
C LEU C 53 -24.47 12.02 -41.99
N VAL C 54 -25.28 11.83 -40.95
CA VAL C 54 -26.35 10.84 -40.93
C VAL C 54 -27.62 11.45 -40.33
N GLU C 55 -28.74 11.33 -41.05
CA GLU C 55 -30.06 11.69 -40.55
C GLU C 55 -30.90 10.43 -40.42
N ILE C 56 -31.29 10.08 -39.20
CA ILE C 56 -32.09 8.89 -38.96
C ILE C 56 -33.55 9.31 -38.83
N GLU C 57 -34.40 8.78 -39.72
CA GLU C 57 -35.84 9.01 -39.61
C GLU C 57 -36.50 8.03 -38.66
N VAL C 58 -36.27 6.74 -38.84
CA VAL C 58 -36.80 5.73 -37.93
C VAL C 58 -35.68 4.76 -37.56
N ASN C 59 -35.60 4.43 -36.27
CA ASN C 59 -34.69 3.42 -35.75
C ASN C 59 -35.47 2.66 -34.68
N SER C 60 -35.69 1.38 -34.91
CA SER C 60 -36.40 0.54 -33.96
C SER C 60 -35.70 -0.80 -33.78
N SER C 61 -34.38 -0.80 -33.88
CA SER C 61 -33.61 -2.01 -33.65
C SER C 61 -33.09 -2.01 -32.22
N VAL C 62 -32.30 -3.03 -31.88
CA VAL C 62 -31.70 -3.12 -30.54
C VAL C 62 -30.43 -2.30 -30.42
N LEU C 63 -29.90 -1.79 -31.51
CA LEU C 63 -28.76 -0.91 -31.46
C LEU C 63 -29.21 0.52 -31.32
N ASN C 64 -28.26 1.40 -31.11
CA ASN C 64 -28.54 2.81 -30.92
C ASN C 64 -28.06 3.60 -32.12
N ASP C 65 -28.38 4.89 -32.12
CA ASP C 65 -28.15 5.72 -33.29
C ASP C 65 -26.67 5.95 -33.53
N GLU C 66 -25.92 6.22 -32.46
CA GLU C 66 -24.51 6.55 -32.64
C GLU C 66 -23.70 5.33 -33.00
N PHE C 67 -24.17 4.14 -32.58
CA PHE C 67 -23.51 2.90 -32.97
C PHE C 67 -23.64 2.66 -34.47
N ILE C 68 -24.84 2.93 -35.02
CA ILE C 68 -25.07 2.71 -36.44
C ILE C 68 -24.35 3.75 -37.27
N ALA C 69 -24.37 5.02 -36.82
CA ALA C 69 -23.66 6.08 -37.53
C ALA C 69 -22.16 5.85 -37.49
N HIS C 70 -21.66 5.34 -36.37
CA HIS C 70 -20.25 5.02 -36.24
C HIS C 70 -19.86 3.86 -37.15
N ARG C 71 -20.74 2.88 -37.34
CA ARG C 71 -20.42 1.81 -38.27
C ARG C 71 -20.53 2.28 -39.71
N LEU C 72 -21.41 3.24 -39.99
CA LEU C 72 -21.51 3.76 -41.35
C LEU C 72 -20.31 4.61 -41.71
N GLY C 73 -19.71 5.30 -40.74
CA GLY C 73 -18.56 6.13 -41.01
C GLY C 73 -17.33 5.37 -41.46
N LEU C 74 -17.25 4.09 -41.16
CA LEU C 74 -16.05 3.32 -41.41
C LEU C 74 -16.13 2.47 -42.67
N ILE C 75 -17.30 2.40 -43.31
CA ILE C 75 -17.47 1.63 -44.53
C ILE C 75 -16.72 2.30 -45.67
N PRO C 76 -15.76 1.63 -46.30
CA PRO C 76 -14.92 2.32 -47.31
C PRO C 76 -15.68 2.53 -48.61
N LEU C 77 -15.60 3.74 -49.14
CA LEU C 77 -16.17 4.09 -50.42
C LEU C 77 -15.06 4.26 -51.44
N THR C 78 -15.32 3.87 -52.68
CA THR C 78 -14.30 4.00 -53.71
C THR C 78 -14.08 5.46 -54.06
N SER C 79 -12.84 5.92 -53.89
CA SER C 79 -12.49 7.33 -54.00
C SER C 79 -11.43 7.47 -55.08
N GLU C 80 -11.88 7.60 -56.33
CA GLU C 80 -10.97 7.91 -57.42
C GLU C 80 -11.21 9.30 -57.98
N ARG C 81 -12.33 9.94 -57.65
CA ARG C 81 -12.56 11.33 -58.00
C ARG C 81 -12.33 12.24 -56.80
N ALA C 82 -11.75 11.72 -55.73
CA ALA C 82 -11.55 12.51 -54.53
C ALA C 82 -10.35 13.44 -54.61
N MET C 83 -9.38 13.16 -55.47
CA MET C 83 -8.30 14.12 -55.69
C MET C 83 -8.79 15.36 -56.42
N SER C 84 -9.86 15.23 -57.20
CA SER C 84 -10.41 16.37 -57.92
C SER C 84 -11.62 16.98 -57.24
N MET C 85 -12.14 16.37 -56.19
CA MET C 85 -13.18 17.01 -55.40
C MET C 85 -12.59 18.13 -54.56
N ARG C 86 -13.46 18.80 -53.82
CA ARG C 86 -13.04 19.92 -52.98
C ARG C 86 -13.53 19.68 -51.55
N PHE C 87 -12.76 20.22 -50.62
CA PHE C 87 -13.17 20.26 -49.22
C PHE C 87 -14.44 21.08 -49.08
N SER C 88 -15.39 20.55 -48.31
CA SER C 88 -16.71 21.16 -48.24
C SER C 88 -16.75 22.48 -47.51
N ARG C 89 -15.69 22.83 -46.78
CA ARG C 89 -15.54 24.18 -46.28
C ARG C 89 -15.12 25.17 -47.35
N ASP C 90 -14.65 24.67 -48.50
CA ASP C 90 -14.16 25.48 -49.60
C ASP C 90 -15.10 25.51 -50.80
N CYS C 91 -16.39 25.22 -50.60
CA CYS C 91 -17.34 25.19 -51.71
C CYS C 91 -18.28 26.37 -51.57
N ASP C 92 -18.46 27.11 -52.68
CA ASP C 92 -19.38 28.22 -52.72
C ASP C 92 -20.84 27.80 -52.65
N ALA C 93 -21.19 26.70 -53.31
CA ALA C 93 -22.56 26.20 -53.38
C ALA C 93 -22.85 25.33 -52.15
N CYS C 94 -23.90 24.52 -52.26
CA CYS C 94 -24.17 23.33 -51.44
C CYS C 94 -24.42 23.66 -49.97
N ASP C 95 -24.91 24.87 -49.69
CA ASP C 95 -25.30 25.20 -48.32
C ASP C 95 -26.79 24.87 -48.12
N GLY C 96 -27.11 23.60 -48.30
CA GLY C 96 -28.48 23.12 -48.16
C GLY C 96 -28.58 21.75 -47.52
N ASP C 97 -27.44 21.26 -47.00
CA ASP C 97 -27.32 19.98 -46.29
C ASP C 97 -27.76 18.81 -47.18
N GLY C 98 -27.33 18.84 -48.43
CA GLY C 98 -27.77 17.85 -49.38
C GLY C 98 -26.74 17.50 -50.45
N GLN C 99 -27.21 17.08 -51.61
CA GLN C 99 -26.34 16.57 -52.66
C GLN C 99 -25.71 17.73 -53.40
N CYS C 100 -24.45 17.55 -53.80
CA CYS C 100 -23.75 18.51 -54.65
C CYS C 100 -22.90 17.74 -55.65
N GLU C 101 -22.21 18.47 -56.50
CA GLU C 101 -21.50 17.85 -57.60
C GLU C 101 -19.99 17.93 -57.48
N PHE C 102 -19.47 18.76 -56.58
CA PHE C 102 -18.03 18.77 -56.31
C PHE C 102 -17.71 18.27 -54.91
N CYS C 103 -18.72 18.18 -54.05
CA CYS C 103 -18.64 17.44 -52.80
C CYS C 103 -20.01 16.82 -52.57
N SER C 104 -20.19 16.22 -51.40
CA SER C 104 -21.49 15.90 -50.83
C SER C 104 -22.31 14.93 -51.67
N VAL C 105 -21.77 13.73 -51.88
CA VAL C 105 -22.57 12.65 -52.42
C VAL C 105 -23.57 12.19 -51.36
N GLU C 106 -24.80 11.92 -51.79
CA GLU C 106 -25.86 11.50 -50.88
C GLU C 106 -26.15 10.02 -51.02
N PHE C 107 -26.38 9.34 -49.89
CA PHE C 107 -26.74 7.92 -49.88
C PHE C 107 -28.15 7.76 -49.32
N ARG C 108 -28.68 6.54 -49.48
CA ARG C 108 -30.00 6.17 -48.99
C ARG C 108 -29.95 4.76 -48.43
N LEU C 109 -30.76 4.50 -47.40
CA LEU C 109 -30.84 3.18 -46.81
C LEU C 109 -32.20 2.97 -46.16
N SER C 110 -32.86 1.88 -46.52
CA SER C 110 -34.08 1.46 -45.86
C SER C 110 -34.15 -0.05 -45.90
N ALA C 111 -34.55 -0.65 -44.78
CA ALA C 111 -34.69 -2.09 -44.70
C ALA C 111 -35.66 -2.43 -43.59
N LYS C 112 -36.34 -3.57 -43.75
CA LYS C 112 -37.34 -4.04 -42.81
C LYS C 112 -37.55 -5.53 -43.02
N CYS C 113 -37.81 -6.25 -41.95
CA CYS C 113 -38.01 -7.70 -41.99
C CYS C 113 -39.46 -8.00 -41.66
N VAL C 114 -40.12 -8.76 -42.52
CA VAL C 114 -41.48 -9.22 -42.25
C VAL C 114 -41.57 -10.73 -42.09
N THR C 115 -40.46 -11.44 -42.30
CA THR C 115 -40.40 -12.88 -42.07
C THR C 115 -40.05 -13.14 -40.61
N ASP C 116 -39.63 -14.37 -40.32
CA ASP C 116 -39.13 -14.75 -39.01
C ASP C 116 -37.73 -15.35 -39.15
N GLN C 117 -36.88 -14.67 -39.93
CA GLN C 117 -35.61 -15.26 -40.37
C GLN C 117 -34.39 -14.42 -40.00
N THR C 118 -34.57 -13.39 -39.16
CA THR C 118 -33.50 -12.54 -38.63
C THR C 118 -32.70 -11.88 -39.76
N LEU C 119 -33.36 -10.95 -40.43
CA LEU C 119 -32.73 -10.19 -41.50
C LEU C 119 -31.60 -9.32 -40.98
N ASP C 120 -30.46 -9.41 -41.65
CA ASP C 120 -29.31 -8.56 -41.36
C ASP C 120 -29.13 -7.53 -42.46
N VAL C 121 -28.83 -6.31 -42.08
CA VAL C 121 -28.64 -5.22 -43.04
C VAL C 121 -27.16 -5.05 -43.28
N THR C 122 -26.74 -5.19 -44.53
CA THR C 122 -25.33 -5.17 -44.87
C THR C 122 -24.99 -3.88 -45.60
N SER C 123 -23.75 -3.81 -46.08
CA SER C 123 -23.30 -2.63 -46.80
C SER C 123 -23.90 -2.56 -48.20
N LYS C 124 -24.36 -3.69 -48.73
CA LYS C 124 -24.91 -3.76 -50.07
C LYS C 124 -26.39 -3.40 -50.12
N ASP C 125 -26.90 -2.72 -49.10
CA ASP C 125 -28.22 -2.14 -49.11
C ASP C 125 -28.15 -0.62 -49.18
N LEU C 126 -26.96 -0.05 -49.11
CA LEU C 126 -26.77 1.38 -49.29
C LEU C 126 -26.84 1.72 -50.77
N TYR C 127 -27.85 2.48 -51.16
CA TYR C 127 -28.00 2.91 -52.55
C TYR C 127 -27.60 4.36 -52.66
N SER C 128 -26.75 4.66 -53.63
CA SER C 128 -26.11 5.96 -53.76
C SER C 128 -26.73 6.75 -54.90
N ALA C 129 -27.18 7.96 -54.61
CA ALA C 129 -27.30 8.95 -55.65
C ALA C 129 -25.90 9.40 -56.06
N ASP C 130 -25.82 10.09 -57.21
CA ASP C 130 -24.60 10.30 -57.98
C ASP C 130 -23.91 8.96 -58.17
N PRO C 131 -24.47 8.06 -58.97
CA PRO C 131 -24.01 6.67 -58.97
C PRO C 131 -22.73 6.53 -59.78
N THR C 132 -22.19 5.31 -59.75
CA THR C 132 -21.08 4.81 -60.55
C THR C 132 -19.76 5.55 -60.31
N VAL C 133 -19.69 6.49 -59.37
CA VAL C 133 -18.46 7.23 -59.09
C VAL C 133 -18.02 7.06 -57.65
N THR C 134 -18.95 7.11 -56.70
CA THR C 134 -18.70 6.73 -55.31
C THR C 134 -19.81 5.81 -54.84
N PRO C 135 -19.76 4.52 -55.18
CA PRO C 135 -20.65 3.57 -54.52
C PRO C 135 -19.99 3.04 -53.27
N VAL C 136 -20.63 2.10 -52.58
CA VAL C 136 -19.91 1.37 -51.56
C VAL C 136 -18.96 0.40 -52.21
N ASP C 137 -17.94 -0.02 -51.47
CA ASP C 137 -16.92 -0.86 -52.07
C ASP C 137 -17.41 -2.29 -52.18
N PHE C 138 -17.12 -2.91 -53.32
CA PHE C 138 -17.50 -4.28 -53.61
C PHE C 138 -16.33 -5.22 -53.81
N GLY C 139 -15.09 -4.73 -53.84
CA GLY C 139 -13.95 -5.58 -54.16
C GLY C 139 -13.66 -6.60 -53.08
N ASP C 140 -14.09 -6.32 -51.86
CA ASP C 140 -14.03 -7.31 -50.79
C ASP C 140 -15.13 -8.37 -50.91
N SER C 141 -16.06 -8.21 -51.86
CA SER C 141 -17.07 -9.23 -52.12
C SER C 141 -16.84 -9.91 -53.47
N SER C 142 -16.87 -9.14 -54.56
CA SER C 142 -16.76 -9.68 -55.90
C SER C 142 -15.53 -9.10 -56.58
N GLY C 143 -15.00 -9.87 -57.54
CA GLY C 143 -13.67 -9.61 -58.04
C GLY C 143 -12.57 -10.15 -57.15
N ALA C 144 -12.93 -10.79 -56.04
CA ALA C 144 -12.00 -11.41 -55.10
C ALA C 144 -12.81 -12.40 -54.26
N ASP C 145 -12.32 -13.62 -54.16
CA ASP C 145 -13.00 -14.70 -53.44
C ASP C 145 -12.47 -14.84 -52.03
N SER C 146 -12.18 -13.71 -51.39
CA SER C 146 -11.49 -13.68 -50.11
C SER C 146 -12.24 -14.31 -48.94
N SER C 147 -13.32 -13.68 -48.47
CA SER C 147 -14.00 -14.18 -47.28
C SER C 147 -15.49 -14.43 -47.47
N GLU C 148 -16.27 -13.40 -47.83
CA GLU C 148 -17.72 -13.46 -47.76
C GLU C 148 -18.30 -12.33 -48.59
N GLN C 149 -19.15 -12.71 -49.56
CA GLN C 149 -19.75 -11.74 -50.46
C GLN C 149 -20.87 -10.93 -49.80
N ARG C 150 -21.31 -11.31 -48.60
CA ARG C 150 -22.39 -10.60 -47.93
C ARG C 150 -21.97 -9.21 -47.48
N GLY C 151 -20.67 -8.97 -47.33
CA GLY C 151 -20.20 -7.63 -47.02
C GLY C 151 -20.36 -7.27 -45.55
N ILE C 152 -20.18 -5.99 -45.28
CA ILE C 152 -20.04 -5.50 -43.93
C ILE C 152 -21.41 -5.41 -43.27
N ILE C 153 -21.63 -6.22 -42.24
CA ILE C 153 -22.91 -6.24 -41.55
C ILE C 153 -23.06 -4.98 -40.70
N ILE C 154 -24.22 -4.34 -40.78
CA ILE C 154 -24.49 -3.12 -40.04
C ILE C 154 -25.39 -3.38 -38.84
N VAL C 155 -26.62 -3.86 -39.07
CA VAL C 155 -27.55 -4.23 -38.02
C VAL C 155 -28.05 -5.64 -38.35
N LYS C 156 -28.71 -6.28 -37.39
CA LYS C 156 -29.58 -7.42 -37.62
C LYS C 156 -30.95 -7.07 -37.06
N LEU C 157 -32.00 -7.58 -37.69
CA LEU C 157 -33.35 -7.13 -37.39
C LEU C 157 -34.31 -8.31 -37.17
N ARG C 158 -35.46 -7.97 -36.57
CA ARG C 158 -36.62 -8.85 -36.36
C ARG C 158 -37.84 -8.25 -37.05
N ARG C 159 -39.03 -8.76 -36.71
CA ARG C 159 -40.27 -8.38 -37.39
C ARG C 159 -40.57 -6.89 -37.27
N GLY C 160 -40.85 -6.42 -36.07
CA GLY C 160 -41.31 -5.05 -35.93
C GLY C 160 -40.22 -3.99 -35.96
N GLN C 161 -39.15 -4.26 -36.70
CA GLN C 161 -37.94 -3.47 -36.65
C GLN C 161 -37.63 -2.93 -38.05
N GLU C 162 -37.13 -1.69 -38.11
CA GLU C 162 -36.84 -1.06 -39.38
C GLU C 162 -35.76 -0.01 -39.19
N LEU C 163 -35.26 0.51 -40.30
CA LEU C 163 -34.13 1.44 -40.28
C LEU C 163 -34.16 2.28 -41.55
N LYS C 164 -34.64 3.51 -41.46
CA LYS C 164 -34.64 4.44 -42.59
C LYS C 164 -33.75 5.61 -42.26
N LEU C 165 -32.74 5.84 -43.08
CA LEU C 165 -31.83 6.96 -42.86
C LEU C 165 -31.32 7.47 -44.21
N ARG C 166 -30.58 8.58 -44.16
CA ARG C 166 -29.95 9.13 -45.35
C ARG C 166 -28.59 9.72 -44.98
N ALA C 167 -27.54 9.16 -45.56
CA ALA C 167 -26.17 9.56 -45.27
C ALA C 167 -25.61 10.43 -46.37
N ILE C 168 -24.68 11.30 -46.00
CA ILE C 168 -24.01 12.21 -46.93
C ILE C 168 -22.52 12.00 -46.80
N ALA C 169 -21.88 11.54 -47.87
CA ALA C 169 -20.44 11.41 -47.84
C ALA C 169 -19.80 12.76 -48.17
N ARG C 170 -18.53 12.93 -47.79
CA ARG C 170 -17.79 14.17 -48.03
C ARG C 170 -16.34 13.78 -48.28
N LYS C 171 -15.44 14.76 -48.21
CA LYS C 171 -14.02 14.53 -48.42
C LYS C 171 -13.25 14.87 -47.15
N GLY C 172 -12.24 14.07 -46.84
CA GLY C 172 -11.39 14.36 -45.71
C GLY C 172 -10.05 13.66 -45.85
N ILE C 173 -9.21 13.86 -44.84
CA ILE C 173 -7.91 13.21 -44.75
C ILE C 173 -7.77 12.55 -43.39
N GLY C 174 -6.75 11.69 -43.28
CA GLY C 174 -6.58 10.86 -42.10
C GLY C 174 -6.25 11.60 -40.82
N LYS C 175 -5.76 12.83 -40.92
CA LYS C 175 -5.51 13.60 -39.71
C LYS C 175 -6.79 14.12 -39.06
N ASP C 176 -7.90 14.16 -39.79
CA ASP C 176 -9.14 14.60 -39.15
C ASP C 176 -9.82 13.44 -38.44
N HIS C 177 -9.83 12.26 -39.04
CA HIS C 177 -10.42 11.08 -38.41
C HIS C 177 -9.77 9.87 -39.05
N ALA C 178 -9.94 8.72 -38.40
CA ALA C 178 -9.33 7.51 -38.94
C ALA C 178 -10.13 6.93 -40.09
N LYS C 179 -11.36 7.38 -40.29
CA LYS C 179 -12.18 6.85 -41.37
C LYS C 179 -11.72 7.28 -42.74
N TRP C 180 -10.93 8.34 -42.85
CA TRP C 180 -10.48 8.80 -44.15
C TRP C 180 -9.13 8.26 -44.55
N SER C 181 -8.45 7.53 -43.70
CA SER C 181 -7.10 7.09 -44.04
C SER C 181 -7.17 5.85 -44.92
N PRO C 182 -6.66 5.91 -46.15
CA PRO C 182 -6.78 4.77 -47.06
C PRO C 182 -5.66 3.75 -46.98
N ALA C 183 -4.83 3.77 -45.93
CA ALA C 183 -3.59 3.02 -46.00
C ALA C 183 -3.79 1.54 -45.65
N ALA C 184 -4.13 1.25 -44.40
CA ALA C 184 -4.37 -0.06 -43.79
C ALA C 184 -3.16 -0.97 -43.72
N THR C 185 -2.06 -0.62 -44.39
CA THR C 185 -0.68 -0.99 -44.09
C THR C 185 0.21 -0.15 -44.97
N VAL C 186 1.12 0.64 -44.39
CA VAL C 186 2.22 1.23 -45.15
C VAL C 186 3.45 1.11 -44.29
N THR C 187 4.44 0.37 -44.77
CA THR C 187 5.66 0.23 -43.99
C THR C 187 6.80 -0.01 -44.93
N PHE C 188 8.00 0.25 -44.42
CA PHE C 188 9.21 -0.07 -45.15
C PHE C 188 10.19 -0.69 -44.18
N MET C 189 11.35 -1.05 -44.71
CA MET C 189 12.39 -1.64 -43.91
C MET C 189 13.70 -1.42 -44.65
N TYR C 190 14.81 -1.63 -43.96
CA TYR C 190 16.08 -1.59 -44.65
C TYR C 190 16.34 -2.96 -45.27
N GLU C 191 17.51 -3.13 -45.84
CA GLU C 191 17.88 -4.49 -46.18
C GLU C 191 19.34 -4.73 -45.83
N PRO C 192 19.66 -5.89 -45.29
CA PRO C 192 20.95 -6.05 -44.61
C PRO C 192 22.09 -6.36 -45.55
N ASP C 193 23.28 -6.07 -45.06
CA ASP C 193 24.53 -6.46 -45.70
C ASP C 193 25.24 -7.44 -44.79
N ILE C 194 25.29 -8.71 -45.20
CA ILE C 194 25.82 -9.79 -44.38
C ILE C 194 27.11 -10.29 -45.02
N ILE C 195 28.20 -10.27 -44.25
CA ILE C 195 29.55 -10.38 -44.76
C ILE C 195 30.28 -11.57 -44.14
N ILE C 196 29.54 -12.67 -43.93
CA ILE C 196 29.95 -13.87 -43.23
C ILE C 196 31.31 -14.44 -43.62
N ASN C 197 32.18 -14.59 -42.63
CA ASN C 197 33.55 -15.06 -42.85
C ASN C 197 33.57 -16.54 -43.20
N GLU C 198 34.54 -16.93 -44.02
CA GLU C 198 34.75 -18.32 -44.36
C GLU C 198 36.00 -18.91 -43.72
N ASP C 199 36.89 -18.08 -43.19
CA ASP C 199 38.09 -18.61 -42.55
C ASP C 199 37.90 -18.80 -41.06
N MET C 200 36.79 -18.32 -40.52
CA MET C 200 36.40 -18.67 -39.16
C MET C 200 35.36 -19.78 -39.15
N MET C 201 34.58 -19.90 -40.23
CA MET C 201 33.51 -20.89 -40.29
C MET C 201 34.03 -22.31 -40.43
N ASP C 202 35.17 -22.51 -41.10
CA ASP C 202 35.78 -23.82 -41.21
C ASP C 202 36.52 -24.25 -39.95
N THR C 203 36.71 -23.36 -38.99
CA THR C 203 37.34 -23.71 -37.72
C THR C 203 36.40 -24.52 -36.85
N LEU C 204 35.25 -23.94 -36.51
CA LEU C 204 34.32 -24.54 -35.57
C LEU C 204 33.62 -25.75 -36.19
N THR C 205 33.07 -26.59 -35.30
CA THR C 205 32.67 -27.95 -35.65
C THR C 205 31.23 -27.99 -36.17
N ASP C 206 30.84 -29.17 -36.63
CA ASP C 206 29.63 -29.36 -37.41
C ASP C 206 28.38 -29.28 -36.53
N ASP C 207 28.47 -29.80 -35.31
CA ASP C 207 27.38 -29.66 -34.36
C ASP C 207 27.18 -28.20 -33.94
N GLU C 208 28.28 -27.45 -33.82
CA GLU C 208 28.17 -26.03 -33.54
C GLU C 208 27.60 -25.26 -34.73
N LYS C 209 27.91 -25.70 -35.96
CA LYS C 209 27.29 -25.12 -37.15
C LYS C 209 25.78 -25.30 -37.11
N ILE C 210 25.33 -26.54 -36.89
CA ILE C 210 23.90 -26.80 -36.89
C ILE C 210 23.22 -26.25 -35.63
N ASP C 211 24.00 -25.88 -34.61
CA ASP C 211 23.42 -25.19 -33.46
C ASP C 211 23.17 -23.72 -33.77
N LEU C 212 24.21 -23.00 -34.26
CA LEU C 212 24.02 -21.57 -34.41
C LEU C 212 23.20 -21.22 -35.64
N ILE C 213 23.02 -22.15 -36.57
CA ILE C 213 21.98 -21.97 -37.57
C ILE C 213 20.61 -22.09 -36.91
N GLU C 214 20.47 -23.01 -35.96
CA GLU C 214 19.18 -23.25 -35.32
C GLU C 214 18.76 -22.09 -34.43
N SER C 215 19.71 -21.31 -33.91
CA SER C 215 19.33 -20.19 -33.03
C SER C 215 18.63 -19.05 -33.76
N SER C 216 18.62 -19.04 -35.08
CA SER C 216 17.96 -17.98 -35.81
C SER C 216 16.44 -18.17 -35.77
N PRO C 217 15.68 -17.12 -35.40
CA PRO C 217 14.23 -17.28 -35.33
C PRO C 217 13.52 -17.23 -36.67
N THR C 218 14.16 -16.68 -37.69
CA THR C 218 13.66 -16.76 -39.06
C THR C 218 14.70 -17.48 -39.90
N LYS C 219 14.23 -18.16 -40.94
CA LYS C 219 15.13 -18.95 -41.78
C LYS C 219 15.90 -17.99 -42.68
N VAL C 220 17.00 -17.47 -42.14
CA VAL C 220 17.93 -16.64 -42.89
C VAL C 220 19.00 -17.47 -43.56
N PHE C 221 19.71 -18.27 -42.78
CA PHE C 221 20.78 -19.10 -43.29
C PHE C 221 20.22 -20.46 -43.71
N ASP C 222 21.07 -21.24 -44.38
CA ASP C 222 20.74 -22.62 -44.70
C ASP C 222 22.02 -23.43 -44.51
N PHE C 223 21.85 -24.70 -44.14
CA PHE C 223 22.98 -25.59 -43.94
C PHE C 223 23.16 -26.46 -45.18
N ASP C 224 24.19 -26.18 -45.96
CA ASP C 224 24.54 -26.98 -47.12
C ASP C 224 25.38 -28.14 -46.62
N ALA C 225 24.75 -29.31 -46.48
CA ALA C 225 25.42 -30.46 -45.92
C ALA C 225 26.37 -31.13 -46.92
N VAL C 226 26.19 -30.87 -48.21
CA VAL C 226 26.97 -31.60 -49.22
C VAL C 226 28.39 -31.04 -49.32
N THR C 227 28.55 -29.74 -49.05
CA THR C 227 29.87 -29.14 -48.98
C THR C 227 30.26 -28.76 -47.56
N ARG C 228 29.46 -29.17 -46.57
CA ARG C 228 29.59 -28.92 -45.14
C ARG C 228 29.47 -27.44 -44.76
N GLN C 229 29.14 -26.56 -45.69
CA GLN C 229 29.18 -25.13 -45.48
C GLN C 229 27.79 -24.58 -45.19
N VAL C 230 27.75 -23.28 -44.92
CA VAL C 230 26.53 -22.56 -44.65
C VAL C 230 26.30 -21.60 -45.81
N VAL C 231 25.06 -21.10 -45.91
CA VAL C 231 24.69 -20.24 -47.03
C VAL C 231 23.56 -19.32 -46.61
N VAL C 232 23.74 -18.02 -46.86
CA VAL C 232 22.62 -17.08 -46.81
C VAL C 232 21.71 -17.38 -47.98
N VAL C 233 20.45 -17.71 -47.69
CA VAL C 233 19.46 -17.93 -48.74
C VAL C 233 18.36 -16.90 -48.75
N ASP C 234 18.21 -16.11 -47.69
CA ASP C 234 17.18 -15.08 -47.68
C ASP C 234 17.59 -13.96 -46.75
N PRO C 235 18.20 -12.89 -47.27
CA PRO C 235 18.54 -11.76 -46.39
C PRO C 235 17.33 -10.98 -45.93
N GLU C 236 16.31 -10.89 -46.76
CA GLU C 236 15.10 -10.10 -46.49
C GLU C 236 14.18 -10.73 -45.49
N ALA C 237 14.52 -11.77 -44.75
CA ALA C 237 13.74 -12.20 -43.61
C ALA C 237 14.46 -11.95 -42.30
N TYR C 238 15.58 -11.24 -42.35
CA TYR C 238 16.28 -10.85 -41.13
C TYR C 238 15.57 -9.69 -40.45
N THR C 239 15.38 -9.79 -39.14
CA THR C 239 14.53 -8.86 -38.42
C THR C 239 15.25 -8.02 -37.38
N TYR C 240 16.58 -8.05 -37.37
CA TYR C 240 17.44 -7.22 -36.51
C TYR C 240 17.15 -7.42 -35.03
N ASP C 241 17.42 -8.63 -34.56
CA ASP C 241 17.31 -8.94 -33.14
C ASP C 241 18.60 -9.50 -32.56
N GLU C 242 19.63 -9.65 -33.38
CA GLU C 242 21.01 -10.00 -33.01
C GLU C 242 21.18 -11.34 -32.31
N GLU C 243 20.18 -12.23 -32.32
CA GLU C 243 20.28 -13.47 -31.56
C GLU C 243 21.35 -14.39 -32.13
N VAL C 244 21.56 -14.34 -33.44
CA VAL C 244 22.57 -15.19 -34.07
C VAL C 244 23.96 -14.72 -33.68
N ILE C 245 24.20 -13.41 -33.76
CA ILE C 245 25.52 -12.91 -33.39
C ILE C 245 25.71 -12.95 -31.89
N LYS C 246 24.62 -12.93 -31.11
CA LYS C 246 24.77 -13.11 -29.66
C LYS C 246 25.18 -14.52 -29.31
N LYS C 247 24.65 -15.52 -30.01
CA LYS C 247 25.11 -16.88 -29.74
C LYS C 247 26.51 -17.09 -30.30
N ALA C 248 26.88 -16.35 -31.33
CA ALA C 248 28.28 -16.34 -31.76
C ALA C 248 29.18 -15.69 -30.71
N GLU C 249 28.65 -14.71 -29.97
CA GLU C 249 29.43 -14.11 -28.88
C GLU C 249 29.55 -15.05 -27.70
N ALA C 250 28.48 -15.78 -27.39
CA ALA C 250 28.52 -16.72 -26.28
C ALA C 250 29.41 -17.91 -26.59
N MET C 251 29.49 -18.27 -27.87
CA MET C 251 30.44 -19.29 -28.32
C MET C 251 31.83 -18.74 -28.55
N GLY C 252 32.03 -17.44 -28.37
CA GLY C 252 33.36 -16.85 -28.38
C GLY C 252 34.03 -16.77 -29.72
N LYS C 253 33.34 -17.06 -30.82
CA LYS C 253 33.92 -16.98 -32.15
C LYS C 253 33.59 -15.63 -32.74
N GLN C 254 34.46 -14.65 -32.48
CA GLN C 254 34.28 -13.32 -33.03
C GLN C 254 34.84 -13.25 -34.45
N GLY C 255 34.37 -12.27 -35.20
CA GLY C 255 34.74 -12.16 -36.60
C GLY C 255 34.12 -13.23 -37.47
N LEU C 256 33.10 -13.91 -36.95
CA LEU C 256 32.46 -14.98 -37.71
C LEU C 256 31.44 -14.44 -38.70
N ILE C 257 30.39 -13.80 -38.21
CA ILE C 257 29.46 -13.08 -39.07
C ILE C 257 29.34 -11.65 -38.56
N GLU C 258 29.09 -10.73 -39.49
CA GLU C 258 28.81 -9.34 -39.15
C GLU C 258 27.66 -8.88 -40.02
N ILE C 259 26.78 -8.08 -39.45
CA ILE C 259 25.55 -7.67 -40.13
C ILE C 259 25.43 -6.17 -40.04
N ARG C 260 25.28 -5.52 -41.20
CA ARG C 260 25.28 -4.07 -41.28
C ARG C 260 24.10 -3.63 -42.14
N PRO C 261 23.20 -2.79 -41.62
CA PRO C 261 22.12 -2.25 -42.46
C PRO C 261 22.67 -1.25 -43.46
N LYS C 262 22.32 -1.45 -44.73
CA LYS C 262 22.80 -0.53 -45.76
C LYS C 262 22.05 0.80 -45.67
N ASP C 263 22.72 1.87 -46.11
CA ASP C 263 22.17 3.20 -45.97
C ASP C 263 21.01 3.44 -46.92
N ASP C 264 21.06 2.80 -48.09
CA ASP C 264 20.05 2.90 -49.13
C ASP C 264 19.06 1.76 -49.02
N SER C 265 18.32 1.51 -50.11
CA SER C 265 17.66 0.23 -50.40
C SER C 265 16.53 -0.08 -49.41
N PHE C 266 15.45 0.66 -49.59
CA PHE C 266 14.29 0.64 -48.69
C PHE C 266 13.14 -0.14 -49.31
N ILE C 267 12.92 -1.36 -48.83
CA ILE C 267 11.93 -2.26 -49.41
C ILE C 267 10.58 -1.89 -48.83
N PHE C 268 9.72 -1.29 -49.65
CA PHE C 268 8.39 -0.93 -49.18
C PHE C 268 7.45 -2.12 -49.21
N THR C 269 6.30 -1.94 -48.57
CA THR C 269 5.21 -2.90 -48.61
C THR C 269 3.93 -2.11 -48.38
N VAL C 270 3.16 -1.90 -49.44
CA VAL C 270 2.00 -1.03 -49.39
C VAL C 270 0.75 -1.86 -49.58
N GLU C 271 -0.21 -1.69 -48.68
CA GLU C 271 -1.52 -2.30 -48.85
C GLU C 271 -2.54 -1.17 -48.96
N SER C 272 -3.81 -1.54 -49.03
CA SER C 272 -4.85 -0.55 -49.27
C SER C 272 -6.19 -1.10 -48.81
N THR C 273 -7.08 -0.20 -48.38
CA THR C 273 -8.42 -0.62 -48.00
C THR C 273 -9.28 -0.97 -49.20
N GLY C 274 -8.84 -0.66 -50.41
CA GLY C 274 -9.64 -0.86 -51.60
C GLY C 274 -10.41 0.36 -52.03
N ALA C 275 -10.27 1.48 -51.31
CA ALA C 275 -10.85 2.72 -51.78
C ALA C 275 -10.05 3.29 -52.94
N VAL C 276 -8.73 3.13 -52.90
CA VAL C 276 -7.81 3.61 -53.92
C VAL C 276 -6.89 2.44 -54.25
N LYS C 277 -6.48 2.34 -55.51
CA LYS C 277 -5.45 1.37 -55.87
C LYS C 277 -4.11 1.76 -55.26
N ALA C 278 -3.15 0.84 -55.33
CA ALA C 278 -1.88 1.03 -54.64
C ALA C 278 -0.97 2.03 -55.36
N SER C 279 -0.79 1.83 -56.66
CA SER C 279 0.05 2.75 -57.44
C SER C 279 -0.57 4.15 -57.49
N GLN C 280 -1.90 4.23 -57.44
CA GLN C 280 -2.54 5.54 -57.34
C GLN C 280 -2.26 6.21 -56.00
N LEU C 281 -2.13 5.42 -54.92
CA LEU C 281 -1.71 5.98 -53.64
C LEU C 281 -0.29 6.53 -53.70
N VAL C 282 0.63 5.80 -54.31
CA VAL C 282 2.01 6.28 -54.39
C VAL C 282 2.09 7.56 -55.22
N LEU C 283 1.34 7.62 -56.33
CA LEU C 283 1.42 8.79 -57.19
C LEU C 283 0.72 9.99 -56.58
N ASN C 284 -0.37 9.77 -55.84
CA ASN C 284 -1.00 10.86 -55.13
C ASN C 284 -0.12 11.37 -53.99
N ALA C 285 0.67 10.49 -53.39
CA ALA C 285 1.62 10.92 -52.36
C ALA C 285 2.70 11.82 -52.94
N ILE C 286 3.25 11.44 -54.10
CA ILE C 286 4.28 12.27 -54.74
C ILE C 286 3.69 13.61 -55.18
N ASP C 287 2.45 13.62 -55.65
CA ASP C 287 1.82 14.88 -56.03
C ASP C 287 1.51 15.78 -54.83
N LEU C 288 1.08 15.22 -53.70
CA LEU C 288 0.84 16.07 -52.54
C LEU C 288 2.13 16.58 -51.93
N LEU C 289 3.22 15.81 -52.02
CA LEU C 289 4.51 16.33 -51.60
C LEU C 289 4.96 17.48 -52.49
N LYS C 290 4.69 17.40 -53.80
CA LYS C 290 5.02 18.53 -54.66
C LYS C 290 4.16 19.75 -54.35
N GLN C 291 2.88 19.54 -53.99
CA GLN C 291 2.04 20.70 -53.66
C GLN C 291 2.50 21.35 -52.35
N LYS C 292 2.92 20.54 -51.38
CA LYS C 292 3.40 21.10 -50.11
C LYS C 292 4.74 21.80 -50.28
N LEU C 293 5.65 21.22 -51.08
CA LEU C 293 6.89 21.92 -51.39
C LEU C 293 6.67 23.17 -52.23
N ASP C 294 5.55 23.23 -52.96
CA ASP C 294 5.24 24.44 -53.70
C ASP C 294 4.73 25.54 -52.79
N ALA C 295 3.93 25.20 -51.78
CA ALA C 295 3.30 26.27 -51.03
C ALA C 295 4.17 26.86 -49.92
N VAL C 296 5.47 26.57 -49.87
CA VAL C 296 6.32 27.08 -48.81
C VAL C 296 7.55 27.79 -49.36
N ARG C 297 7.46 28.36 -50.56
CA ARG C 297 8.62 29.05 -51.11
C ARG C 297 8.61 30.53 -50.76
N LEU C 298 9.81 31.09 -50.63
CA LEU C 298 10.01 32.52 -50.45
C LEU C 298 10.63 33.14 -51.70
N SER C 299 10.21 32.66 -52.88
CA SER C 299 10.76 33.13 -54.14
C SER C 299 10.32 34.54 -54.50
N ASP C 300 9.34 35.11 -53.80
CA ASP C 300 8.80 36.42 -54.18
C ASP C 300 9.77 37.55 -53.86
N ASP C 301 10.42 37.48 -52.70
CA ASP C 301 11.38 38.50 -52.27
C ASP C 301 12.72 37.81 -52.08
N THR C 302 13.62 38.03 -53.04
CA THR C 302 14.95 37.42 -52.96
C THR C 302 15.85 38.13 -51.96
N VAL C 303 15.66 39.42 -51.74
CA VAL C 303 16.48 40.16 -50.78
C VAL C 303 15.68 41.32 -50.20
N SER D 23 38.54 -6.65 36.01
CA SER D 23 39.83 -7.33 35.93
C SER D 23 40.01 -8.26 37.13
N LYS D 24 41.05 -7.98 37.92
CA LYS D 24 41.22 -8.63 39.20
C LYS D 24 40.20 -8.08 40.19
N TYR D 25 39.89 -8.85 41.22
CA TYR D 25 38.85 -8.52 42.18
C TYR D 25 39.18 -9.12 43.53
N VAL D 26 39.03 -8.33 44.58
CA VAL D 26 39.29 -8.82 45.93
C VAL D 26 37.99 -9.07 46.69
N ASP D 27 37.15 -8.03 46.79
CA ASP D 27 35.83 -7.94 47.42
C ASP D 27 35.67 -8.29 48.92
N PRO D 28 36.56 -7.88 49.87
CA PRO D 28 36.07 -7.69 51.24
C PRO D 28 35.77 -6.22 51.55
N SER D 29 34.72 -5.95 52.30
CA SER D 29 34.47 -4.57 52.75
C SER D 29 33.62 -4.53 54.00
N SER D 30 34.03 -3.71 54.96
CA SER D 30 33.08 -3.16 55.91
C SER D 30 32.27 -2.12 55.17
N GLU D 31 31.06 -2.48 54.72
CA GLU D 31 30.42 -1.79 53.62
C GLU D 31 29.95 -0.40 54.02
N GLU D 32 29.60 -0.23 55.29
CA GLU D 32 29.10 1.06 55.77
C GLU D 32 30.17 2.15 55.72
N SER D 33 31.42 1.81 56.00
CA SER D 33 32.50 2.79 55.98
C SER D 33 32.82 3.25 54.56
N HIS D 34 32.56 2.41 53.57
CA HIS D 34 32.74 2.80 52.17
C HIS D 34 31.77 3.91 51.80
N ARG D 35 30.53 3.81 52.30
CA ARG D 35 29.48 4.78 52.10
C ARG D 35 29.74 6.10 52.80
N TYR D 36 30.70 6.16 53.72
CA TYR D 36 31.12 7.43 54.28
C TYR D 36 32.41 7.94 53.70
N TYR D 37 33.30 7.04 53.27
CA TYR D 37 34.50 7.42 52.53
C TYR D 37 34.14 8.18 51.26
N LEU D 38 33.24 7.61 50.45
CA LEU D 38 32.87 8.27 49.20
C LEU D 38 32.09 9.55 49.45
N ALA D 39 31.23 9.56 50.48
CA ALA D 39 30.42 10.75 50.78
C ALA D 39 31.30 11.89 51.26
N ARG D 40 32.22 11.61 52.19
CA ARG D 40 33.14 12.63 52.68
C ARG D 40 34.05 13.14 51.58
N ARG D 41 34.54 12.25 50.72
CA ARG D 41 35.45 12.69 49.67
C ARG D 41 34.73 13.55 48.64
N ASN D 42 33.45 13.23 48.38
CA ASN D 42 32.66 14.06 47.48
C ASN D 42 32.37 15.43 48.09
N ALA D 43 32.05 15.48 49.39
CA ALA D 43 31.73 16.77 50.00
C ALA D 43 32.97 17.65 50.10
N LEU D 44 34.14 17.05 50.32
CA LEU D 44 35.36 17.84 50.32
C LEU D 44 35.75 18.30 48.92
N GLU D 45 35.46 17.49 47.90
CA GLU D 45 35.64 17.98 46.53
C GLU D 45 34.68 19.11 46.19
N MET D 46 33.46 19.07 46.74
CA MET D 46 32.50 20.15 46.50
C MET D 46 32.97 21.44 47.15
N LEU D 47 33.44 21.38 48.39
CA LEU D 47 33.95 22.59 49.02
C LEU D 47 35.29 23.02 48.43
N ARG D 48 36.03 22.09 47.81
CA ARG D 48 37.22 22.48 47.09
C ARG D 48 36.88 23.26 45.83
N ASP D 49 35.81 22.86 45.14
CA ASP D 49 35.41 23.58 43.94
C ASP D 49 34.55 24.80 44.25
N ARG D 50 34.09 24.95 45.48
CA ARG D 50 33.56 26.24 45.89
C ARG D 50 34.65 27.21 46.33
N GLY D 51 35.92 26.83 46.24
CA GLY D 51 37.03 27.72 46.47
C GLY D 51 37.37 27.95 47.92
N TYR D 52 37.56 26.87 48.67
CA TYR D 52 37.89 26.96 50.09
C TYR D 52 39.28 26.38 50.32
N GLU D 53 39.83 26.65 51.51
CA GLU D 53 41.19 26.23 51.86
C GLU D 53 41.15 24.78 52.33
N VAL D 54 41.47 23.87 51.41
CA VAL D 54 41.49 22.44 51.69
C VAL D 54 42.72 21.82 51.03
N SER D 55 43.41 20.94 51.75
CA SER D 55 44.69 20.43 51.31
C SER D 55 44.53 19.32 50.28
N LEU D 56 45.66 18.85 49.76
CA LEU D 56 45.66 17.78 48.77
C LEU D 56 45.49 16.41 49.44
N GLU D 57 46.24 16.17 50.51
CA GLU D 57 46.33 14.83 51.07
C GLU D 57 45.07 14.45 51.85
N ASP D 58 44.31 15.43 52.33
CA ASP D 58 43.09 15.11 53.05
C ASP D 58 41.98 14.61 52.13
N ILE D 59 42.07 14.92 50.83
CA ILE D 59 41.10 14.37 49.90
C ILE D 59 41.70 13.26 49.04
N ASN D 60 43.01 13.15 48.95
CA ASN D 60 43.61 12.15 48.08
C ASN D 60 44.16 10.95 48.83
N LEU D 61 43.67 10.69 50.04
CA LEU D 61 43.99 9.46 50.74
C LEU D 61 43.31 8.28 50.08
N SER D 62 43.83 7.08 50.33
CA SER D 62 43.21 5.85 49.85
C SER D 62 42.12 5.43 50.82
N LEU D 63 41.47 4.29 50.53
CA LEU D 63 40.41 3.81 51.40
C LEU D 63 40.95 2.88 52.49
N GLN D 64 42.10 2.26 52.23
CA GLN D 64 42.72 1.38 53.22
C GLN D 64 43.19 2.17 54.43
N ASP D 65 44.02 3.18 54.20
CA ASP D 65 44.45 4.05 55.28
C ASP D 65 43.35 4.97 55.76
N PHE D 66 42.26 5.11 55.00
CA PHE D 66 41.04 5.65 55.57
C PHE D 66 40.51 4.76 56.68
N ARG D 67 40.26 3.48 56.37
CA ARG D 67 39.60 2.60 57.31
C ARG D 67 40.52 2.23 58.48
N THR D 68 41.83 2.38 58.33
CA THR D 68 42.71 2.16 59.50
C THR D 68 42.52 3.24 60.55
N VAL D 69 42.67 4.50 60.16
CA VAL D 69 42.69 5.59 61.13
C VAL D 69 41.29 5.93 61.61
N TYR D 70 40.26 5.59 60.83
CA TYR D 70 38.91 6.08 61.09
C TYR D 70 37.95 4.96 61.41
N GLY D 71 38.46 3.85 61.95
CA GLY D 71 37.62 2.73 62.26
C GLY D 71 37.34 1.88 61.03
N GLU D 72 37.48 0.56 61.14
CA GLU D 72 37.31 -0.28 59.96
C GLU D 72 35.83 -0.36 59.63
N ARG D 73 35.03 -0.98 60.50
CA ARG D 73 33.59 -0.83 60.33
C ARG D 73 33.04 0.44 61.01
N PRO D 74 33.21 0.69 62.33
CA PRO D 74 32.41 1.76 62.93
C PRO D 74 33.09 3.12 62.94
N ASP D 75 32.29 4.14 62.59
CA ASP D 75 32.65 5.54 62.74
C ASP D 75 31.41 6.42 62.70
N VAL D 76 31.07 7.04 63.84
CA VAL D 76 29.94 7.95 63.94
C VAL D 76 30.38 9.14 64.79
N ASP D 77 29.91 10.34 64.39
CA ASP D 77 30.22 11.62 65.03
C ASP D 77 31.73 11.87 65.13
N ARG D 78 32.46 11.40 64.14
CA ARG D 78 33.92 11.36 64.19
C ARG D 78 34.47 12.74 63.82
N LEU D 79 35.78 12.95 64.08
CA LEU D 79 36.47 14.18 63.68
C LEU D 79 36.68 14.27 62.18
N ARG D 80 36.34 13.23 61.42
CA ARG D 80 36.18 13.31 59.97
C ARG D 80 35.20 14.40 59.57
N ILE D 81 34.11 14.54 60.33
CA ILE D 81 33.06 15.51 60.07
C ILE D 81 33.53 16.94 60.28
N SER D 82 34.65 17.14 60.97
CA SER D 82 35.14 18.47 61.34
C SER D 82 35.83 19.21 60.19
N ALA D 83 35.57 18.83 58.93
CA ALA D 83 35.90 19.65 57.79
C ALA D 83 35.22 21.00 57.91
N HIS D 84 36.02 22.05 58.04
CA HIS D 84 35.57 23.39 58.34
C HIS D 84 36.67 24.35 57.93
N HIS D 85 36.38 25.22 56.97
CA HIS D 85 37.46 25.91 56.26
C HIS D 85 37.08 27.35 55.95
N ARG D 86 38.07 28.07 55.42
CA ARG D 86 37.94 29.47 55.06
C ARG D 86 37.99 29.61 53.54
N SER D 87 37.19 30.52 53.00
CA SER D 87 37.32 30.84 51.58
C SER D 87 38.65 31.52 51.30
N ASP D 88 38.76 32.74 51.76
CA ASP D 88 40.05 33.42 51.84
C ASP D 88 40.33 33.97 53.23
N SER D 89 39.36 34.62 53.87
CA SER D 89 39.52 35.11 55.22
C SER D 89 38.47 34.60 56.19
N SER D 90 37.18 34.82 55.91
CA SER D 90 36.17 34.70 56.95
C SER D 90 34.85 34.12 56.46
N ASN D 91 34.88 33.22 55.48
CA ASN D 91 33.69 32.50 55.04
C ASN D 91 33.82 31.08 55.56
N LYS D 92 32.91 30.70 56.44
CA LYS D 92 33.05 29.49 57.24
C LYS D 92 31.94 28.51 56.90
N VAL D 93 32.31 27.33 56.43
CA VAL D 93 31.36 26.27 56.10
C VAL D 93 31.82 24.98 56.75
N LYS D 94 30.93 24.33 57.49
CA LYS D 94 31.19 23.03 58.06
C LYS D 94 29.98 22.13 57.81
N VAL D 95 30.20 20.84 57.97
CA VAL D 95 29.19 19.82 57.72
C VAL D 95 28.87 19.11 59.03
N VAL D 96 27.73 18.43 59.08
CA VAL D 96 27.40 17.54 60.18
C VAL D 96 26.80 16.26 59.59
N PHE D 97 27.58 15.18 59.63
CA PHE D 97 27.11 13.91 59.11
C PHE D 97 26.15 13.29 60.11
N PHE D 98 25.08 12.70 59.62
CA PHE D 98 24.12 11.98 60.46
C PHE D 98 24.11 10.53 60.03
N GLY D 99 24.74 9.66 60.82
CA GLY D 99 24.72 8.23 60.55
C GLY D 99 23.50 7.50 61.04
N THR D 100 22.49 8.25 61.48
CA THR D 100 21.31 7.69 62.12
C THR D 100 20.38 7.03 61.12
N GLY D 101 19.24 6.58 61.64
CA GLY D 101 18.12 6.10 60.84
C GLY D 101 16.84 6.85 61.13
N LYS D 102 16.92 7.98 61.85
CA LYS D 102 15.79 8.85 62.16
C LYS D 102 16.33 10.19 62.65
N VAL D 103 15.73 11.28 62.16
CA VAL D 103 16.14 12.63 62.50
C VAL D 103 14.96 13.39 63.08
N LYS D 104 15.16 14.00 64.25
CA LYS D 104 14.21 14.91 64.86
C LYS D 104 14.86 16.25 65.14
N VAL D 105 14.11 17.13 65.80
CA VAL D 105 14.60 18.47 66.09
C VAL D 105 15.65 18.45 67.18
N ASN D 106 15.60 17.46 68.07
CA ASN D 106 16.50 17.42 69.22
C ASN D 106 17.94 17.13 68.80
N THR D 107 18.12 16.25 67.81
CA THR D 107 19.44 15.93 67.29
C THR D 107 20.08 17.14 66.62
N ILE D 108 19.33 17.82 65.74
CA ILE D 108 19.91 18.91 64.99
C ILE D 108 20.13 20.14 65.88
N ARG D 109 19.26 20.36 66.85
CA ARG D 109 19.48 21.46 67.79
C ARG D 109 20.67 21.15 68.70
N SER D 110 20.81 19.90 69.14
CA SER D 110 21.92 19.52 69.99
C SER D 110 23.26 19.56 69.26
N VAL D 111 23.26 19.38 67.93
CA VAL D 111 24.51 19.48 67.19
C VAL D 111 24.75 20.85 66.57
N ALA D 112 23.77 21.75 66.59
CA ALA D 112 23.97 23.09 66.04
C ALA D 112 24.14 24.16 67.11
N ALA D 113 23.42 24.05 68.24
CA ALA D 113 23.47 25.09 69.26
C ALA D 113 24.80 25.10 70.02
N GLU D 114 25.60 24.04 69.90
CA GLU D 114 26.96 24.02 70.39
C GLU D 114 27.98 24.41 69.34
N ILE D 115 27.67 24.21 68.07
CA ILE D 115 28.69 24.36 67.04
C ILE D 115 28.62 25.74 66.37
N LEU D 116 27.53 26.48 66.54
CA LEU D 116 27.50 27.83 65.96
C LEU D 116 28.37 28.80 66.75
N SER D 117 28.75 28.45 67.98
CA SER D 117 29.70 29.21 68.78
C SER D 117 31.14 28.88 68.45
N GLN D 118 31.39 28.23 67.31
CA GLN D 118 32.74 28.01 66.79
C GLN D 118 33.03 28.94 65.62
N GLU D 119 32.31 30.06 65.52
CA GLU D 119 32.47 31.11 64.51
C GLU D 119 32.26 30.55 63.09
N THR D 120 31.02 30.16 62.83
CA THR D 120 30.60 29.72 61.51
C THR D 120 29.43 30.57 61.02
N ILE D 121 29.28 30.60 59.69
CA ILE D 121 28.22 31.39 59.05
C ILE D 121 27.35 30.57 58.12
N THR D 122 27.75 29.36 57.76
CA THR D 122 26.95 28.49 56.90
C THR D 122 27.25 27.05 57.27
N GLY D 123 26.21 26.23 57.45
CA GLY D 123 26.38 24.84 57.76
C GLY D 123 25.75 23.97 56.68
N LEU D 124 26.15 22.70 56.64
CA LEU D 124 25.61 21.75 55.70
C LEU D 124 25.05 20.56 56.46
N ILE D 125 24.10 19.86 55.85
CA ILE D 125 23.40 18.75 56.47
C ILE D 125 23.55 17.52 55.58
N LEU D 126 24.00 16.41 56.17
CA LEU D 126 24.10 15.15 55.42
C LEU D 126 23.10 14.14 55.98
N VAL D 127 21.89 14.21 55.43
CA VAL D 127 20.84 13.28 55.82
C VAL D 127 21.14 11.90 55.26
N LEU D 128 20.87 10.85 56.04
CA LEU D 128 21.02 9.49 55.56
C LEU D 128 19.68 8.78 55.37
N GLN D 129 18.78 8.85 56.36
CA GLN D 129 17.51 8.14 56.20
C GLN D 129 16.55 8.93 55.33
N ASN D 130 16.06 10.06 55.84
CA ASN D 130 15.12 10.97 55.20
C ASN D 130 14.90 12.12 56.16
N GLN D 131 14.45 13.24 55.63
CA GLN D 131 13.96 14.36 56.43
C GLN D 131 12.56 14.70 55.96
N VAL D 132 11.69 14.96 56.93
CA VAL D 132 10.26 15.17 56.67
C VAL D 132 9.94 16.65 56.77
N THR D 133 8.85 17.07 56.13
CA THR D 133 8.41 18.45 56.22
C THR D 133 7.72 18.79 57.54
N ASP D 134 7.59 17.81 58.44
CA ASP D 134 6.93 18.05 59.72
C ASP D 134 7.82 18.85 60.66
N LYS D 135 9.11 18.94 60.37
CA LYS D 135 10.05 19.75 61.13
C LYS D 135 10.91 20.57 60.17
N ALA D 136 10.25 21.25 59.24
CA ALA D 136 10.93 22.03 58.23
C ALA D 136 11.04 23.51 58.57
N LEU D 137 10.03 24.11 59.21
CA LEU D 137 10.09 25.51 59.58
C LEU D 137 11.10 25.76 60.69
N LYS D 138 11.31 24.76 61.56
CA LYS D 138 12.35 24.83 62.58
C LYS D 138 13.75 24.59 62.01
N ALA D 139 13.85 24.27 60.73
CA ALA D 139 15.13 24.19 60.03
C ALA D 139 15.41 25.45 59.21
N ILE D 140 14.37 26.20 58.85
CA ILE D 140 14.56 27.42 58.07
C ILE D 140 14.22 28.63 58.93
N GLU D 141 14.14 28.42 60.25
CA GLU D 141 14.04 29.54 61.18
C GLU D 141 15.37 30.24 61.41
N LEU D 142 16.48 29.59 61.03
CA LEU D 142 17.81 30.00 61.48
C LEU D 142 18.24 31.31 60.84
N PHE D 143 18.35 32.36 61.66
CA PHE D 143 18.69 33.69 61.18
C PHE D 143 20.15 33.74 60.75
N THR D 144 20.39 34.32 59.58
CA THR D 144 21.69 34.60 58.96
C THR D 144 22.57 33.37 58.79
N PHE D 145 22.01 32.17 58.90
CA PHE D 145 22.77 30.93 58.88
C PHE D 145 22.03 29.99 57.95
N LYS D 146 22.35 30.08 56.65
CA LYS D 146 21.69 29.25 55.66
C LYS D 146 22.27 27.85 55.72
N VAL D 147 21.42 26.85 55.51
CA VAL D 147 21.83 25.45 55.60
C VAL D 147 21.44 24.73 54.32
N GLU D 148 22.28 23.80 53.88
CA GLU D 148 22.00 22.96 52.72
C GLU D 148 21.93 21.51 53.17
N ILE D 149 21.12 20.71 52.47
CA ILE D 149 20.94 19.32 52.80
C ILE D 149 21.41 18.46 51.64
N PHE D 150 21.43 17.15 51.87
CA PHE D 150 21.77 16.16 50.84
C PHE D 150 21.03 14.86 51.14
N GLN D 151 21.47 13.81 50.47
CA GLN D 151 21.30 12.42 50.89
C GLN D 151 22.68 11.81 50.76
N ILE D 152 22.99 10.81 51.61
CA ILE D 152 24.28 10.13 51.49
C ILE D 152 24.38 9.38 50.18
N THR D 153 23.26 8.82 49.72
CA THR D 153 23.26 7.95 48.55
C THR D 153 23.41 8.70 47.23
N ASP D 154 23.30 10.03 47.22
CA ASP D 154 23.60 10.75 45.99
C ASP D 154 25.08 11.02 45.80
N LEU D 155 25.86 10.96 46.87
CA LEU D 155 27.21 11.50 46.85
C LEU D 155 28.27 10.45 46.52
N LEU D 156 27.88 9.31 46.00
CA LEU D 156 28.82 8.23 45.77
C LEU D 156 29.61 8.40 44.49
N VAL D 157 29.33 9.44 43.69
CA VAL D 157 30.04 9.70 42.44
C VAL D 157 30.47 11.15 42.41
N ASN D 158 31.16 11.52 41.34
CA ASN D 158 31.46 12.90 41.02
C ASN D 158 30.74 13.21 39.71
N LEU D 159 29.69 14.03 39.78
CA LEU D 159 28.98 14.43 38.56
C LEU D 159 29.82 15.37 37.72
N THR D 160 30.71 16.13 38.35
CA THR D 160 31.60 17.00 37.61
C THR D 160 32.67 16.25 36.86
N LYS D 161 33.09 15.09 37.37
CA LYS D 161 34.08 14.28 36.68
C LYS D 161 33.49 13.44 35.56
N HIS D 162 32.18 13.44 35.39
CA HIS D 162 31.57 12.65 34.34
C HIS D 162 31.91 13.25 32.98
N VAL D 163 31.96 12.39 31.96
CA VAL D 163 32.33 12.82 30.61
C VAL D 163 31.31 13.79 30.04
N LEU D 164 30.04 13.60 30.35
CA LEU D 164 28.96 14.41 29.80
C LEU D 164 28.62 15.61 30.66
N SER D 165 29.57 16.16 31.39
CA SER D 165 29.31 17.35 32.20
C SER D 165 30.06 18.55 31.63
N LEU D 166 29.48 19.73 31.81
CA LEU D 166 29.86 20.93 31.09
C LEU D 166 30.44 21.96 32.04
N ARG D 167 31.59 22.51 31.66
CA ARG D 167 32.32 23.46 32.51
C ARG D 167 31.58 24.79 32.53
N HIS D 168 30.81 25.02 33.58
CA HIS D 168 30.12 26.28 33.77
C HIS D 168 31.09 27.37 34.21
N ARG D 169 30.73 28.62 33.89
CA ARG D 169 31.55 29.79 34.23
C ARG D 169 30.61 30.88 34.71
N VAL D 170 30.61 31.12 36.02
CA VAL D 170 29.67 32.08 36.60
C VAL D 170 30.18 33.51 36.34
N LEU D 171 29.25 34.39 36.01
CA LEU D 171 29.57 35.77 35.67
C LEU D 171 29.39 36.67 36.89
N THR D 172 30.18 37.74 36.94
CA THR D 172 30.10 38.71 38.04
C THR D 172 28.87 39.59 37.89
N ASP D 173 28.66 40.46 38.89
CA ASP D 173 27.51 41.35 38.90
C ASP D 173 27.63 42.41 37.83
N GLY D 174 28.85 42.92 37.59
CA GLY D 174 29.04 43.93 36.57
C GLY D 174 28.81 43.37 35.17
N GLU D 175 29.28 42.16 34.92
CA GLU D 175 29.03 41.52 33.63
C GLU D 175 27.57 41.11 33.50
N LYS D 176 26.89 40.86 34.62
CA LYS D 176 25.45 40.65 34.61
C LYS D 176 24.70 41.90 34.18
N LYS D 177 25.09 43.06 34.73
CA LYS D 177 24.47 44.32 34.31
C LYS D 177 24.81 44.67 32.88
N ALA D 178 26.03 44.35 32.43
CA ALA D 178 26.40 44.55 31.03
C ALA D 178 25.65 43.60 30.11
N LEU D 179 25.26 42.43 30.61
CA LEU D 179 24.42 41.53 29.83
C LEU D 179 23.00 42.06 29.72
N LEU D 180 22.45 42.54 30.83
CA LEU D 180 21.10 43.09 30.83
C LEU D 180 20.99 44.37 30.02
N LYS D 181 22.05 45.17 29.96
CA LYS D 181 22.04 46.45 29.26
C LYS D 181 22.52 46.34 27.81
N GLN D 182 23.34 45.33 27.54
CA GLN D 182 23.80 45.09 26.14
C GLN D 182 22.59 45.00 25.21
N PHE D 183 21.69 44.05 25.47
CA PHE D 183 20.51 43.85 24.60
C PHE D 183 19.28 44.54 25.21
N ASN D 184 19.50 45.44 26.17
CA ASN D 184 18.40 46.17 26.77
C ASN D 184 17.29 45.21 27.21
N ILE D 185 17.66 44.31 28.12
CA ILE D 185 16.77 43.24 28.56
C ILE D 185 16.67 43.22 30.07
N GLU D 186 15.47 42.88 30.54
CA GLU D 186 15.13 42.83 31.94
C GLU D 186 15.71 41.56 32.56
N GLU D 187 15.71 41.49 33.89
CA GLU D 187 16.17 40.31 34.62
C GLU D 187 15.31 39.09 34.32
N LYS D 188 14.00 39.26 34.30
CA LYS D 188 13.06 38.15 34.24
C LYS D 188 12.80 37.62 32.83
N GLN D 189 13.60 38.00 31.85
CA GLN D 189 13.36 37.61 30.47
C GLN D 189 14.31 36.55 29.96
N LEU D 190 15.28 36.13 30.77
CA LEU D 190 16.34 35.26 30.31
C LEU D 190 15.86 33.82 30.18
N PRO D 191 16.60 32.97 29.47
CA PRO D 191 16.36 31.52 29.58
C PRO D 191 16.68 31.04 30.99
N ARG D 192 15.66 30.54 31.68
CA ARG D 192 15.76 30.29 33.11
C ARG D 192 16.50 28.98 33.40
N ILE D 193 16.71 28.74 34.68
CA ILE D 193 17.17 27.46 35.20
C ILE D 193 16.60 27.33 36.62
N SER D 194 16.16 26.14 36.99
CA SER D 194 15.51 25.95 38.27
C SER D 194 16.53 25.99 39.40
N LYS D 195 16.06 26.33 40.60
CA LYS D 195 16.92 26.39 41.77
C LYS D 195 17.11 25.02 42.43
N LYS D 196 16.64 23.95 41.80
CA LYS D 196 16.91 22.60 42.25
C LYS D 196 17.78 21.81 41.27
N ASP D 197 18.48 22.48 40.37
CA ASP D 197 19.33 21.77 39.44
C ASP D 197 20.59 21.30 40.14
N ALA D 198 21.13 20.17 39.67
CA ALA D 198 22.30 19.51 40.22
C ALA D 198 23.58 20.32 40.10
N VAL D 199 23.59 21.40 39.33
CA VAL D 199 24.70 22.34 39.36
C VAL D 199 24.39 23.56 40.23
N VAL D 200 23.12 23.99 40.28
CA VAL D 200 22.69 25.10 41.13
C VAL D 200 22.91 24.77 42.60
N ARG D 201 22.41 23.60 43.04
CA ARG D 201 22.59 23.18 44.42
C ARG D 201 24.02 22.80 44.74
N TYR D 202 24.85 22.59 43.72
CA TYR D 202 26.20 22.10 43.96
C TYR D 202 27.13 23.24 44.35
N TYR D 203 27.24 24.25 43.50
CA TYR D 203 28.14 25.36 43.78
C TYR D 203 27.58 26.35 44.79
N GLY D 204 26.35 26.13 45.27
CA GLY D 204 25.73 27.05 46.20
C GLY D 204 25.40 28.35 45.51
N LEU D 205 24.43 28.32 44.60
CA LEU D 205 24.13 29.48 43.79
C LEU D 205 22.82 30.11 44.25
N GLU D 206 22.57 31.32 43.74
CA GLU D 206 21.49 32.15 44.24
C GLU D 206 20.68 32.69 43.06
N LYS D 207 19.39 32.93 43.31
CA LYS D 207 18.50 33.56 42.34
C LYS D 207 19.04 34.87 41.83
N GLY D 208 19.16 34.97 40.51
CA GLY D 208 19.69 36.17 39.89
C GLY D 208 21.02 35.93 39.22
N GLN D 209 21.84 35.08 39.82
CA GLN D 209 23.19 34.82 39.33
C GLN D 209 23.16 34.16 37.96
N ILE D 210 24.03 34.63 37.07
CA ILE D 210 24.02 34.27 35.66
C ILE D 210 25.16 33.30 35.39
N VAL D 211 24.83 32.17 34.77
CA VAL D 211 25.81 31.17 34.41
C VAL D 211 25.96 31.17 32.89
N LYS D 212 27.10 30.68 32.41
CA LYS D 212 27.42 30.69 30.99
C LYS D 212 28.00 29.33 30.61
N VAL D 213 27.43 28.71 29.58
CA VAL D 213 27.82 27.37 29.18
C VAL D 213 28.36 27.42 27.76
N SER D 214 29.45 26.69 27.54
CA SER D 214 29.98 26.49 26.20
C SER D 214 29.85 25.01 25.86
N TYR D 215 29.16 24.71 24.78
CA TYR D 215 28.86 23.33 24.45
C TYR D 215 29.95 22.71 23.59
N ARG D 216 29.81 21.41 23.35
CA ARG D 216 30.66 20.67 22.40
C ARG D 216 29.83 19.49 21.92
N GLY D 217 29.80 19.30 20.61
CA GLY D 217 29.02 18.23 20.02
C GLY D 217 29.09 18.35 18.51
N GLU D 218 28.62 17.30 17.84
CA GLU D 218 28.67 17.29 16.38
C GLU D 218 27.70 18.29 15.80
N LEU D 219 26.53 18.43 16.42
CA LEU D 219 25.63 19.50 16.06
C LEU D 219 25.97 20.78 16.82
N THR D 220 25.85 20.75 18.15
CA THR D 220 26.02 21.95 18.95
C THR D 220 27.47 22.03 19.41
N GLU D 221 28.32 22.58 18.57
CA GLU D 221 29.72 22.75 18.93
C GLU D 221 30.04 24.17 19.40
N SER D 222 29.82 25.17 18.57
CA SER D 222 30.25 26.53 18.88
C SER D 222 29.13 27.36 19.49
N TYR D 223 28.11 26.70 20.00
CA TYR D 223 26.94 27.37 20.55
C TYR D 223 27.20 27.73 22.01
N VAL D 224 26.73 28.91 22.41
CA VAL D 224 26.83 29.37 23.79
C VAL D 224 25.45 29.79 24.28
N ALA D 225 25.25 29.72 25.59
CA ALA D 225 23.93 29.96 26.15
C ALA D 225 24.07 30.49 27.57
N TYR D 226 23.18 31.41 27.91
CA TYR D 226 23.21 32.10 29.19
C TYR D 226 21.97 31.74 29.99
N ARG D 227 22.15 31.46 31.27
CA ARG D 227 21.02 31.13 32.14
C ARG D 227 21.18 31.81 33.49
N CYS D 228 20.08 32.37 33.98
CA CYS D 228 20.01 32.87 35.35
C CYS D 228 19.00 32.04 36.12
N VAL D 229 19.08 32.09 37.45
CA VAL D 229 18.42 31.10 38.29
C VAL D 229 17.06 31.61 38.72
N TRP D 230 16.03 30.79 38.51
CA TRP D 230 14.66 31.14 38.88
C TRP D 230 13.92 29.95 39.47
N ARG E 59 20.67 52.83 13.35
CA ARG E 59 21.74 51.84 13.50
C ARG E 59 21.19 50.56 14.12
N LYS E 60 22.05 49.53 14.19
CA LYS E 60 21.88 48.27 14.92
C LYS E 60 20.85 47.32 14.27
N THR E 61 20.12 47.77 13.25
CA THR E 61 18.87 47.14 12.88
C THR E 61 18.88 46.77 11.39
N SER E 62 19.88 46.00 10.98
CA SER E 62 19.83 45.12 9.80
C SER E 62 19.62 45.89 8.50
N LYS E 63 20.70 46.52 8.05
CA LYS E 63 20.77 47.41 6.88
C LYS E 63 20.16 46.90 5.57
N PHE E 64 19.84 45.62 5.47
CA PHE E 64 19.10 45.07 4.34
C PHE E 64 17.61 45.39 4.49
N MET E 65 16.78 44.77 3.66
CA MET E 65 15.34 44.87 3.79
C MET E 65 14.74 43.47 3.84
N THR E 66 13.73 43.31 4.69
CA THR E 66 13.04 42.03 4.76
C THR E 66 12.22 41.79 3.51
N LYS E 67 11.89 40.52 3.28
CA LYS E 67 10.92 40.19 2.25
C LYS E 67 9.54 40.74 2.60
N TYR E 68 9.23 40.82 3.89
CA TYR E 68 7.91 41.23 4.32
C TYR E 68 7.70 42.72 4.11
N GLU E 69 8.78 43.49 4.06
CA GLU E 69 8.64 44.91 3.84
C GLU E 69 8.55 45.25 2.36
N ARG E 70 9.24 44.48 1.51
CA ARG E 70 9.00 44.58 0.07
C ARG E 70 7.56 44.23 -0.26
N ALA E 71 7.02 43.21 0.41
CA ALA E 71 5.67 42.74 0.11
C ALA E 71 4.60 43.73 0.55
N ARG E 72 4.96 44.73 1.36
CA ARG E 72 3.99 45.77 1.69
C ARG E 72 4.24 47.07 0.94
N ILE E 73 5.51 47.44 0.71
CA ILE E 73 5.76 48.72 0.07
C ILE E 73 5.40 48.65 -1.41
N LEU E 74 5.59 47.47 -2.05
CA LEU E 74 5.19 47.36 -3.45
C LEU E 74 3.68 47.34 -3.58
N GLY E 75 2.99 46.75 -2.61
CA GLY E 75 1.54 46.78 -2.54
C GLY E 75 0.97 48.18 -2.42
N THR E 76 1.49 48.98 -1.48
CA THR E 76 0.97 50.33 -1.31
C THR E 76 1.35 51.23 -2.48
N ARG E 77 2.58 51.07 -3.00
CA ARG E 77 3.03 51.85 -4.14
C ARG E 77 2.20 51.58 -5.37
N ALA E 78 2.02 50.29 -5.72
CA ALA E 78 1.22 49.95 -6.89
C ALA E 78 -0.26 50.23 -6.69
N LEU E 79 -0.75 50.20 -5.44
CA LEU E 79 -2.14 50.56 -5.19
C LEU E 79 -2.36 52.05 -5.42
N GLN E 80 -1.43 52.89 -4.96
CA GLN E 80 -1.59 54.31 -5.21
C GLN E 80 -1.36 54.66 -6.68
N ILE E 81 -0.49 53.92 -7.37
CA ILE E 81 -0.31 54.15 -8.81
C ILE E 81 -1.56 53.74 -9.58
N SER E 82 -2.24 52.68 -9.15
CA SER E 82 -3.55 52.37 -9.69
C SER E 82 -4.66 53.26 -9.15
N MET E 83 -4.35 54.12 -8.18
CA MET E 83 -5.28 55.12 -7.66
C MET E 83 -4.83 56.53 -8.00
N ASN E 84 -4.40 56.72 -9.25
CA ASN E 84 -4.12 58.03 -9.84
C ASN E 84 -3.00 58.76 -9.12
N ALA E 85 -1.80 58.19 -9.21
CA ALA E 85 -0.57 58.82 -8.79
C ALA E 85 0.34 59.04 -9.98
N PRO E 86 1.20 60.05 -9.96
CA PRO E 86 2.10 60.28 -11.10
C PRO E 86 3.23 59.26 -11.14
N VAL E 87 3.62 58.89 -12.35
CA VAL E 87 4.80 58.06 -12.55
C VAL E 87 6.04 58.88 -12.18
N MET E 88 7.09 58.18 -11.72
CA MET E 88 8.33 58.85 -11.33
C MET E 88 9.55 58.29 -12.05
N VAL E 89 9.35 57.37 -13.00
CA VAL E 89 10.45 56.79 -13.77
C VAL E 89 10.06 56.76 -15.23
N GLU E 90 11.08 56.67 -16.08
CA GLU E 90 10.87 56.47 -17.51
C GLU E 90 10.48 55.01 -17.77
N LEU E 91 9.49 54.82 -18.61
CA LEU E 91 8.91 53.50 -18.86
C LEU E 91 8.98 53.15 -20.33
N GLU E 92 8.50 51.94 -20.65
CA GLU E 92 8.48 51.42 -22.01
C GLU E 92 7.12 50.84 -22.33
N GLY E 93 6.06 51.53 -21.91
CA GLY E 93 4.71 51.11 -22.21
C GLY E 93 4.13 50.04 -21.31
N GLU E 94 4.72 49.83 -20.12
CA GLU E 94 4.20 48.83 -19.21
C GLU E 94 2.92 49.34 -18.54
N THR E 95 1.91 48.48 -18.48
CA THR E 95 0.59 48.83 -17.96
C THR E 95 0.16 47.95 -16.80
N ASP E 96 1.11 47.35 -16.10
CA ASP E 96 0.85 46.57 -14.92
C ASP E 96 1.48 47.30 -13.73
N PRO E 97 0.69 47.68 -12.71
CA PRO E 97 1.25 48.54 -11.65
C PRO E 97 2.33 47.90 -10.80
N LEU E 98 2.40 46.57 -10.72
CA LEU E 98 3.52 45.96 -10.04
C LEU E 98 4.79 46.06 -10.87
N GLU E 99 4.65 45.91 -12.20
CA GLU E 99 5.78 46.11 -13.11
C GLU E 99 6.26 47.56 -13.06
N ILE E 100 5.32 48.49 -12.94
CA ILE E 100 5.66 49.90 -12.77
C ILE E 100 6.41 50.12 -11.47
N ALA E 101 5.86 49.58 -10.37
CA ALA E 101 6.41 49.83 -9.04
C ALA E 101 7.75 49.15 -8.83
N MET E 102 8.08 48.15 -9.65
CA MET E 102 9.35 47.45 -9.50
C MET E 102 10.54 48.34 -9.88
N LYS E 103 10.35 49.26 -10.82
CA LYS E 103 11.51 49.89 -11.46
C LYS E 103 12.12 50.98 -10.58
N GLU E 104 11.30 51.78 -9.91
CA GLU E 104 11.85 52.80 -9.01
C GLU E 104 12.47 52.16 -7.78
N LEU E 105 12.06 50.94 -7.43
CA LEU E 105 12.82 50.16 -6.45
C LEU E 105 14.13 49.68 -7.04
N ARG E 106 14.11 49.30 -8.32
CA ARG E 106 15.28 48.73 -8.95
C ARG E 106 16.38 49.76 -9.13
N GLN E 107 16.02 51.05 -9.22
CA GLN E 107 17.02 52.11 -9.31
C GLN E 107 16.88 53.16 -8.22
N ARG E 108 16.34 52.79 -7.05
CA ARG E 108 16.34 53.58 -5.82
C ARG E 108 15.63 54.93 -5.98
N LYS E 109 14.35 54.88 -6.36
CA LYS E 109 13.64 56.12 -6.65
C LYS E 109 12.27 56.19 -5.96
N ILE E 110 12.13 55.60 -4.78
CA ILE E 110 10.85 55.60 -4.08
C ILE E 110 10.92 56.56 -2.91
N PRO E 111 9.91 57.41 -2.68
CA PRO E 111 9.90 58.29 -1.49
C PRO E 111 9.13 57.73 -0.29
N PHE E 112 9.65 56.66 0.32
CA PHE E 112 9.04 56.14 1.54
C PHE E 112 10.01 56.18 2.71
N THR E 113 9.43 56.23 3.91
CA THR E 113 10.17 56.14 5.17
C THR E 113 9.68 54.91 5.92
N ILE E 114 10.57 53.95 6.14
CA ILE E 114 10.23 52.72 6.83
C ILE E 114 10.56 52.85 8.32
N ARG E 115 9.59 52.50 9.16
CA ARG E 115 9.69 52.69 10.61
C ARG E 115 9.79 51.32 11.26
N ARG E 116 11.01 50.88 11.54
CA ARG E 116 11.24 49.57 12.17
C ARG E 116 11.03 49.72 13.66
N TYR E 117 10.02 49.03 14.20
CA TYR E 117 9.84 48.95 15.64
C TYR E 117 10.99 48.16 16.29
N LEU E 118 11.00 48.19 17.62
CA LEU E 118 11.92 47.43 18.44
C LEU E 118 11.12 46.74 19.53
N PRO E 119 11.58 45.60 20.04
CA PRO E 119 10.78 44.88 21.03
C PRO E 119 10.78 45.53 22.40
N ASP E 120 11.76 46.40 22.71
CA ASP E 120 11.79 47.02 24.02
C ASP E 120 10.81 48.18 24.12
N GLY E 121 10.54 48.86 23.01
CA GLY E 121 9.64 50.00 23.03
C GLY E 121 10.04 51.14 22.11
N SER E 122 11.32 51.25 21.78
CA SER E 122 11.81 52.30 20.89
C SER E 122 11.58 51.89 19.44
N PHE E 123 12.12 52.65 18.50
CA PHE E 123 12.02 52.33 17.08
C PHE E 123 13.19 52.97 16.33
N GLU E 124 13.09 52.95 15.01
CA GLU E 124 14.14 53.43 14.11
C GLU E 124 13.49 54.34 13.07
N GLU E 125 14.33 55.04 12.32
CA GLU E 125 13.88 55.80 11.15
C GLU E 125 14.84 55.54 10.00
N TRP E 126 14.28 55.15 8.87
CA TRP E 126 15.05 54.73 7.71
C TRP E 126 14.28 55.11 6.45
N GLY E 127 14.99 55.64 5.47
CA GLY E 127 14.43 55.89 4.16
C GLY E 127 14.74 54.70 3.26
N VAL E 128 13.81 54.41 2.35
CA VAL E 128 13.94 53.23 1.50
C VAL E 128 15.05 53.37 0.47
N ASP E 129 15.56 54.57 0.26
CA ASP E 129 16.79 54.77 -0.50
C ASP E 129 18.02 54.26 0.24
N GLU E 130 18.00 54.25 1.57
CA GLU E 130 19.17 53.90 2.36
C GLU E 130 19.43 52.40 2.35
N LEU E 131 18.38 51.60 2.47
CA LEU E 131 18.51 50.16 2.62
C LEU E 131 19.02 49.51 1.35
N ILE E 132 19.80 48.44 1.50
CA ILE E 132 20.37 47.76 0.34
C ILE E 132 19.45 46.59 -0.02
N VAL E 133 18.56 46.84 -0.98
CA VAL E 133 17.97 45.77 -1.78
C VAL E 133 18.88 45.63 -2.99
N GLU E 134 20.07 45.05 -2.77
CA GLU E 134 21.08 45.01 -3.86
C GLU E 134 20.83 43.85 -4.83
N ASP E 135 21.03 42.61 -4.38
CA ASP E 135 20.87 41.40 -5.25
C ASP E 135 22.23 41.03 -5.84
N SER E 136 23.26 41.84 -5.62
CA SER E 136 24.63 41.47 -6.06
C SER E 136 24.95 40.10 -5.47
N TRP E 137 25.97 39.39 -5.97
CA TRP E 137 26.16 38.07 -5.43
C TRP E 137 27.58 37.86 -4.95
N SER F 4 55.05 28.18 -41.42
CA SER F 4 55.31 27.22 -40.36
C SER F 4 54.76 27.71 -39.03
N ILE F 5 53.43 27.77 -38.92
CA ILE F 5 52.76 28.26 -37.72
C ILE F 5 52.57 27.05 -36.80
N ILE F 6 53.63 26.73 -36.05
CA ILE F 6 53.63 25.61 -35.12
C ILE F 6 54.30 26.06 -33.83
N MET F 7 53.59 25.94 -32.72
CA MET F 7 54.18 26.23 -31.42
C MET F 7 55.03 25.10 -30.87
N PHE F 8 54.69 23.84 -31.15
CA PHE F 8 55.43 22.72 -30.59
C PHE F 8 55.27 21.49 -31.48
N GLU F 9 56.35 20.72 -31.60
CA GLU F 9 56.39 19.59 -32.54
C GLU F 9 57.45 18.62 -32.07
N ASP F 10 57.05 17.39 -31.75
CA ASP F 10 58.01 16.39 -31.27
C ASP F 10 57.41 15.00 -31.48
N ILE F 11 58.21 13.97 -31.15
CA ILE F 11 57.85 12.57 -31.31
C ILE F 11 57.83 11.92 -29.92
N PHE F 12 56.93 10.95 -29.74
CA PHE F 12 56.61 10.38 -28.44
C PHE F 12 56.43 8.87 -28.57
N VAL F 13 56.56 8.16 -27.43
CA VAL F 13 56.35 6.72 -27.39
C VAL F 13 55.42 6.40 -26.23
N VAL F 14 54.49 5.45 -26.45
CA VAL F 14 53.50 5.06 -25.46
C VAL F 14 54.01 3.85 -24.67
N ASP F 15 53.79 3.87 -23.35
CA ASP F 15 54.27 2.77 -22.52
C ASP F 15 53.25 2.22 -21.52
N LYS F 16 52.22 2.99 -21.17
CA LYS F 16 51.20 2.46 -20.27
C LYS F 16 49.82 2.95 -20.66
N LEU F 17 49.07 2.09 -21.32
CA LEU F 17 47.62 2.26 -21.39
C LEU F 17 47.01 1.94 -20.03
N ASP F 18 45.80 2.50 -19.80
CA ASP F 18 44.94 2.27 -18.65
C ASP F 18 45.65 2.57 -17.33
N PRO F 19 45.93 3.84 -17.00
CA PRO F 19 46.83 4.11 -15.87
C PRO F 19 46.21 3.83 -14.51
N ASP F 20 44.99 4.27 -14.27
CA ASP F 20 44.35 4.11 -12.98
C ASP F 20 43.02 3.40 -13.06
N GLY F 21 42.22 3.69 -14.08
CA GLY F 21 40.96 3.00 -14.29
C GLY F 21 40.40 3.28 -15.67
N LYS F 22 39.90 2.27 -16.35
CA LYS F 22 39.34 2.49 -17.68
C LYS F 22 37.92 2.99 -17.54
N LYS F 23 37.77 4.31 -17.65
CA LYS F 23 36.58 5.03 -17.21
C LYS F 23 35.46 4.81 -18.23
N PHE F 24 35.83 4.59 -19.48
CA PHE F 24 34.79 4.48 -20.49
C PHE F 24 35.07 3.36 -21.47
N ASP F 25 34.09 3.04 -22.30
CA ASP F 25 34.26 2.00 -23.31
C ASP F 25 35.24 2.42 -24.41
N LYS F 26 35.25 3.71 -24.71
CA LYS F 26 35.96 4.19 -25.87
C LYS F 26 36.90 5.36 -25.60
N VAL F 27 37.11 5.72 -24.34
CA VAL F 27 38.03 6.80 -23.96
C VAL F 27 39.04 6.24 -22.98
N THR F 28 40.32 6.28 -23.35
CA THR F 28 41.39 5.84 -22.47
C THR F 28 42.38 6.98 -22.25
N ARG F 29 43.06 6.95 -21.11
CA ARG F 29 44.21 7.81 -20.88
C ARG F 29 45.45 7.11 -21.39
N ILE F 30 46.28 7.82 -22.14
CA ILE F 30 47.49 7.28 -22.73
C ILE F 30 48.69 8.00 -22.16
N GLU F 31 49.62 7.25 -21.59
CA GLU F 31 50.91 7.78 -21.15
C GLU F 31 51.87 7.77 -22.32
N ALA F 32 52.50 8.90 -22.57
CA ALA F 32 53.61 8.97 -23.51
C ALA F 32 54.83 9.57 -22.83
N THR F 33 56.00 9.16 -23.31
CA THR F 33 57.29 9.69 -22.86
C THR F 33 58.04 10.15 -24.10
N SER F 34 58.63 11.34 -24.03
CA SER F 34 59.15 11.98 -25.23
C SER F 34 60.52 11.44 -25.59
N HIS F 35 61.03 11.97 -26.69
CA HIS F 35 62.44 11.91 -27.04
C HIS F 35 62.80 13.29 -27.61
N ASN F 36 64.09 13.61 -27.54
CA ASN F 36 64.77 14.81 -28.08
C ASN F 36 64.41 16.08 -27.30
N LEU F 37 63.39 15.97 -26.44
CA LEU F 37 63.02 17.09 -25.55
C LEU F 37 62.83 16.47 -24.16
N ASP F 38 62.63 15.16 -24.10
CA ASP F 38 62.49 14.42 -22.82
C ASP F 38 61.36 15.04 -21.98
N MET F 39 60.16 14.44 -22.03
CA MET F 39 59.05 14.98 -21.26
C MET F 39 58.09 13.88 -20.89
N PHE F 40 57.11 14.26 -20.08
CA PHE F 40 56.04 13.41 -19.60
C PHE F 40 54.74 13.85 -20.27
N MET F 41 53.91 12.88 -20.65
CA MET F 41 52.83 13.16 -21.60
C MET F 41 51.64 12.23 -21.33
N HIS F 42 50.54 12.82 -20.85
CA HIS F 42 49.26 12.12 -20.71
C HIS F 42 48.23 12.76 -21.62
N LEU F 43 47.23 11.97 -22.03
CA LEU F 43 46.25 12.41 -23.01
C LEU F 43 45.05 11.46 -23.01
N ASP F 44 43.84 12.02 -23.07
CA ASP F 44 42.63 11.25 -23.29
C ASP F 44 42.35 11.15 -24.78
N VAL F 45 42.26 9.93 -25.31
CA VAL F 45 42.13 9.70 -26.75
C VAL F 45 40.88 8.86 -27.01
N ASN F 46 40.13 9.23 -28.05
CA ASN F 46 39.09 8.37 -28.59
C ASN F 46 39.72 7.09 -29.14
N THR F 47 39.29 5.94 -28.62
CA THR F 47 39.84 4.66 -29.03
C THR F 47 38.88 3.87 -29.90
N GLU F 48 37.94 4.56 -30.56
CA GLU F 48 37.21 4.00 -31.69
C GLU F 48 37.77 4.48 -33.02
N VAL F 49 37.82 5.78 -33.22
CA VAL F 49 38.31 6.30 -34.49
C VAL F 49 39.83 6.26 -34.57
N TYR F 50 40.51 6.17 -33.44
CA TYR F 50 41.96 6.06 -33.48
C TYR F 50 42.50 5.35 -32.23
N PRO F 51 42.45 4.01 -32.18
CA PRO F 51 43.06 3.32 -31.05
C PRO F 51 44.55 3.14 -31.24
N MET F 52 45.30 3.09 -30.14
CA MET F 52 46.75 2.93 -30.18
C MET F 52 47.18 1.82 -29.21
N ALA F 53 48.00 0.91 -29.72
CA ALA F 53 48.53 -0.17 -28.91
C ALA F 53 49.67 0.34 -28.04
N VAL F 54 50.26 -0.55 -27.27
CA VAL F 54 51.40 -0.21 -26.44
C VAL F 54 52.68 -0.41 -27.25
N GLY F 55 53.63 0.49 -27.06
CA GLY F 55 54.89 0.41 -27.76
C GLY F 55 54.78 0.80 -29.23
N ASP F 56 54.04 1.87 -29.52
CA ASP F 56 53.97 2.44 -30.85
C ASP F 56 54.68 3.78 -30.86
N LYS F 57 54.68 4.44 -32.02
CA LYS F 57 55.32 5.72 -32.18
C LYS F 57 54.40 6.69 -32.91
N PHE F 58 54.48 7.96 -32.51
CA PHE F 58 53.64 9.00 -33.10
C PHE F 58 54.31 10.34 -32.91
N THR F 59 54.22 11.19 -33.93
CA THR F 59 54.76 12.53 -33.85
C THR F 59 53.62 13.51 -33.61
N LEU F 60 53.76 14.32 -32.58
CA LEU F 60 52.70 15.22 -32.16
C LEU F 60 53.08 16.66 -32.49
N ALA F 61 52.09 17.45 -32.88
CA ALA F 61 52.27 18.86 -33.18
C ALA F 61 51.34 19.69 -32.31
N MET F 62 51.48 21.00 -32.38
CA MET F 62 50.54 21.88 -31.70
C MET F 62 50.36 23.14 -32.56
N ALA F 63 49.39 23.11 -33.45
CA ALA F 63 49.22 24.37 -34.17
C ALA F 63 48.23 25.27 -33.44
N PRO F 64 48.48 26.57 -33.38
CA PRO F 64 47.49 27.49 -32.80
C PRO F 64 46.36 27.87 -33.73
N THR F 65 46.49 27.56 -35.02
CA THR F 65 45.45 27.79 -36.03
C THR F 65 45.77 26.88 -37.21
N LEU F 66 44.75 26.18 -37.70
CA LEU F 66 44.96 25.03 -38.56
C LEU F 66 45.33 25.38 -40.00
N ASN F 67 44.78 26.43 -40.59
CA ASN F 67 45.09 26.78 -41.98
C ASN F 67 46.48 27.41 -42.04
N LEU F 68 47.33 26.86 -42.92
CA LEU F 68 48.78 27.08 -42.90
C LEU F 68 49.17 28.36 -43.63
N ASP F 69 48.53 29.45 -43.27
CA ASP F 69 48.88 30.74 -43.84
C ASP F 69 48.88 31.89 -42.84
N GLY F 70 48.88 31.62 -41.54
CA GLY F 70 48.95 32.67 -40.55
C GLY F 70 47.68 33.47 -40.38
N THR F 71 46.56 33.02 -40.94
CA THR F 71 45.27 33.66 -40.77
C THR F 71 44.60 33.07 -39.55
N PRO F 72 44.48 33.79 -38.45
CA PRO F 72 44.14 33.15 -37.17
C PRO F 72 42.66 32.87 -36.95
N ASP F 73 41.84 32.89 -38.00
CA ASP F 73 40.42 32.59 -37.88
C ASP F 73 40.20 31.14 -37.46
N THR F 74 39.07 30.89 -36.78
CA THR F 74 38.74 29.55 -36.31
C THR F 74 38.50 28.60 -37.48
N GLY F 75 37.98 29.11 -38.58
CA GLY F 75 37.82 28.33 -39.79
C GLY F 75 36.57 27.47 -39.86
N TYR F 76 36.57 26.33 -39.17
CA TYR F 76 35.47 25.35 -39.02
C TYR F 76 35.17 24.60 -40.33
N PHE F 77 35.79 24.98 -41.44
CA PHE F 77 35.51 24.44 -42.77
C PHE F 77 36.49 23.32 -43.13
N THR F 78 36.87 22.53 -42.13
CA THR F 78 37.88 21.48 -42.28
C THR F 78 37.59 20.41 -43.34
N PRO F 79 36.32 19.92 -43.56
CA PRO F 79 36.11 19.04 -44.72
C PRO F 79 35.96 19.77 -46.05
N GLY F 80 36.40 21.03 -46.14
CA GLY F 80 36.36 21.78 -47.37
C GLY F 80 37.21 21.14 -48.47
N ALA F 81 36.90 21.54 -49.71
CA ALA F 81 37.41 20.89 -50.91
C ALA F 81 38.92 20.96 -51.03
N LYS F 82 39.46 22.16 -51.23
CA LYS F 82 40.89 22.40 -51.03
C LYS F 82 41.10 23.88 -50.81
N LYS F 83 41.35 24.26 -49.57
CA LYS F 83 41.88 25.56 -49.23
C LYS F 83 43.19 25.40 -48.48
N THR F 84 43.72 24.17 -48.48
CA THR F 84 45.08 23.91 -47.94
C THR F 84 45.18 24.21 -46.44
N LEU F 85 44.57 23.37 -45.60
CA LEU F 85 44.79 23.53 -44.13
C LEU F 85 45.92 22.57 -43.77
N ALA F 86 46.04 22.21 -42.49
CA ALA F 86 47.12 21.33 -42.06
C ALA F 86 46.68 19.87 -41.94
N ASP F 87 45.88 19.38 -42.87
CA ASP F 87 45.44 17.99 -42.90
C ASP F 87 46.53 17.00 -43.36
N LYS F 88 47.79 17.41 -43.34
CA LYS F 88 48.91 16.48 -43.54
C LYS F 88 48.93 15.38 -42.49
N TYR F 89 48.40 15.64 -41.30
CA TYR F 89 48.42 14.65 -40.24
C TYR F 89 47.05 13.97 -40.14
N GLU F 90 46.93 13.04 -39.19
CA GLU F 90 45.85 12.06 -39.20
C GLU F 90 44.82 12.23 -38.10
N TYR F 91 45.21 12.63 -36.89
CA TYR F 91 44.28 12.78 -35.79
C TYR F 91 44.44 14.17 -35.19
N VAL F 92 43.38 14.99 -35.31
CA VAL F 92 43.40 16.38 -34.86
C VAL F 92 42.20 16.58 -33.96
N MET F 93 42.40 17.25 -32.81
CA MET F 93 41.26 17.61 -31.97
C MET F 93 41.47 18.93 -31.26
N HIS F 94 40.56 19.87 -31.49
CA HIS F 94 40.60 21.21 -30.95
C HIS F 94 40.34 21.19 -29.44
N GLY F 95 40.84 22.18 -28.72
CA GLY F 95 40.66 22.19 -27.28
C GLY F 95 40.92 23.55 -26.66
N LYS F 96 41.08 23.55 -25.35
CA LYS F 96 41.26 24.76 -24.57
C LYS F 96 42.23 24.51 -23.42
N LEU F 97 43.25 25.35 -23.34
CA LEU F 97 44.17 25.33 -22.20
C LEU F 97 43.47 26.10 -21.08
N TYR F 98 43.48 25.53 -19.88
CA TYR F 98 42.73 26.12 -18.79
C TYR F 98 43.55 26.33 -17.53
N LYS F 99 44.67 25.63 -17.37
CA LYS F 99 45.54 25.89 -16.24
C LYS F 99 46.97 25.59 -16.63
N ILE F 100 47.81 26.61 -16.55
CA ILE F 100 49.23 26.52 -16.82
C ILE F 100 49.97 26.66 -15.50
N THR F 101 51.09 25.95 -15.38
CA THR F 101 51.95 26.02 -14.20
C THR F 101 53.41 26.09 -14.63
N GLU F 102 53.75 27.05 -15.50
CA GLU F 102 55.16 27.28 -15.84
C GLU F 102 55.93 28.01 -14.74
N ARG F 103 55.26 28.35 -13.62
CA ARG F 103 55.95 28.86 -12.44
C ARG F 103 56.86 27.79 -11.85
N ASP F 104 56.34 26.56 -11.77
CA ASP F 104 56.98 25.27 -11.40
C ASP F 104 58.07 25.40 -10.32
N GLY F 105 57.68 26.00 -9.20
CA GLY F 105 58.62 26.44 -8.18
C GLY F 105 59.20 25.34 -7.29
N GLN F 106 59.57 24.23 -7.90
CA GLN F 106 60.19 23.10 -7.23
C GLN F 106 61.10 22.40 -8.24
N THR F 107 61.49 21.17 -7.92
CA THR F 107 62.44 20.44 -8.77
C THR F 107 61.94 20.10 -10.18
N PRO F 108 60.70 19.54 -10.41
CA PRO F 108 60.34 19.23 -11.80
C PRO F 108 59.98 20.45 -12.66
N LYS F 109 59.54 20.16 -13.88
CA LYS F 109 59.29 21.17 -14.90
C LYS F 109 57.83 21.63 -14.83
N ALA F 110 57.41 22.33 -15.89
CA ALA F 110 56.11 22.98 -15.91
C ALA F 110 54.97 21.98 -16.00
N GLU F 111 53.77 22.45 -15.70
CA GLU F 111 52.55 21.68 -15.86
C GLU F 111 51.62 22.42 -16.79
N MET F 112 51.18 21.74 -17.84
CA MET F 112 50.26 22.30 -18.83
C MET F 112 49.02 21.43 -18.91
N TYR F 113 47.88 21.97 -18.49
CA TYR F 113 46.63 21.21 -18.47
C TYR F 113 45.70 21.84 -19.51
N VAL F 114 45.28 21.06 -20.51
CA VAL F 114 44.29 21.55 -21.45
C VAL F 114 43.05 20.68 -21.32
N SER F 115 41.95 21.13 -21.93
CA SER F 115 40.69 20.38 -21.94
C SER F 115 40.12 20.39 -23.35
N PHE F 116 39.95 19.21 -23.93
CA PHE F 116 39.36 19.08 -25.26
C PHE F 116 37.85 18.91 -25.17
N GLY F 117 37.22 19.82 -24.44
CA GLY F 117 35.79 19.74 -24.21
C GLY F 117 35.37 18.62 -23.30
N GLY F 118 36.30 18.04 -22.55
CA GLY F 118 36.00 16.92 -21.69
C GLY F 118 37.06 15.85 -21.74
N LEU F 119 37.92 15.91 -22.75
CA LEU F 119 39.13 15.09 -22.80
C LEU F 119 40.28 15.93 -22.29
N LEU F 120 41.20 15.30 -21.56
CA LEU F 120 42.25 16.03 -20.86
C LEU F 120 43.63 15.62 -21.38
N MET F 121 44.57 16.54 -21.27
CA MET F 121 45.96 16.32 -21.65
C MET F 121 46.87 16.86 -20.55
N LEU F 122 47.88 16.07 -20.21
CA LEU F 122 48.93 16.47 -19.29
C LEU F 122 50.26 16.48 -20.02
N LEU F 123 50.79 17.66 -20.28
CA LEU F 123 52.12 17.84 -20.85
C LEU F 123 53.01 18.47 -19.79
N ARG F 124 54.13 17.81 -19.50
CA ARG F 124 54.99 18.19 -18.38
C ARG F 124 56.35 18.62 -18.94
N GLY F 125 56.56 19.93 -19.04
CA GLY F 125 57.84 20.44 -19.45
C GLY F 125 57.93 21.96 -19.54
N ASP F 126 58.98 22.52 -18.93
CA ASP F 126 59.32 23.94 -18.96
C ASP F 126 60.14 24.40 -20.17
N PRO F 127 61.28 23.78 -20.56
CA PRO F 127 62.11 24.41 -21.59
C PRO F 127 61.51 24.26 -22.98
N ALA F 128 61.59 25.35 -23.75
CA ALA F 128 61.07 25.53 -25.11
C ALA F 128 59.56 25.36 -25.19
N HIS F 129 58.81 25.64 -24.12
CA HIS F 129 57.35 25.58 -24.14
C HIS F 129 56.71 26.90 -23.74
N ILE F 130 57.46 27.99 -23.77
CA ILE F 130 57.08 29.20 -23.05
C ILE F 130 56.33 30.09 -24.04
N SER F 131 55.95 29.53 -25.19
CA SER F 131 55.10 30.22 -26.13
C SER F 131 53.64 30.30 -25.68
N HIS F 132 53.20 29.44 -24.76
CA HIS F 132 51.79 29.21 -24.52
C HIS F 132 51.25 30.14 -23.43
N PHE F 133 49.92 30.23 -23.35
CA PHE F 133 49.22 31.10 -22.41
C PHE F 133 48.33 30.29 -21.50
N GLU F 134 47.58 31.00 -20.66
CA GLU F 134 46.75 30.36 -19.65
C GLU F 134 45.39 29.97 -20.21
N LEU F 135 44.60 30.95 -20.63
CA LEU F 135 43.32 30.77 -21.32
C LEU F 135 43.60 30.73 -22.82
N ASP F 136 42.65 31.20 -23.65
CA ASP F 136 42.81 31.34 -25.09
C ASP F 136 42.88 29.99 -25.80
N GLN F 137 41.69 29.43 -26.06
CA GLN F 137 41.52 28.16 -26.76
C GLN F 137 41.93 28.29 -28.22
N ARG F 138 43.20 27.99 -28.49
CA ARG F 138 43.64 27.90 -29.86
C ARG F 138 44.38 26.61 -30.19
N LEU F 139 44.60 25.74 -29.22
CA LEU F 139 45.44 24.57 -29.46
C LEU F 139 44.69 23.52 -30.26
N PHE F 140 45.40 22.83 -31.15
CA PHE F 140 44.76 21.91 -32.08
C PHE F 140 45.24 20.46 -31.99
N LEU F 141 46.46 20.20 -31.51
CA LEU F 141 46.93 18.86 -31.13
C LEU F 141 46.90 17.87 -32.29
N LEU F 142 47.78 18.08 -33.26
CA LEU F 142 47.83 17.17 -34.40
C LEU F 142 48.67 15.96 -34.05
N MET F 143 48.15 14.78 -34.39
CA MET F 143 48.88 13.51 -34.10
C MET F 143 49.11 12.77 -35.42
N ARG F 144 50.30 12.19 -35.60
CA ARG F 144 50.62 11.44 -36.84
C ARG F 144 51.38 10.17 -36.45
N LYS F 145 51.18 9.07 -37.19
CA LYS F 145 51.87 7.79 -36.90
C LYS F 145 51.54 7.34 -35.46
N SER G 2 0.53 -37.61 47.50
CA SER G 2 -0.63 -37.91 48.32
C SER G 2 -1.71 -38.60 47.50
N THR G 3 -1.81 -39.91 47.66
CA THR G 3 -2.94 -40.65 47.11
C THR G 3 -4.13 -40.51 48.07
N MET G 4 -5.31 -40.29 47.51
CA MET G 4 -6.52 -40.27 48.31
C MET G 4 -6.83 -41.66 48.86
N LYS G 5 -7.46 -41.69 50.02
CA LYS G 5 -7.86 -42.94 50.66
C LYS G 5 -9.33 -42.84 51.02
N PHE G 6 -10.00 -43.99 51.08
CA PHE G 6 -11.44 -44.00 51.27
C PHE G 6 -11.84 -44.98 52.37
N CYS G 7 -13.04 -44.75 52.90
CA CYS G 7 -13.61 -45.57 53.97
C CYS G 7 -14.11 -46.89 53.41
N ARG G 8 -14.08 -47.93 54.24
CA ARG G 8 -14.59 -49.22 53.78
C ARG G 8 -16.07 -49.39 54.06
N GLU G 9 -16.66 -48.52 54.87
CA GLU G 9 -18.10 -48.58 55.16
C GLU G 9 -18.92 -47.62 54.30
N CYS G 10 -18.51 -46.35 54.20
CA CYS G 10 -19.26 -45.36 53.47
C CYS G 10 -18.68 -45.03 52.10
N ASN G 11 -17.43 -45.43 51.82
CA ASN G 11 -16.69 -45.06 50.60
C ASN G 11 -16.61 -43.56 50.38
N ASN G 12 -16.52 -42.79 51.46
CA ASN G 12 -16.24 -41.37 51.36
C ASN G 12 -14.74 -41.14 51.57
N ILE G 13 -14.32 -39.89 51.48
CA ILE G 13 -12.90 -39.55 51.57
C ILE G 13 -12.47 -39.61 53.04
N LEU G 14 -11.23 -40.02 53.28
CA LEU G 14 -10.71 -40.10 54.63
C LEU G 14 -10.06 -38.80 55.07
N TYR G 15 -10.13 -38.54 56.37
CA TYR G 15 -9.59 -37.35 57.00
C TYR G 15 -8.52 -37.76 57.99
N PRO G 16 -7.27 -37.31 57.84
CA PRO G 16 -6.22 -37.73 58.77
C PRO G 16 -6.40 -37.07 60.12
N LYS G 17 -6.20 -37.85 61.18
CA LYS G 17 -6.49 -37.41 62.54
C LYS G 17 -5.65 -38.17 63.54
N GLU G 18 -4.98 -37.47 64.43
CA GLU G 18 -3.99 -38.07 65.31
C GLU G 18 -4.33 -37.79 66.77
N ASP G 19 -4.48 -38.85 67.55
CA ASP G 19 -4.51 -38.76 69.00
C ASP G 19 -3.19 -39.27 69.57
N ARG G 20 -2.63 -38.52 70.51
CA ARG G 20 -1.28 -38.85 71.04
C ARG G 20 -1.37 -39.82 72.22
N GLU G 21 -2.20 -40.85 72.12
CA GLU G 21 -2.21 -41.85 73.19
C GLU G 21 -1.15 -42.91 72.98
N GLN G 22 -0.83 -43.19 71.72
CA GLN G 22 0.18 -44.18 71.39
C GLN G 22 1.25 -43.62 70.46
N SER G 23 1.22 -42.31 70.18
CA SER G 23 2.07 -41.63 69.19
C SER G 23 1.98 -42.32 67.83
N ILE G 24 0.78 -42.27 67.26
CA ILE G 24 0.47 -43.03 66.05
C ILE G 24 -0.49 -42.21 65.21
N LEU G 25 -0.31 -42.29 63.89
CA LEU G 25 -1.18 -41.63 62.93
C LEU G 25 -2.21 -42.64 62.43
N LEU G 26 -3.42 -42.16 62.16
CA LEU G 26 -4.50 -43.03 61.75
C LEU G 26 -5.48 -42.23 60.91
N TYR G 27 -5.97 -42.84 59.84
CA TYR G 27 -6.95 -42.20 58.98
C TYR G 27 -8.36 -42.46 59.48
N ALA G 28 -9.15 -41.41 59.56
CA ALA G 28 -10.52 -41.50 60.02
C ALA G 28 -11.47 -41.01 58.95
N CYS G 29 -12.65 -41.60 58.90
CA CYS G 29 -13.73 -41.11 58.06
C CYS G 29 -14.57 -40.11 58.86
N ARG G 30 -15.22 -39.20 58.16
CA ARG G 30 -16.07 -38.24 58.84
C ARG G 30 -17.55 -38.58 58.69
N ASN G 31 -17.91 -39.54 57.85
CA ASN G 31 -19.33 -39.82 57.61
C ASN G 31 -19.94 -40.58 58.78
N CYS G 32 -19.53 -41.84 58.95
CA CYS G 32 -20.22 -42.61 59.98
C CYS G 32 -19.55 -42.52 61.35
N ASP G 33 -18.53 -43.34 61.60
CA ASP G 33 -17.61 -43.20 62.72
C ASP G 33 -16.27 -43.88 62.45
N HIS G 34 -16.12 -44.47 61.26
CA HIS G 34 -15.12 -45.49 61.05
C HIS G 34 -13.70 -44.92 61.02
N GLN G 35 -12.79 -45.66 61.63
CA GLN G 35 -11.39 -45.29 61.72
C GLN G 35 -10.57 -46.54 61.39
N GLU G 36 -9.33 -46.32 60.99
CA GLU G 36 -8.38 -47.42 60.86
C GLU G 36 -6.98 -46.85 60.98
N ALA G 37 -6.00 -47.74 61.06
CA ALA G 37 -4.63 -47.33 61.25
C ALA G 37 -3.98 -46.95 59.92
N ALA G 38 -3.10 -45.96 59.97
CA ALA G 38 -2.43 -45.46 58.77
C ALA G 38 -1.30 -46.40 58.36
N ASP G 39 -0.81 -46.18 57.14
CA ASP G 39 0.35 -46.90 56.61
C ASP G 39 1.47 -45.97 56.20
N ASP G 40 1.11 -44.88 55.52
CA ASP G 40 2.17 -44.00 54.96
C ASP G 40 2.64 -42.96 55.97
N ASN G 41 3.26 -41.88 55.46
CA ASN G 41 3.83 -40.82 56.26
C ASN G 41 3.33 -39.44 55.83
N CYS G 42 3.28 -39.19 54.53
CA CYS G 42 3.01 -37.87 53.99
C CYS G 42 1.56 -37.47 54.15
N VAL G 43 1.30 -36.39 54.88
CA VAL G 43 -0.07 -35.85 54.96
C VAL G 43 -0.41 -35.00 53.74
N TYR G 44 0.59 -34.31 53.16
CA TYR G 44 0.36 -33.40 52.05
C TYR G 44 1.53 -33.50 51.09
N ARG G 45 1.24 -33.31 49.80
CA ARG G 45 2.25 -33.26 48.77
C ARG G 45 1.85 -32.19 47.76
N ASN G 46 2.81 -31.36 47.35
CA ASN G 46 2.46 -30.22 46.51
C ASN G 46 3.03 -30.30 45.10
N GLU G 47 4.35 -30.37 44.96
CA GLU G 47 5.08 -30.24 43.68
C GLU G 47 4.65 -28.97 42.94
N VAL G 48 5.05 -27.83 43.52
CA VAL G 48 4.41 -26.52 43.41
C VAL G 48 4.08 -26.07 41.99
N HIS G 49 5.08 -25.88 41.13
CA HIS G 49 4.90 -25.79 39.68
C HIS G 49 6.28 -26.04 39.06
N HIS G 50 6.47 -25.62 37.80
CA HIS G 50 7.61 -25.92 36.93
C HIS G 50 7.99 -27.40 36.97
N SER G 51 7.03 -28.20 36.53
CA SER G 51 7.13 -29.65 36.49
C SER G 51 8.03 -30.09 35.33
N PRO G 66 18.39 -18.96 24.91
CA PRO G 66 18.58 -18.92 26.35
C PRO G 66 18.99 -17.54 26.84
N THR G 67 18.62 -17.18 28.07
CA THR G 67 18.98 -15.88 28.62
C THR G 67 20.31 -15.90 29.36
N LEU G 68 21.32 -16.45 28.70
CA LEU G 68 22.70 -16.44 29.16
C LEU G 68 23.53 -15.73 28.10
N PRO G 69 24.55 -14.97 28.51
CA PRO G 69 25.26 -14.10 27.55
C PRO G 69 26.07 -14.90 26.55
N ARG G 70 26.11 -14.40 25.32
CA ARG G 70 26.79 -15.04 24.22
C ARG G 70 27.81 -14.05 23.64
N THR G 71 28.93 -14.58 23.14
CA THR G 71 29.88 -13.81 22.36
C THR G 71 29.88 -14.38 20.96
N LYS G 72 30.58 -13.70 20.03
CA LYS G 72 30.58 -14.15 18.61
C LYS G 72 31.91 -13.77 17.96
N ALA G 73 33.03 -13.92 18.66
CA ALA G 73 34.33 -13.62 18.07
C ALA G 73 35.45 -14.53 18.60
N VAL G 74 35.17 -15.82 18.77
CA VAL G 74 36.16 -16.73 19.32
C VAL G 74 36.04 -18.06 18.59
N ARG G 75 37.18 -18.74 18.43
CA ARG G 75 37.25 -19.99 17.69
C ARG G 75 36.63 -21.11 18.52
N CYS G 76 35.95 -22.04 17.84
CA CYS G 76 35.44 -23.25 18.47
C CYS G 76 36.37 -24.42 18.15
N ALA G 77 35.94 -25.62 18.51
CA ALA G 77 36.75 -26.81 18.23
C ALA G 77 36.35 -27.47 16.91
N LYS G 78 35.06 -27.80 16.76
CA LYS G 78 34.61 -28.52 15.58
C LYS G 78 34.09 -27.58 14.49
N CYS G 79 33.06 -26.81 14.80
CA CYS G 79 32.47 -25.88 13.83
C CYS G 79 33.26 -24.59 13.79
N GLN G 80 33.32 -23.98 12.62
CA GLN G 80 34.10 -22.77 12.41
C GLN G 80 33.18 -21.57 12.60
N HIS G 81 32.73 -21.39 13.85
CA HIS G 81 31.81 -20.34 14.23
C HIS G 81 32.50 -19.46 15.26
N GLY G 82 31.91 -18.29 15.51
CA GLY G 82 32.42 -17.36 16.48
C GLY G 82 31.83 -17.49 17.87
N GLU G 83 30.72 -18.23 17.99
CA GLU G 83 29.96 -18.19 19.23
C GLU G 83 30.39 -19.27 20.23
N ALA G 84 30.43 -18.87 21.50
CA ALA G 84 30.61 -19.78 22.62
C ALA G 84 29.96 -19.13 23.84
N VAL G 85 28.82 -19.66 24.27
CA VAL G 85 28.10 -19.10 25.41
C VAL G 85 28.89 -19.33 26.69
N PHE G 86 29.03 -18.27 27.49
CA PHE G 86 29.82 -18.33 28.71
C PHE G 86 28.94 -18.04 29.91
N PHE G 87 28.97 -18.94 30.88
CA PHE G 87 28.26 -18.76 32.14
C PHE G 87 29.23 -19.09 33.28
N GLN G 88 28.88 -18.61 34.47
CA GLN G 88 29.73 -18.81 35.63
C GLN G 88 29.56 -20.24 36.13
N ALA G 89 30.68 -20.92 36.39
CA ALA G 89 30.66 -22.24 36.98
C ALA G 89 31.73 -22.35 38.06
N THR G 90 31.61 -23.39 38.88
CA THR G 90 32.62 -23.75 39.87
C THR G 90 32.73 -25.27 39.83
N ALA G 91 33.66 -25.77 39.02
CA ALA G 91 33.74 -27.19 38.73
C ALA G 91 34.51 -27.91 39.83
N ARG G 92 34.63 -29.23 39.69
CA ARG G 92 35.31 -30.04 40.69
C ARG G 92 36.82 -29.87 40.63
N GLY G 93 37.34 -29.61 39.42
CA GLY G 93 38.78 -29.36 39.26
C GLY G 93 39.04 -27.87 39.08
N GLU G 94 37.98 -27.07 39.14
CA GLU G 94 38.11 -25.59 38.96
C GLU G 94 38.25 -24.92 40.32
N GLU G 95 38.13 -23.59 40.38
CA GLU G 95 38.33 -22.87 41.66
C GLU G 95 37.62 -21.52 41.63
N GLY G 96 36.58 -21.34 42.45
CA GLY G 96 35.92 -20.05 42.56
C GLY G 96 35.03 -19.64 41.41
N MET G 97 35.51 -18.67 40.62
CA MET G 97 34.81 -18.21 39.43
C MET G 97 35.59 -18.65 38.20
N THR G 98 34.96 -19.47 37.37
CA THR G 98 35.59 -19.94 36.14
C THR G 98 34.62 -19.84 34.98
N LEU G 99 35.18 -19.60 33.80
CA LEU G 99 34.43 -19.50 32.56
C LEU G 99 34.83 -20.64 31.64
N PHE G 100 33.85 -21.13 30.88
CA PHE G 100 34.10 -22.20 29.94
C PHE G 100 33.32 -21.93 28.66
N PHE G 101 33.73 -22.59 27.58
CA PHE G 101 33.27 -22.26 26.24
C PHE G 101 32.83 -23.53 25.54
N VAL G 102 31.54 -23.69 25.34
CA VAL G 102 30.98 -24.72 24.46
C VAL G 102 30.06 -24.02 23.49
N CYS G 103 30.24 -24.28 22.19
CA CYS G 103 29.41 -23.61 21.19
C CYS G 103 27.98 -24.14 21.23
N CYS G 104 27.04 -23.24 20.91
CA CYS G 104 25.62 -23.59 20.89
C CYS G 104 25.27 -24.54 19.74
N ASN G 105 26.12 -24.64 18.74
CA ASN G 105 26.01 -25.70 17.74
C ASN G 105 26.20 -27.05 18.42
N PRO G 106 25.30 -28.01 18.19
CA PRO G 106 25.52 -29.37 18.74
C PRO G 106 26.69 -30.13 18.11
N ASN G 107 27.34 -29.61 17.06
CA ASN G 107 28.55 -30.24 16.56
C ASN G 107 29.73 -30.06 17.50
N CYS G 108 29.65 -29.10 18.43
CA CYS G 108 30.78 -28.80 19.31
C CYS G 108 31.01 -29.90 20.33
N GLY G 109 30.08 -30.08 21.26
CA GLY G 109 30.13 -31.14 22.25
C GLY G 109 31.31 -31.18 23.20
N HIS G 110 32.14 -30.14 23.19
CA HIS G 110 33.45 -30.17 23.84
C HIS G 110 33.62 -28.94 24.72
N ARG G 111 34.17 -29.14 25.90
CA ARG G 111 34.30 -28.10 26.91
C ARG G 111 35.78 -27.93 27.23
N TRP G 112 36.31 -26.74 26.94
CA TRP G 112 37.73 -26.49 27.08
C TRP G 112 37.96 -25.27 27.97
N ARG G 113 39.12 -25.27 28.64
CA ARG G 113 39.53 -24.19 29.50
C ARG G 113 40.35 -23.17 28.68
N GLU G 114 40.43 -21.95 29.19
CA GLU G 114 41.19 -20.89 28.53
C GLU G 114 42.69 -21.16 28.57
N MET H 1 -20.42 -5.85 -29.71
CA MET H 1 -21.62 -6.61 -30.03
C MET H 1 -21.40 -7.31 -31.36
N ILE H 2 -21.67 -6.59 -32.46
CA ILE H 2 -21.32 -7.11 -33.76
C ILE H 2 -19.82 -6.94 -33.92
N ILE H 3 -19.25 -7.63 -34.91
CA ILE H 3 -17.82 -7.51 -35.18
C ILE H 3 -17.50 -6.07 -35.58
N PRO H 4 -16.42 -5.48 -35.08
CA PRO H 4 -16.08 -4.13 -35.53
C PRO H 4 -15.42 -4.13 -36.89
N VAL H 5 -15.88 -3.21 -37.72
CA VAL H 5 -15.14 -2.85 -38.91
C VAL H 5 -13.82 -2.24 -38.46
N ARG H 6 -12.78 -2.40 -39.29
CA ARG H 6 -11.49 -1.71 -39.14
C ARG H 6 -10.80 -2.09 -37.83
N CYS H 7 -10.11 -3.24 -37.88
CA CYS H 7 -9.14 -3.66 -36.86
C CYS H 7 -8.38 -2.49 -36.25
N PHE H 8 -8.49 -2.38 -34.93
CA PHE H 8 -8.22 -1.13 -34.20
C PHE H 8 -6.78 -0.64 -34.38
N THR H 9 -5.84 -1.56 -34.51
CA THR H 9 -4.45 -1.15 -34.60
C THR H 9 -4.05 -0.76 -36.01
N CYS H 10 -4.18 -1.68 -36.96
CA CYS H 10 -3.66 -1.42 -38.30
C CYS H 10 -4.67 -0.73 -39.18
N GLY H 11 -5.85 -1.30 -39.35
CA GLY H 11 -6.89 -0.68 -40.13
C GLY H 11 -7.43 -1.52 -41.26
N LYS H 12 -7.06 -2.80 -41.33
CA LYS H 12 -7.65 -3.72 -42.29
C LYS H 12 -9.13 -3.88 -42.00
N VAL H 13 -9.92 -3.98 -43.06
CA VAL H 13 -11.36 -4.20 -42.92
C VAL H 13 -11.55 -5.68 -42.62
N ILE H 14 -12.12 -5.97 -41.45
CA ILE H 14 -12.46 -7.33 -41.06
C ILE H 14 -13.95 -7.51 -40.83
N GLY H 15 -14.77 -6.51 -41.13
CA GLY H 15 -16.15 -6.54 -40.73
C GLY H 15 -17.05 -7.49 -41.49
N ASN H 16 -16.51 -8.17 -42.50
CA ASN H 16 -17.26 -9.14 -43.27
C ASN H 16 -16.80 -10.57 -43.01
N LYS H 17 -15.73 -10.76 -42.25
CA LYS H 17 -15.08 -12.05 -42.14
C LYS H 17 -15.64 -12.91 -41.01
N TRP H 18 -16.74 -12.51 -40.38
CA TRP H 18 -17.18 -13.22 -39.18
C TRP H 18 -17.86 -14.54 -39.52
N ASP H 19 -18.78 -14.52 -40.49
CA ASP H 19 -19.55 -15.73 -40.79
C ASP H 19 -18.69 -16.79 -41.45
N THR H 20 -17.73 -16.40 -42.28
CA THR H 20 -16.82 -17.39 -42.83
C THR H 20 -15.87 -17.92 -41.75
N TYR H 21 -15.62 -17.14 -40.71
CA TYR H 21 -14.82 -17.63 -39.59
C TYR H 21 -15.58 -18.68 -38.80
N LEU H 22 -16.87 -18.42 -38.54
CA LEU H 22 -17.71 -19.40 -37.86
C LEU H 22 -17.88 -20.67 -38.69
N ASP H 23 -17.96 -20.54 -40.01
CA ASP H 23 -18.12 -21.72 -40.84
C ASP H 23 -16.84 -22.53 -40.92
N LEU H 24 -15.68 -21.87 -40.94
CA LEU H 24 -14.42 -22.61 -40.95
C LEU H 24 -14.16 -23.28 -39.61
N LEU H 25 -14.58 -22.68 -38.50
CA LEU H 25 -14.47 -23.39 -37.24
C LEU H 25 -15.52 -24.47 -37.11
N GLN H 26 -16.65 -24.31 -37.80
CA GLN H 26 -17.71 -25.31 -37.77
C GLN H 26 -17.29 -26.57 -38.51
N ALA H 27 -16.55 -26.41 -39.62
CA ALA H 27 -16.22 -27.56 -40.45
C ALA H 27 -15.33 -28.58 -39.73
N ASP H 28 -14.03 -28.31 -39.61
CA ASP H 28 -13.24 -28.99 -38.58
C ASP H 28 -12.03 -28.17 -38.12
N TYR H 29 -11.83 -26.95 -38.61
CA TYR H 29 -10.54 -26.30 -38.44
C TYR H 29 -10.33 -25.80 -37.02
N THR H 30 -9.07 -25.78 -36.61
CA THR H 30 -8.65 -25.09 -35.41
C THR H 30 -8.50 -23.60 -35.74
N GLU H 31 -8.14 -22.79 -34.76
CA GLU H 31 -8.20 -21.35 -34.96
C GLU H 31 -7.02 -20.83 -35.78
N GLY H 32 -5.84 -21.45 -35.63
CA GLY H 32 -4.70 -21.06 -36.43
C GLY H 32 -4.90 -21.37 -37.90
N ASP H 33 -5.46 -22.55 -38.19
CA ASP H 33 -5.73 -22.92 -39.58
C ASP H 33 -6.84 -22.06 -40.17
N ALA H 34 -7.80 -21.66 -39.35
CA ALA H 34 -8.88 -20.83 -39.85
C ALA H 34 -8.39 -19.43 -40.19
N LEU H 35 -7.58 -18.84 -39.31
CA LEU H 35 -7.07 -17.51 -39.58
C LEU H 35 -6.06 -17.51 -40.71
N ASP H 36 -5.32 -18.60 -40.89
CA ASP H 36 -4.48 -18.71 -42.07
C ASP H 36 -5.28 -18.97 -43.33
N ALA H 37 -6.48 -19.53 -43.20
CA ALA H 37 -7.33 -19.72 -44.38
C ALA H 37 -7.99 -18.42 -44.82
N ILE H 38 -8.40 -17.58 -43.89
CA ILE H 38 -8.98 -16.28 -44.26
C ILE H 38 -7.91 -15.29 -44.68
N GLY H 39 -6.66 -15.49 -44.27
CA GLY H 39 -5.60 -14.63 -44.75
C GLY H 39 -5.38 -13.41 -43.89
N LEU H 40 -5.09 -13.61 -42.62
CA LEU H 40 -4.75 -12.55 -41.68
C LEU H 40 -3.37 -12.85 -41.14
N VAL H 41 -2.37 -12.11 -41.61
CA VAL H 41 -0.97 -12.46 -41.37
C VAL H 41 -0.45 -11.83 -40.07
N ARG H 42 -0.82 -10.59 -39.80
CA ARG H 42 -0.33 -9.89 -38.61
C ARG H 42 -1.27 -10.12 -37.45
N TYR H 43 -0.73 -10.13 -36.23
CA TYR H 43 -1.52 -10.60 -35.10
C TYR H 43 -2.46 -9.55 -34.56
N CYS H 44 -2.39 -8.32 -35.06
CA CYS H 44 -3.29 -7.27 -34.59
C CYS H 44 -4.73 -7.54 -35.02
N CYS H 45 -4.92 -8.28 -36.11
CA CYS H 45 -6.25 -8.63 -36.60
C CYS H 45 -6.69 -9.98 -36.06
N ARG H 46 -5.72 -10.88 -35.87
CA ARG H 46 -6.00 -12.18 -35.29
C ARG H 46 -6.49 -12.03 -33.85
N ARG H 47 -5.91 -11.08 -33.10
CA ARG H 47 -6.42 -10.83 -31.76
C ARG H 47 -7.79 -10.17 -31.80
N MET H 48 -8.18 -9.61 -32.94
CA MET H 48 -9.46 -8.94 -33.03
C MET H 48 -10.56 -9.92 -33.37
N LEU H 49 -10.23 -10.97 -34.12
CA LEU H 49 -11.21 -12.03 -34.36
C LEU H 49 -11.28 -13.07 -33.26
N MET H 50 -10.15 -13.52 -32.72
CA MET H 50 -10.18 -14.59 -31.73
C MET H 50 -10.83 -14.18 -30.42
N THR H 51 -10.91 -12.89 -30.13
CA THR H 51 -11.40 -12.44 -28.82
C THR H 51 -12.70 -11.67 -28.94
N HIS H 52 -13.40 -11.80 -30.04
CA HIS H 52 -14.66 -11.10 -30.19
C HIS H 52 -15.78 -11.81 -29.46
N VAL H 53 -16.53 -11.05 -28.66
CA VAL H 53 -17.69 -11.55 -27.95
C VAL H 53 -18.92 -11.08 -28.71
N ASP H 54 -19.75 -12.02 -29.16
CA ASP H 54 -20.88 -11.73 -30.02
C ASP H 54 -22.14 -11.72 -29.17
N LEU H 55 -22.65 -10.54 -28.86
CA LEU H 55 -23.74 -10.38 -27.91
C LEU H 55 -25.02 -9.92 -28.58
N ILE H 56 -25.07 -9.91 -29.91
CA ILE H 56 -26.26 -9.38 -30.57
C ILE H 56 -27.43 -10.36 -30.44
N GLU H 57 -27.14 -11.66 -30.30
CA GLU H 57 -28.18 -12.67 -30.29
C GLU H 57 -28.98 -12.62 -29.00
N LYS H 58 -28.28 -12.47 -27.88
CA LYS H 58 -28.92 -12.33 -26.57
C LYS H 58 -29.76 -11.08 -26.49
N LEU H 59 -29.39 -10.05 -27.25
CA LEU H 59 -30.21 -8.85 -27.35
C LEU H 59 -31.42 -9.06 -28.22
N LEU H 60 -31.30 -9.85 -29.28
CA LEU H 60 -32.42 -10.08 -30.18
C LEU H 60 -33.50 -10.92 -29.50
N ASN H 61 -33.10 -11.84 -28.62
CA ASN H 61 -34.10 -12.69 -27.99
C ASN H 61 -34.93 -11.91 -26.97
N TYR H 62 -34.29 -11.03 -26.20
CA TYR H 62 -34.96 -10.26 -25.16
C TYR H 62 -35.41 -8.89 -25.66
N ASN H 63 -36.42 -8.87 -26.53
CA ASN H 63 -37.04 -7.59 -26.88
C ASN H 63 -38.53 -7.55 -26.58
N THR H 64 -39.30 -8.50 -27.09
CA THR H 64 -40.75 -8.45 -26.96
C THR H 64 -41.31 -9.82 -26.59
N TYR I 7 -10.92 21.80 -40.33
CA TYR I 7 -11.45 22.79 -39.41
C TYR I 7 -10.30 23.80 -39.20
N GLU I 8 -10.15 24.35 -37.99
CA GLU I 8 -9.15 25.38 -37.76
C GLU I 8 -7.75 24.84 -37.55
N ARG I 9 -7.63 23.54 -37.25
CA ARG I 9 -6.31 22.92 -37.10
C ARG I 9 -5.53 22.91 -38.41
N PHE I 10 -6.23 22.88 -39.53
CA PHE I 10 -5.63 22.81 -40.85
C PHE I 10 -5.29 24.23 -41.33
N VAL I 11 -5.06 24.39 -42.65
CA VAL I 11 -4.34 25.46 -43.35
C VAL I 11 -4.61 26.87 -42.83
N VAL I 12 -3.55 27.65 -42.70
CA VAL I 12 -3.43 28.97 -42.08
C VAL I 12 -4.51 29.96 -42.51
N PRO I 13 -5.17 30.62 -41.56
CA PRO I 13 -6.27 31.53 -41.93
C PRO I 13 -5.76 32.86 -42.46
N GLU I 14 -6.70 33.71 -42.86
CA GLU I 14 -6.35 35.04 -43.33
C GLU I 14 -5.85 35.92 -42.19
N GLY I 15 -4.83 36.71 -42.49
CA GLY I 15 -4.14 37.51 -41.49
C GLY I 15 -2.85 36.91 -40.99
N THR I 16 -2.32 35.88 -41.64
CA THR I 16 -1.07 35.25 -41.24
C THR I 16 -0.44 34.60 -42.46
N LYS I 17 0.86 34.86 -42.66
CA LYS I 17 1.57 34.25 -43.78
C LYS I 17 1.83 32.78 -43.53
N LYS I 18 2.06 32.04 -44.61
CA LYS I 18 2.43 30.64 -44.48
C LYS I 18 3.83 30.49 -43.93
N VAL I 19 4.78 31.22 -44.52
CA VAL I 19 6.16 31.25 -44.06
C VAL I 19 6.45 32.65 -43.56
N SER I 20 7.10 32.75 -42.39
CA SER I 20 7.50 34.04 -41.84
C SER I 20 9.00 34.05 -41.65
N TYR I 21 9.67 34.95 -42.36
CA TYR I 21 11.13 35.08 -42.31
C TYR I 21 11.54 35.93 -41.12
N GLU I 22 12.76 35.73 -40.66
CA GLU I 22 13.32 36.52 -39.58
C GLU I 22 14.83 36.47 -39.69
N ARG I 23 15.45 37.63 -39.84
CA ARG I 23 16.90 37.74 -39.91
C ARG I 23 17.46 37.78 -38.51
N ASP I 24 18.37 36.86 -38.21
CA ASP I 24 18.97 36.80 -36.88
C ASP I 24 19.89 37.99 -36.69
N THR I 25 19.92 38.51 -35.47
CA THR I 25 20.61 39.77 -35.20
C THR I 25 22.08 39.56 -34.83
N LYS I 26 22.37 38.60 -33.97
CA LYS I 26 23.67 38.54 -33.31
C LYS I 26 24.73 37.79 -34.12
N ILE I 27 24.34 37.09 -35.19
CA ILE I 27 25.27 36.29 -35.97
C ILE I 27 25.04 36.58 -37.45
N ILE I 28 26.12 36.85 -38.18
CA ILE I 28 26.04 37.02 -39.63
C ILE I 28 25.81 35.67 -40.30
N ASN I 29 25.11 35.70 -41.44
CA ASN I 29 24.69 34.52 -42.21
C ASN I 29 23.85 33.57 -41.36
N ALA I 30 22.67 34.07 -40.96
CA ALA I 30 21.83 33.37 -39.99
C ALA I 30 20.41 33.89 -40.07
N ALA I 31 19.44 32.98 -40.21
CA ALA I 31 18.04 33.35 -40.21
C ALA I 31 17.22 32.22 -39.61
N SER I 32 15.93 32.47 -39.40
CA SER I 32 15.06 31.48 -38.77
C SER I 32 13.71 31.49 -39.48
N PHE I 33 13.44 30.41 -40.21
CA PHE I 33 12.25 30.31 -41.04
C PHE I 33 11.14 29.66 -40.23
N THR I 34 10.11 30.43 -39.90
CA THR I 34 9.01 29.95 -39.07
C THR I 34 7.88 29.52 -39.97
N ILE I 35 7.79 28.24 -40.24
CA ILE I 35 6.81 27.71 -41.19
C ILE I 35 5.58 27.28 -40.44
N GLU I 36 4.42 27.74 -40.89
CA GLU I 36 3.15 27.34 -40.34
C GLU I 36 2.71 26.02 -40.95
N ARG I 37 1.82 25.32 -40.23
CA ARG I 37 1.03 24.19 -40.72
C ARG I 37 1.88 23.06 -41.28
N GLU I 38 2.88 22.63 -40.49
CA GLU I 38 3.71 21.52 -40.92
C GLU I 38 4.03 20.63 -39.72
N ASP I 39 4.91 19.68 -39.96
CA ASP I 39 5.27 18.63 -39.01
C ASP I 39 6.64 18.12 -39.38
N HIS I 40 6.98 16.92 -38.93
CA HIS I 40 8.31 16.36 -39.20
C HIS I 40 8.52 16.00 -40.66
N THR I 41 7.43 15.90 -41.45
CA THR I 41 7.50 15.39 -42.81
C THR I 41 8.31 16.29 -43.71
N ILE I 42 8.01 17.60 -43.69
CA ILE I 42 8.71 18.53 -44.54
C ILE I 42 10.00 19.00 -43.88
N GLY I 43 9.99 19.22 -42.56
CA GLY I 43 11.17 19.69 -41.87
C GLY I 43 12.33 18.70 -41.94
N ASN I 44 12.01 17.41 -41.90
CA ASN I 44 13.06 16.40 -41.94
C ASN I 44 13.71 16.34 -43.32
N ILE I 45 12.91 16.36 -44.38
CA ILE I 45 13.49 16.25 -45.72
C ILE I 45 14.20 17.54 -46.09
N VAL I 46 13.73 18.67 -45.57
CA VAL I 46 14.42 19.94 -45.82
C VAL I 46 15.79 19.95 -45.17
N ARG I 47 15.88 19.54 -43.89
CA ARG I 47 17.18 19.60 -43.23
C ARG I 47 18.15 18.55 -43.79
N MET I 48 17.62 17.39 -44.20
CA MET I 48 18.56 16.40 -44.71
C MET I 48 18.97 16.71 -46.15
N GLN I 49 18.19 17.52 -46.87
CA GLN I 49 18.68 18.02 -48.14
C GLN I 49 19.70 19.13 -47.93
N LEU I 50 19.51 19.95 -46.89
CA LEU I 50 20.45 21.03 -46.60
C LEU I 50 21.82 20.50 -46.20
N HIS I 51 21.86 19.37 -45.49
CA HIS I 51 23.16 18.82 -45.11
C HIS I 51 23.99 18.28 -46.27
N ARG I 52 23.43 18.14 -47.47
CA ARG I 52 24.22 17.68 -48.60
C ARG I 52 24.84 18.83 -49.39
N ASP I 53 24.59 20.06 -48.97
CA ASP I 53 25.12 21.27 -49.58
C ASP I 53 26.57 21.48 -49.14
N GLU I 54 27.30 22.28 -49.92
CA GLU I 54 28.66 22.65 -49.54
C GLU I 54 28.68 23.75 -48.51
N ASN I 55 28.11 24.91 -48.84
CA ASN I 55 28.36 26.14 -48.10
C ASN I 55 27.41 26.37 -46.95
N VAL I 56 26.89 25.30 -46.36
CA VAL I 56 25.96 25.38 -45.24
C VAL I 56 26.71 24.94 -43.99
N LEU I 57 26.23 25.34 -42.82
CA LEU I 57 26.93 25.03 -41.58
C LEU I 57 26.03 24.43 -40.50
N PHE I 58 24.74 24.71 -40.53
CA PHE I 58 23.87 24.34 -39.42
C PHE I 58 22.45 24.24 -39.97
N ALA I 59 21.87 23.04 -39.89
CA ALA I 59 20.52 22.81 -40.39
C ALA I 59 19.74 22.05 -39.34
N GLY I 60 18.69 22.67 -38.81
CA GLY I 60 17.84 21.98 -37.86
C GLY I 60 16.42 22.48 -37.89
N TYR I 61 15.53 21.70 -37.29
CA TYR I 61 14.17 22.15 -37.09
C TYR I 61 13.73 21.71 -35.69
N GLN I 62 12.76 22.44 -35.13
CA GLN I 62 12.21 22.06 -33.84
C GLN I 62 10.80 22.60 -33.75
N LEU I 63 10.00 21.94 -32.91
CA LEU I 63 8.61 22.28 -32.75
C LEU I 63 8.42 22.92 -31.41
N PRO I 64 7.93 24.16 -31.34
CA PRO I 64 7.95 24.91 -30.06
C PRO I 64 7.04 24.33 -29.01
N HIS I 65 6.04 23.58 -29.38
CA HIS I 65 5.31 22.72 -28.46
C HIS I 65 4.87 21.53 -29.31
N PRO I 66 4.90 20.31 -28.79
CA PRO I 66 4.56 19.15 -29.63
C PRO I 66 3.08 19.07 -29.97
N LEU I 67 2.21 19.80 -29.28
CA LEU I 67 0.80 19.85 -29.63
C LEU I 67 0.50 20.83 -30.76
N LYS I 68 1.34 21.85 -30.95
CA LYS I 68 1.07 22.90 -31.93
C LYS I 68 1.77 22.60 -33.24
N TYR I 69 1.08 22.96 -34.32
CA TYR I 69 1.31 22.37 -35.64
C TYR I 69 2.12 23.33 -36.52
N LYS I 70 3.40 23.51 -36.18
CA LYS I 70 4.25 24.45 -36.90
C LYS I 70 5.73 24.13 -36.67
N ILE I 71 6.56 24.55 -37.63
CA ILE I 71 7.99 24.24 -37.63
C ILE I 71 8.76 25.55 -37.60
N ILE I 72 9.89 25.55 -36.89
CA ILE I 72 10.87 26.62 -36.95
C ILE I 72 12.18 26.04 -37.42
N VAL I 73 12.69 26.52 -38.55
CA VAL I 73 13.90 26.00 -39.18
C VAL I 73 14.98 27.08 -39.03
N ARG I 74 16.23 26.65 -38.81
CA ARG I 74 17.35 27.57 -38.67
C ARG I 74 18.45 27.17 -39.62
N ILE I 75 19.05 28.15 -40.28
CA ILE I 75 20.14 27.92 -41.22
C ILE I 75 21.27 28.90 -40.91
N HIS I 76 22.44 28.37 -40.57
CA HIS I 76 23.68 29.14 -40.54
C HIS I 76 24.50 28.70 -41.74
N THR I 77 24.97 29.66 -42.51
CA THR I 77 25.75 29.35 -43.70
C THR I 77 27.05 30.14 -43.70
N THR I 78 27.82 29.99 -44.76
CA THR I 78 29.06 30.72 -44.92
C THR I 78 28.82 31.99 -45.71
N SER I 79 29.90 32.60 -46.18
CA SER I 79 29.82 33.59 -47.24
C SER I 79 29.62 32.84 -48.57
N GLN I 80 29.59 33.60 -49.67
CA GLN I 80 29.29 33.15 -51.03
C GLN I 80 27.89 32.57 -51.17
N SER I 81 27.01 32.81 -50.20
CA SER I 81 25.67 32.25 -50.13
C SER I 81 24.89 33.03 -49.09
N SER I 82 23.73 32.52 -48.73
CA SER I 82 22.86 33.11 -47.72
C SER I 82 21.91 32.03 -47.25
N PRO I 83 21.12 32.28 -46.19
CA PRO I 83 20.01 31.37 -45.90
C PRO I 83 18.97 31.26 -47.01
N MET I 84 18.63 32.39 -47.66
CA MET I 84 17.62 32.40 -48.72
C MET I 84 18.03 31.53 -49.90
N GLN I 85 19.29 31.62 -50.30
CA GLN I 85 19.76 30.89 -51.48
C GLN I 85 19.75 29.39 -51.24
N ALA I 86 20.24 28.96 -50.08
CA ALA I 86 20.30 27.53 -49.81
C ALA I 86 18.92 26.96 -49.47
N TYR I 87 18.04 27.79 -48.92
CA TYR I 87 16.66 27.36 -48.67
C TYR I 87 15.93 27.09 -49.97
N ASN I 88 16.01 28.04 -50.92
CA ASN I 88 15.34 27.82 -52.18
C ASN I 88 16.03 26.76 -53.02
N GLN I 89 17.35 26.60 -52.86
CA GLN I 89 18.07 25.49 -53.48
C GLN I 89 17.56 24.15 -52.98
N ALA I 90 17.32 24.04 -51.67
CA ALA I 90 16.79 22.82 -51.08
C ALA I 90 15.40 22.49 -51.61
N ILE I 91 14.50 23.48 -51.61
CA ILE I 91 13.12 23.23 -52.04
C ILE I 91 13.07 22.85 -53.51
N ASN I 92 13.83 23.55 -54.35
CA ASN I 92 13.80 23.24 -55.77
C ASN I 92 14.45 21.89 -56.09
N ASP I 93 15.51 21.49 -55.37
CA ASP I 93 16.11 20.20 -55.69
C ASP I 93 15.26 19.04 -55.17
N LEU I 94 14.53 19.23 -54.07
CA LEU I 94 13.58 18.21 -53.64
C LEU I 94 12.43 18.09 -54.63
N ASP I 95 12.03 19.21 -55.24
CA ASP I 95 10.97 19.16 -56.24
C ASP I 95 11.44 18.42 -57.49
N LYS I 96 12.71 18.62 -57.87
CA LYS I 96 13.26 17.88 -59.00
C LYS I 96 13.38 16.39 -58.73
N GLU I 97 13.71 16.01 -57.49
CA GLU I 97 13.80 14.59 -57.18
C GLU I 97 12.44 13.93 -57.14
N LEU I 98 11.42 14.65 -56.72
CA LEU I 98 10.08 14.08 -56.79
C LEU I 98 9.61 13.92 -58.23
N ASP I 99 10.03 14.84 -59.12
CA ASP I 99 9.79 14.66 -60.55
C ASP I 99 10.42 13.37 -61.07
N PHE I 100 11.71 13.18 -60.81
CA PHE I 100 12.43 12.01 -61.29
C PHE I 100 11.90 10.71 -60.67
N LEU I 101 11.43 10.79 -59.42
CA LEU I 101 10.84 9.62 -58.77
C LEU I 101 9.49 9.24 -59.37
N LYS I 102 8.64 10.23 -59.66
CA LYS I 102 7.37 9.95 -60.30
C LYS I 102 7.58 9.38 -61.69
N SER I 103 8.62 9.84 -62.39
CA SER I 103 8.97 9.28 -63.69
C SER I 103 9.37 7.82 -63.58
N GLN I 104 10.22 7.49 -62.61
CA GLN I 104 10.65 6.10 -62.40
C GLN I 104 9.48 5.19 -62.02
N PHE I 105 8.57 5.69 -61.19
CA PHE I 105 7.48 4.83 -60.73
C PHE I 105 6.46 4.59 -61.84
N GLU I 106 6.15 5.63 -62.62
CA GLU I 106 5.25 5.44 -63.75
C GLU I 106 5.89 4.64 -64.87
N ALA I 107 7.22 4.59 -64.93
CA ALA I 107 7.85 3.65 -65.83
C ALA I 107 7.67 2.22 -65.33
N GLU I 108 7.89 2.00 -64.03
CA GLU I 108 7.86 0.63 -63.52
C GLU I 108 6.46 0.05 -63.45
N VAL I 109 5.43 0.89 -63.42
CA VAL I 109 4.05 0.40 -63.51
C VAL I 109 3.79 -0.25 -64.87
N ALA I 110 4.44 0.24 -65.92
CA ALA I 110 4.17 -0.22 -67.28
C ALA I 110 4.68 -1.63 -67.53
N LYS I 111 5.60 -2.11 -66.69
CA LYS I 111 6.11 -3.46 -66.90
C LYS I 111 5.14 -4.53 -66.38
N PHE I 112 4.03 -4.12 -65.78
CA PHE I 112 2.87 -4.99 -65.61
C PHE I 112 1.89 -4.75 -66.76
N SER I 113 2.33 -5.19 -67.94
CA SER I 113 1.70 -4.81 -69.19
C SER I 113 0.39 -5.56 -69.40
N ASN I 114 -0.69 -4.79 -69.55
CA ASN I 114 -2.03 -5.33 -69.77
C ASN I 114 -2.57 -4.84 -71.10
N GLU J 6 -49.46 14.65 -33.99
CA GLU J 6 -49.86 13.45 -33.25
C GLU J 6 -50.17 13.81 -31.80
N PRO J 7 -51.03 13.02 -31.16
CA PRO J 7 -51.17 13.10 -29.70
C PRO J 7 -50.08 12.28 -29.02
N VAL J 8 -50.21 12.14 -27.70
CA VAL J 8 -49.15 11.54 -26.90
C VAL J 8 -49.02 10.04 -27.17
N THR J 9 -50.14 9.30 -27.12
CA THR J 9 -50.24 7.90 -27.51
C THR J 9 -49.30 7.01 -26.68
N TYR J 10 -49.61 6.88 -25.38
CA TYR J 10 -48.77 6.06 -24.51
C TYR J 10 -49.02 4.58 -24.74
N VAL J 11 -47.95 3.79 -24.59
CA VAL J 11 -47.97 2.36 -24.85
C VAL J 11 -47.77 1.63 -23.53
N CYS J 12 -48.55 0.59 -23.31
CA CYS J 12 -48.37 -0.23 -22.11
C CYS J 12 -47.12 -1.09 -22.21
N GLY J 13 -46.71 -1.64 -21.06
CA GLY J 13 -45.53 -2.47 -20.98
C GLY J 13 -45.76 -3.90 -21.41
N ASP J 14 -46.87 -4.51 -20.97
CA ASP J 14 -47.17 -5.89 -21.32
C ASP J 14 -48.41 -6.07 -22.18
N CYS J 15 -49.35 -5.11 -22.20
CA CYS J 15 -50.41 -5.16 -23.22
C CYS J 15 -49.85 -4.92 -24.61
N GLY J 16 -49.03 -3.89 -24.76
CA GLY J 16 -48.65 -3.41 -26.08
C GLY J 16 -49.71 -2.56 -26.73
N GLN J 17 -50.76 -2.20 -26.01
CA GLN J 17 -51.89 -1.48 -26.57
C GLN J 17 -51.76 0.00 -26.25
N GLU J 18 -52.17 0.84 -27.19
CA GLU J 18 -51.99 2.28 -27.08
C GLU J 18 -53.19 2.89 -26.37
N ASN J 19 -53.02 3.24 -25.10
CA ASN J 19 -54.11 3.82 -24.34
C ASN J 19 -54.44 5.24 -24.73
N THR J 20 -53.46 5.99 -25.24
CA THR J 20 -53.57 7.40 -25.63
C THR J 20 -54.10 8.23 -24.47
N LEU J 21 -53.27 8.33 -23.44
CA LEU J 21 -53.64 8.90 -22.16
C LEU J 21 -54.06 10.37 -22.28
N LYS J 22 -54.96 10.77 -21.40
CA LYS J 22 -55.48 12.14 -21.36
C LYS J 22 -54.96 12.67 -20.02
N SER J 23 -55.51 13.82 -19.58
CA SER J 23 -55.10 14.51 -18.36
C SER J 23 -55.13 13.59 -17.14
N GLY J 24 -54.32 13.94 -16.14
CA GLY J 24 -53.84 12.99 -15.16
C GLY J 24 -54.86 12.25 -14.32
N ASP J 25 -55.05 10.99 -14.66
CA ASP J 25 -55.81 10.04 -13.88
C ASP J 25 -54.83 9.27 -13.00
N VAL J 26 -55.31 8.20 -12.38
CA VAL J 26 -54.38 7.24 -11.83
C VAL J 26 -53.71 6.53 -13.00
N ILE J 27 -52.39 6.38 -12.92
CA ILE J 27 -51.67 5.70 -13.99
C ILE J 27 -52.01 4.22 -13.91
N GLN J 28 -52.76 3.75 -14.90
CA GLN J 28 -53.26 2.38 -14.95
C GLN J 28 -53.71 2.10 -16.38
N CYS J 29 -53.18 1.05 -16.99
CA CYS J 29 -53.54 0.73 -18.35
C CYS J 29 -54.94 0.14 -18.41
N ARG J 30 -55.77 0.70 -19.28
CA ARG J 30 -57.11 0.18 -19.52
C ARG J 30 -57.00 -1.12 -20.30
N GLU J 31 -58.11 -1.87 -20.31
CA GLU J 31 -58.24 -3.30 -20.65
C GLU J 31 -57.49 -4.22 -19.70
N CYS J 32 -56.87 -3.64 -18.67
CA CYS J 32 -56.13 -4.46 -17.67
C CYS J 32 -56.00 -3.65 -16.39
N GLY J 33 -54.99 -3.95 -15.57
CA GLY J 33 -54.77 -3.17 -14.37
C GLY J 33 -53.31 -2.84 -14.12
N TYR J 34 -52.41 -3.38 -14.95
CA TYR J 34 -51.00 -3.08 -14.80
C TYR J 34 -50.72 -1.63 -15.18
N ARG J 35 -49.61 -1.11 -14.65
CA ARG J 35 -49.41 0.33 -14.49
C ARG J 35 -48.06 0.75 -15.03
N ILE J 36 -47.75 0.37 -16.27
CA ILE J 36 -46.39 0.61 -16.77
C ILE J 36 -46.31 1.85 -17.64
N LEU J 37 -47.02 1.88 -18.77
CA LEU J 37 -47.27 3.09 -19.59
C LEU J 37 -45.98 3.77 -20.06
N TYR J 38 -45.30 3.10 -20.99
CA TYR J 38 -44.25 3.76 -21.76
C TYR J 38 -44.80 4.86 -22.68
N LYS J 39 -43.91 5.66 -23.26
CA LYS J 39 -44.28 6.70 -24.21
C LYS J 39 -43.75 6.35 -25.60
N LYS J 40 -44.61 6.50 -26.60
CA LYS J 40 -44.28 6.12 -27.96
C LYS J 40 -43.43 7.19 -28.63
N ARG J 41 -42.45 6.74 -29.41
CA ARG J 41 -41.65 7.64 -30.22
C ARG J 41 -42.43 8.00 -31.47
N THR J 42 -42.61 9.31 -31.68
CA THR J 42 -43.27 9.80 -32.88
C THR J 42 -42.27 9.82 -34.04
N ARG J 43 -42.70 10.31 -35.19
CA ARG J 43 -41.89 10.31 -36.40
C ARG J 43 -41.19 11.64 -36.63
N ARG J 44 -39.91 11.74 -36.25
CA ARG J 44 -39.15 12.94 -36.46
C ARG J 44 -37.87 12.66 -37.25
N VAL J 45 -37.04 13.68 -37.36
CA VAL J 45 -35.70 13.53 -37.90
C VAL J 45 -34.72 13.92 -36.80
N VAL J 46 -33.51 13.40 -36.91
CA VAL J 46 -32.46 13.68 -35.95
C VAL J 46 -31.13 13.64 -36.68
N GLN J 47 -30.25 14.57 -36.34
CA GLN J 47 -29.00 14.78 -37.03
C GLN J 47 -27.86 14.17 -36.22
N TYR J 48 -26.93 13.52 -36.92
CA TYR J 48 -25.79 12.91 -36.24
C TYR J 48 -24.54 13.05 -37.07
N GLU J 49 -23.40 13.19 -36.40
CA GLU J 49 -22.12 13.14 -37.08
C GLU J 49 -21.52 11.75 -36.92
N ALA J 50 -21.15 11.13 -38.03
CA ALA J 50 -20.53 9.81 -38.01
C ALA J 50 -19.08 9.94 -37.54
N ARG J 51 -18.93 10.08 -36.23
CA ARG J 51 -17.63 10.28 -35.64
C ARG J 51 -17.54 9.51 -34.33
#